data_4FAO
#
_entry.id   4FAO
#
_cell.length_a   216.453
_cell.length_b   216.453
_cell.length_c   216.953
_cell.angle_alpha   90.000
_cell.angle_beta   90.000
_cell.angle_gamma   120.000
#
_symmetry.space_group_name_H-M   'P 31 1 2'
#
loop_
_entity.id
_entity.type
_entity.pdbx_description
1 polymer 'Growth/differentiation factor 2'
2 polymer 'Serine/threonine-protein kinase receptor R3'
3 polymer 'Activin receptor type-2B'
4 non-polymer 2-acetamido-2-deoxy-beta-D-glucopyranose
5 non-polymer 'SODIUM ION'
#
loop_
_entity_poly.entity_id
_entity_poly.type
_entity_poly.pdbx_seq_one_letter_code
_entity_poly.pdbx_strand_id
1 'polypeptide(L)'
;SAGAGSHCQKTSLRVNFEDIGWDSWIIAPKEYEAYECKGGCFFPLADDVTPTKHAIVQTLVHLKFPTKVGKACCVPTKLS
PISVLYKDDMGVPTLKYHYEGMSVAECGCR
;
A,B,G,H,M,N,S,T,a,b,g,h
2 'polypeptide(L)'
;GADPVKPSRGPLVTCTCESPHCKGPTCRGAWCTVVLVREEGRHPQEHRGCGNLHRELCRGRPTEFVNHYCCDSHLCNHNV
SLVLEATQPPSEQPGTDGQSGDDDDK
;
C,D,I,J,O,P,U,V,c,d,i,j
3 'polypeptide(L)'
;GASGRGEAETRECIYYNANWELERTNQSGLERCEGEQDKRLHCYASWRNSSGTIELVKKGCWLDDFNCYDRQECVATEEN
PQVYFCCCEGNFCNERFTHLPEAGGPEVTYEPPPTAPTGDDDDK
;
E,F,K,L,Q,R,W,X,e,f,k,l
#
loop_
_chem_comp.id
_chem_comp.type
_chem_comp.name
_chem_comp.formula
NA non-polymer 'SODIUM ION' 'Na 1'
NAG D-saccharide, beta linking 2-acetamido-2-deoxy-beta-D-glucopyranose 'C8 H15 N O6'
#
# COMPACT_ATOMS: atom_id res chain seq x y z
N SER A 6 0.01 12.12 17.02
CA SER A 6 0.25 10.70 17.26
C SER A 6 -0.17 10.29 18.68
N HIS A 7 -0.31 11.26 19.58
CA HIS A 7 -0.53 10.93 20.99
C HIS A 7 -1.95 10.58 21.36
N CYS A 8 -2.07 9.89 22.48
CA CYS A 8 -3.35 9.28 22.88
C CYS A 8 -4.38 10.31 23.32
N GLN A 9 -5.56 10.27 22.71
CA GLN A 9 -6.60 11.26 22.97
C GLN A 9 -8.01 10.84 22.54
N LYS A 10 -8.98 11.67 22.94
CA LYS A 10 -10.39 11.50 22.60
C LYS A 10 -10.63 12.15 21.24
N THR A 11 -11.39 11.47 20.38
CA THR A 11 -11.64 11.91 19.01
C THR A 11 -13.11 11.90 18.72
N SER A 12 -13.55 12.73 17.78
CA SER A 12 -14.94 12.71 17.38
C SER A 12 -15.27 11.42 16.64
N LEU A 13 -16.41 10.81 16.96
CA LEU A 13 -16.91 9.69 16.18
C LEU A 13 -18.42 9.79 16.07
N ARG A 14 -18.87 10.43 15.00
CA ARG A 14 -20.30 10.55 14.77
C ARG A 14 -20.79 9.22 14.22
N VAL A 15 -21.44 8.46 15.08
CA VAL A 15 -22.04 7.23 14.63
C VAL A 15 -23.42 7.56 14.12
N ASN A 16 -23.73 7.04 12.95
CA ASN A 16 -25.05 7.15 12.36
C ASN A 16 -25.73 5.80 12.44
N PHE A 17 -26.83 5.72 13.18
CA PHE A 17 -27.49 4.43 13.43
C PHE A 17 -27.89 3.69 12.17
N GLU A 18 -28.26 4.45 11.13
CA GLU A 18 -28.56 3.86 9.84
C GLU A 18 -27.37 3.06 9.30
N ASP A 19 -26.15 3.58 9.48
CA ASP A 19 -24.93 2.92 9.02
C ASP A 19 -24.72 1.53 9.63
N ILE A 20 -25.13 1.35 10.88
CA ILE A 20 -25.01 0.04 11.53
C ILE A 20 -26.37 -0.67 11.64
N GLY A 21 -27.34 -0.16 10.91
CA GLY A 21 -28.64 -0.83 10.78
C GLY A 21 -29.48 -0.84 12.04
N TRP A 22 -29.29 0.19 12.87
CA TRP A 22 -30.11 0.33 14.07
C TRP A 22 -31.28 1.31 13.82
N ASP A 23 -31.32 1.86 12.61
CA ASP A 23 -32.39 2.76 12.22
C ASP A 23 -33.72 2.05 12.35
N SER A 24 -33.67 0.74 12.47
CA SER A 24 -34.87 -0.09 12.53
C SER A 24 -35.65 0.15 13.81
N TRP A 25 -34.96 0.56 14.87
CA TRP A 25 -35.59 0.68 16.18
C TRP A 25 -35.17 1.92 16.96
N ILE A 26 -34.08 2.58 16.57
CA ILE A 26 -33.78 3.89 17.14
C ILE A 26 -34.50 4.96 16.32
N ILE A 27 -35.45 5.63 16.96
CA ILE A 27 -36.22 6.69 16.31
C ILE A 27 -35.43 7.98 16.34
N ALA A 28 -34.81 8.23 17.48
CA ALA A 28 -33.93 9.39 17.66
C ALA A 28 -32.83 9.12 18.70
N PRO A 29 -31.66 9.71 18.51
CA PRO A 29 -31.36 10.61 17.39
C PRO A 29 -31.09 9.78 16.15
N LYS A 30 -30.76 10.43 15.02
CA LYS A 30 -30.44 9.68 13.82
C LYS A 30 -28.94 9.38 13.80
N GLU A 31 -28.17 10.28 14.39
CA GLU A 31 -26.75 10.06 14.66
C GLU A 31 -26.36 10.75 15.96
N TYR A 32 -25.26 10.30 16.55
CA TYR A 32 -24.85 10.82 17.85
C TYR A 32 -23.36 10.74 17.99
N GLU A 33 -22.84 11.53 18.93
CA GLU A 33 -21.40 11.56 19.18
C GLU A 33 -20.99 10.52 20.15
N ALA A 34 -20.53 9.38 19.64
CA ALA A 34 -19.75 8.49 20.47
C ALA A 34 -18.36 8.99 20.20
N TYR A 35 -17.45 8.75 21.10
CA TYR A 35 -16.13 9.20 20.74
C TYR A 35 -15.31 8.03 20.29
N GLU A 36 -14.06 8.29 19.92
CA GLU A 36 -13.11 7.24 19.65
C GLU A 36 -11.90 7.48 20.52
N CYS A 37 -11.21 6.42 20.90
CA CYS A 37 -9.96 6.63 21.61
C CYS A 37 -8.81 6.30 20.68
N LYS A 38 -8.15 7.34 20.16
CA LYS A 38 -7.14 7.13 19.13
C LYS A 38 -5.78 7.54 19.66
N GLY A 39 -4.72 6.90 19.16
CA GLY A 39 -3.39 7.33 19.51
C GLY A 39 -2.57 6.34 20.28
N GLY A 40 -1.30 6.67 20.45
CA GLY A 40 -0.35 5.75 21.06
C GLY A 40 0.02 6.10 22.48
N CYS A 41 0.39 5.08 23.24
CA CYS A 41 0.79 5.29 24.61
C CYS A 41 2.30 5.31 24.66
N PHE A 42 2.86 6.52 24.58
CA PHE A 42 4.28 6.67 24.36
C PHE A 42 4.96 7.11 25.63
N PHE A 43 6.07 6.46 25.97
CA PHE A 43 6.79 6.77 27.20
C PHE A 43 7.50 8.11 27.10
N PRO A 44 7.46 8.90 28.18
CA PRO A 44 6.77 8.57 29.43
C PRO A 44 5.28 8.84 29.35
N LEU A 45 4.50 8.15 30.16
CA LEU A 45 3.05 8.23 30.08
C LEU A 45 2.51 9.42 30.84
N ALA A 46 1.92 10.35 30.12
CA ALA A 46 1.33 11.56 30.71
C ALA A 46 0.31 11.22 31.80
N ASP A 47 0.28 12.04 32.85
CA ASP A 47 -0.63 11.80 33.97
C ASP A 47 -2.08 11.73 33.50
N ASP A 48 -2.43 12.58 32.52
CA ASP A 48 -3.81 12.68 32.05
C ASP A 48 -4.23 11.44 31.27
N VAL A 49 -3.42 10.39 31.35
CA VAL A 49 -3.76 9.13 30.71
C VAL A 49 -3.99 8.05 31.77
N THR A 50 -3.91 8.46 33.02
CA THR A 50 -4.31 7.59 34.13
C THR A 50 -3.59 6.25 34.11
N PRO A 51 -2.32 6.23 33.73
CA PRO A 51 -1.63 4.96 33.53
C PRO A 51 -1.75 4.08 34.77
N THR A 52 -2.04 2.80 34.57
CA THR A 52 -2.02 1.84 35.66
C THR A 52 -0.59 1.41 35.84
N LYS A 53 -0.26 0.84 37.00
CA LYS A 53 1.08 0.33 37.24
C LYS A 53 1.39 -0.62 36.12
N HIS A 54 0.47 -1.53 35.88
CA HIS A 54 0.67 -2.55 34.85
C HIS A 54 1.04 -1.92 33.51
N ALA A 55 0.21 -1.01 33.05
CA ALA A 55 0.52 -0.27 31.85
C ALA A 55 1.96 0.24 31.85
N ILE A 56 2.40 0.82 32.95
CA ILE A 56 3.77 1.30 33.02
C ILE A 56 4.74 0.15 32.76
N VAL A 57 4.65 -0.88 33.60
CA VAL A 57 5.53 -2.03 33.45
C VAL A 57 5.56 -2.58 32.02
N GLN A 58 4.39 -2.96 31.51
CA GLN A 58 4.26 -3.45 30.15
C GLN A 58 4.97 -2.51 29.20
N THR A 59 4.62 -1.22 29.23
CA THR A 59 5.31 -0.24 28.39
C THR A 59 6.84 -0.37 28.43
N LEU A 60 7.41 -0.45 29.63
CA LEU A 60 8.86 -0.66 29.77
C LEU A 60 9.39 -1.93 29.09
N VAL A 61 8.81 -3.06 29.50
CA VAL A 61 9.12 -4.32 28.87
C VAL A 61 9.07 -4.24 27.34
N HIS A 62 8.05 -3.58 26.80
CA HIS A 62 7.94 -3.38 25.36
C HIS A 62 9.14 -2.61 24.82
N LEU A 63 9.55 -1.56 25.53
CA LEU A 63 10.73 -0.83 25.13
C LEU A 63 11.91 -1.79 24.97
N LYS A 64 11.97 -2.83 25.80
CA LYS A 64 13.05 -3.82 25.61
C LYS A 64 12.76 -4.96 24.62
N PHE A 65 11.49 -5.28 24.41
CA PHE A 65 11.16 -6.42 23.55
C PHE A 65 10.06 -6.05 22.58
N PRO A 66 10.30 -5.00 21.79
CA PRO A 66 9.29 -4.40 20.95
C PRO A 66 8.69 -5.38 19.96
N THR A 67 9.21 -6.60 19.89
CA THR A 67 8.70 -7.57 18.95
C THR A 67 7.85 -8.62 19.63
N LYS A 68 8.06 -8.78 20.94
CA LYS A 68 7.36 -9.82 21.69
C LYS A 68 6.25 -9.25 22.58
N VAL A 69 6.38 -7.97 22.92
CA VAL A 69 5.49 -7.30 23.85
C VAL A 69 5.00 -5.99 23.25
N GLY A 70 3.69 -5.71 23.35
CA GLY A 70 3.13 -4.52 22.74
C GLY A 70 2.95 -3.33 23.66
N LYS A 71 2.81 -2.14 23.08
CA LYS A 71 2.53 -0.94 23.87
C LYS A 71 1.21 -1.12 24.63
N ALA A 72 0.95 -0.25 25.58
CA ALA A 72 -0.37 -0.25 26.20
C ALA A 72 -1.36 0.28 25.18
N CYS A 73 -2.64 -0.07 25.34
CA CYS A 73 -3.63 0.40 24.38
C CYS A 73 -4.37 1.63 24.88
N CYS A 74 -4.75 2.51 23.95
CA CYS A 74 -5.52 3.71 24.25
C CYS A 74 -7.00 3.36 24.21
N VAL A 75 -7.65 3.34 25.36
CA VAL A 75 -9.01 2.84 25.47
C VAL A 75 -9.88 3.83 26.20
N PRO A 76 -11.21 3.72 26.03
CA PRO A 76 -12.13 4.53 26.82
C PRO A 76 -12.03 4.06 28.27
N THR A 77 -11.80 4.99 29.19
CA THR A 77 -11.65 4.62 30.59
C THR A 77 -12.89 4.98 31.42
N LYS A 78 -13.72 5.90 30.89
CA LYS A 78 -14.98 6.30 31.53
C LYS A 78 -16.06 6.46 30.46
N LEU A 79 -17.29 6.03 30.76
CA LEU A 79 -18.34 6.07 29.75
C LEU A 79 -19.63 6.77 30.14
N SER A 80 -19.98 7.82 29.40
CA SER A 80 -21.28 8.48 29.54
C SER A 80 -22.37 7.73 28.77
N PRO A 81 -23.61 7.83 29.25
CA PRO A 81 -24.79 7.34 28.55
C PRO A 81 -25.36 8.42 27.65
N ILE A 82 -26.25 8.04 26.75
CA ILE A 82 -26.99 9.00 25.94
C ILE A 82 -28.43 8.67 26.04
N SER A 83 -29.28 9.56 25.55
CA SER A 83 -30.70 9.30 25.57
C SER A 83 -31.16 8.83 24.21
N VAL A 84 -32.06 7.86 24.18
CA VAL A 84 -32.63 7.45 22.91
C VAL A 84 -34.12 7.10 22.97
N LEU A 85 -34.82 7.49 21.92
CA LEU A 85 -36.23 7.19 21.74
C LEU A 85 -36.32 6.05 20.76
N TYR A 86 -36.87 4.92 21.19
CA TYR A 86 -36.88 3.73 20.36
C TYR A 86 -38.22 2.99 20.35
N LYS A 87 -38.40 2.15 19.34
CA LYS A 87 -39.65 1.43 19.18
C LYS A 87 -39.70 0.23 20.12
N ASP A 88 -40.77 0.18 20.93
CA ASP A 88 -41.13 -0.93 21.79
C ASP A 88 -41.07 -2.26 21.05
N ASP A 89 -41.28 -3.34 21.77
CA ASP A 89 -41.40 -4.65 21.13
C ASP A 89 -42.71 -4.64 20.36
N MET A 90 -43.56 -3.67 20.66
CA MET A 90 -44.83 -3.53 19.97
C MET A 90 -44.97 -2.18 19.34
N GLY A 91 -43.82 -1.60 19.00
CA GLY A 91 -43.77 -0.42 18.16
C GLY A 91 -44.25 0.85 18.82
N VAL A 92 -44.08 0.91 20.14
CA VAL A 92 -44.43 2.10 20.89
C VAL A 92 -43.19 2.95 21.19
N PRO A 93 -43.19 4.19 20.73
CA PRO A 93 -42.08 5.05 21.07
C PRO A 93 -41.91 5.08 22.58
N THR A 94 -40.81 4.55 23.07
CA THR A 94 -40.46 4.72 24.48
C THR A 94 -39.02 5.25 24.65
N LEU A 95 -38.65 5.57 25.88
CA LEU A 95 -37.40 6.30 26.06
C LEU A 95 -36.42 5.71 27.06
N LYS A 96 -35.23 5.29 26.62
CA LYS A 96 -34.17 5.12 27.61
C LYS A 96 -33.40 6.41 27.77
N TYR A 97 -33.53 7.02 28.93
CA TYR A 97 -32.89 8.29 29.21
C TYR A 97 -31.46 8.06 29.58
N HIS A 98 -31.21 7.03 30.38
CA HIS A 98 -29.85 6.66 30.79
C HIS A 98 -29.44 5.37 30.09
N TYR A 99 -29.16 5.46 28.79
CA TYR A 99 -28.72 4.31 27.98
C TYR A 99 -27.23 4.18 28.14
N GLU A 100 -26.81 3.21 28.94
CA GLU A 100 -25.47 3.27 29.50
C GLU A 100 -24.36 2.90 28.54
N GLY A 101 -23.23 3.60 28.67
CA GLY A 101 -21.98 3.27 28.03
C GLY A 101 -21.92 3.37 26.52
N MET A 102 -22.38 4.49 25.96
CA MET A 102 -22.44 4.66 24.51
C MET A 102 -21.51 5.76 24.02
N SER A 103 -20.96 6.54 24.92
CA SER A 103 -20.16 7.67 24.52
C SER A 103 -18.94 7.72 25.42
N VAL A 104 -17.82 8.17 24.86
CA VAL A 104 -16.60 8.22 25.63
C VAL A 104 -16.49 9.44 26.52
N ALA A 105 -16.21 9.21 27.78
CA ALA A 105 -16.05 10.31 28.73
C ALA A 105 -14.61 10.68 28.80
N GLU A 106 -13.79 9.72 29.24
CA GLU A 106 -12.36 9.93 29.42
C GLU A 106 -11.55 8.83 28.71
N CYS A 107 -10.37 9.17 28.20
CA CYS A 107 -9.52 8.20 27.54
C CYS A 107 -8.37 7.78 28.46
N GLY A 108 -7.61 6.75 28.06
CA GLY A 108 -6.48 6.35 28.89
C GLY A 108 -5.68 5.17 28.39
N CYS A 109 -4.65 4.81 29.15
CA CYS A 109 -3.72 3.75 28.74
C CYS A 109 -3.76 2.59 29.70
N ARG A 110 -3.94 1.40 29.16
CA ARG A 110 -4.12 0.20 29.99
C ARG A 110 -3.41 -1.03 29.41
N SER B 6 -4.36 -16.43 19.42
CA SER B 6 -5.58 -16.88 18.72
C SER B 6 -6.65 -15.75 18.52
N HIS B 7 -7.44 -15.48 19.58
CA HIS B 7 -8.56 -14.51 19.57
C HIS B 7 -8.22 -13.32 20.46
N CYS B 8 -9.09 -12.95 21.42
CA CYS B 8 -8.69 -12.05 22.53
C CYS B 8 -8.65 -12.79 23.85
N GLN B 9 -7.50 -12.73 24.53
CA GLN B 9 -7.28 -13.55 25.71
C GLN B 9 -6.14 -13.09 26.59
N LYS B 10 -6.04 -13.73 27.77
CA LYS B 10 -4.99 -13.49 28.75
C LYS B 10 -3.77 -14.38 28.42
N THR B 11 -2.57 -13.81 28.48
CA THR B 11 -1.36 -14.49 28.08
C THR B 11 -0.33 -14.40 29.15
N SER B 12 0.58 -15.37 29.21
CA SER B 12 1.64 -15.30 30.21
C SER B 12 2.61 -14.18 29.86
N LEU B 13 3.02 -13.39 30.85
CA LEU B 13 4.10 -12.44 30.64
C LEU B 13 5.00 -12.38 31.87
N ARG B 14 6.03 -13.21 31.85
CA ARG B 14 6.96 -13.23 32.94
C ARG B 14 7.83 -11.98 32.82
N VAL B 15 7.56 -11.01 33.70
CA VAL B 15 8.38 -9.82 33.74
C VAL B 15 9.52 -10.05 34.70
N ASN B 16 10.74 -9.77 34.25
CA ASN B 16 11.94 -9.93 35.06
C ASN B 16 12.41 -8.53 35.40
N PHE B 17 12.38 -8.17 36.68
CA PHE B 17 12.70 -6.81 37.10
C PHE B 17 14.06 -6.33 36.66
N GLU B 18 15.01 -7.26 36.59
CA GLU B 18 16.34 -6.93 36.08
C GLU B 18 16.24 -6.37 34.67
N ASP B 19 15.38 -6.97 33.85
CA ASP B 19 15.19 -6.55 32.45
C ASP B 19 14.76 -5.09 32.30
N ILE B 20 13.92 -4.60 33.21
CA ILE B 20 13.52 -3.19 33.23
C ILE B 20 14.23 -2.35 34.30
N GLY B 21 15.31 -2.90 34.85
CA GLY B 21 16.18 -2.13 35.73
C GLY B 21 15.59 -1.80 37.08
N TRP B 22 14.65 -2.63 37.52
CA TRP B 22 14.10 -2.45 38.83
C TRP B 22 14.82 -3.33 39.86
N ASP B 23 15.78 -4.10 39.38
CA ASP B 23 16.56 -4.96 40.26
C ASP B 23 17.27 -4.13 41.32
N SER B 24 17.29 -2.81 41.09
CA SER B 24 17.97 -1.88 41.98
C SER B 24 17.28 -1.76 43.32
N TRP B 25 15.98 -2.01 43.34
CA TRP B 25 15.20 -1.80 44.57
C TRP B 25 14.18 -2.92 44.87
N ILE B 26 13.85 -3.75 43.88
CA ILE B 26 13.05 -4.92 44.16
C ILE B 26 13.99 -6.05 44.56
N ILE B 27 13.90 -6.47 45.81
CA ILE B 27 14.70 -7.57 46.31
C ILE B 27 14.06 -8.87 45.89
N ALA B 28 12.73 -8.92 45.96
CA ALA B 28 11.98 -10.11 45.57
C ALA B 28 10.55 -9.78 45.16
N PRO B 29 10.00 -10.55 44.22
CA PRO B 29 10.67 -11.66 43.56
C PRO B 29 11.67 -11.14 42.55
N LYS B 30 12.37 -12.02 41.85
CA LYS B 30 13.30 -11.55 40.83
C LYS B 30 12.53 -11.41 39.52
N GLU B 31 11.52 -12.27 39.34
CA GLU B 31 10.57 -12.14 38.23
C GLU B 31 9.18 -12.58 38.69
N TYR B 32 8.15 -12.13 37.99
CA TYR B 32 6.80 -12.39 38.40
C TYR B 32 5.88 -12.41 37.19
N GLU B 33 4.71 -13.03 37.38
CA GLU B 33 3.75 -13.16 36.30
C GLU B 33 2.85 -11.96 36.23
N ALA B 34 3.15 -11.04 35.34
CA ALA B 34 2.13 -10.09 34.99
C ALA B 34 1.55 -10.76 33.80
N TYR B 35 0.34 -10.41 33.44
CA TYR B 35 -0.12 -11.05 32.23
C TYR B 35 -0.02 -10.10 31.06
N GLU B 36 -0.37 -10.58 29.88
CA GLU B 36 -0.53 -9.72 28.73
C GLU B 36 -1.96 -9.87 28.24
N CYS B 37 -2.51 -8.82 27.63
CA CYS B 37 -3.80 -8.97 26.95
C CYS B 37 -3.60 -8.95 25.44
N LYS B 38 -3.67 -10.13 24.82
CA LYS B 38 -3.28 -10.30 23.43
C LYS B 38 -4.51 -10.69 22.66
N GLY B 39 -4.57 -10.30 21.39
CA GLY B 39 -5.62 -10.76 20.53
C GLY B 39 -6.60 -9.73 20.04
N GLY B 40 -7.44 -10.15 19.13
CA GLY B 40 -8.33 -9.21 18.45
C GLY B 40 -9.75 -9.30 18.93
N CYS B 41 -10.46 -8.21 18.79
CA CYS B 41 -11.85 -8.16 19.20
C CYS B 41 -12.69 -8.31 17.95
N PHE B 42 -13.06 -9.54 17.66
CA PHE B 42 -13.67 -9.90 16.40
C PHE B 42 -15.15 -10.12 16.55
N PHE B 43 -15.94 -9.51 15.66
CA PHE B 43 -17.39 -9.64 15.75
C PHE B 43 -17.86 -11.05 15.37
N PRO B 44 -18.85 -11.58 16.12
CA PRO B 44 -19.49 -10.92 17.25
C PRO B 44 -18.65 -11.06 18.51
N LEU B 45 -18.80 -10.11 19.42
CA LEU B 45 -18.00 -10.07 20.63
C LEU B 45 -18.51 -11.05 21.69
N ALA B 46 -17.69 -12.06 22.00
CA ALA B 46 -18.02 -13.05 23.02
C ALA B 46 -18.37 -12.40 24.37
N ASP B 47 -19.31 -12.99 25.10
CA ASP B 47 -19.73 -12.43 26.38
C ASP B 47 -18.55 -12.32 27.33
N ASP B 48 -17.65 -13.31 27.29
CA ASP B 48 -16.53 -13.35 28.24
C ASP B 48 -15.52 -12.27 27.99
N VAL B 49 -15.88 -11.30 27.16
CA VAL B 49 -14.99 -10.19 26.87
C VAL B 49 -15.62 -8.89 27.36
N THR B 50 -16.77 -9.01 28.02
CA THR B 50 -17.36 -7.90 28.74
C THR B 50 -17.59 -6.67 27.86
N PRO B 51 -17.90 -6.89 26.57
CA PRO B 51 -17.96 -5.75 25.65
C PRO B 51 -18.82 -4.64 26.21
N THR B 52 -18.34 -3.40 26.11
CA THR B 52 -19.14 -2.24 26.46
C THR B 52 -20.05 -1.95 25.28
N LYS B 53 -21.13 -1.22 25.51
CA LYS B 53 -21.93 -0.75 24.39
C LYS B 53 -21.02 -0.09 23.36
N HIS B 54 -20.23 0.87 23.83
CA HIS B 54 -19.37 1.61 22.94
C HIS B 54 -18.54 0.71 22.08
N ALA B 55 -17.85 -0.24 22.72
CA ALA B 55 -17.05 -1.21 22.00
C ALA B 55 -17.84 -1.88 20.87
N ILE B 56 -19.10 -2.19 21.13
CA ILE B 56 -19.94 -2.83 20.11
C ILE B 56 -20.13 -1.87 18.94
N VAL B 57 -20.62 -0.68 19.25
CA VAL B 57 -20.84 0.32 18.21
C VAL B 57 -19.61 0.56 17.37
N GLN B 58 -18.51 0.91 18.04
CA GLN B 58 -17.24 1.15 17.37
C GLN B 58 -16.93 -0.04 16.45
N THR B 59 -16.95 -1.26 17.00
CA THR B 59 -16.71 -2.44 16.18
C THR B 59 -17.54 -2.48 14.88
N LEU B 60 -18.83 -2.19 15.00
CA LEU B 60 -19.69 -2.13 13.81
C LEU B 60 -19.24 -1.07 12.81
N VAL B 61 -19.22 0.18 13.26
CA VAL B 61 -18.70 1.27 12.43
C VAL B 61 -17.38 0.86 11.73
N HIS B 62 -16.46 0.20 12.44
CA HIS B 62 -15.20 -0.23 11.83
C HIS B 62 -15.46 -1.24 10.73
N LEU B 63 -16.41 -2.14 10.94
CA LEU B 63 -16.81 -3.05 9.87
C LEU B 63 -17.14 -2.29 8.61
N LYS B 64 -17.74 -1.11 8.76
CA LYS B 64 -18.04 -0.32 7.56
C LYS B 64 -16.92 0.63 7.09
N PHE B 65 -16.03 1.02 7.98
CA PHE B 65 -15.01 1.99 7.63
C PHE B 65 -13.67 1.53 8.16
N PRO B 66 -13.25 0.36 7.73
CA PRO B 66 -12.10 -0.32 8.28
C PRO B 66 -10.83 0.49 8.14
N THR B 67 -10.88 1.62 7.44
CA THR B 67 -9.66 2.42 7.23
C THR B 67 -9.67 3.69 8.07
N LYS B 68 -10.85 4.12 8.48
CA LYS B 68 -10.99 5.34 9.26
C LYS B 68 -11.26 5.08 10.75
N VAL B 69 -11.75 3.88 11.06
CA VAL B 69 -12.15 3.49 12.42
C VAL B 69 -11.58 2.11 12.80
N GLY B 70 -11.04 2.00 13.99
CA GLY B 70 -10.33 0.78 14.34
C GLY B 70 -11.12 -0.17 15.19
N LYS B 71 -10.66 -1.41 15.28
CA LYS B 71 -11.32 -2.40 16.13
C LYS B 71 -11.25 -1.94 17.59
N ALA B 72 -12.03 -2.57 18.47
CA ALA B 72 -11.83 -2.33 19.90
C ALA B 72 -10.51 -2.97 20.31
N CYS B 73 -9.92 -2.47 21.38
CA CYS B 73 -8.65 -3.04 21.83
C CYS B 73 -8.84 -4.08 22.94
N CYS B 74 -7.96 -5.07 22.97
CA CYS B 74 -7.97 -6.06 24.03
C CYS B 74 -7.10 -5.56 25.17
N VAL B 75 -7.73 -5.20 26.27
CA VAL B 75 -7.04 -4.59 27.37
C VAL B 75 -7.32 -5.31 28.69
N PRO B 76 -6.44 -5.12 29.68
CA PRO B 76 -6.72 -5.63 31.01
C PRO B 76 -7.92 -4.88 31.55
N THR B 77 -8.93 -5.61 32.02
CA THR B 77 -10.15 -5.00 32.56
C THR B 77 -10.22 -5.07 34.08
N LYS B 78 -9.47 -5.99 34.69
CA LYS B 78 -9.36 -6.11 36.16
C LYS B 78 -7.90 -6.39 36.57
N LEU B 79 -7.45 -5.79 37.67
CA LEU B 79 -6.05 -5.93 38.06
C LEU B 79 -5.78 -6.40 39.51
N SER B 80 -5.15 -7.56 39.62
CA SER B 80 -4.62 -8.05 40.89
C SER B 80 -3.31 -7.37 41.25
N PRO B 81 -3.04 -7.25 42.55
CA PRO B 81 -1.77 -6.80 43.11
C PRO B 81 -0.84 -7.99 43.39
N ILE B 82 0.46 -7.69 43.58
CA ILE B 82 1.40 -8.72 43.95
C ILE B 82 2.16 -8.20 45.14
N SER B 83 2.91 -9.09 45.77
CA SER B 83 3.68 -8.71 46.92
C SER B 83 5.12 -8.54 46.53
N VAL B 84 5.77 -7.53 47.10
CA VAL B 84 7.18 -7.33 46.81
C VAL B 84 7.95 -6.81 48.02
N LEU B 85 9.17 -7.30 48.12
CA LEU B 85 10.10 -6.95 49.16
C LEU B 85 11.14 -6.04 48.54
N TYR B 86 11.23 -4.81 49.02
CA TYR B 86 12.05 -3.81 48.35
C TYR B 86 12.85 -2.96 49.32
N LYS B 87 13.91 -2.33 48.81
CA LYS B 87 14.79 -1.52 49.64
C LYS B 87 14.20 -0.16 49.94
N ASP B 88 14.11 0.14 51.23
CA ASP B 88 13.69 1.44 51.75
C ASP B 88 14.44 2.59 51.06
N ASP B 89 14.04 3.82 51.37
CA ASP B 89 14.82 4.99 50.94
C ASP B 89 16.17 4.97 51.66
N MET B 90 16.26 4.17 52.72
CA MET B 90 17.50 4.03 53.46
C MET B 90 17.97 2.57 53.45
N GLY B 91 17.62 1.85 52.39
CA GLY B 91 18.10 0.49 52.19
C GLY B 91 17.63 -0.57 53.19
N VAL B 92 16.42 -0.40 53.71
CA VAL B 92 15.85 -1.37 54.63
C VAL B 92 14.83 -2.23 53.90
N PRO B 93 15.05 -3.56 53.89
CA PRO B 93 14.05 -4.45 53.31
C PRO B 93 12.68 -4.20 53.93
N THR B 94 11.74 -3.71 53.14
CA THR B 94 10.37 -3.53 53.62
C THR B 94 9.40 -4.15 52.62
N LEU B 95 8.14 -4.28 53.02
CA LEU B 95 7.22 -5.07 52.21
C LEU B 95 5.93 -4.37 51.76
N LYS B 96 5.73 -4.17 50.45
CA LYS B 96 4.36 -3.89 50.05
C LYS B 96 3.69 -5.23 49.75
N TYR B 97 2.76 -5.60 50.63
CA TYR B 97 1.94 -6.80 50.47
C TYR B 97 0.86 -6.61 49.36
N HIS B 98 0.18 -5.47 49.39
CA HIS B 98 -0.81 -5.15 48.37
C HIS B 98 -0.26 -4.10 47.39
N TYR B 99 0.68 -4.49 46.54
CA TYR B 99 1.23 -3.60 45.51
C TYR B 99 0.31 -3.59 44.30
N GLU B 100 -0.48 -2.54 44.17
CA GLU B 100 -1.67 -2.63 43.34
C GLU B 100 -1.41 -2.60 41.85
N GLY B 101 -2.21 -3.38 41.13
CA GLY B 101 -2.31 -3.28 39.68
C GLY B 101 -1.09 -3.70 38.90
N MET B 102 -0.52 -4.85 39.25
CA MET B 102 0.69 -5.28 38.59
C MET B 102 0.47 -6.52 37.76
N SER B 103 -0.69 -7.15 37.92
CA SER B 103 -0.92 -8.40 37.25
C SER B 103 -2.32 -8.41 36.67
N VAL B 104 -2.50 -9.07 35.55
CA VAL B 104 -3.79 -9.02 34.90
C VAL B 104 -4.73 -10.03 35.50
N ALA B 105 -5.92 -9.57 35.84
CA ALA B 105 -6.93 -10.44 36.39
C ALA B 105 -7.83 -10.95 35.27
N GLU B 106 -8.52 -10.01 34.63
CA GLU B 106 -9.44 -10.36 33.57
C GLU B 106 -9.16 -9.51 32.32
N CYS B 107 -9.42 -10.07 31.14
CA CYS B 107 -9.18 -9.35 29.90
C CYS B 107 -10.49 -8.84 29.32
N GLY B 108 -10.44 -8.00 28.30
CA GLY B 108 -11.67 -7.53 27.70
C GLY B 108 -11.55 -6.58 26.52
N CYS B 109 -12.69 -6.20 25.95
CA CYS B 109 -12.70 -5.36 24.76
C CYS B 109 -13.32 -4.03 25.08
N ARG B 110 -12.63 -2.95 24.69
CA ARG B 110 -13.09 -1.61 25.04
C ARG B 110 -12.86 -0.57 23.92
N PRO C 11 -34.34 -18.93 32.94
CA PRO C 11 -35.21 -19.56 31.94
C PRO C 11 -34.43 -19.91 30.67
N LEU C 12 -33.27 -20.56 30.83
CA LEU C 12 -32.34 -20.78 29.71
C LEU C 12 -32.86 -21.71 28.62
N VAL C 13 -32.14 -21.74 27.50
CA VAL C 13 -32.47 -22.57 26.35
C VAL C 13 -31.20 -23.11 25.68
N THR C 14 -31.37 -24.11 24.81
CA THR C 14 -30.23 -24.78 24.18
C THR C 14 -30.12 -24.45 22.69
N CYS C 15 -28.94 -24.02 22.27
CA CYS C 15 -28.71 -23.61 20.88
C CYS C 15 -27.58 -24.40 20.23
N THR C 16 -27.64 -24.48 18.89
CA THR C 16 -26.56 -25.06 18.11
C THR C 16 -25.37 -24.11 18.15
N CYS C 17 -24.17 -24.67 18.15
CA CYS C 17 -22.97 -23.86 18.31
C CYS C 17 -21.95 -24.17 17.22
N GLU C 18 -22.02 -23.44 16.12
CA GLU C 18 -21.00 -23.54 15.07
C GLU C 18 -20.19 -22.24 14.99
N SER C 19 -19.07 -22.21 15.70
CA SER C 19 -18.24 -21.02 15.84
C SER C 19 -16.88 -21.35 16.45
N PRO C 20 -15.92 -20.43 16.32
CA PRO C 20 -14.60 -20.60 16.94
C PRO C 20 -14.64 -20.63 18.47
N HIS C 21 -15.39 -19.73 19.08
CA HIS C 21 -15.47 -19.70 20.54
C HIS C 21 -16.38 -20.81 21.08
N CYS C 22 -16.35 -21.97 20.43
CA CYS C 22 -17.25 -23.07 20.83
C CYS C 22 -16.59 -24.17 21.64
N LYS C 23 -17.02 -24.31 22.89
CA LYS C 23 -16.57 -25.40 23.74
C LYS C 23 -17.56 -26.56 23.67
N GLY C 24 -17.70 -27.14 22.48
CA GLY C 24 -18.65 -28.23 22.27
C GLY C 24 -19.36 -28.11 20.94
N PRO C 25 -20.40 -28.94 20.72
CA PRO C 25 -21.22 -28.92 19.52
C PRO C 25 -22.50 -28.10 19.72
N THR C 26 -22.87 -27.90 20.98
CA THR C 26 -24.04 -27.09 21.32
C THR C 26 -23.75 -26.37 22.62
N CYS C 27 -24.56 -25.35 22.92
CA CYS C 27 -24.36 -24.57 24.14
C CYS C 27 -25.69 -24.11 24.72
N ARG C 28 -25.66 -23.59 25.94
CA ARG C 28 -26.89 -23.08 26.57
C ARG C 28 -26.79 -21.57 26.83
N GLY C 29 -27.92 -20.88 26.73
CA GLY C 29 -27.93 -19.44 26.92
C GLY C 29 -29.32 -18.84 27.04
N ALA C 30 -29.42 -17.52 26.97
CA ALA C 30 -30.71 -16.84 27.08
C ALA C 30 -31.51 -16.95 25.81
N TRP C 31 -30.82 -16.89 24.68
CA TRP C 31 -31.46 -16.98 23.38
C TRP C 31 -30.44 -17.49 22.37
N CYS C 32 -30.92 -17.91 21.21
CA CYS C 32 -30.03 -18.40 20.18
C CYS C 32 -29.79 -17.37 19.09
N THR C 33 -28.59 -17.42 18.51
CA THR C 33 -28.18 -16.47 17.48
C THR C 33 -27.67 -17.15 16.22
N VAL C 34 -27.95 -16.51 15.09
CA VAL C 34 -27.32 -16.80 13.82
C VAL C 34 -26.87 -15.45 13.29
N VAL C 35 -25.58 -15.30 13.06
CA VAL C 35 -25.04 -14.01 12.68
C VAL C 35 -24.07 -14.08 11.50
N LEU C 36 -24.28 -13.18 10.54
CA LEU C 36 -23.53 -13.19 9.30
C LEU C 36 -22.64 -11.96 9.21
N VAL C 37 -21.34 -12.15 8.97
CA VAL C 37 -20.40 -11.04 8.97
C VAL C 37 -19.48 -11.00 7.78
N ARG C 38 -19.26 -9.80 7.22
CA ARG C 38 -18.42 -9.58 6.02
C ARG C 38 -17.19 -8.67 6.24
N GLU C 39 -16.20 -9.13 7.01
CA GLU C 39 -15.08 -8.23 7.39
C GLU C 39 -14.21 -7.84 6.16
N GLU C 40 -13.77 -6.59 6.06
CA GLU C 40 -12.99 -6.15 4.90
C GLU C 40 -12.19 -7.25 4.20
N GLY C 41 -12.18 -7.23 2.88
CA GLY C 41 -11.41 -8.20 2.09
C GLY C 41 -11.93 -9.63 2.10
N ARG C 42 -12.30 -10.14 3.27
CA ARG C 42 -12.74 -11.53 3.41
C ARG C 42 -14.22 -11.75 2.99
N HIS C 43 -14.53 -12.95 2.50
CA HIS C 43 -15.91 -13.31 2.19
C HIS C 43 -16.66 -13.51 3.49
N PRO C 44 -17.99 -13.32 3.44
CA PRO C 44 -18.84 -13.42 4.62
C PRO C 44 -18.81 -14.80 5.27
N GLN C 45 -18.81 -14.82 6.60
CA GLN C 45 -18.87 -16.05 7.37
C GLN C 45 -20.07 -16.03 8.30
N GLU C 46 -20.57 -17.20 8.66
CA GLU C 46 -21.85 -17.33 9.36
C GLU C 46 -21.71 -18.15 10.65
N HIS C 47 -21.79 -17.48 11.79
CA HIS C 47 -21.69 -18.17 13.08
C HIS C 47 -23.07 -18.46 13.65
N ARG C 48 -23.17 -19.51 14.46
CA ARG C 48 -24.40 -19.86 15.16
C ARG C 48 -24.04 -20.12 16.62
N GLY C 49 -24.85 -19.60 17.55
CA GLY C 49 -24.54 -19.81 18.95
C GLY C 49 -25.51 -19.27 19.96
N CYS C 50 -24.99 -18.90 21.13
CA CYS C 50 -25.82 -18.42 22.22
C CYS C 50 -25.78 -16.91 22.26
N GLY C 51 -26.26 -16.37 23.36
CA GLY C 51 -26.27 -14.93 23.55
C GLY C 51 -27.14 -14.55 24.72
N ASN C 52 -26.59 -13.75 25.62
CA ASN C 52 -27.33 -13.34 26.81
C ASN C 52 -27.05 -11.90 27.18
N LEU C 53 -26.33 -11.18 26.33
CA LEU C 53 -25.85 -9.88 26.75
C LEU C 53 -26.60 -8.69 26.21
N HIS C 54 -26.77 -8.63 24.90
CA HIS C 54 -27.26 -7.38 24.33
C HIS C 54 -28.45 -7.57 23.41
N ARG C 55 -29.60 -7.89 23.99
CA ARG C 55 -30.79 -8.24 23.20
C ARG C 55 -30.96 -7.27 22.02
N GLU C 56 -30.78 -5.97 22.27
CA GLU C 56 -30.96 -4.96 21.25
C GLU C 56 -30.36 -5.35 19.89
N LEU C 57 -29.15 -5.89 19.90
CA LEU C 57 -28.49 -6.25 18.65
C LEU C 57 -29.43 -6.95 17.66
N CYS C 58 -30.36 -7.76 18.17
CA CYS C 58 -31.30 -8.55 17.36
C CYS C 58 -32.23 -7.73 16.48
N ARG C 59 -32.71 -6.62 17.04
CA ARG C 59 -33.53 -5.64 16.33
C ARG C 59 -32.78 -5.05 15.13
N GLY C 60 -31.46 -5.18 15.13
CA GLY C 60 -30.69 -4.69 14.01
C GLY C 60 -31.28 -5.12 12.68
N ARG C 61 -31.64 -4.13 11.87
CA ARG C 61 -31.93 -4.36 10.47
C ARG C 61 -30.61 -4.76 9.81
N PRO C 62 -30.65 -5.73 8.89
CA PRO C 62 -29.44 -6.24 8.24
C PRO C 62 -28.79 -5.18 7.35
N THR C 63 -27.48 -5.00 7.51
CA THR C 63 -26.71 -4.05 6.70
C THR C 63 -25.93 -4.77 5.60
N GLU C 64 -25.06 -4.03 4.92
CA GLU C 64 -24.27 -4.58 3.83
C GLU C 64 -23.11 -5.44 4.36
N PHE C 65 -22.98 -5.58 5.67
CA PHE C 65 -21.83 -6.24 6.23
C PHE C 65 -22.16 -7.06 7.48
N VAL C 66 -23.41 -7.02 7.93
CA VAL C 66 -23.76 -7.84 9.09
C VAL C 66 -25.25 -8.13 9.20
N ASN C 67 -25.58 -9.31 9.72
CA ASN C 67 -26.96 -9.70 9.94
C ASN C 67 -27.07 -10.46 11.24
N HIS C 68 -27.71 -9.83 12.21
CA HIS C 68 -27.94 -10.45 13.49
C HIS C 68 -29.36 -10.99 13.51
N TYR C 69 -29.48 -12.28 13.80
CA TYR C 69 -30.78 -12.90 13.92
C TYR C 69 -30.90 -13.74 15.19
N CYS C 70 -31.97 -13.55 15.95
CA CYS C 70 -32.14 -14.28 17.19
C CYS C 70 -33.52 -14.93 17.35
N CYS C 71 -33.59 -15.98 18.17
CA CYS C 71 -34.84 -16.66 18.48
C CYS C 71 -34.68 -17.40 19.79
N ASP C 72 -35.81 -17.79 20.41
CA ASP C 72 -35.77 -18.38 21.75
C ASP C 72 -36.56 -19.66 21.95
N SER C 73 -36.60 -20.51 20.92
CA SER C 73 -37.11 -21.87 21.08
C SER C 73 -35.94 -22.86 21.01
N HIS C 74 -36.12 -24.01 21.65
CA HIS C 74 -35.05 -25.00 21.70
C HIS C 74 -34.41 -25.24 20.32
N LEU C 75 -33.10 -25.41 20.30
CA LEU C 75 -32.34 -25.74 19.09
C LEU C 75 -32.79 -25.01 17.80
N CYS C 76 -33.38 -23.85 17.95
CA CYS C 76 -34.00 -23.15 16.83
C CYS C 76 -33.06 -22.54 15.78
N ASN C 77 -31.76 -22.75 15.92
CA ASN C 77 -30.84 -22.14 14.95
C ASN C 77 -30.03 -23.14 14.11
N HIS C 78 -30.63 -24.27 13.76
CA HIS C 78 -29.97 -25.20 12.85
C HIS C 78 -30.40 -24.92 11.41
N ASN C 79 -31.56 -25.44 11.02
CA ASN C 79 -32.08 -25.21 9.68
C ASN C 79 -32.36 -23.72 9.40
N VAL C 80 -31.31 -22.92 9.21
CA VAL C 80 -31.50 -21.47 9.00
C VAL C 80 -30.26 -20.64 8.58
N SER C 81 -30.32 -20.03 7.40
CA SER C 81 -29.21 -19.25 6.87
C SER C 81 -29.66 -17.84 6.45
N LEU C 82 -28.73 -16.95 6.09
CA LEU C 82 -29.05 -15.52 6.01
C LEU C 82 -28.35 -14.82 4.86
N VAL C 83 -28.79 -13.60 4.52
CA VAL C 83 -28.03 -12.75 3.57
C VAL C 83 -27.80 -11.28 3.98
N LEU C 84 -27.09 -10.54 3.12
CA LEU C 84 -26.77 -9.14 3.32
C LEU C 84 -27.47 -8.26 2.29
N GLU C 85 -26.78 -7.23 1.81
CA GLU C 85 -27.42 -6.21 0.98
C GLU C 85 -26.40 -5.33 0.23
N PRO D 11 2.25 20.23 48.92
CA PRO D 11 3.61 20.78 49.02
C PRO D 11 4.27 20.85 47.65
N LEU D 12 3.59 21.42 46.66
CA LEU D 12 4.04 21.38 45.26
C LEU D 12 5.30 22.18 44.96
N VAL D 13 5.86 21.94 43.77
CA VAL D 13 7.10 22.57 43.33
C VAL D 13 7.02 22.90 41.83
N THR D 14 7.95 23.72 41.34
CA THR D 14 7.91 24.16 39.95
C THR D 14 9.07 23.59 39.14
N CYS D 15 8.77 22.98 38.00
CA CYS D 15 9.76 22.31 37.16
C CYS D 15 9.79 22.87 35.74
N THR D 16 10.96 22.75 35.09
CA THR D 16 11.09 23.09 33.69
C THR D 16 10.34 22.05 32.87
N CYS D 17 9.72 22.49 31.78
CA CYS D 17 8.89 21.61 30.96
C CYS D 17 9.27 21.65 29.49
N GLU D 18 10.15 20.74 29.09
CA GLU D 18 10.51 20.56 27.70
C GLU D 18 10.02 19.19 27.22
N SER D 19 8.84 19.19 26.61
CA SER D 19 8.20 17.95 26.20
C SER D 19 6.99 18.25 25.32
N PRO D 20 6.48 17.24 24.60
CA PRO D 20 5.27 17.37 23.79
C PRO D 20 4.00 17.65 24.62
N HIS D 21 3.80 16.94 25.72
CA HIS D 21 2.63 17.15 26.54
C HIS D 21 2.74 18.42 27.37
N CYS D 22 3.38 19.46 26.84
CA CYS D 22 3.64 20.68 27.60
C CYS D 22 2.69 21.83 27.28
N LYS D 23 1.88 22.22 28.27
CA LYS D 23 1.02 23.37 28.15
C LYS D 23 1.71 24.59 28.76
N GLY D 24 2.84 24.96 28.17
CA GLY D 24 3.64 26.08 28.67
C GLY D 24 5.14 25.83 28.61
N PRO D 25 5.93 26.71 29.23
CA PRO D 25 7.38 26.58 29.28
C PRO D 25 7.81 25.93 30.59
N THR D 26 6.93 25.99 31.58
CA THR D 26 7.19 25.37 32.87
C THR D 26 5.88 24.84 33.44
N CYS D 27 5.99 23.97 34.43
CA CYS D 27 4.80 23.37 35.03
C CYS D 27 4.98 23.14 36.52
N ARG D 28 3.89 22.82 37.23
CA ARG D 28 3.96 22.57 38.66
C ARG D 28 3.55 21.11 38.98
N GLY D 29 4.19 20.53 39.98
CA GLY D 29 3.93 19.13 40.32
C GLY D 29 4.55 18.70 41.64
N ALA D 30 4.57 17.41 41.90
CA ALA D 30 5.08 16.89 43.18
C ALA D 30 6.59 16.86 43.20
N TRP D 31 7.16 16.52 42.05
CA TRP D 31 8.60 16.45 41.89
C TRP D 31 8.93 16.68 40.42
N CYS D 32 10.20 16.95 40.15
CA CYS D 32 10.64 17.21 38.79
C CYS D 32 11.36 16.02 38.20
N THR D 33 11.21 15.87 36.88
CA THR D 33 11.74 14.73 36.16
C THR D 33 12.59 15.14 34.97
N VAL D 34 13.62 14.34 34.73
CA VAL D 34 14.38 14.35 33.50
C VAL D 34 14.47 12.90 33.07
N VAL D 35 13.96 12.60 31.89
CA VAL D 35 13.88 11.21 31.44
C VAL D 35 14.35 11.00 30.00
N LEU D 36 15.21 9.99 29.84
CA LEU D 36 15.84 9.72 28.57
C LEU D 36 15.30 8.41 27.98
N VAL D 37 14.82 8.46 26.74
CA VAL D 37 14.21 7.28 26.14
C VAL D 37 14.61 6.95 24.73
N ARG D 38 14.77 5.65 24.47
CA ARG D 38 14.85 5.09 23.13
C ARG D 38 13.54 4.37 22.83
N GLU D 39 12.74 4.94 21.95
CA GLU D 39 11.61 4.21 21.38
C GLU D 39 11.89 3.92 19.91
N GLU D 40 11.09 3.05 19.34
CA GLU D 40 10.86 3.02 17.89
C GLU D 40 12.09 2.82 16.99
N GLY D 41 13.27 2.74 17.56
CA GLY D 41 14.47 2.52 16.77
C GLY D 41 15.21 3.83 16.63
N ARG D 42 14.42 4.90 16.67
CA ARG D 42 14.94 6.24 16.67
C ARG D 42 16.11 6.40 17.64
N HIS D 43 16.72 7.56 17.58
CA HIS D 43 17.74 7.96 18.51
C HIS D 43 17.08 8.43 19.77
N PRO D 44 17.80 8.36 20.89
CA PRO D 44 17.27 8.73 22.20
C PRO D 44 16.83 10.18 22.27
N GLN D 45 15.71 10.44 22.95
CA GLN D 45 15.21 11.79 23.20
C GLN D 45 15.05 11.99 24.70
N GLU D 46 15.13 13.25 25.12
CA GLU D 46 15.22 13.59 26.54
C GLU D 46 14.16 14.60 26.93
N HIS D 47 13.17 14.16 27.69
CA HIS D 47 12.09 15.05 28.15
C HIS D 47 12.37 15.55 29.55
N ARG D 48 11.83 16.73 29.88
CA ARG D 48 11.94 17.29 31.22
C ARG D 48 10.55 17.76 31.64
N GLY D 49 10.15 17.48 32.88
CA GLY D 49 8.83 17.88 33.30
C GLY D 49 8.46 17.63 34.75
N CYS D 50 7.17 17.41 34.97
CA CYS D 50 6.64 17.19 36.31
C CYS D 50 6.49 15.71 36.59
N GLY D 51 5.78 15.38 37.65
CA GLY D 51 5.49 13.99 37.96
C GLY D 51 4.91 13.90 39.35
N ASN D 52 3.79 13.20 39.49
CA ASN D 52 3.17 13.07 40.80
C ASN D 52 2.60 11.69 41.02
N LEU D 53 2.86 10.78 40.09
CA LEU D 53 2.12 9.53 40.13
C LEU D 53 2.89 8.33 40.67
N HIS D 54 4.07 8.09 40.14
CA HIS D 54 4.72 6.83 40.44
C HIS D 54 6.16 6.99 40.90
N ARG D 55 6.32 7.51 42.11
CA ARG D 55 7.64 7.81 42.66
C ARG D 55 8.64 6.70 42.36
N GLU D 56 8.23 5.44 42.58
CA GLU D 56 9.07 4.28 42.35
C GLU D 56 9.92 4.37 41.08
N LEU D 57 9.32 4.82 39.99
CA LEU D 57 10.04 4.90 38.73
C LEU D 57 11.44 5.53 38.87
N CYS D 58 11.57 6.53 39.74
CA CYS D 58 12.83 7.23 39.98
C CYS D 58 13.97 6.36 40.49
N ARG D 59 13.66 5.42 41.36
CA ARG D 59 14.62 4.42 41.85
C ARG D 59 15.17 3.58 40.69
N GLY D 60 14.48 3.57 39.56
CA GLY D 60 14.95 2.81 38.44
C GLY D 60 16.42 3.06 38.19
N ARG D 61 17.20 1.98 38.22
CA ARG D 61 18.56 1.99 37.70
C ARG D 61 18.48 2.16 36.19
N PRO D 62 19.37 2.97 35.61
CA PRO D 62 19.32 3.23 34.16
C PRO D 62 19.59 1.99 33.34
N THR D 63 18.74 1.73 32.34
CA THR D 63 18.93 0.60 31.44
C THR D 63 19.44 1.08 30.09
N GLU D 64 19.50 0.15 29.14
CA GLU D 64 20.04 0.44 27.82
C GLU D 64 19.07 1.25 26.97
N PHE D 65 17.92 1.58 27.54
CA PHE D 65 16.86 2.22 26.76
C PHE D 65 16.06 3.25 27.53
N VAL D 66 16.36 3.43 28.80
CA VAL D 66 15.65 4.44 29.56
C VAL D 66 16.35 4.86 30.83
N ASN D 67 16.20 6.15 31.17
CA ASN D 67 16.81 6.70 32.37
C ASN D 67 15.85 7.68 33.01
N HIS D 68 15.34 7.29 34.16
CA HIS D 68 14.42 8.11 34.91
C HIS D 68 15.22 8.78 36.02
N TYR D 69 15.15 10.11 36.07
CA TYR D 69 15.83 10.87 37.12
C TYR D 69 14.89 11.92 37.73
N CYS D 70 14.82 12.00 39.05
CA CYS D 70 13.90 12.93 39.69
C CYS D 70 14.56 13.71 40.82
N CYS D 71 13.98 14.87 41.14
CA CYS D 71 14.48 15.70 42.24
C CYS D 71 13.36 16.65 42.67
N ASP D 72 13.48 17.23 43.86
CA ASP D 72 12.38 18.03 44.41
C ASP D 72 12.76 19.39 44.98
N SER D 73 13.71 20.06 44.34
CA SER D 73 13.96 21.47 44.63
C SER D 73 13.46 22.31 43.46
N HIS D 74 13.11 23.55 43.73
CA HIS D 74 12.60 24.44 42.69
C HIS D 74 13.43 24.41 41.41
N LEU D 75 12.77 24.44 40.26
CA LEU D 75 13.40 24.48 38.94
C LEU D 75 14.63 23.59 38.74
N CYS D 76 14.74 22.53 39.52
CA CYS D 76 15.96 21.72 39.58
C CYS D 76 16.28 20.86 38.35
N ASN D 77 15.50 20.98 37.28
CA ASN D 77 15.77 20.13 36.13
C ASN D 77 16.14 20.88 34.84
N HIS D 78 16.85 21.99 34.97
CA HIS D 78 17.34 22.71 33.80
C HIS D 78 18.76 22.27 33.43
N ASN D 79 19.76 22.79 34.14
CA ASN D 79 21.15 22.39 33.94
C ASN D 79 21.39 20.91 34.29
N VAL D 80 20.94 19.99 33.45
CA VAL D 80 21.08 18.55 33.75
C VAL D 80 20.69 17.59 32.62
N SER D 81 21.66 16.79 32.15
CA SER D 81 21.42 15.84 31.06
C SER D 81 21.91 14.43 31.42
N LEU D 82 21.68 13.47 30.53
CA LEU D 82 22.16 12.08 30.73
C LEU D 82 22.61 11.35 29.44
N ARG E 11 -31.89 22.79 36.28
CA ARG E 11 -32.33 22.55 34.91
C ARG E 11 -33.56 21.63 34.75
N GLU E 12 -34.66 22.18 34.21
CA GLU E 12 -35.97 21.53 34.20
C GLU E 12 -36.61 21.36 32.82
N CYS E 13 -37.49 20.38 32.69
CA CYS E 13 -38.22 20.15 31.43
C CYS E 13 -39.69 19.82 31.65
N ILE E 14 -40.46 19.85 30.57
CA ILE E 14 -41.85 19.45 30.63
C ILE E 14 -41.93 17.95 30.49
N TYR E 15 -42.56 17.29 31.45
CA TYR E 15 -42.75 15.85 31.36
C TYR E 15 -44.11 15.52 30.83
N TYR E 16 -44.16 14.60 29.88
CA TYR E 16 -45.41 14.02 29.45
C TYR E 16 -45.21 12.64 28.83
N ASN E 17 -46.13 11.73 29.10
CA ASN E 17 -46.03 10.38 28.58
C ASN E 17 -47.39 9.78 28.32
N ALA E 18 -47.85 9.85 27.09
CA ALA E 18 -49.15 9.33 26.72
C ALA E 18 -49.26 7.90 27.14
N ASN E 19 -48.21 7.13 26.90
CA ASN E 19 -48.29 5.72 27.22
C ASN E 19 -48.15 5.41 28.71
N TRP E 20 -48.49 6.37 29.57
CA TRP E 20 -48.20 6.26 31.00
C TRP E 20 -48.84 5.06 31.66
N GLU E 21 -50.14 4.95 31.53
CA GLU E 21 -50.83 3.82 32.13
C GLU E 21 -50.11 2.52 31.87
N LEU E 22 -49.74 2.30 30.62
CA LEU E 22 -49.10 1.06 30.23
C LEU E 22 -47.71 0.89 30.86
N GLU E 23 -46.90 1.95 30.81
CA GLU E 23 -45.52 1.87 31.30
C GLU E 23 -45.44 2.13 32.80
N ARG E 24 -46.57 2.37 33.44
CA ARG E 24 -46.62 2.68 34.87
C ARG E 24 -45.73 3.86 35.22
N THR E 25 -46.07 5.03 34.69
CA THR E 25 -45.36 6.27 35.02
C THR E 25 -46.37 7.40 35.08
N ASN E 26 -45.99 8.53 35.66
CA ASN E 26 -46.84 9.71 35.67
C ASN E 26 -47.23 10.09 34.27
N GLN E 27 -48.27 10.91 34.14
CA GLN E 27 -48.79 11.26 32.84
C GLN E 27 -48.28 12.61 32.34
N SER E 28 -48.47 13.65 33.14
CA SER E 28 -47.97 14.96 32.80
C SER E 28 -47.41 15.69 34.01
N GLY E 29 -46.51 16.63 33.77
CA GLY E 29 -45.92 17.41 34.83
C GLY E 29 -44.60 17.99 34.38
N LEU E 30 -43.61 17.95 35.26
CA LEU E 30 -42.29 18.42 34.93
C LEU E 30 -41.22 17.46 35.48
N GLU E 31 -39.97 17.68 35.05
CA GLU E 31 -38.87 16.77 35.41
C GLU E 31 -37.61 17.58 35.65
N ARG E 32 -36.94 17.35 36.76
CA ARG E 32 -35.62 17.92 36.97
C ARG E 32 -34.58 16.97 36.41
N CYS E 33 -33.63 17.48 35.65
CA CYS E 33 -32.77 16.65 34.84
C CYS E 33 -31.50 16.20 35.54
N GLU E 34 -31.43 14.92 35.86
CA GLU E 34 -30.20 14.35 36.40
C GLU E 34 -29.15 14.30 35.30
N GLY E 35 -27.96 14.83 35.58
CA GLY E 35 -26.95 14.91 34.54
C GLY E 35 -25.51 14.97 34.99
N GLU E 36 -24.60 14.64 34.08
CA GLU E 36 -23.17 14.59 34.33
C GLU E 36 -22.54 15.97 34.58
N GLN E 37 -21.52 15.99 35.43
CA GLN E 37 -20.89 17.24 35.90
C GLN E 37 -20.80 18.34 34.84
N ASP E 38 -19.90 18.16 33.88
CA ASP E 38 -19.67 19.16 32.88
C ASP E 38 -20.20 18.73 31.50
N LYS E 39 -21.38 18.11 31.49
CA LYS E 39 -22.09 17.82 30.24
C LYS E 39 -23.37 18.66 30.19
N ARG E 40 -23.85 18.96 28.98
CA ARG E 40 -25.04 19.77 28.81
C ARG E 40 -26.32 18.96 29.03
N LEU E 41 -27.45 19.66 29.19
CA LEU E 41 -28.75 19.01 29.35
C LEU E 41 -29.77 19.59 28.36
N HIS E 42 -30.81 18.82 28.06
CA HIS E 42 -31.76 19.17 27.02
C HIS E 42 -33.18 18.74 27.32
N CYS E 43 -34.14 19.23 26.53
CA CYS E 43 -35.52 18.76 26.64
C CYS E 43 -35.98 18.22 25.29
N TYR E 44 -36.89 17.27 25.31
CA TYR E 44 -37.41 16.71 24.08
C TYR E 44 -38.92 16.68 24.11
N ALA E 45 -39.47 16.57 22.91
CA ALA E 45 -40.88 16.32 22.69
C ALA E 45 -40.96 15.45 21.45
N SER E 46 -42.01 14.63 21.40
CA SER E 46 -42.25 13.75 20.28
C SER E 46 -43.73 13.51 20.18
N TRP E 47 -44.20 13.50 18.94
CA TRP E 47 -45.62 13.39 18.68
C TRP E 47 -45.90 12.73 17.34
N ARG E 48 -47.12 12.26 17.14
CA ARG E 48 -47.51 11.70 15.85
C ARG E 48 -48.29 12.75 15.04
N ASN E 49 -48.28 12.66 13.72
CA ASN E 49 -49.01 13.63 12.91
C ASN E 49 -49.78 12.98 11.76
N SER E 50 -51.07 12.72 12.00
CA SER E 50 -51.94 12.10 11.00
C SER E 50 -52.64 13.19 10.22
N SER E 51 -51.92 13.74 9.24
CA SER E 51 -52.44 14.81 8.41
C SER E 51 -53.08 15.92 9.23
N GLY E 52 -52.25 16.70 9.92
CA GLY E 52 -52.72 17.88 10.61
C GLY E 52 -53.20 17.69 12.03
N THR E 53 -53.66 16.49 12.36
CA THR E 53 -54.14 16.23 13.70
C THR E 53 -52.98 15.74 14.56
N ILE E 54 -52.66 16.50 15.60
CA ILE E 54 -51.46 16.23 16.41
C ILE E 54 -51.73 15.45 17.70
N GLU E 55 -51.19 14.24 17.79
CA GLU E 55 -51.31 13.42 19.00
C GLU E 55 -49.96 13.36 19.70
N LEU E 56 -49.90 13.87 20.94
CA LEU E 56 -48.66 13.89 21.71
C LEU E 56 -48.25 12.50 22.15
N VAL E 57 -46.95 12.24 22.19
CA VAL E 57 -46.45 10.93 22.56
C VAL E 57 -45.54 10.95 23.79
N LYS E 58 -44.67 11.94 23.87
CA LYS E 58 -43.79 12.00 25.01
C LYS E 58 -43.03 13.31 25.10
N LYS E 59 -42.86 13.82 26.32
CA LYS E 59 -42.06 15.00 26.55
C LYS E 59 -41.18 14.76 27.78
N GLY E 60 -39.97 15.29 27.80
CA GLY E 60 -39.14 15.07 28.96
C GLY E 60 -37.67 15.47 28.82
N CYS E 61 -36.85 15.02 29.76
CA CYS E 61 -35.43 15.39 29.78
C CYS E 61 -34.67 14.57 28.74
N TRP E 62 -33.56 15.10 28.24
CA TRP E 62 -32.77 14.47 27.19
C TRP E 62 -31.29 14.80 27.36
N LEU E 63 -30.41 13.85 27.06
CA LEU E 63 -29.01 14.01 27.42
C LEU E 63 -28.10 14.62 26.36
N ASP E 64 -27.15 15.44 26.83
CA ASP E 64 -26.10 16.03 26.01
C ASP E 64 -25.98 15.40 24.62
N ASP E 65 -26.82 15.86 23.70
CA ASP E 65 -26.78 15.41 22.33
C ASP E 65 -26.61 16.66 21.46
N PHE E 66 -25.56 16.70 20.67
CA PHE E 66 -25.18 17.90 19.90
C PHE E 66 -26.25 18.41 18.96
N ASN E 67 -27.21 17.56 18.63
CA ASN E 67 -28.28 17.98 17.72
C ASN E 67 -29.09 19.11 18.34
N CYS E 68 -29.08 19.19 19.67
CA CYS E 68 -29.88 20.16 20.39
C CYS E 68 -29.04 21.36 20.78
N TYR E 69 -27.75 21.27 20.53
CA TYR E 69 -26.82 22.30 20.99
C TYR E 69 -27.29 23.70 20.59
N ASP E 70 -27.31 24.60 21.57
CA ASP E 70 -27.61 26.01 21.37
C ASP E 70 -28.78 26.25 20.44
N ARG E 71 -29.90 25.63 20.76
CA ARG E 71 -31.12 25.77 19.98
C ARG E 71 -32.29 26.18 20.88
N GLN E 72 -32.73 27.42 20.75
CA GLN E 72 -33.67 28.00 21.72
C GLN E 72 -35.06 27.36 21.75
N GLU E 73 -35.61 27.07 20.58
CA GLU E 73 -36.97 26.54 20.50
C GLU E 73 -36.99 25.08 20.09
N CYS E 74 -38.05 24.37 20.46
CA CYS E 74 -38.12 22.94 20.18
C CYS E 74 -38.69 22.70 18.79
N VAL E 75 -37.84 22.41 17.82
CA VAL E 75 -38.30 22.25 16.46
C VAL E 75 -37.80 21.00 15.79
N ALA E 76 -38.69 20.37 15.04
CA ALA E 76 -38.42 19.10 14.37
C ALA E 76 -37.98 19.37 12.97
N THR E 77 -37.07 18.56 12.44
CA THR E 77 -36.46 18.86 11.17
C THR E 77 -36.69 17.82 10.10
N GLU E 78 -37.06 16.61 10.50
CA GLU E 78 -37.29 15.53 9.54
C GLU E 78 -38.42 15.85 8.54
N GLU E 79 -38.32 15.31 7.33
CA GLU E 79 -39.27 15.61 6.26
C GLU E 79 -40.67 15.11 6.58
N ASN E 80 -40.86 13.80 6.47
CA ASN E 80 -42.13 13.18 6.83
C ASN E 80 -41.91 11.89 7.61
N PRO E 81 -41.92 11.98 8.94
CA PRO E 81 -41.62 10.86 9.82
C PRO E 81 -42.85 10.20 10.42
N GLN E 82 -42.74 8.90 10.64
CA GLN E 82 -43.63 8.16 11.52
C GLN E 82 -43.83 8.97 12.81
N VAL E 83 -42.75 9.10 13.59
CA VAL E 83 -42.74 9.86 14.84
C VAL E 83 -41.95 11.15 14.70
N TYR E 84 -42.59 12.27 15.02
CA TYR E 84 -41.91 13.54 14.96
C TYR E 84 -41.17 13.69 16.26
N PHE E 85 -39.94 14.19 16.19
CA PHE E 85 -39.07 14.38 17.35
C PHE E 85 -38.41 15.74 17.30
N CYS E 86 -38.19 16.33 18.47
CA CYS E 86 -37.45 17.57 18.55
C CYS E 86 -36.83 17.76 19.93
N CYS E 87 -35.64 18.35 19.97
CA CYS E 87 -35.02 18.66 21.24
C CYS E 87 -34.54 20.10 21.27
N CYS E 88 -34.17 20.56 22.46
CA CYS E 88 -33.79 21.94 22.66
C CYS E 88 -33.05 22.15 23.98
N GLU E 89 -32.60 23.38 24.21
CA GLU E 89 -31.78 23.70 25.37
C GLU E 89 -32.37 24.92 26.04
N GLY E 90 -32.63 24.84 27.34
CA GLY E 90 -33.21 25.95 28.08
C GLY E 90 -34.45 25.49 28.79
N ASN E 91 -34.59 25.85 30.06
CA ASN E 91 -35.70 25.40 30.89
C ASN E 91 -37.08 25.50 30.23
N PHE E 92 -37.78 24.37 30.19
CA PHE E 92 -39.14 24.30 29.66
C PHE E 92 -39.25 24.65 28.19
N CYS E 93 -38.14 24.55 27.47
CA CYS E 93 -38.15 24.90 26.08
C CYS E 93 -39.08 23.98 25.30
N ASN E 94 -39.49 22.87 25.92
CA ASN E 94 -40.38 21.91 25.24
C ASN E 94 -41.85 22.08 25.53
N GLU E 95 -42.21 23.20 26.15
CA GLU E 95 -43.60 23.50 26.39
C GLU E 95 -44.37 23.49 25.08
N ARG E 96 -43.90 24.28 24.12
CA ARG E 96 -44.50 24.34 22.79
C ARG E 96 -43.49 23.83 21.76
N PHE E 97 -43.99 23.23 20.68
CA PHE E 97 -43.12 22.69 19.65
C PHE E 97 -43.74 22.86 18.27
N THR E 98 -42.93 22.79 17.22
CA THR E 98 -43.41 22.97 15.84
C THR E 98 -42.64 22.13 14.82
N HIS E 99 -42.99 22.25 13.54
CA HIS E 99 -42.38 21.44 12.48
C HIS E 99 -41.94 22.26 11.27
N LEU E 100 -40.71 22.02 10.77
CA LEU E 100 -40.24 22.63 9.53
C LEU E 100 -38.90 22.10 9.03
N PRO E 101 -38.93 21.24 8.01
CA PRO E 101 -37.76 20.51 7.47
C PRO E 101 -36.67 21.39 6.88
N ARG F 11 -5.89 -19.55 56.35
CA ARG F 11 -4.48 -19.59 55.93
C ARG F 11 -3.53 -18.64 56.69
N GLU F 12 -2.55 -19.22 57.39
CA GLU F 12 -1.72 -18.50 58.37
C GLU F 12 -0.20 -18.60 58.12
N CYS F 13 0.54 -17.60 58.59
CA CYS F 13 2.01 -17.58 58.44
C CYS F 13 2.70 -17.11 59.71
N ILE F 14 4.01 -17.30 59.76
CA ILE F 14 4.80 -16.77 60.85
C ILE F 14 5.18 -15.33 60.57
N TYR F 15 4.81 -14.45 61.49
CA TYR F 15 5.17 -13.04 61.35
C TYR F 15 6.44 -12.70 62.11
N TYR F 16 7.34 -11.99 61.44
CA TYR F 16 8.51 -11.43 62.11
C TYR F 16 9.07 -10.24 61.36
N ASN F 17 9.45 -9.20 62.10
CA ASN F 17 10.01 -8.01 61.48
C ASN F 17 11.09 -7.38 62.35
N ALA F 18 12.34 -7.71 62.06
CA ALA F 18 13.44 -7.16 62.84
C ALA F 18 13.31 -5.64 62.89
N ASN F 19 13.07 -5.03 61.75
CA ASN F 19 13.02 -3.58 61.73
C ASN F 19 11.80 -2.97 62.42
N TRP F 20 11.18 -3.73 63.32
CA TRP F 20 9.84 -3.35 63.82
C TRP F 20 9.81 -1.99 64.46
N GLU F 21 10.68 -1.80 65.45
CA GLU F 21 10.73 -0.54 66.16
C GLU F 21 10.68 0.60 65.14
N LEU F 22 11.51 0.48 64.12
CA LEU F 22 11.67 1.59 63.19
C LEU F 22 10.40 1.81 62.38
N GLU F 23 9.80 0.71 61.89
CA GLU F 23 8.62 0.79 61.01
C GLU F 23 7.30 0.84 61.81
N ARG F 24 7.42 0.88 63.15
CA ARG F 24 6.23 0.85 64.01
C ARG F 24 5.30 -0.31 63.64
N THR F 25 5.75 -1.54 63.88
CA THR F 25 4.93 -2.74 63.69
C THR F 25 5.31 -3.74 64.76
N ASN F 26 4.48 -4.76 64.94
CA ASN F 26 4.82 -5.84 65.87
C ASN F 26 6.16 -6.48 65.48
N GLN F 27 6.73 -7.20 66.43
CA GLN F 27 8.03 -7.83 66.22
C GLN F 27 7.94 -9.26 65.74
N SER F 28 7.36 -10.12 66.57
CA SER F 28 7.14 -11.49 66.16
C SER F 28 5.74 -11.98 66.53
N GLY F 29 5.30 -13.03 65.86
CA GLY F 29 4.00 -13.61 66.11
C GLY F 29 3.53 -14.35 64.88
N LEU F 30 2.26 -14.20 64.55
CA LEU F 30 1.70 -14.82 63.36
C LEU F 30 0.76 -13.88 62.58
N GLU F 31 0.36 -14.28 61.37
CA GLU F 31 -0.43 -13.41 60.51
C GLU F 31 -1.46 -14.25 59.77
N ARG F 32 -2.72 -13.84 59.79
CA ARG F 32 -3.73 -14.46 58.94
C ARG F 32 -3.75 -13.73 57.61
N CYS F 33 -3.72 -14.47 56.49
CA CYS F 33 -3.43 -13.88 55.19
C CYS F 33 -4.67 -13.35 54.44
N GLU F 34 -4.82 -12.04 54.34
CA GLU F 34 -5.90 -11.46 53.54
C GLU F 34 -5.59 -11.74 52.07
N GLY F 35 -6.54 -12.32 51.34
CA GLY F 35 -6.27 -12.72 49.96
C GLY F 35 -7.48 -12.77 49.06
N GLU F 36 -7.22 -12.68 47.74
CA GLU F 36 -8.25 -12.67 46.70
C GLU F 36 -8.99 -14.00 46.56
N GLN F 37 -10.26 -13.93 46.18
CA GLN F 37 -11.16 -15.09 46.17
C GLN F 37 -10.50 -16.40 45.71
N ASP F 38 -10.23 -16.49 44.42
CA ASP F 38 -9.66 -17.71 43.85
C ASP F 38 -8.18 -17.55 43.46
N LYS F 39 -7.42 -16.85 44.31
CA LYS F 39 -5.97 -16.78 44.14
C LYS F 39 -5.30 -17.51 45.31
N ARG F 40 -4.08 -18.00 45.10
CA ARG F 40 -3.36 -18.74 46.14
C ARG F 40 -2.73 -17.79 47.18
N LEU F 41 -2.29 -18.36 48.29
CA LEU F 41 -1.59 -17.60 49.33
C LEU F 41 -0.27 -18.29 49.71
N HIS F 42 0.68 -17.52 50.25
CA HIS F 42 2.01 -18.02 50.53
C HIS F 42 2.64 -17.41 51.79
N CYS F 43 3.76 -17.99 52.21
CA CYS F 43 4.55 -17.44 53.30
C CYS F 43 5.96 -17.14 52.83
N TYR F 44 6.57 -16.11 53.41
CA TYR F 44 7.94 -15.78 53.08
C TYR F 44 8.80 -15.60 54.32
N ALA F 45 10.10 -15.72 54.07
CA ALA F 45 11.11 -15.43 55.06
C ALA F 45 12.28 -14.82 54.30
N SER F 46 13.03 -13.96 54.98
CA SER F 46 14.17 -13.29 54.40
C SER F 46 15.11 -12.94 55.51
N TRP F 47 16.39 -13.15 55.24
CA TRP F 47 17.43 -13.01 56.25
C TRP F 47 18.75 -12.64 55.60
N ARG F 48 19.68 -12.14 56.42
CA ARG F 48 21.02 -11.82 55.94
C ARG F 48 21.95 -12.96 56.32
N ASN F 49 23.05 -13.13 55.57
CA ASN F 49 24.02 -14.19 55.89
C ASN F 49 25.46 -13.73 55.78
N SER F 50 26.03 -13.37 56.92
CA SER F 50 27.39 -12.89 56.97
C SER F 50 28.33 -14.05 57.29
N SER F 51 28.62 -14.83 56.26
CA SER F 51 29.47 -16.00 56.38
C SER F 51 29.02 -16.87 57.56
N GLY F 52 27.89 -17.55 57.41
CA GLY F 52 27.43 -18.55 58.37
C GLY F 52 26.58 -18.04 59.52
N THR F 53 26.75 -16.77 59.88
CA THR F 53 25.97 -16.18 60.95
C THR F 53 24.67 -15.59 60.39
N ILE F 54 23.54 -16.15 60.83
CA ILE F 54 22.24 -15.81 60.26
C ILE F 54 21.48 -14.76 61.06
N GLU F 55 21.26 -13.60 60.45
CA GLU F 55 20.44 -12.58 61.06
C GLU F 55 19.07 -12.49 60.35
N LEU F 56 17.98 -12.72 61.08
CA LEU F 56 16.64 -12.66 60.48
C LEU F 56 16.27 -11.22 60.10
N VAL F 57 15.51 -11.05 59.03
CA VAL F 57 15.10 -9.72 58.62
C VAL F 57 13.59 -9.56 58.53
N LYS F 58 12.90 -10.59 58.02
CA LYS F 58 11.44 -10.51 57.91
C LYS F 58 10.78 -11.86 57.61
N LYS F 59 9.63 -12.10 58.22
CA LYS F 59 8.81 -13.26 57.89
C LYS F 59 7.34 -12.81 57.81
N GLY F 60 6.57 -13.42 56.92
CA GLY F 60 5.16 -13.07 56.89
C GLY F 60 4.40 -13.55 55.68
N CYS F 61 3.21 -12.99 55.45
CA CYS F 61 2.35 -13.44 54.36
C CYS F 61 2.83 -12.91 53.04
N TRP F 62 2.54 -13.63 51.95
CA TRP F 62 3.01 -13.29 50.62
C TRP F 62 1.97 -13.71 49.57
N LEU F 63 1.83 -12.91 48.52
CA LEU F 63 0.72 -13.10 47.58
C LEU F 63 0.99 -13.96 46.34
N ASP F 64 -0.03 -14.72 45.99
CA ASP F 64 -0.04 -15.56 44.78
C ASP F 64 1.10 -15.23 43.80
N ASP F 65 2.25 -15.85 44.03
CA ASP F 65 3.40 -15.68 43.18
C ASP F 65 3.84 -17.09 42.81
N PHE F 66 3.88 -17.38 41.52
CA PHE F 66 4.14 -18.72 41.02
C PHE F 66 5.48 -19.34 41.46
N ASN F 67 6.42 -18.51 41.88
CA ASN F 67 7.71 -19.00 42.36
C ASN F 67 7.53 -19.89 43.57
N CYS F 68 6.43 -19.69 44.30
CA CYS F 68 6.17 -20.44 45.53
C CYS F 68 5.23 -21.61 45.28
N TYR F 69 4.71 -21.68 44.06
CA TYR F 69 3.66 -22.65 43.73
C TYR F 69 4.06 -24.09 44.12
N ASP F 70 3.15 -24.76 44.82
CA ASP F 70 3.34 -26.14 45.21
C ASP F 70 4.75 -26.46 45.73
N ARG F 71 5.19 -25.72 46.74
CA ARG F 71 6.50 -25.93 47.31
C ARG F 71 6.38 -26.06 48.83
N GLN F 72 6.64 -27.26 49.35
CA GLN F 72 6.31 -27.57 50.73
C GLN F 72 7.17 -26.84 51.77
N GLU F 73 8.47 -26.75 51.52
CA GLU F 73 9.37 -26.15 52.51
C GLU F 73 9.86 -24.79 52.03
N CYS F 74 10.24 -23.94 52.98
CA CYS F 74 10.71 -22.60 52.65
C CYS F 74 12.20 -22.61 52.30
N VAL F 75 12.51 -22.60 51.01
CA VAL F 75 13.90 -22.69 50.63
C VAL F 75 14.31 -21.63 49.63
N ALA F 76 15.49 -21.06 49.87
CA ALA F 76 16.06 -19.99 49.04
C ALA F 76 16.92 -20.61 47.93
N THR F 77 16.92 -20.00 46.75
CA THR F 77 17.58 -20.61 45.60
C THR F 77 18.73 -19.78 45.01
N GLU F 78 18.76 -18.50 45.31
CA GLU F 78 19.80 -17.62 44.79
C GLU F 78 21.20 -18.05 45.22
N GLU F 79 22.20 -17.77 44.37
CA GLU F 79 23.57 -18.21 44.62
C GLU F 79 24.17 -17.54 45.83
N ASN F 80 24.52 -16.27 45.69
CA ASN F 80 25.04 -15.50 46.82
C ASN F 80 24.43 -14.11 46.85
N PRO F 81 23.38 -13.94 47.63
CA PRO F 81 22.65 -12.67 47.68
C PRO F 81 22.95 -11.80 48.91
N GLN F 82 22.94 -10.49 48.70
CA GLN F 82 22.77 -9.53 49.77
C GLN F 82 21.70 -10.04 50.76
N VAL F 83 20.45 -10.10 50.32
CA VAL F 83 19.32 -10.56 51.15
C VAL F 83 18.80 -11.92 50.67
N TYR F 84 18.78 -12.88 51.57
CA TYR F 84 18.28 -14.20 51.25
C TYR F 84 16.76 -14.12 51.36
N PHE F 85 16.07 -14.71 50.37
CA PHE F 85 14.62 -14.75 50.36
C PHE F 85 14.12 -16.15 50.03
N CYS F 86 12.96 -16.48 50.55
CA CYS F 86 12.32 -17.74 50.23
C CYS F 86 10.81 -17.66 50.50
N CYS F 87 10.03 -18.33 49.66
CA CYS F 87 8.60 -18.43 49.92
C CYS F 87 8.13 -19.88 49.81
N CYS F 88 6.90 -20.10 50.22
CA CYS F 88 6.34 -21.45 50.27
C CYS F 88 4.82 -21.44 50.43
N GLU F 89 4.24 -22.64 50.38
CA GLU F 89 2.79 -22.79 50.41
C GLU F 89 2.41 -23.77 51.50
N GLY F 90 1.50 -23.37 52.39
CA GLY F 90 1.10 -24.22 53.49
C GLY F 90 1.30 -23.59 54.84
N ASN F 91 0.31 -23.72 55.72
CA ASN F 91 0.34 -23.02 57.01
C ASN F 91 1.67 -23.13 57.77
N PHE F 92 2.22 -21.97 58.13
CA PHE F 92 3.45 -21.89 58.91
C PHE F 92 4.65 -22.55 58.28
N CYS F 93 4.59 -22.72 56.96
CA CYS F 93 5.71 -23.32 56.25
C CYS F 93 7.00 -22.50 56.40
N ASN F 94 6.88 -21.26 56.85
CA ASN F 94 8.06 -20.41 57.03
C ASN F 94 8.62 -20.39 58.48
N GLU F 95 8.17 -21.33 59.30
CA GLU F 95 8.74 -21.48 60.64
C GLU F 95 10.25 -21.67 60.53
N ARG F 96 10.66 -22.68 59.76
CA ARG F 96 12.07 -22.95 59.55
C ARG F 96 12.38 -22.73 58.06
N PHE F 97 13.61 -22.32 57.75
CA PHE F 97 14.03 -22.09 56.37
C PHE F 97 15.48 -22.50 56.18
N THR F 98 15.90 -22.67 54.92
CA THR F 98 17.26 -23.10 54.60
C THR F 98 17.75 -22.54 53.27
N HIS F 99 18.95 -22.92 52.86
CA HIS F 99 19.56 -22.39 51.63
C HIS F 99 20.18 -23.49 50.75
N LEU F 100 19.90 -23.45 49.44
CA LEU F 100 20.57 -24.34 48.47
C LEU F 100 20.28 -24.01 47.00
N PRO F 101 21.25 -23.37 46.32
CA PRO F 101 21.11 -22.85 44.95
C PRO F 101 20.86 -23.90 43.86
N SER G 6 -41.41 27.72 15.21
CA SER G 6 -41.64 29.11 14.79
C SER G 6 -40.56 30.05 15.37
N HIS G 7 -40.63 31.32 14.96
CA HIS G 7 -39.56 32.30 15.04
C HIS G 7 -39.72 33.27 16.19
N CYS G 8 -39.70 34.57 15.90
CA CYS G 8 -40.03 35.62 16.88
C CYS G 8 -41.32 36.35 16.51
N GLN G 9 -42.28 36.37 17.42
CA GLN G 9 -43.61 36.85 17.10
C GLN G 9 -44.49 37.20 18.31
N LYS G 10 -45.62 37.86 18.02
CA LYS G 10 -46.65 38.20 19.01
C LYS G 10 -47.61 37.04 19.21
N THR G 11 -47.90 36.73 20.47
CA THR G 11 -48.67 35.56 20.84
C THR G 11 -49.83 35.95 21.73
N SER G 12 -50.92 35.19 21.70
CA SER G 12 -52.03 35.50 22.58
C SER G 12 -51.65 35.22 24.02
N LEU G 13 -52.02 36.12 24.93
CA LEU G 13 -51.86 35.82 26.36
C LEU G 13 -53.03 36.37 27.14
N ARG G 14 -54.04 35.53 27.32
CA ARG G 14 -55.23 35.97 28.03
C ARG G 14 -54.88 35.96 29.51
N VAL G 15 -54.69 37.15 30.08
CA VAL G 15 -54.42 37.26 31.49
C VAL G 15 -55.73 37.43 32.20
N ASN G 16 -55.94 36.60 33.21
CA ASN G 16 -57.14 36.62 34.03
C ASN G 16 -56.74 37.22 35.37
N PHE G 17 -57.25 38.42 35.66
CA PHE G 17 -56.87 39.12 36.89
C PHE G 17 -57.05 38.30 38.17
N GLU G 18 -58.08 37.46 38.22
CA GLU G 18 -58.25 36.56 39.34
C GLU G 18 -56.98 35.73 39.55
N ASP G 19 -56.40 35.26 38.45
CA ASP G 19 -55.21 34.41 38.50
C ASP G 19 -54.02 35.07 39.20
N ILE G 20 -53.87 36.38 39.02
CA ILE G 20 -52.80 37.14 39.70
C ILE G 20 -53.33 37.98 40.85
N GLY G 21 -54.54 37.67 41.30
CA GLY G 21 -55.09 38.25 42.51
C GLY G 21 -55.40 39.73 42.45
N TRP G 22 -55.69 40.20 41.24
CA TRP G 22 -56.09 41.58 41.05
C TRP G 22 -57.60 41.71 41.01
N ASP G 23 -58.27 40.57 41.14
CA ASP G 23 -59.72 40.54 41.17
C ASP G 23 -60.23 41.35 42.36
N SER G 24 -59.32 41.68 43.27
CA SER G 24 -59.66 42.43 44.47
C SER G 24 -60.07 43.87 44.16
N TRP G 25 -59.58 44.40 43.04
CA TRP G 25 -59.80 45.82 42.74
C TRP G 25 -60.11 46.09 41.27
N ILE G 26 -59.80 45.14 40.37
CA ILE G 26 -60.25 45.25 38.98
C ILE G 26 -61.66 44.68 38.89
N ILE G 27 -62.62 45.54 38.63
CA ILE G 27 -64.01 45.13 38.49
C ILE G 27 -64.24 44.59 37.09
N ALA G 28 -63.60 45.25 36.12
CA ALA G 28 -63.67 44.82 34.73
C ALA G 28 -62.45 45.30 33.91
N PRO G 29 -62.06 44.50 32.92
CA PRO G 29 -62.66 43.21 32.57
C PRO G 29 -62.25 42.16 33.58
N LYS G 30 -62.74 40.93 33.42
CA LYS G 30 -62.31 39.87 34.31
C LYS G 30 -61.04 39.24 33.75
N GLU G 31 -60.93 39.23 32.43
CA GLU G 31 -59.67 38.87 31.77
C GLU G 31 -59.49 39.70 30.52
N TYR G 32 -58.25 39.81 30.06
CA TYR G 32 -57.95 40.67 28.92
C TYR G 32 -56.74 40.15 28.16
N GLU G 33 -56.62 40.57 26.91
CA GLU G 33 -55.57 40.12 26.04
C GLU G 33 -54.37 40.99 26.24
N ALA G 34 -53.43 40.53 27.05
CA ALA G 34 -52.11 41.11 26.95
C ALA G 34 -51.47 40.19 25.95
N TYR G 35 -50.42 40.63 25.28
CA TYR G 35 -49.82 39.62 24.44
C TYR G 35 -48.59 39.04 25.09
N GLU G 36 -47.98 38.07 24.42
CA GLU G 36 -46.67 37.58 24.82
C GLU G 36 -45.73 37.80 23.66
N CYS G 37 -44.45 38.00 23.92
CA CYS G 37 -43.45 38.00 22.85
C CYS G 37 -42.59 36.72 22.88
N LYS G 38 -42.91 35.79 21.99
CA LYS G 38 -42.33 34.44 22.05
C LYS G 38 -41.47 34.25 20.82
N GLY G 39 -40.43 33.45 20.95
CA GLY G 39 -39.65 33.10 19.80
C GLY G 39 -38.23 33.58 19.81
N GLY G 40 -37.47 33.10 18.84
CA GLY G 40 -36.04 33.35 18.80
C GLY G 40 -35.66 34.37 17.76
N CYS G 41 -34.55 35.03 18.01
CA CYS G 41 -34.06 36.01 17.06
C CYS G 41 -32.94 35.38 16.27
N PHE G 42 -33.32 34.82 15.13
CA PHE G 42 -32.44 33.96 14.35
C PHE G 42 -31.88 34.69 13.15
N PHE G 43 -30.57 34.61 12.95
CA PHE G 43 -29.95 35.30 11.83
C PHE G 43 -30.32 34.65 10.50
N PRO G 44 -30.58 35.49 9.47
CA PRO G 44 -30.55 36.95 9.56
C PRO G 44 -31.83 37.51 10.16
N LEU G 45 -31.74 38.69 10.76
CA LEU G 45 -32.86 39.26 11.46
C LEU G 45 -33.82 39.94 10.49
N ALA G 46 -35.03 39.41 10.41
CA ALA G 46 -36.08 39.99 9.56
C ALA G 46 -36.34 41.46 9.88
N ASP G 47 -36.61 42.26 8.85
CA ASP G 47 -36.88 43.69 9.04
C ASP G 47 -38.02 43.95 10.03
N ASP G 48 -39.05 43.10 9.98
CA ASP G 48 -40.24 43.28 10.81
C ASP G 48 -39.96 43.02 12.29
N VAL G 49 -38.68 42.91 12.63
CA VAL G 49 -38.30 42.72 14.01
C VAL G 49 -37.50 43.92 14.52
N THR G 50 -37.38 44.93 13.66
CA THR G 50 -36.86 46.23 14.07
C THR G 50 -35.45 46.12 14.68
N PRO G 51 -34.62 45.20 14.18
CA PRO G 51 -33.36 44.95 14.87
C PRO G 51 -32.61 46.24 15.09
N THR G 52 -32.06 46.41 16.29
CA THR G 52 -31.11 47.49 16.57
C THR G 52 -29.74 47.08 16.06
N LYS G 53 -28.88 48.06 15.80
CA LYS G 53 -27.50 47.75 15.43
C LYS G 53 -26.97 46.77 16.46
N HIS G 54 -27.09 47.16 17.72
CA HIS G 54 -26.52 46.34 18.78
C HIS G 54 -27.00 44.92 18.71
N ALA G 55 -28.30 44.75 18.55
CA ALA G 55 -28.87 43.41 18.42
C ALA G 55 -28.17 42.63 17.32
N ILE G 56 -27.90 43.31 16.21
CA ILE G 56 -27.20 42.67 15.11
C ILE G 56 -25.83 42.20 15.54
N VAL G 57 -25.01 43.15 16.01
CA VAL G 57 -23.67 42.83 16.49
C VAL G 57 -23.68 41.67 17.49
N GLN G 58 -24.43 41.83 18.59
CA GLN G 58 -24.53 40.78 19.59
C GLN G 58 -24.84 39.46 18.92
N THR G 59 -25.87 39.43 18.08
CA THR G 59 -26.23 38.20 17.36
C THR G 59 -25.03 37.55 16.64
N LEU G 60 -24.25 38.34 15.92
CA LEU G 60 -23.05 37.83 15.27
C LEU G 60 -22.06 37.25 16.27
N VAL G 61 -21.65 38.09 17.21
CA VAL G 61 -20.77 37.63 18.27
C VAL G 61 -21.22 36.29 18.87
N HIS G 62 -22.52 36.16 19.13
CA HIS G 62 -23.08 34.92 19.65
C HIS G 62 -22.88 33.78 18.68
N LEU G 63 -23.06 34.02 17.38
CA LEU G 63 -22.72 32.99 16.40
C LEU G 63 -21.31 32.47 16.61
N LYS G 64 -20.38 33.34 16.96
CA LYS G 64 -19.02 32.85 17.22
C LYS G 64 -18.77 32.31 18.65
N PHE G 65 -19.53 32.76 19.64
CA PHE G 65 -19.25 32.38 21.03
C PHE G 65 -20.53 31.98 21.74
N PRO G 66 -21.21 30.99 21.17
CA PRO G 66 -22.57 30.61 21.56
C PRO G 66 -22.67 30.24 23.02
N THR G 67 -21.53 30.13 23.71
CA THR G 67 -21.55 29.73 25.10
C THR G 67 -21.29 30.92 26.03
N LYS G 68 -20.66 31.97 25.50
CA LYS G 68 -20.31 33.13 26.32
C LYS G 68 -21.23 34.32 26.05
N VAL G 69 -21.88 34.30 24.88
CA VAL G 69 -22.75 35.39 24.44
C VAL G 69 -24.12 34.86 23.96
N GLY G 70 -25.21 35.51 24.34
CA GLY G 70 -26.53 34.96 24.03
C GLY G 70 -27.18 35.63 22.86
N LYS G 71 -28.22 35.00 22.31
CA LYS G 71 -29.01 35.62 21.25
C LYS G 71 -29.66 36.91 21.73
N ALA G 72 -30.17 37.70 20.80
CA ALA G 72 -30.95 38.85 21.21
C ALA G 72 -32.26 38.29 21.73
N CYS G 73 -32.95 39.08 22.57
CA CYS G 73 -34.22 38.61 23.13
C CYS G 73 -35.43 39.16 22.36
N CYS G 74 -36.48 38.36 22.26
CA CYS G 74 -37.72 38.83 21.67
C CYS G 74 -38.58 39.51 22.72
N VAL G 75 -38.72 40.82 22.60
CA VAL G 75 -39.40 41.60 23.62
C VAL G 75 -40.47 42.50 23.05
N PRO G 76 -41.39 42.95 23.90
CA PRO G 76 -42.39 43.90 23.43
C PRO G 76 -41.65 45.20 23.14
N THR G 77 -41.84 45.74 21.92
CA THR G 77 -41.20 46.97 21.51
C THR G 77 -42.14 48.20 21.51
N LYS G 78 -43.46 47.95 21.41
CA LYS G 78 -44.48 49.01 21.56
C LYS G 78 -45.66 48.54 22.42
N LEU G 79 -46.18 49.44 23.25
CA LEU G 79 -47.23 49.04 24.19
C LEU G 79 -48.54 49.85 24.18
N SER G 80 -49.63 49.17 23.82
CA SER G 80 -50.97 49.74 23.96
C SER G 80 -51.45 49.69 25.41
N PRO G 81 -52.32 50.64 25.77
CA PRO G 81 -53.06 50.66 27.04
C PRO G 81 -54.40 49.94 26.90
N ILE G 82 -55.01 49.63 28.02
CA ILE G 82 -56.35 49.08 28.01
C ILE G 82 -57.18 49.84 29.00
N SER G 83 -58.49 49.62 28.97
CA SER G 83 -59.37 50.32 29.88
C SER G 83 -59.77 49.40 30.99
N VAL G 84 -59.86 49.94 32.19
CA VAL G 84 -60.31 49.13 33.30
C VAL G 84 -61.14 49.94 34.30
N LEU G 85 -62.15 49.29 34.80
CA LEU G 85 -63.02 49.82 35.83
C LEU G 85 -62.61 49.18 37.15
N TYR G 86 -62.19 50.00 38.11
CA TYR G 86 -61.63 49.47 39.35
C TYR G 86 -62.13 50.18 40.60
N LYS G 87 -62.00 49.52 41.75
CA LYS G 87 -62.48 50.11 43.00
C LYS G 87 -61.54 51.18 43.53
N ASP G 88 -62.13 52.33 43.85
CA ASP G 88 -61.46 53.48 44.48
C ASP G 88 -60.75 53.05 45.76
N ASP G 89 -59.99 53.96 46.35
CA ASP G 89 -59.40 53.72 47.67
C ASP G 89 -60.55 53.66 48.67
N MET G 90 -61.71 54.12 48.24
CA MET G 90 -62.90 54.06 49.07
C MET G 90 -64.02 53.27 48.39
N GLY G 91 -63.61 52.36 47.51
CA GLY G 91 -64.53 51.39 46.93
C GLY G 91 -65.54 51.98 45.96
N VAL G 92 -65.12 53.01 45.25
CA VAL G 92 -65.98 53.62 44.26
C VAL G 92 -65.51 53.17 42.87
N PRO G 93 -66.43 52.53 42.11
CA PRO G 93 -66.08 52.18 40.72
C PRO G 93 -65.62 53.42 39.95
N THR G 94 -64.36 53.44 39.56
CA THR G 94 -63.84 54.52 38.75
C THR G 94 -63.09 53.94 37.55
N LEU G 95 -62.75 54.78 36.58
CA LEU G 95 -62.28 54.27 35.32
C LEU G 95 -60.90 54.82 34.86
N LYS G 96 -59.87 53.96 34.74
CA LYS G 96 -58.75 54.40 33.93
C LYS G 96 -59.03 53.94 32.51
N TYR G 97 -59.26 54.92 31.64
CA TYR G 97 -59.48 54.68 30.24
C TYR G 97 -58.15 54.38 29.52
N HIS G 98 -57.13 55.18 29.83
CA HIS G 98 -55.79 55.00 29.26
C HIS G 98 -54.86 54.40 30.32
N TYR G 99 -55.09 53.13 30.66
CA TYR G 99 -54.19 52.40 31.57
C TYR G 99 -52.93 51.90 30.85
N GLU G 100 -51.83 52.61 31.00
CA GLU G 100 -50.73 52.44 30.06
C GLU G 100 -49.90 51.14 30.17
N GLY G 101 -49.55 50.61 28.99
CA GLY G 101 -48.54 49.58 28.87
C GLY G 101 -48.95 48.22 29.37
N MET G 102 -50.14 47.78 28.99
CA MET G 102 -50.66 46.52 29.50
C MET G 102 -50.79 45.48 28.42
N SER G 103 -50.67 45.92 27.18
CA SER G 103 -50.87 45.02 26.07
C SER G 103 -49.79 45.22 25.03
N VAL G 104 -49.38 44.13 24.40
CA VAL G 104 -48.31 44.24 23.43
C VAL G 104 -48.81 44.76 22.10
N ALA G 105 -48.12 45.78 21.60
CA ALA G 105 -48.46 46.33 20.31
C ALA G 105 -47.62 45.68 19.21
N GLU G 106 -46.31 45.86 19.34
CA GLU G 106 -45.37 45.32 18.36
C GLU G 106 -44.27 44.52 19.08
N CYS G 107 -43.74 43.49 18.41
CA CYS G 107 -42.67 42.69 18.99
C CYS G 107 -41.33 43.05 18.34
N GLY G 108 -40.22 42.56 18.89
CA GLY G 108 -38.94 42.85 18.27
C GLY G 108 -37.72 42.22 18.93
N CYS G 109 -36.55 42.46 18.35
CA CYS G 109 -35.30 41.88 18.84
C CYS G 109 -34.34 42.93 19.35
N ARG G 110 -33.85 42.74 20.57
CA ARG G 110 -33.05 43.78 21.20
C ARG G 110 -31.87 43.21 22.00
N SER H 6 -25.74 37.86 38.38
CA SER H 6 -26.76 37.26 39.24
C SER H 6 -28.16 37.58 38.71
N HIS H 7 -28.62 38.78 39.04
CA HIS H 7 -29.92 39.26 38.62
C HIS H 7 -29.78 39.80 37.21
N CYS H 8 -30.27 41.02 36.98
CA CYS H 8 -30.22 41.64 35.67
C CYS H 8 -29.35 42.89 35.67
N GLN H 9 -28.41 42.94 34.73
CA GLN H 9 -27.41 44.00 34.73
C GLN H 9 -26.63 44.17 33.42
N LYS H 10 -25.86 45.26 33.35
CA LYS H 10 -25.04 45.59 32.20
C LYS H 10 -23.71 44.87 32.38
N THR H 11 -23.20 44.28 31.30
CA THR H 11 -21.97 43.47 31.33
C THR H 11 -21.01 43.93 30.26
N SER H 12 -19.71 43.72 30.47
CA SER H 12 -18.75 44.07 29.42
C SER H 12 -18.91 43.14 28.22
N LEU H 13 -18.85 43.70 27.01
CA LEU H 13 -18.77 42.86 25.82
C LEU H 13 -17.86 43.50 24.82
N ARG H 14 -16.58 43.12 24.87
CA ARG H 14 -15.63 43.64 23.91
C ARG H 14 -15.83 42.96 22.57
N VAL H 15 -16.45 43.67 21.64
CA VAL H 15 -16.64 43.13 20.30
C VAL H 15 -15.43 43.49 19.50
N ASN H 16 -14.88 42.50 18.84
CA ASN H 16 -13.74 42.69 17.97
C ASN H 16 -14.22 42.57 16.53
N PHE H 17 -14.15 43.66 15.77
CA PHE H 17 -14.69 43.68 14.42
C PHE H 17 -14.16 42.57 13.52
N GLU H 18 -12.91 42.21 13.71
CA GLU H 18 -12.33 41.09 12.96
C GLU H 18 -13.13 39.81 13.19
N ASP H 19 -13.55 39.58 14.43
CA ASP H 19 -14.30 38.37 14.79
C ASP H 19 -15.59 38.23 13.99
N ILE H 20 -16.29 39.33 13.73
CA ILE H 20 -17.51 39.29 12.92
C ILE H 20 -17.28 39.76 11.49
N GLY H 21 -16.02 39.82 11.07
CA GLY H 21 -15.69 40.10 9.69
C GLY H 21 -16.01 41.50 9.18
N TRP H 22 -16.01 42.46 10.09
CA TRP H 22 -16.19 43.84 9.69
C TRP H 22 -14.84 44.53 9.56
N ASP H 23 -13.76 43.80 9.79
CA ASP H 23 -12.43 44.35 9.66
C ASP H 23 -12.18 44.79 8.24
N SER H 24 -13.07 44.36 7.35
CA SER H 24 -12.96 44.69 5.94
C SER H 24 -13.17 46.18 5.67
N TRP H 25 -13.92 46.84 6.54
CA TRP H 25 -14.32 48.21 6.29
C TRP H 25 -14.26 49.12 7.51
N ILE H 26 -14.19 48.55 8.70
CA ILE H 26 -13.92 49.36 9.88
C ILE H 26 -12.42 49.46 10.03
N ILE H 27 -11.90 50.67 9.90
CA ILE H 27 -10.47 50.90 10.06
C ILE H 27 -10.14 51.05 11.52
N ALA H 28 -11.00 51.78 12.24
CA ALA H 28 -10.88 51.94 13.69
C ALA H 28 -12.24 52.16 14.36
N PRO H 29 -12.40 51.67 15.59
CA PRO H 29 -11.37 50.97 16.35
C PRO H 29 -11.25 49.55 15.85
N LYS H 30 -10.36 48.75 16.45
CA LYS H 30 -10.25 47.36 16.05
C LYS H 30 -11.21 46.54 16.88
N GLU H 31 -11.41 46.96 18.13
CA GLU H 31 -12.48 46.42 18.99
C GLU H 31 -13.06 47.53 19.86
N TYR H 32 -14.27 47.30 20.38
CA TYR H 32 -14.95 48.34 21.14
C TYR H 32 -15.85 47.72 22.14
N GLU H 33 -16.20 48.51 23.15
CA GLU H 33 -17.09 48.04 24.21
C GLU H 33 -18.54 48.23 23.83
N ALA H 34 -19.15 47.17 23.31
CA ALA H 34 -20.60 47.15 23.28
C ALA H 34 -20.90 46.50 24.60
N TYR H 35 -22.07 46.69 25.14
CA TYR H 35 -22.26 45.96 26.37
C TYR H 35 -23.12 44.76 26.08
N GLU H 36 -23.39 43.97 27.12
CA GLU H 36 -24.38 42.88 27.06
C GLU H 36 -25.40 43.10 28.15
N CYS H 37 -26.63 42.70 27.91
CA CYS H 37 -27.60 42.74 29.00
C CYS H 37 -27.84 41.31 29.51
N LYS H 38 -27.24 41.01 30.67
CA LYS H 38 -27.26 39.63 31.18
C LYS H 38 -28.06 39.59 32.45
N GLY H 39 -28.69 38.44 32.70
CA GLY H 39 -29.38 38.25 33.95
C GLY H 39 -30.88 38.10 33.89
N GLY H 40 -31.46 37.76 35.03
CA GLY H 40 -32.86 37.47 35.10
C GLY H 40 -33.67 38.57 35.72
N CYS H 41 -34.95 38.58 35.38
CA CYS H 41 -35.87 39.57 35.91
C CYS H 41 -36.68 38.89 36.99
N PHE H 42 -36.19 39.02 38.22
CA PHE H 42 -36.73 38.23 39.31
C PHE H 42 -37.56 39.11 40.21
N PHE H 43 -38.75 38.61 40.56
CA PHE H 43 -39.66 39.38 41.39
C PHE H 43 -39.17 39.47 42.84
N PRO H 44 -39.35 40.64 43.46
CA PRO H 44 -39.96 41.81 42.84
C PRO H 44 -38.93 42.55 41.96
N LEU H 45 -39.43 43.30 40.98
CA LEU H 45 -38.58 43.96 40.00
C LEU H 45 -38.03 45.28 40.51
N ALA H 46 -36.71 45.34 40.69
CA ALA H 46 -36.04 46.54 41.19
C ALA H 46 -36.37 47.75 40.34
N ASP H 47 -36.48 48.92 40.98
CA ASP H 47 -36.81 50.14 40.26
C ASP H 47 -35.81 50.42 39.14
N ASP H 48 -34.53 50.14 39.39
CA ASP H 48 -33.47 50.46 38.43
C ASP H 48 -33.51 49.58 37.20
N VAL H 49 -34.60 48.85 37.03
CA VAL H 49 -34.79 48.03 35.85
C VAL H 49 -35.97 48.54 35.01
N THR H 50 -36.54 49.66 35.46
CA THR H 50 -37.50 50.39 34.66
C THR H 50 -38.65 49.51 34.24
N PRO H 51 -39.07 48.58 35.09
CA PRO H 51 -40.12 47.66 34.66
C PRO H 51 -41.32 48.38 34.07
N THR H 52 -41.82 47.86 32.95
CA THR H 52 -43.09 48.33 32.38
C THR H 52 -44.21 47.64 33.13
N LYS H 53 -45.41 48.20 33.04
CA LYS H 53 -46.56 47.55 33.66
C LYS H 53 -46.59 46.13 33.13
N HIS H 54 -46.57 46.03 31.80
CA HIS H 54 -46.66 44.73 31.16
C HIS H 54 -45.65 43.74 31.73
N ALA H 55 -44.39 44.12 31.73
CA ALA H 55 -43.36 43.30 32.38
C ALA H 55 -43.81 42.81 33.75
N ILE H 56 -44.43 43.69 34.55
CA ILE H 56 -44.89 43.30 35.86
C ILE H 56 -45.93 42.19 35.73
N VAL H 57 -46.97 42.51 35.00
CA VAL H 57 -48.04 41.53 34.81
C VAL H 57 -47.50 40.19 34.36
N GLN H 58 -46.80 40.20 33.23
CA GLN H 58 -46.23 38.98 32.68
C GLN H 58 -45.48 38.25 33.77
N THR H 59 -44.56 38.93 34.44
CA THR H 59 -43.82 38.30 35.52
C THR H 59 -44.71 37.56 36.52
N LEU H 60 -45.79 38.21 36.96
CA LEU H 60 -46.74 37.56 37.88
C LEU H 60 -47.35 36.29 37.27
N VAL H 61 -47.98 36.47 36.11
CA VAL H 61 -48.54 35.34 35.39
C VAL H 61 -47.56 34.18 35.31
N HIS H 62 -46.30 34.49 34.99
CA HIS H 62 -45.25 33.48 34.95
C HIS H 62 -45.06 32.77 36.28
N LEU H 63 -45.06 33.54 37.36
CA LEU H 63 -45.07 32.93 38.69
C LEU H 63 -46.18 31.88 38.85
N LYS H 64 -47.33 32.11 38.23
CA LYS H 64 -48.36 31.06 38.32
C LYS H 64 -48.30 29.98 37.22
N PHE H 65 -47.69 30.27 36.09
CA PHE H 65 -47.70 29.32 34.97
C PHE H 65 -46.31 29.27 34.35
N PRO H 66 -45.32 28.91 35.18
CA PRO H 66 -43.89 28.92 34.82
C PRO H 66 -43.55 28.02 33.64
N THR H 67 -44.50 27.25 33.14
CA THR H 67 -44.27 26.41 32.00
C THR H 67 -44.90 26.97 30.73
N LYS H 68 -45.91 27.83 30.89
CA LYS H 68 -46.62 28.34 29.72
C LYS H 68 -46.22 29.79 29.43
N VAL H 69 -45.76 30.47 30.47
CA VAL H 69 -45.42 31.89 30.38
C VAL H 69 -44.00 32.21 30.90
N GLY H 70 -43.21 32.97 30.16
CA GLY H 70 -41.84 33.16 30.56
C GLY H 70 -41.58 34.43 31.34
N LYS H 71 -40.40 34.53 31.96
CA LYS H 71 -40.02 35.75 32.67
C LYS H 71 -39.89 36.90 31.69
N ALA H 72 -39.82 38.11 32.20
CA ALA H 72 -39.50 39.23 31.32
C ALA H 72 -38.05 39.09 30.89
N CYS H 73 -37.69 39.68 29.77
CA CYS H 73 -36.30 39.59 29.31
C CYS H 73 -35.46 40.80 29.69
N CYS H 74 -34.17 40.55 29.96
CA CYS H 74 -33.24 41.63 30.28
C CYS H 74 -32.65 42.16 29.00
N VAL H 75 -33.05 43.36 28.60
CA VAL H 75 -32.67 43.90 27.30
C VAL H 75 -32.04 45.27 27.45
N PRO H 76 -31.31 45.71 26.42
CA PRO H 76 -30.82 47.09 26.40
C PRO H 76 -32.03 48.01 26.26
N THR H 77 -32.16 49.00 27.14
CA THR H 77 -33.29 49.91 27.13
C THR H 77 -32.91 51.29 26.60
N LYS H 78 -31.61 51.62 26.58
CA LYS H 78 -31.10 52.86 26.02
C LYS H 78 -29.80 52.56 25.26
N LEU H 79 -29.58 53.22 24.11
CA LEU H 79 -28.38 52.95 23.31
C LEU H 79 -27.49 54.14 22.89
N SER H 80 -26.25 54.11 23.37
CA SER H 80 -25.24 55.08 22.95
C SER H 80 -24.66 54.70 21.60
N PRO H 81 -24.22 55.71 20.84
CA PRO H 81 -23.49 55.53 19.58
C PRO H 81 -22.00 55.48 19.86
N ILE H 82 -21.21 55.05 18.88
CA ILE H 82 -19.77 55.11 18.99
C ILE H 82 -19.26 55.71 17.72
N SER H 83 -17.99 56.10 17.72
CA SER H 83 -17.39 56.68 16.55
C SER H 83 -16.61 55.63 15.79
N VAL H 84 -16.68 55.66 14.47
CA VAL H 84 -15.88 54.76 13.68
C VAL H 84 -15.33 55.39 12.41
N LEU H 85 -14.10 55.00 12.09
CA LEU H 85 -13.43 55.41 10.89
C LEU H 85 -13.47 54.24 9.92
N TYR H 86 -14.07 54.43 8.75
CA TYR H 86 -14.32 53.31 7.84
C TYR H 86 -14.06 53.64 6.40
N LYS H 87 -13.87 52.61 5.59
CA LYS H 87 -13.55 52.81 4.18
C LYS H 87 -14.81 53.14 3.37
N ASP H 88 -14.76 54.27 2.67
CA ASP H 88 -15.78 54.69 1.70
C ASP H 88 -16.17 53.56 0.74
N ASP H 89 -17.13 53.83 -0.13
CA ASP H 89 -17.47 52.90 -1.21
C ASP H 89 -16.34 52.92 -2.22
N MET H 90 -15.49 53.93 -2.09
CA MET H 90 -14.30 54.02 -2.93
C MET H 90 -13.04 54.09 -2.08
N GLY H 91 -13.05 53.45 -0.92
CA GLY H 91 -11.86 53.24 -0.12
C GLY H 91 -11.23 54.49 0.48
N VAL H 92 -12.07 55.46 0.77
CA VAL H 92 -11.61 56.67 1.42
C VAL H 92 -11.95 56.64 2.89
N PRO H 93 -10.94 56.80 3.73
CA PRO H 93 -11.20 56.86 5.17
C PRO H 93 -12.15 57.98 5.48
N THR H 94 -13.37 57.63 5.91
CA THR H 94 -14.33 58.64 6.35
C THR H 94 -14.86 58.31 7.75
N LEU H 95 -15.62 59.22 8.35
CA LEU H 95 -15.94 59.06 9.75
C LEU H 95 -17.42 59.17 10.10
N LYS H 96 -18.02 58.10 10.61
CA LYS H 96 -19.28 58.33 11.33
C LYS H 96 -19.01 58.57 12.80
N TYR H 97 -19.25 59.80 13.24
CA TYR H 97 -19.00 60.19 14.61
C TYR H 97 -20.12 59.72 15.48
N HIS H 98 -21.36 59.84 15.01
CA HIS H 98 -22.56 59.39 15.72
C HIS H 98 -23.14 58.14 15.04
N TYR H 99 -22.45 57.02 15.19
CA TYR H 99 -22.88 55.73 14.63
C TYR H 99 -23.83 55.12 15.62
N GLU H 100 -25.12 55.23 15.33
CA GLU H 100 -26.12 55.04 16.37
C GLU H 100 -26.36 53.61 16.78
N GLY H 101 -26.62 53.44 18.07
CA GLY H 101 -27.09 52.19 18.64
C GLY H 101 -26.14 51.01 18.65
N MET H 102 -24.91 51.22 19.11
CA MET H 102 -23.91 50.18 19.04
C MET H 102 -23.44 49.75 20.42
N SER H 103 -23.79 50.52 21.43
CA SER H 103 -23.32 50.24 22.77
C SER H 103 -24.44 50.40 23.75
N VAL H 104 -24.44 49.59 24.80
CA VAL H 104 -25.55 49.65 25.73
C VAL H 104 -25.38 50.78 26.72
N ALA H 105 -26.43 51.56 26.88
CA ALA H 105 -26.42 52.64 27.84
C ALA H 105 -27.01 52.17 29.16
N GLU H 106 -28.28 51.76 29.09
CA GLU H 106 -29.02 51.33 30.26
C GLU H 106 -29.67 49.96 29.99
N CYS H 107 -29.80 49.13 31.02
CA CYS H 107 -30.43 47.83 30.87
C CYS H 107 -31.83 47.86 31.43
N GLY H 108 -32.63 46.81 31.20
CA GLY H 108 -33.96 46.78 31.78
C GLY H 108 -34.80 45.55 31.53
N CYS H 109 -36.00 45.54 32.08
CA CYS H 109 -36.88 44.38 31.97
C CYS H 109 -38.12 44.73 31.18
N ARG H 110 -38.43 43.90 30.18
CA ARG H 110 -39.54 44.20 29.29
C ARG H 110 -40.35 42.94 28.91
N PRO I 11 -36.92 53.78 -5.14
CA PRO I 11 -36.25 53.16 -6.29
C PRO I 11 -36.13 51.64 -6.10
N LEU I 12 -37.22 50.99 -5.70
CA LEU I 12 -37.20 49.57 -5.33
C LEU I 12 -36.84 48.59 -6.45
N VAL I 13 -36.60 47.34 -6.07
CA VAL I 13 -36.20 46.27 -6.99
C VAL I 13 -36.82 44.95 -6.53
N THR I 14 -36.80 43.96 -7.42
CA THR I 14 -37.44 42.67 -7.16
C THR I 14 -36.41 41.55 -6.96
N CYS I 15 -36.52 40.82 -5.86
CA CYS I 15 -35.57 39.76 -5.53
C CYS I 15 -36.25 38.41 -5.33
N THR I 16 -35.49 37.34 -5.56
CA THR I 16 -35.95 35.99 -5.29
C THR I 16 -36.03 35.80 -3.79
N CYS I 17 -37.03 35.04 -3.33
CA CYS I 17 -37.26 34.88 -1.90
C CYS I 17 -37.36 33.42 -1.48
N GLU I 18 -36.21 32.84 -1.12
CA GLU I 18 -36.17 31.49 -0.56
C GLU I 18 -35.76 31.54 0.90
N SER I 19 -36.76 31.58 1.79
CA SER I 19 -36.53 31.75 3.22
C SER I 19 -37.82 31.49 4.01
N PRO I 20 -37.69 31.26 5.32
CA PRO I 20 -38.86 31.05 6.18
C PRO I 20 -39.77 32.29 6.28
N HIS I 21 -39.19 33.48 6.42
CA HIS I 21 -39.98 34.69 6.54
C HIS I 21 -40.52 35.16 5.16
N CYS I 22 -40.86 34.20 4.31
CA CYS I 22 -41.26 34.51 2.94
C CYS I 22 -42.75 34.43 2.73
N LYS I 23 -43.34 35.59 2.42
CA LYS I 23 -44.75 35.67 2.06
C LYS I 23 -44.89 35.64 0.54
N GLY I 24 -44.46 34.54 -0.08
CA GLY I 24 -44.50 34.39 -1.52
C GLY I 24 -43.26 33.72 -2.06
N PRO I 25 -43.10 33.72 -3.40
CA PRO I 25 -41.94 33.15 -4.09
C PRO I 25 -40.91 34.22 -4.40
N THR I 26 -41.34 35.49 -4.43
CA THR I 26 -40.45 36.61 -4.66
C THR I 26 -40.93 37.79 -3.83
N CYS I 27 -40.06 38.77 -3.64
CA CYS I 27 -40.40 39.94 -2.84
C CYS I 27 -39.76 41.19 -3.41
N ARG I 28 -40.17 42.36 -2.90
CA ARG I 28 -39.62 43.63 -3.36
C ARG I 28 -38.90 44.36 -2.22
N GLY I 29 -37.83 45.09 -2.54
CA GLY I 29 -37.05 45.77 -1.53
C GLY I 29 -36.01 46.72 -2.09
N ALA I 30 -35.11 47.21 -1.24
CA ALA I 30 -34.09 48.17 -1.66
C ALA I 30 -32.96 47.49 -2.41
N TRP I 31 -32.61 46.28 -1.97
CA TRP I 31 -31.57 45.51 -2.59
C TRP I 31 -31.80 44.03 -2.31
N CYS I 32 -31.16 43.17 -3.07
CA CYS I 32 -31.31 41.74 -2.90
C CYS I 32 -30.15 41.14 -2.09
N THR I 33 -30.45 40.07 -1.36
CA THR I 33 -29.49 39.42 -0.48
C THR I 33 -29.43 37.92 -0.72
N VAL I 34 -28.23 37.39 -0.54
CA VAL I 34 -27.99 35.97 -0.43
C VAL I 34 -27.09 35.85 0.79
N VAL I 35 -27.54 35.07 1.77
CA VAL I 35 -26.81 35.00 3.03
C VAL I 35 -26.67 33.58 3.54
N LEU I 36 -25.44 33.24 3.92
CA LEU I 36 -25.09 31.90 4.34
C LEU I 36 -24.77 31.87 5.84
N VAL I 37 -25.43 30.98 6.58
CA VAL I 37 -25.24 30.95 8.03
C VAL I 37 -25.01 29.54 8.58
N ARG I 38 -24.04 29.35 9.47
CA ARG I 38 -23.88 28.04 10.14
C ARG I 38 -24.09 28.06 11.67
N GLU I 39 -25.34 28.05 12.13
CA GLU I 39 -25.59 28.13 13.58
C GLU I 39 -24.97 26.90 14.25
N GLU I 40 -24.83 26.92 15.58
CA GLU I 40 -24.15 25.83 16.30
C GLU I 40 -24.77 24.46 16.05
N GLY I 41 -23.91 23.45 15.96
CA GLY I 41 -24.34 22.10 15.65
C GLY I 41 -24.76 21.96 14.19
N ARG I 42 -25.84 22.67 13.85
CA ARG I 42 -26.42 22.61 12.51
C ARG I 42 -25.34 22.71 11.43
N HIS I 43 -25.74 22.31 10.23
CA HIS I 43 -25.01 22.58 9.02
C HIS I 43 -25.48 23.91 8.47
N PRO I 44 -24.63 24.57 7.68
CA PRO I 44 -24.95 25.87 7.08
C PRO I 44 -26.19 25.85 6.17
N GLN I 45 -26.99 26.90 6.26
CA GLN I 45 -28.18 27.08 5.43
C GLN I 45 -28.07 28.41 4.72
N GLU I 46 -28.74 28.51 3.58
CA GLU I 46 -28.55 29.64 2.68
C GLU I 46 -29.88 30.29 2.33
N HIS I 47 -30.11 31.48 2.84
CA HIS I 47 -31.34 32.20 2.54
C HIS I 47 -31.13 33.19 1.40
N ARG I 48 -32.22 33.49 0.67
CA ARG I 48 -32.19 34.52 -0.38
C ARG I 48 -33.38 35.44 -0.18
N GLY I 49 -33.18 36.75 -0.28
CA GLY I 49 -34.29 37.65 -0.08
C GLY I 49 -34.06 39.13 -0.31
N CYS I 50 -34.81 39.95 0.41
CA CYS I 50 -34.75 41.39 0.24
C CYS I 50 -33.86 41.96 1.32
N GLY I 51 -33.92 43.27 1.47
CA GLY I 51 -33.15 43.95 2.50
C GLY I 51 -33.19 45.43 2.24
N ASN I 52 -33.51 46.20 3.29
CA ASN I 52 -33.57 47.66 3.18
C ASN I 52 -33.07 48.36 4.42
N LEU I 53 -32.52 47.60 5.36
CA LEU I 53 -32.22 48.19 6.65
C LEU I 53 -30.77 48.55 6.92
N HIS I 54 -29.85 47.61 6.73
CA HIS I 54 -28.50 47.85 7.18
C HIS I 54 -27.45 47.58 6.12
N ARG I 55 -27.34 48.50 5.16
CA ARG I 55 -26.48 48.31 3.99
C ARG I 55 -25.11 47.80 4.40
N GLU I 56 -24.53 48.44 5.40
CA GLU I 56 -23.23 48.04 5.93
C GLU I 56 -22.98 46.52 5.98
N LEU I 57 -23.95 45.76 6.47
CA LEU I 57 -23.80 44.31 6.57
C LEU I 57 -23.13 43.70 5.32
N CYS I 58 -23.47 44.25 4.14
CA CYS I 58 -22.97 43.76 2.85
C CYS I 58 -21.44 43.82 2.70
N ARG I 59 -20.86 44.91 3.16
CA ARG I 59 -19.41 45.06 3.22
C ARG I 59 -18.75 43.96 4.06
N GLY I 60 -19.53 43.27 4.88
CA GLY I 60 -18.98 42.20 5.68
C GLY I 60 -18.12 41.27 4.84
N ARG I 61 -16.85 41.16 5.23
CA ARG I 61 -15.99 40.08 4.74
C ARG I 61 -16.53 38.78 5.32
N PRO I 62 -16.53 37.71 4.51
CA PRO I 62 -17.08 36.43 4.96
C PRO I 62 -16.28 35.81 6.09
N THR I 63 -16.95 35.39 7.15
CA THR I 63 -16.30 34.71 8.28
C THR I 63 -16.50 33.20 8.22
N GLU I 64 -16.13 32.52 9.31
CA GLU I 64 -16.23 31.07 9.38
C GLU I 64 -17.67 30.61 9.64
N PHE I 65 -18.59 31.56 9.74
CA PHE I 65 -19.96 31.23 10.15
C PHE I 65 -21.02 32.07 9.42
N VAL I 66 -20.60 33.02 8.59
CA VAL I 66 -21.60 33.82 7.91
C VAL I 66 -21.06 34.52 6.67
N ASN I 67 -21.90 34.62 5.66
CA ASN I 67 -21.55 35.31 4.43
C ASN I 67 -22.73 36.13 3.93
N HIS I 68 -22.59 37.45 4.03
CA HIS I 68 -23.60 38.37 3.56
C HIS I 68 -23.19 38.85 2.19
N TYR I 69 -24.06 38.61 1.21
CA TYR I 69 -23.85 39.11 -0.15
C TYR I 69 -25.04 39.87 -0.69
N CYS I 70 -24.80 41.05 -1.26
CA CYS I 70 -25.90 41.87 -1.77
C CYS I 70 -25.67 42.41 -3.19
N CYS I 71 -26.75 42.74 -3.87
CA CYS I 71 -26.69 43.30 -5.22
C CYS I 71 -27.99 44.03 -5.51
N ASP I 72 -28.01 44.89 -6.52
CA ASP I 72 -29.20 45.70 -6.79
C ASP I 72 -29.69 45.75 -8.26
N SER I 73 -29.58 44.64 -8.98
CA SER I 73 -30.22 44.53 -10.29
C SER I 73 -31.40 43.58 -10.16
N HIS I 74 -32.41 43.74 -11.01
CA HIS I 74 -33.59 42.89 -10.94
C HIS I 74 -33.25 41.39 -10.78
N LEU I 75 -34.03 40.70 -9.95
CA LEU I 75 -33.92 39.24 -9.75
C LEU I 75 -32.51 38.67 -9.67
N CYS I 76 -31.56 39.49 -9.26
CA CYS I 76 -30.13 39.16 -9.32
C CYS I 76 -29.64 38.09 -8.35
N ASN I 77 -30.53 37.50 -7.56
CA ASN I 77 -30.07 36.54 -6.57
C ASN I 77 -30.59 35.11 -6.75
N HIS I 78 -30.75 34.70 -8.00
CA HIS I 78 -31.13 33.31 -8.26
C HIS I 78 -29.89 32.44 -8.51
N ASN I 79 -29.35 32.49 -9.72
CA ASN I 79 -28.12 31.76 -10.07
C ASN I 79 -26.92 32.23 -9.26
N VAL I 80 -26.86 31.88 -7.97
CA VAL I 80 -25.76 32.35 -7.11
C VAL I 80 -25.69 31.70 -5.71
N SER I 81 -24.59 31.01 -5.43
CA SER I 81 -24.39 30.35 -4.13
C SER I 81 -23.04 30.72 -3.51
N LEU I 82 -22.79 30.28 -2.28
CA LEU I 82 -21.65 30.84 -1.55
C LEU I 82 -20.84 29.84 -0.71
N VAL I 83 -19.57 30.18 -0.46
CA VAL I 83 -18.68 29.41 0.42
C VAL I 83 -18.45 30.13 1.75
N LEU I 84 -17.65 29.51 2.64
CA LEU I 84 -17.44 30.05 3.99
C LEU I 84 -15.96 30.17 4.38
N GLU I 85 -15.43 29.15 5.08
CA GLU I 85 -14.02 29.17 5.51
C GLU I 85 -13.34 27.82 5.61
N PRO J 11 -42.66 64.23 48.95
CA PRO J 11 -43.10 63.88 50.31
C PRO J 11 -42.57 62.52 50.73
N LEU J 12 -41.27 62.30 50.55
CA LEU J 12 -40.67 60.97 50.74
C LEU J 12 -40.65 60.45 52.17
N VAL J 13 -40.35 59.17 52.32
CA VAL J 13 -40.31 58.49 53.62
C VAL J 13 -39.15 57.49 53.67
N THR J 14 -38.82 57.01 54.88
CA THR J 14 -37.67 56.12 55.06
C THR J 14 -38.11 54.71 55.44
N CYS J 15 -37.62 53.72 54.71
CA CYS J 15 -38.00 52.32 54.90
C CYS J 15 -36.81 51.41 55.20
N THR J 16 -37.08 50.31 55.90
CA THR J 16 -36.06 49.28 56.15
C THR J 16 -35.81 48.58 54.83
N CYS J 17 -34.56 48.19 54.60
CA CYS J 17 -34.18 47.60 53.33
C CYS J 17 -33.43 46.27 53.49
N GLU J 18 -34.20 45.17 53.49
CA GLU J 18 -33.62 43.84 53.53
C GLU J 18 -33.90 43.14 52.20
N SER J 19 -32.93 43.22 51.30
CA SER J 19 -33.09 42.71 49.94
C SER J 19 -31.76 42.71 49.21
N PRO J 20 -31.67 41.97 48.11
CA PRO J 20 -30.46 41.95 47.28
C PRO J 20 -30.13 43.29 46.63
N HIS J 21 -31.13 43.97 46.08
CA HIS J 21 -30.93 45.25 45.44
C HIS J 21 -30.75 46.38 46.45
N CYS J 22 -30.12 46.07 47.58
CA CYS J 22 -29.99 47.05 48.66
C CYS J 22 -28.62 47.71 48.73
N LYS J 23 -28.58 49.02 48.50
CA LYS J 23 -27.37 49.81 48.67
C LYS J 23 -27.37 50.44 50.06
N GLY J 24 -27.35 49.60 51.10
CA GLY J 24 -27.42 50.08 52.47
C GLY J 24 -28.29 49.21 53.35
N PRO J 25 -28.54 49.66 54.60
CA PRO J 25 -29.39 48.97 55.56
C PRO J 25 -30.81 49.54 55.52
N THR J 26 -30.95 50.75 55.00
CA THR J 26 -32.24 51.41 54.85
C THR J 26 -32.23 52.24 53.58
N CYS J 27 -33.43 52.62 53.12
CA CYS J 27 -33.53 53.41 51.91
C CYS J 27 -34.67 54.41 52.00
N ARG J 28 -34.75 55.33 51.04
CA ARG J 28 -35.82 56.31 51.01
C ARG J 28 -36.69 56.14 49.76
N GLY J 29 -37.98 56.42 49.86
CA GLY J 29 -38.89 56.24 48.74
C GLY J 29 -40.27 56.83 48.98
N ALA J 30 -41.21 56.48 48.11
CA ALA J 30 -42.58 57.00 48.21
C ALA J 30 -43.40 56.30 49.27
N TRP J 31 -43.18 55.00 49.36
CA TRP J 31 -43.85 54.20 50.37
C TRP J 31 -42.97 53.00 50.64
N CYS J 32 -43.27 52.30 51.74
CA CYS J 32 -42.50 51.12 52.10
C CYS J 32 -43.24 49.83 51.75
N THR J 33 -42.45 48.81 51.46
CA THR J 33 -42.97 47.53 51.02
C THR J 33 -42.42 46.36 51.83
N VAL J 34 -43.28 45.36 52.00
CA VAL J 34 -42.89 44.05 52.45
C VAL J 34 -43.54 43.09 51.46
N VAL J 35 -42.73 42.29 50.79
CA VAL J 35 -43.26 41.41 49.76
C VAL J 35 -42.75 39.98 49.85
N LEU J 36 -43.69 39.04 49.78
CA LEU J 36 -43.40 37.63 49.94
C LEU J 36 -43.52 36.90 48.59
N VAL J 37 -42.48 36.18 48.19
CA VAL J 37 -42.50 35.51 46.90
C VAL J 37 -42.08 34.05 46.89
N ARG J 38 -42.81 33.25 46.13
CA ARG J 38 -42.50 31.84 45.95
C ARG J 38 -41.95 31.72 44.55
N GLU J 39 -40.66 32.00 44.36
CA GLU J 39 -40.13 31.98 43.01
C GLU J 39 -39.62 30.61 42.61
N GLU J 40 -39.95 30.21 41.39
CA GLU J 40 -39.51 28.95 40.80
C GLU J 40 -39.02 27.92 41.82
N GLY J 41 -39.95 27.06 42.24
CA GLY J 41 -39.67 25.88 43.04
C GLY J 41 -39.33 26.21 44.47
N ARG J 42 -38.45 27.18 44.62
CA ARG J 42 -37.83 27.44 45.90
C ARG J 42 -38.87 27.68 47.00
N HIS J 43 -38.41 27.66 48.24
CA HIS J 43 -39.22 28.09 49.35
C HIS J 43 -39.39 29.60 49.27
N PRO J 44 -40.48 30.12 49.81
CA PRO J 44 -40.79 31.55 49.80
C PRO J 44 -39.73 32.40 50.50
N GLN J 45 -39.40 33.55 49.90
CA GLN J 45 -38.49 34.52 50.49
C GLN J 45 -39.20 35.86 50.68
N GLU J 46 -38.74 36.66 51.63
CA GLU J 46 -39.46 37.85 52.04
C GLU J 46 -38.56 39.07 51.98
N HIS J 47 -38.80 39.95 51.02
CA HIS J 47 -38.01 41.18 50.92
C HIS J 47 -38.72 42.36 51.58
N ARG J 48 -37.95 43.35 52.03
CA ARG J 48 -38.50 44.60 52.56
C ARG J 48 -37.76 45.76 51.92
N GLY J 49 -38.48 46.81 51.53
CA GLY J 49 -37.83 47.92 50.89
C GLY J 49 -38.69 49.12 50.54
N CYS J 50 -38.30 49.81 49.48
CA CYS J 50 -38.99 51.03 49.05
C CYS J 50 -39.93 50.71 47.91
N GLY J 51 -40.45 51.75 47.29
CA GLY J 51 -41.31 51.58 46.14
C GLY J 51 -41.91 52.91 45.78
N ASN J 52 -41.88 53.25 44.50
CA ASN J 52 -42.43 54.52 44.07
C ASN J 52 -43.08 54.39 42.71
N LEU J 53 -43.18 53.16 42.22
CA LEU J 53 -43.58 53.01 40.81
C LEU J 53 -45.00 52.58 40.56
N HIS J 54 -45.43 51.50 41.20
CA HIS J 54 -46.72 50.95 40.84
C HIS J 54 -47.66 50.71 42.01
N ARG J 55 -48.17 51.81 42.58
CA ARG J 55 -49.00 51.74 43.76
C ARG J 55 -49.98 50.58 43.66
N GLU J 56 -50.65 50.44 42.53
CA GLU J 56 -51.66 49.38 42.33
C GLU J 56 -51.27 48.02 42.90
N LEU J 57 -50.02 47.64 42.71
CA LEU J 57 -49.55 46.35 43.19
C LEU J 57 -50.00 46.06 44.63
N CYS J 58 -50.03 47.09 45.48
CA CYS J 58 -50.39 46.97 46.89
C CYS J 58 -51.81 46.47 47.16
N ARG J 59 -52.75 46.92 46.34
CA ARG J 59 -54.12 46.45 46.41
C ARG J 59 -54.20 44.95 46.12
N GLY J 60 -53.15 44.39 45.54
CA GLY J 60 -53.13 42.97 45.25
C GLY J 60 -53.58 42.17 46.45
N ARG J 61 -54.64 41.41 46.27
CA ARG J 61 -55.01 40.37 47.22
C ARG J 61 -53.96 39.27 47.17
N PRO J 62 -53.58 38.72 48.35
CA PRO J 62 -52.50 37.72 48.39
C PRO J 62 -52.88 36.44 47.68
N THR J 63 -51.99 35.96 46.80
CA THR J 63 -52.18 34.71 46.08
C THR J 63 -51.36 33.59 46.68
N GLU J 64 -51.34 32.45 45.99
CA GLU J 64 -50.63 31.27 46.50
C GLU J 64 -49.13 31.39 46.30
N PHE J 65 -48.69 32.50 45.73
CA PHE J 65 -47.28 32.68 45.35
C PHE J 65 -46.74 34.10 45.52
N VAL J 66 -47.57 35.01 45.98
CA VAL J 66 -47.06 36.33 46.23
C VAL J 66 -47.96 37.16 47.16
N ASN J 67 -47.31 38.01 47.96
CA ASN J 67 -48.02 38.91 48.85
C ASN J 67 -47.34 40.27 48.87
N HIS J 68 -48.02 41.25 48.29
CA HIS J 68 -47.52 42.60 48.27
C HIS J 68 -48.22 43.35 49.40
N TYR J 69 -47.42 43.95 50.28
CA TYR J 69 -47.96 44.79 51.34
C TYR J 69 -47.22 46.13 51.44
N CYS J 70 -47.97 47.22 51.54
CA CYS J 70 -47.34 48.54 51.58
C CYS J 70 -47.88 49.44 52.66
N CYS J 71 -47.08 50.42 53.07
CA CYS J 71 -47.51 51.41 54.08
C CYS J 71 -46.66 52.65 53.98
N ASP J 72 -47.10 53.76 54.56
CA ASP J 72 -46.39 55.03 54.36
C ASP J 72 -46.10 55.86 55.62
N SER J 73 -45.79 55.19 56.73
CA SER J 73 -45.28 55.88 57.91
C SER J 73 -43.81 55.52 58.04
N HIS J 74 -43.04 56.41 58.67
CA HIS J 74 -41.61 56.18 58.84
C HIS J 74 -41.27 54.76 59.32
N LEU J 75 -40.21 54.18 58.75
CA LEU J 75 -39.69 52.86 59.14
C LEU J 75 -40.72 51.77 59.42
N CYS J 76 -41.90 51.91 58.83
CA CYS J 76 -43.05 51.06 59.16
C CYS J 76 -42.95 49.58 58.73
N ASN J 77 -41.83 49.16 58.16
CA ASN J 77 -41.76 47.78 57.66
C ASN J 77 -40.71 46.93 58.34
N HIS J 78 -40.48 47.16 59.61
CA HIS J 78 -39.59 46.30 60.38
C HIS J 78 -40.36 45.18 61.05
N ASN J 79 -40.99 45.47 62.19
CA ASN J 79 -41.81 44.49 62.91
C ASN J 79 -43.04 44.05 62.09
N VAL J 80 -42.85 43.22 61.05
CA VAL J 80 -43.96 42.80 60.19
C VAL J 80 -43.65 41.69 59.15
N SER J 81 -44.33 40.55 59.26
CA SER J 81 -44.11 39.41 58.35
C SER J 81 -45.39 38.81 57.82
N LEU J 82 -45.28 37.67 57.13
CA LEU J 82 -46.45 36.95 56.58
C LEU J 82 -46.46 35.37 56.58
N ARG K 11 -66.59 57.71 16.04
CA ARG K 11 -67.10 56.69 16.97
C ARG K 11 -67.55 57.19 18.38
N GLU K 12 -68.83 57.02 18.69
CA GLU K 12 -69.47 57.69 19.85
C GLU K 12 -70.15 56.74 20.85
N CYS K 13 -70.27 57.18 22.10
CA CYS K 13 -70.90 56.38 23.16
C CYS K 13 -71.81 57.21 24.03
N ILE K 14 -72.63 56.54 24.81
CA ILE K 14 -73.42 57.21 25.81
C ILE K 14 -72.61 57.40 27.07
N TYR K 15 -72.51 58.66 27.50
CA TYR K 15 -71.79 58.97 28.73
C TYR K 15 -72.72 59.10 29.90
N TYR K 16 -72.36 58.46 31.00
CA TYR K 16 -73.07 58.65 32.25
C TYR K 16 -72.18 58.30 33.43
N ASN K 17 -72.28 59.10 34.49
CA ASN K 17 -71.50 58.87 35.69
C ASN K 17 -72.25 59.27 36.96
N ALA K 18 -72.91 58.31 37.59
CA ALA K 18 -73.65 58.59 38.81
C ALA K 18 -72.75 59.33 39.81
N ASN K 19 -71.56 58.79 40.01
CA ASN K 19 -70.67 59.42 40.98
C ASN K 19 -70.11 60.77 40.54
N TRP K 20 -70.81 61.45 39.62
CA TRP K 20 -70.20 62.63 38.99
C TRP K 20 -69.79 63.71 39.99
N GLU K 21 -70.77 64.18 40.79
CA GLU K 21 -70.52 65.22 41.78
C GLU K 21 -69.19 64.93 42.51
N LEU K 22 -69.08 63.72 43.02
CA LEU K 22 -67.92 63.37 43.79
C LEU K 22 -66.63 63.45 42.95
N GLU K 23 -66.62 62.87 41.74
CA GLU K 23 -65.40 62.80 40.92
C GLU K 23 -65.19 64.07 40.07
N ARG K 24 -66.10 65.04 40.22
CA ARG K 24 -66.03 66.28 39.45
C ARG K 24 -66.00 66.00 37.94
N THR K 25 -67.09 65.45 37.41
CA THR K 25 -67.22 65.18 35.97
C THR K 25 -68.66 65.38 35.59
N ASN K 26 -68.91 65.50 34.29
CA ASN K 26 -70.28 65.59 33.82
C ASN K 26 -71.13 64.40 34.30
N GLN K 27 -72.45 64.58 34.23
CA GLN K 27 -73.34 63.54 34.70
C GLN K 27 -73.82 62.63 33.60
N SER K 28 -74.49 63.21 32.61
CA SER K 28 -74.93 62.40 31.50
C SER K 28 -74.72 63.15 30.19
N GLY K 29 -74.69 62.40 29.09
CA GLY K 29 -74.52 62.98 27.77
C GLY K 29 -73.90 61.93 26.87
N LEU K 30 -72.92 62.36 26.07
CA LEU K 30 -72.26 61.42 25.17
C LEU K 30 -70.76 61.67 25.13
N GLU K 31 -70.03 60.78 24.46
CA GLU K 31 -68.55 60.85 24.49
C GLU K 31 -68.00 60.40 23.14
N ARG K 32 -67.14 61.22 22.55
CA ARG K 32 -66.45 60.79 21.33
C ARG K 32 -65.16 60.05 21.76
N CYS K 33 -64.92 58.88 21.20
CA CYS K 33 -63.87 57.97 21.72
C CYS K 33 -62.47 58.18 21.14
N GLU K 34 -61.57 58.74 21.95
CA GLU K 34 -60.18 58.89 21.54
C GLU K 34 -59.56 57.50 21.48
N GLY K 35 -58.95 57.14 20.36
CA GLY K 35 -58.44 55.78 20.20
C GLY K 35 -57.29 55.63 19.23
N GLU K 36 -56.55 54.53 19.41
CA GLU K 36 -55.35 54.21 18.63
C GLU K 36 -55.64 53.90 17.16
N GLN K 37 -54.71 54.26 16.29
CA GLN K 37 -54.89 54.21 14.83
C GLN K 37 -55.70 53.00 14.35
N ASP K 38 -55.08 51.82 14.42
CA ASP K 38 -55.72 50.61 13.92
C ASP K 38 -56.15 49.67 15.06
N LYS K 39 -56.68 50.25 16.14
CA LYS K 39 -57.30 49.46 17.20
C LYS K 39 -58.81 49.74 17.23
N ARG K 40 -59.59 48.78 17.71
CA ARG K 40 -61.05 48.94 17.75
C ARG K 40 -61.47 49.84 18.92
N LEU K 41 -62.75 50.23 18.91
CA LEU K 41 -63.31 51.00 20.01
C LEU K 41 -64.62 50.37 20.49
N HIS K 42 -65.00 50.67 21.73
CA HIS K 42 -66.18 50.05 22.34
C HIS K 42 -66.97 50.98 23.28
N CYS K 43 -68.13 50.51 23.71
CA CYS K 43 -68.94 51.21 24.70
C CYS K 43 -69.19 50.28 25.89
N TYR K 44 -69.31 50.87 27.09
CA TYR K 44 -69.61 50.08 28.27
C TYR K 44 -70.72 50.71 29.06
N ALA K 45 -71.33 49.87 29.87
CA ALA K 45 -72.31 50.27 30.87
C ALA K 45 -72.05 49.40 32.08
N SER K 46 -72.36 49.94 33.24
CA SER K 46 -72.21 49.20 34.49
C SER K 46 -73.22 49.74 35.46
N TRP K 47 -73.84 48.81 36.20
CA TRP K 47 -74.92 49.16 37.10
C TRP K 47 -74.99 48.18 38.27
N ARG K 48 -75.68 48.57 39.33
CA ARG K 48 -75.92 47.68 40.47
C ARG K 48 -77.31 47.05 40.35
N ASN K 49 -77.51 45.88 40.94
CA ASN K 49 -78.82 45.23 40.90
C ASN K 49 -79.23 44.64 42.24
N SER K 50 -80.03 45.40 42.99
CA SER K 50 -80.49 44.98 44.29
C SER K 50 -81.83 44.30 44.15
N SER K 51 -81.79 43.04 43.72
CA SER K 51 -82.99 42.25 43.50
C SER K 51 -83.99 42.99 42.66
N GLY K 52 -83.69 43.16 41.36
CA GLY K 52 -84.64 43.72 40.41
C GLY K 52 -84.67 45.23 40.23
N THR K 53 -84.26 45.96 41.27
CA THR K 53 -84.18 47.41 41.18
C THR K 53 -82.81 47.82 40.64
N ILE K 54 -82.82 48.48 39.48
CA ILE K 54 -81.57 48.79 38.77
C ILE K 54 -81.09 50.21 39.02
N GLU K 55 -79.93 50.34 39.65
CA GLU K 55 -79.28 51.63 39.83
C GLU K 55 -78.07 51.77 38.90
N LEU K 56 -78.10 52.75 38.00
CA LEU K 56 -77.00 52.97 37.07
C LEU K 56 -75.74 53.49 37.78
N VAL K 57 -74.57 53.07 37.30
CA VAL K 57 -73.33 53.48 37.93
C VAL K 57 -72.41 54.23 36.96
N LYS K 58 -72.32 53.73 35.72
CA LYS K 58 -71.42 54.37 34.74
C LYS K 58 -71.63 53.88 33.31
N LYS K 59 -71.60 54.80 32.35
CA LYS K 59 -71.63 54.45 30.93
C LYS K 59 -70.57 55.27 30.22
N GLY K 60 -69.94 54.71 29.19
CA GLY K 60 -68.97 55.50 28.45
C GLY K 60 -68.10 54.72 27.49
N CYS K 61 -67.01 55.35 27.04
CA CYS K 61 -66.16 54.74 26.03
C CYS K 61 -65.27 53.68 26.68
N TRP K 62 -64.82 52.71 25.89
CA TRP K 62 -64.02 51.57 26.39
C TRP K 62 -63.06 51.07 25.32
N LEU K 63 -61.87 50.69 25.71
CA LEU K 63 -60.81 50.42 24.75
C LEU K 63 -60.69 48.98 24.23
N ASP K 64 -60.32 48.89 22.95
CA ASP K 64 -60.08 47.61 22.28
C ASP K 64 -59.88 46.42 23.24
N ASP K 65 -60.99 45.84 23.66
CA ASP K 65 -60.96 44.68 24.53
C ASP K 65 -61.78 43.60 23.81
N PHE K 66 -61.14 42.46 23.59
CA PHE K 66 -61.71 41.38 22.79
C PHE K 66 -63.03 40.83 23.33
N ASN K 67 -63.27 41.00 24.62
CA ASN K 67 -64.55 40.59 25.17
C ASN K 67 -65.76 41.25 24.47
N CYS K 68 -65.53 42.41 23.87
CA CYS K 68 -66.61 43.17 23.27
C CYS K 68 -66.64 42.91 21.78
N TYR K 69 -65.63 42.20 21.29
CA TYR K 69 -65.44 42.06 19.85
C TYR K 69 -66.70 41.56 19.17
N ASP K 70 -67.07 42.26 18.09
CA ASP K 70 -68.20 41.92 17.24
C ASP K 70 -69.44 41.52 18.04
N ARG K 71 -69.87 42.39 18.93
CA ARG K 71 -71.05 42.13 19.75
C ARG K 71 -72.04 43.30 19.68
N GLN K 72 -73.17 43.10 19.00
CA GLN K 72 -74.05 44.20 18.63
C GLN K 72 -74.73 44.88 19.80
N GLU K 73 -75.25 44.10 20.76
CA GLU K 73 -75.95 44.69 21.91
C GLU K 73 -75.13 44.64 23.20
N CYS K 74 -75.45 45.54 24.12
CA CYS K 74 -74.69 45.60 25.37
C CYS K 74 -75.26 44.64 26.41
N VAL K 75 -74.61 43.49 26.56
CA VAL K 75 -75.13 42.48 27.47
C VAL K 75 -74.09 41.93 28.45
N ALA K 76 -74.53 41.78 29.70
CA ALA K 76 -73.69 41.33 30.79
C ALA K 76 -73.81 39.83 30.89
N THR K 77 -72.71 39.17 31.25
CA THR K 77 -72.68 37.71 31.21
C THR K 77 -72.43 37.03 32.57
N GLU K 78 -71.89 37.79 33.53
CA GLU K 78 -71.59 37.25 34.86
C GLU K 78 -72.86 36.73 35.55
N GLU K 79 -72.68 35.70 36.39
CA GLU K 79 -73.82 35.05 37.07
C GLU K 79 -74.51 36.02 38.04
N ASN K 80 -73.89 36.25 39.19
CA ASN K 80 -74.42 37.20 40.17
C ASN K 80 -73.31 38.06 40.73
N PRO K 81 -73.14 39.25 40.15
CA PRO K 81 -72.05 40.17 40.52
C PRO K 81 -72.47 41.34 41.42
N GLN K 82 -71.55 41.74 42.28
CA GLN K 82 -71.60 43.03 42.95
C GLN K 82 -71.97 44.10 41.92
N VAL K 83 -71.06 44.35 40.97
CA VAL K 83 -71.28 45.31 39.88
C VAL K 83 -71.47 44.64 38.52
N TYR K 84 -72.61 44.89 37.91
CA TYR K 84 -72.87 44.35 36.59
C TYR K 84 -72.11 45.20 35.57
N PHE K 85 -71.47 44.53 34.62
CA PHE K 85 -70.76 45.21 33.56
C PHE K 85 -71.10 44.62 32.19
N CYS K 86 -71.02 45.45 31.16
CA CYS K 86 -71.18 44.97 29.80
C CYS K 86 -70.52 45.94 28.82
N CYS K 87 -69.98 45.38 27.74
CA CYS K 87 -69.46 46.22 26.67
C CYS K 87 -69.97 45.76 25.31
N CYS K 88 -69.74 46.60 24.31
CA CYS K 88 -70.27 46.35 22.97
C CYS K 88 -69.55 47.21 21.92
N GLU K 89 -69.90 46.96 20.65
CA GLU K 89 -69.27 47.62 19.52
C GLU K 89 -70.34 48.22 18.62
N GLY K 90 -70.19 49.51 18.31
CA GLY K 90 -71.15 50.20 17.49
C GLY K 90 -71.70 51.43 18.19
N ASN K 91 -71.82 52.52 17.44
CA ASN K 91 -72.26 53.78 18.03
C ASN K 91 -73.50 53.70 18.92
N PHE K 92 -73.35 54.18 20.16
CA PHE K 92 -74.46 54.24 21.12
C PHE K 92 -75.06 52.88 21.49
N CYS K 93 -74.30 51.82 21.25
CA CYS K 93 -74.75 50.49 21.57
C CYS K 93 -75.04 50.32 23.07
N ASN K 94 -74.55 51.25 23.89
CA ASN K 94 -74.80 51.18 25.34
C ASN K 94 -76.00 52.02 25.80
N GLU K 95 -76.83 52.50 24.87
CA GLU K 95 -78.05 53.20 25.25
C GLU K 95 -78.88 52.32 26.16
N ARG K 96 -79.18 51.12 25.70
CA ARG K 96 -79.94 50.14 26.50
C ARG K 96 -79.06 48.93 26.77
N PHE K 97 -79.29 48.27 27.92
CA PHE K 97 -78.50 47.12 28.31
C PHE K 97 -79.37 46.11 29.04
N THR K 98 -78.90 44.86 29.13
CA THR K 98 -79.65 43.78 29.78
C THR K 98 -78.74 42.75 30.43
N HIS K 99 -79.34 41.70 31.01
CA HIS K 99 -78.57 40.68 31.73
C HIS K 99 -78.95 39.25 31.33
N LEU K 100 -77.95 38.39 31.11
CA LEU K 100 -78.19 36.95 30.89
C LEU K 100 -76.91 36.09 30.82
N PRO K 101 -76.63 35.34 31.91
CA PRO K 101 -75.40 34.56 32.10
C PRO K 101 -75.20 33.41 31.12
N ARG L 11 -15.44 70.34 26.80
CA ARG L 11 -14.52 69.40 26.13
C ARG L 11 -14.30 69.58 24.59
N GLU L 12 -13.06 69.93 24.20
CA GLU L 12 -12.74 70.34 22.82
C GLU L 12 -11.63 69.55 22.14
N CYS L 13 -11.63 69.54 20.81
CA CYS L 13 -10.63 68.81 20.05
C CYS L 13 -10.16 69.62 18.84
N ILE L 14 -9.06 69.19 18.25
CA ILE L 14 -8.59 69.78 17.02
C ILE L 14 -9.33 69.14 15.87
N TYR L 15 -9.97 69.96 15.05
CA TYR L 15 -10.63 69.47 13.86
C TYR L 15 -9.75 69.62 12.64
N TYR L 16 -9.70 68.57 11.83
CA TYR L 16 -9.08 68.64 10.53
C TYR L 16 -9.64 67.55 9.61
N ASN L 17 -9.85 67.90 8.35
CA ASN L 17 -10.32 66.94 7.38
C ASN L 17 -9.76 67.24 5.99
N ALA L 18 -8.69 66.53 5.62
CA ALA L 18 -8.09 66.70 4.32
C ALA L 18 -9.12 66.53 3.23
N ASN L 19 -9.96 65.52 3.35
CA ASN L 19 -10.94 65.30 2.33
C ASN L 19 -12.11 66.30 2.33
N TRP L 20 -11.89 67.48 2.88
CA TRP L 20 -13.00 68.39 3.13
C TRP L 20 -13.77 68.80 1.90
N GLU L 21 -13.06 69.31 0.91
CA GLU L 21 -13.71 69.72 -0.32
C GLU L 21 -14.68 68.65 -0.80
N LEU L 22 -14.23 67.41 -0.78
CA LEU L 22 -15.00 66.33 -1.33
C LEU L 22 -16.26 66.03 -0.47
N GLU L 23 -16.09 66.03 0.85
CA GLU L 23 -17.18 65.68 1.78
C GLU L 23 -17.98 66.91 2.18
N ARG L 24 -17.63 68.06 1.61
CA ARG L 24 -18.31 69.28 1.96
C ARG L 24 -18.32 69.50 3.45
N THR L 25 -17.13 69.66 4.04
CA THR L 25 -17.01 70.03 5.45
C THR L 25 -15.89 71.00 5.62
N ASN L 26 -15.79 71.65 6.78
CA ASN L 26 -14.69 72.54 7.08
C ASN L 26 -13.37 71.80 6.96
N GLN L 27 -12.27 72.56 6.79
CA GLN L 27 -10.96 71.98 6.58
C GLN L 27 -10.17 71.83 7.88
N SER L 28 -9.95 72.92 8.60
CA SER L 28 -9.25 72.86 9.85
C SER L 28 -9.87 73.80 10.87
N GLY L 29 -9.65 73.51 12.14
CA GLY L 29 -10.15 74.34 13.20
C GLY L 29 -10.26 73.54 14.47
N LEU L 30 -11.35 73.73 15.20
CA LEU L 30 -11.62 72.94 16.39
C LEU L 30 -13.08 72.46 16.46
N GLU L 31 -13.35 71.59 17.42
CA GLU L 31 -14.67 70.97 17.55
C GLU L 31 -15.05 70.81 19.01
N ARG L 32 -16.24 71.26 19.40
CA ARG L 32 -16.72 70.98 20.76
C ARG L 32 -17.49 69.68 20.72
N CYS L 33 -17.19 68.79 21.64
CA CYS L 33 -17.64 67.40 21.55
C CYS L 33 -19.02 67.11 22.14
N GLU L 34 -20.02 66.90 21.28
CA GLU L 34 -21.34 66.50 21.74
C GLU L 34 -21.24 65.08 22.30
N GLY L 35 -21.75 64.89 23.51
CA GLY L 35 -21.62 63.60 24.16
C GLY L 35 -22.63 63.27 25.24
N GLU L 36 -22.75 61.97 25.52
CA GLU L 36 -23.71 61.42 26.49
C GLU L 36 -23.39 61.81 27.95
N GLN L 37 -24.45 61.98 28.74
CA GLN L 37 -24.34 62.48 30.12
C GLN L 37 -23.11 62.00 30.88
N ASP L 38 -23.10 60.73 31.26
CA ASP L 38 -22.01 60.18 32.04
C ASP L 38 -21.11 59.23 31.23
N LYS L 39 -20.83 59.58 29.99
CA LYS L 39 -19.85 58.86 29.20
C LYS L 39 -18.65 59.77 28.94
N ARG L 40 -17.49 59.17 28.67
CA ARG L 40 -16.28 59.95 28.45
C ARG L 40 -16.20 60.47 27.03
N LEU L 41 -15.29 61.39 26.77
CA LEU L 41 -15.05 61.93 25.43
C LEU L 41 -13.57 61.92 25.07
N HIS L 42 -13.28 61.92 23.78
CA HIS L 42 -11.90 61.72 23.32
C HIS L 42 -11.58 62.51 22.06
N CYS L 43 -10.29 62.53 21.70
CA CYS L 43 -9.87 63.16 20.45
C CYS L 43 -9.12 62.13 19.61
N TYR L 44 -9.21 62.25 18.29
CA TYR L 44 -8.48 61.35 17.42
C TYR L 44 -7.72 62.11 16.38
N ALA L 45 -6.75 61.41 15.82
CA ALA L 45 -6.02 61.86 14.67
C ALA L 45 -5.74 60.62 13.84
N SER L 46 -5.62 60.80 12.54
CA SER L 46 -5.32 59.73 11.62
C SER L 46 -4.60 60.32 10.41
N TRP L 47 -3.59 59.58 9.94
CA TRP L 47 -2.73 60.05 8.88
C TRP L 47 -2.16 58.90 8.08
N ARG L 48 -1.62 59.19 6.91
CA ARG L 48 -0.92 58.18 6.12
C ARG L 48 0.59 58.34 6.32
N ASN L 49 1.35 57.27 6.10
CA ASN L 49 2.81 57.36 6.23
C ASN L 49 3.53 56.61 5.12
N SER L 50 3.92 57.35 4.09
CA SER L 50 4.63 56.78 2.96
C SER L 50 6.13 56.89 3.19
N SER L 51 6.65 55.99 4.02
CA SER L 51 8.06 55.97 4.36
C SER L 51 8.52 57.35 4.81
N GLY L 52 8.11 57.75 6.01
CA GLY L 52 8.63 58.94 6.64
C GLY L 52 7.92 60.24 6.31
N THR L 53 7.30 60.30 5.13
CA THR L 53 6.55 61.49 4.74
C THR L 53 5.11 61.39 5.25
N ILE L 54 4.73 62.30 6.14
CA ILE L 54 3.44 62.23 6.81
C ILE L 54 2.37 63.12 6.17
N GLU L 55 1.32 62.49 5.64
CA GLU L 55 0.18 63.22 5.12
C GLU L 55 -1.00 63.06 6.07
N LEU L 56 -1.52 64.19 6.59
CA LEU L 56 -2.66 64.17 7.52
C LEU L 56 -3.97 63.81 6.82
N VAL L 57 -4.83 63.09 7.51
CA VAL L 57 -6.07 62.63 6.90
C VAL L 57 -7.29 63.14 7.65
N LYS L 58 -7.24 63.12 8.98
CA LYS L 58 -8.39 63.58 9.75
C LYS L 58 -8.04 63.78 11.23
N LYS L 59 -8.59 64.82 11.83
CA LYS L 59 -8.52 65.01 13.27
C LYS L 59 -9.88 65.44 13.79
N GLY L 60 -10.23 65.06 15.02
CA GLY L 60 -11.52 65.46 15.54
C GLY L 60 -12.00 64.79 16.80
N CYS L 61 -13.29 64.92 17.11
CA CYS L 61 -13.84 64.33 18.33
C CYS L 61 -14.10 62.85 18.16
N TRP L 62 -14.09 62.09 19.25
CA TRP L 62 -14.24 60.64 19.19
C TRP L 62 -14.94 60.16 20.47
N LEU L 63 -15.76 59.13 20.35
CA LEU L 63 -16.65 58.77 21.45
C LEU L 63 -16.15 57.69 22.41
N ASP L 64 -16.49 57.87 23.68
CA ASP L 64 -16.17 56.93 24.75
C ASP L 64 -15.74 55.53 24.27
N ASP L 65 -14.46 55.40 23.95
CA ASP L 65 -13.89 54.15 23.50
C ASP L 65 -12.71 53.87 24.41
N PHE L 66 -12.75 52.71 25.07
CA PHE L 66 -11.81 52.36 26.14
C PHE L 66 -10.37 52.33 25.71
N ASN L 67 -10.15 52.23 24.41
CA ASN L 67 -8.79 52.26 23.88
C ASN L 67 -8.08 53.57 24.20
N CYS L 68 -8.85 54.63 24.38
CA CYS L 68 -8.30 55.95 24.65
C CYS L 68 -8.28 56.26 26.15
N TYR L 69 -8.89 55.39 26.93
CA TYR L 69 -9.07 55.64 28.34
C TYR L 69 -7.77 56.05 29.02
N ASP L 70 -7.84 57.14 29.78
CA ASP L 70 -6.74 57.65 30.57
C ASP L 70 -5.39 57.62 29.85
N ARG L 71 -5.35 58.24 28.68
CA ARG L 71 -4.14 58.28 27.86
C ARG L 71 -3.82 59.73 27.45
N GLN L 72 -2.78 60.30 28.03
CA GLN L 72 -2.55 61.74 27.95
C GLN L 72 -2.18 62.23 26.56
N GLU L 73 -1.33 61.48 25.85
CA GLU L 73 -0.87 61.92 24.53
C GLU L 73 -1.49 61.08 23.41
N CYS L 74 -1.54 61.64 22.21
CA CYS L 74 -2.14 60.95 21.10
C CYS L 74 -1.14 60.08 20.40
N VAL L 75 -1.13 58.77 20.69
CA VAL L 75 -0.15 57.88 20.11
C VAL L 75 -0.73 56.63 19.47
N ALA L 76 -0.19 56.28 18.31
CA ALA L 76 -0.65 55.15 17.51
C ALA L 76 0.17 53.93 17.87
N THR L 77 -0.48 52.77 17.86
CA THR L 77 0.14 51.56 18.38
C THR L 77 0.36 50.45 17.35
N GLU L 78 -0.38 50.50 16.24
CA GLU L 78 -0.31 49.47 15.21
C GLU L 78 1.09 49.38 14.59
N GLU L 79 1.46 48.18 14.14
CA GLU L 79 2.80 47.95 13.63
C GLU L 79 3.05 48.74 12.34
N ASN L 80 2.46 48.26 11.25
CA ASN L 80 2.56 48.95 9.97
C ASN L 80 1.22 48.97 9.26
N PRO L 81 0.46 50.05 9.46
CA PRO L 81 -0.88 50.19 8.91
C PRO L 81 -0.97 51.05 7.65
N GLN L 82 -1.93 50.70 6.81
CA GLN L 82 -2.42 51.56 5.74
C GLN L 82 -2.67 52.97 6.30
N VAL L 83 -3.62 53.08 7.21
CA VAL L 83 -3.94 54.34 7.88
C VAL L 83 -3.55 54.31 9.34
N TYR L 84 -2.74 55.26 9.75
CA TYR L 84 -2.34 55.35 11.15
C TYR L 84 -3.48 56.04 11.89
N PHE L 85 -3.80 55.54 13.08
CA PHE L 85 -4.85 56.10 13.91
C PHE L 85 -4.37 56.24 15.34
N CYS L 86 -4.88 57.26 16.04
CA CYS L 86 -4.59 57.40 17.46
C CYS L 86 -5.67 58.22 18.14
N CYS L 87 -5.99 57.85 19.39
CA CYS L 87 -6.93 58.63 20.18
C CYS L 87 -6.38 58.91 21.56
N CYS L 88 -7.04 59.83 22.26
CA CYS L 88 -6.56 60.32 23.54
C CYS L 88 -7.66 61.04 24.33
N GLU L 89 -7.32 61.44 25.56
CA GLU L 89 -8.28 62.07 26.46
C GLU L 89 -7.66 63.35 27.00
N GLY L 90 -8.38 64.45 26.88
CA GLY L 90 -7.91 65.73 27.35
C GLY L 90 -7.97 66.75 26.25
N ASN L 91 -8.42 67.97 26.56
CA ASN L 91 -8.57 69.01 25.56
C ASN L 91 -7.36 69.23 24.63
N PHE L 92 -7.62 69.15 23.34
CA PHE L 92 -6.61 69.38 22.30
C PHE L 92 -5.43 68.43 22.37
N CYS L 93 -5.63 67.27 22.99
CA CYS L 93 -4.58 66.27 23.07
C CYS L 93 -4.14 65.77 21.70
N ASN L 94 -4.93 66.06 20.67
CA ASN L 94 -4.60 65.63 19.30
C ASN L 94 -3.92 66.71 18.47
N GLU L 95 -3.46 67.77 19.12
CA GLU L 95 -2.67 68.77 18.43
C GLU L 95 -1.47 68.13 17.75
N ARG L 96 -0.65 67.44 18.54
CA ARG L 96 0.50 66.71 18.03
C ARG L 96 0.29 65.23 18.24
N PHE L 97 0.83 64.42 17.34
CA PHE L 97 0.72 62.97 17.44
C PHE L 97 2.02 62.27 17.00
N THR L 98 2.21 61.00 17.39
CA THR L 98 3.42 60.24 17.07
C THR L 98 3.13 58.73 16.89
N HIS L 99 4.17 57.95 16.61
CA HIS L 99 4.00 56.51 16.37
C HIS L 99 4.99 55.64 17.16
N LEU L 100 4.50 54.56 17.75
CA LEU L 100 5.37 53.58 18.41
C LEU L 100 4.62 52.31 18.89
N PRO L 101 4.76 51.21 18.11
CA PRO L 101 4.05 49.93 18.33
C PRO L 101 4.36 49.23 19.66
N SER M 6 -29.19 -37.56 -22.57
CA SER M 6 -30.22 -38.60 -22.42
C SER M 6 -31.56 -38.28 -23.13
N HIS M 7 -32.17 -37.14 -22.80
CA HIS M 7 -33.49 -36.78 -23.31
C HIS M 7 -33.43 -36.09 -24.65
N CYS M 8 -34.14 -34.98 -24.80
CA CYS M 8 -34.15 -34.26 -26.07
C CYS M 8 -33.43 -32.92 -26.00
N GLN M 9 -32.48 -32.71 -26.91
CA GLN M 9 -31.61 -31.54 -26.83
C GLN M 9 -30.86 -31.24 -28.12
N LYS M 10 -30.25 -30.04 -28.14
CA LYS M 10 -29.41 -29.57 -29.24
C LYS M 10 -27.99 -30.16 -29.11
N THR M 11 -27.41 -30.62 -30.21
CA THR M 11 -26.09 -31.27 -30.20
C THR M 11 -25.19 -30.63 -31.23
N SER M 12 -23.89 -30.72 -31.01
CA SER M 12 -22.98 -30.23 -32.03
C SER M 12 -22.97 -31.12 -33.26
N LEU M 13 -22.97 -30.52 -34.45
CA LEU M 13 -22.78 -31.29 -35.66
C LEU M 13 -21.94 -30.46 -36.61
N ARG M 14 -20.63 -30.69 -36.55
CA ARG M 14 -19.74 -30.00 -37.46
C ARG M 14 -19.86 -30.67 -38.83
N VAL M 15 -20.55 -29.99 -39.74
CA VAL M 15 -20.65 -30.48 -41.10
C VAL M 15 -19.45 -29.98 -41.88
N ASN M 16 -18.78 -30.88 -42.57
CA ASN M 16 -17.66 -30.52 -43.42
C ASN M 16 -18.11 -30.66 -44.87
N PHE M 17 -18.11 -29.54 -45.59
CA PHE M 17 -18.70 -29.55 -46.93
C PHE M 17 -18.03 -30.54 -47.84
N GLU M 18 -16.74 -30.77 -47.63
CA GLU M 18 -16.01 -31.73 -48.44
C GLU M 18 -16.65 -33.11 -48.29
N ASP M 19 -17.06 -33.43 -47.07
CA ASP M 19 -17.68 -34.73 -46.76
C ASP M 19 -18.96 -35.01 -47.55
N ILE M 20 -19.75 -33.97 -47.82
CA ILE M 20 -20.93 -34.12 -48.66
C ILE M 20 -20.74 -33.59 -50.08
N GLY M 21 -19.48 -33.37 -50.45
CA GLY M 21 -19.15 -32.98 -51.82
C GLY M 21 -19.61 -31.60 -52.29
N TRP M 22 -19.76 -30.70 -51.34
CA TRP M 22 -20.14 -29.34 -51.68
C TRP M 22 -18.90 -28.47 -51.78
N ASP M 23 -17.73 -29.07 -51.52
CA ASP M 23 -16.46 -28.37 -51.62
C ASP M 23 -16.26 -27.83 -53.03
N SER M 24 -17.07 -28.34 -53.95
CA SER M 24 -17.00 -27.95 -55.35
C SER M 24 -17.39 -26.49 -55.56
N TRP M 25 -18.21 -25.95 -54.68
CA TRP M 25 -18.76 -24.62 -54.89
C TRP M 25 -18.82 -23.74 -53.62
N ILE M 26 -18.68 -24.35 -52.45
CA ILE M 26 -18.54 -23.57 -51.23
C ILE M 26 -17.07 -23.31 -51.03
N ILE M 27 -16.69 -22.04 -51.11
CA ILE M 27 -15.31 -21.64 -50.93
C ILE M 27 -15.04 -21.53 -49.44
N ALA M 28 -15.99 -20.93 -48.74
CA ALA M 28 -15.92 -20.78 -47.29
C ALA M 28 -17.29 -20.78 -46.62
N PRO M 29 -17.38 -21.35 -45.41
CA PRO M 29 -16.27 -21.95 -44.68
C PRO M 29 -15.99 -23.34 -45.21
N LYS M 30 -15.02 -24.05 -44.63
CA LYS M 30 -14.74 -25.39 -45.09
C LYS M 30 -15.59 -26.34 -44.28
N GLU M 31 -15.83 -25.98 -43.03
CA GLU M 31 -16.82 -26.67 -42.21
C GLU M 31 -17.54 -25.67 -41.32
N TYR M 32 -18.74 -26.04 -40.86
CA TYR M 32 -19.56 -25.14 -40.05
C TYR M 32 -20.40 -25.91 -39.08
N GLU M 33 -20.88 -25.19 -38.07
CA GLU M 33 -21.70 -25.81 -37.05
C GLU M 33 -23.16 -25.80 -37.45
N ALA M 34 -23.63 -26.92 -37.99
CA ALA M 34 -25.06 -27.13 -38.03
C ALA M 34 -25.27 -27.86 -36.74
N TYR M 35 -26.46 -27.83 -36.20
CA TYR M 35 -26.59 -28.65 -35.03
C TYR M 35 -27.32 -29.93 -35.35
N GLU M 36 -27.49 -30.79 -34.36
CA GLU M 36 -28.34 -31.96 -34.50
C GLU M 36 -29.42 -31.90 -33.44
N CYS M 37 -30.59 -32.45 -33.71
CA CYS M 37 -31.57 -32.56 -32.63
C CYS M 37 -31.66 -34.01 -32.18
N LYS M 38 -31.02 -34.30 -31.06
CA LYS M 38 -30.90 -35.70 -30.60
C LYS M 38 -31.73 -35.94 -29.34
N GLY M 39 -32.21 -37.16 -29.16
CA GLY M 39 -32.87 -37.48 -27.93
C GLY M 39 -34.35 -37.80 -28.02
N GLY M 40 -34.88 -38.28 -26.90
CA GLY M 40 -36.26 -38.74 -26.86
C GLY M 40 -37.21 -37.75 -26.22
N CYS M 41 -38.47 -37.85 -26.59
CA CYS M 41 -39.51 -37.01 -26.03
C CYS M 41 -40.27 -37.83 -25.01
N PHE M 42 -39.82 -37.73 -23.76
CA PHE M 42 -40.27 -38.61 -22.69
C PHE M 42 -41.21 -37.89 -21.75
N PHE M 43 -42.32 -38.54 -21.45
CA PHE M 43 -43.34 -37.92 -20.61
C PHE M 43 -42.89 -37.82 -19.17
N PRO M 44 -43.21 -36.69 -18.50
CA PRO M 44 -43.91 -35.55 -19.09
C PRO M 44 -42.96 -34.65 -19.92
N LEU M 45 -43.53 -33.94 -20.88
CA LEU M 45 -42.73 -33.16 -21.80
C LEU M 45 -42.35 -31.79 -21.21
N ALA M 46 -41.06 -31.59 -21.01
CA ALA M 46 -40.55 -30.34 -20.46
C ALA M 46 -41.01 -29.14 -21.26
N ASP M 47 -41.26 -28.02 -20.58
CA ASP M 47 -41.73 -26.81 -21.25
C ASP M 47 -40.75 -26.40 -22.33
N ASP M 48 -39.46 -26.51 -22.04
CA ASP M 48 -38.43 -26.04 -22.97
C ASP M 48 -38.35 -26.89 -24.23
N VAL M 49 -39.39 -27.68 -24.47
CA VAL M 49 -39.47 -28.49 -25.67
C VAL M 49 -40.68 -28.08 -26.50
N THR M 50 -41.37 -27.03 -26.04
CA THR M 50 -42.39 -26.39 -26.83
C THR M 50 -43.44 -27.37 -27.33
N PRO M 51 -43.76 -28.39 -26.52
CA PRO M 51 -44.68 -29.41 -27.01
C PRO M 51 -45.93 -28.78 -27.60
N THR M 52 -46.36 -29.28 -28.77
CA THR M 52 -47.68 -28.94 -29.32
C THR M 52 -48.73 -29.82 -28.64
N LYS M 53 -49.98 -29.41 -28.73
CA LYS M 53 -51.03 -30.23 -28.17
C LYS M 53 -50.90 -31.60 -28.78
N HIS M 54 -50.76 -31.63 -30.11
CA HIS M 54 -50.74 -32.88 -30.80
C HIS M 54 -49.68 -33.80 -30.21
N ALA M 55 -48.45 -33.30 -30.17
CA ALA M 55 -47.35 -34.02 -29.54
C ALA M 55 -47.76 -34.62 -28.18
N ILE M 56 -48.39 -33.83 -27.33
CA ILE M 56 -48.86 -34.36 -26.05
C ILE M 56 -49.75 -35.57 -26.30
N VAL M 57 -50.81 -35.36 -27.07
CA VAL M 57 -51.78 -36.43 -27.29
C VAL M 57 -51.12 -37.69 -27.80
N GLN M 58 -50.42 -37.56 -28.92
CA GLN M 58 -49.69 -38.68 -29.48
C GLN M 58 -48.87 -39.35 -28.38
N THR M 59 -48.01 -38.59 -27.73
CA THR M 59 -47.23 -39.17 -26.64
C THR M 59 -48.08 -40.06 -25.71
N LEU M 60 -49.25 -39.58 -25.29
CA LEU M 60 -50.13 -40.37 -24.41
C LEU M 60 -50.57 -41.67 -25.08
N VAL M 61 -51.15 -41.50 -26.26
CA VAL M 61 -51.58 -42.64 -27.03
C VAL M 61 -50.49 -43.71 -27.15
N HIS M 62 -49.28 -43.25 -27.47
CA HIS M 62 -48.11 -44.12 -27.47
C HIS M 62 -47.87 -44.83 -26.13
N LEU M 63 -47.98 -44.10 -25.02
CA LEU M 63 -47.89 -44.77 -23.74
C LEU M 63 -48.86 -45.93 -23.66
N LYS M 64 -50.03 -45.82 -24.29
CA LYS M 64 -50.95 -46.97 -24.29
C LYS M 64 -50.74 -48.00 -25.40
N PHE M 65 -50.18 -47.57 -26.52
CA PHE M 65 -50.04 -48.45 -27.67
C PHE M 65 -48.64 -48.37 -28.25
N PRO M 66 -47.66 -48.71 -27.42
CA PRO M 66 -46.26 -48.45 -27.75
C PRO M 66 -45.81 -49.21 -28.98
N THR M 67 -46.67 -50.07 -29.53
CA THR M 67 -46.30 -50.86 -30.70
C THR M 67 -46.94 -50.32 -31.96
N LYS M 68 -48.04 -49.61 -31.81
CA LYS M 68 -48.79 -49.10 -32.97
C LYS M 68 -48.55 -47.59 -33.21
N VAL M 69 -48.15 -46.88 -32.16
CA VAL M 69 -48.01 -45.43 -32.20
C VAL M 69 -46.65 -45.04 -31.61
N GLY M 70 -45.95 -44.13 -32.27
CA GLY M 70 -44.60 -43.78 -31.87
C GLY M 70 -44.49 -42.52 -31.03
N LYS M 71 -43.36 -42.36 -30.32
CA LYS M 71 -43.13 -41.15 -29.53
C LYS M 71 -43.12 -39.95 -30.47
N ALA M 72 -43.22 -38.74 -29.91
CA ALA M 72 -43.03 -37.56 -30.73
C ALA M 72 -41.55 -37.49 -31.09
N CYS M 73 -41.24 -36.82 -32.18
CA CYS M 73 -39.84 -36.76 -32.60
C CYS M 73 -39.15 -35.48 -32.15
N CYS M 74 -37.85 -35.57 -31.91
CA CYS M 74 -37.08 -34.41 -31.52
C CYS M 74 -36.55 -33.77 -32.79
N VAL M 75 -37.07 -32.59 -33.11
CA VAL M 75 -36.74 -31.93 -34.37
C VAL M 75 -36.29 -30.50 -34.16
N PRO M 76 -35.58 -29.94 -35.14
CA PRO M 76 -35.27 -28.51 -35.11
C PRO M 76 -36.57 -27.74 -35.21
N THR M 77 -36.81 -26.83 -34.27
CA THR M 77 -38.03 -26.05 -34.30
C THR M 77 -37.81 -24.60 -34.75
N LYS M 78 -36.57 -24.13 -34.71
CA LYS M 78 -36.21 -22.80 -35.23
C LYS M 78 -34.89 -22.88 -35.99
N LEU M 79 -34.75 -22.17 -37.11
CA LEU M 79 -33.50 -22.27 -37.89
C LEU M 79 -32.75 -20.97 -38.22
N SER M 80 -31.52 -20.87 -37.75
CA SER M 80 -30.62 -19.79 -38.12
C SER M 80 -29.95 -20.04 -39.47
N PRO M 81 -29.61 -18.95 -40.20
CA PRO M 81 -28.85 -18.99 -41.45
C PRO M 81 -27.36 -18.85 -41.16
N ILE M 82 -26.53 -19.18 -42.13
CA ILE M 82 -25.13 -18.94 -41.98
C ILE M 82 -24.69 -18.24 -43.21
N SER M 83 -23.48 -17.69 -43.18
CA SER M 83 -22.94 -17.01 -44.34
C SER M 83 -22.04 -17.94 -45.12
N VAL M 84 -22.11 -17.86 -46.43
CA VAL M 84 -21.18 -18.63 -47.25
C VAL M 84 -20.73 -17.92 -48.52
N LEU M 85 -19.47 -18.15 -48.85
CA LEU M 85 -18.83 -17.58 -50.00
C LEU M 85 -18.71 -18.72 -50.98
N TYR M 86 -19.38 -18.60 -52.12
CA TYR M 86 -19.43 -19.68 -53.09
C TYR M 86 -19.19 -19.26 -54.54
N LYS M 87 -18.86 -20.24 -55.38
CA LYS M 87 -18.54 -19.94 -56.76
C LYS M 87 -19.79 -19.71 -57.59
N ASP M 88 -19.86 -18.55 -58.23
CA ASP M 88 -20.89 -18.19 -59.22
C ASP M 88 -21.14 -19.32 -60.21
N ASP M 89 -22.12 -19.14 -61.08
CA ASP M 89 -22.30 -20.07 -62.18
C ASP M 89 -21.16 -19.89 -63.15
N MET M 90 -20.43 -18.79 -62.98
CA MET M 90 -19.28 -18.52 -63.82
C MET M 90 -18.05 -18.34 -62.97
N GLY M 91 -18.06 -18.97 -61.81
CA GLY M 91 -16.85 -19.12 -61.00
C GLY M 91 -16.41 -17.85 -60.30
N VAL M 92 -17.36 -16.98 -60.02
CA VAL M 92 -17.08 -15.75 -59.33
C VAL M 92 -17.39 -15.89 -57.84
N PRO M 93 -16.40 -15.68 -57.00
CA PRO M 93 -16.70 -15.68 -55.58
C PRO M 93 -17.81 -14.68 -55.30
N THR M 94 -18.97 -15.18 -54.89
CA THR M 94 -20.03 -14.30 -54.42
C THR M 94 -20.58 -14.76 -53.06
N LEU M 95 -21.40 -13.95 -52.42
CA LEU M 95 -21.72 -14.19 -51.02
C LEU M 95 -23.20 -14.28 -50.68
N LYS M 96 -23.69 -15.43 -50.21
CA LYS M 96 -24.96 -15.38 -49.50
C LYS M 96 -24.74 -15.17 -48.03
N TYR M 97 -25.16 -14.03 -47.55
CA TYR M 97 -24.97 -13.63 -46.18
C TYR M 97 -26.03 -14.26 -45.35
N HIS M 98 -27.26 -14.22 -45.84
CA HIS M 98 -28.38 -14.86 -45.15
C HIS M 98 -28.79 -16.15 -45.87
N TYR M 99 -27.98 -17.20 -45.72
CA TYR M 99 -28.26 -18.49 -46.35
C TYR M 99 -29.14 -19.26 -45.43
N GLU M 100 -30.42 -19.30 -45.74
CA GLU M 100 -31.41 -19.66 -44.73
C GLU M 100 -31.47 -21.12 -44.38
N GLY M 101 -31.71 -21.35 -43.09
CA GLY M 101 -32.05 -22.66 -42.55
C GLY M 101 -30.97 -23.71 -42.58
N MET M 102 -29.77 -23.38 -42.16
CA MET M 102 -28.66 -24.32 -42.22
C MET M 102 -28.18 -24.71 -40.85
N SER M 103 -28.62 -23.99 -39.82
CA SER M 103 -28.14 -24.27 -38.48
C SER M 103 -29.29 -24.30 -37.49
N VAL M 104 -29.19 -25.16 -36.49
CA VAL M 104 -30.29 -25.31 -35.58
C VAL M 104 -30.26 -24.21 -34.55
N ALA M 105 -31.41 -23.56 -34.37
CA ALA M 105 -31.58 -22.54 -33.35
C ALA M 105 -32.12 -23.15 -32.07
N GLU M 106 -33.32 -23.71 -32.19
CA GLU M 106 -34.01 -24.29 -31.04
C GLU M 106 -34.52 -25.70 -31.39
N CYS M 107 -34.57 -26.57 -30.39
CA CYS M 107 -35.01 -27.94 -30.60
C CYS M 107 -36.41 -28.11 -30.04
N GLY M 108 -37.05 -29.24 -30.30
CA GLY M 108 -38.37 -29.45 -29.74
C GLY M 108 -39.05 -30.76 -30.06
N CYS M 109 -40.27 -30.94 -29.54
CA CYS M 109 -41.03 -32.18 -29.74
C CYS M 109 -42.31 -31.93 -30.52
N ARG M 110 -42.53 -32.74 -31.56
CA ARG M 110 -43.63 -32.54 -32.48
C ARG M 110 -44.25 -33.86 -32.96
N HIS N 7 -41.12 -44.75 -46.86
CA HIS N 7 -41.01 -43.28 -47.00
C HIS N 7 -42.00 -42.52 -46.10
N CYS N 8 -42.17 -41.22 -46.33
CA CYS N 8 -42.76 -40.30 -45.33
C CYS N 8 -44.10 -39.69 -45.72
N GLN N 9 -45.10 -39.83 -44.85
CA GLN N 9 -46.48 -39.42 -45.18
C GLN N 9 -47.38 -39.22 -43.96
N LYS N 10 -48.58 -38.68 -44.25
CA LYS N 10 -49.66 -38.53 -43.27
C LYS N 10 -50.47 -39.83 -43.16
N THR N 11 -50.79 -40.23 -41.93
CA THR N 11 -51.48 -41.48 -41.66
C THR N 11 -52.69 -41.25 -40.78
N SER N 12 -53.69 -42.11 -40.89
CA SER N 12 -54.83 -41.98 -40.00
C SER N 12 -54.41 -42.30 -38.56
N LEU N 13 -54.88 -41.51 -37.62
CA LEU N 13 -54.75 -41.85 -36.20
C LEU N 13 -56.04 -41.48 -35.44
N ARG N 14 -56.97 -42.42 -35.39
CA ARG N 14 -58.18 -42.19 -34.63
C ARG N 14 -57.84 -42.26 -33.14
N VAL N 15 -57.78 -41.08 -32.51
CA VAL N 15 -57.59 -41.03 -31.07
C VAL N 15 -58.94 -41.09 -30.40
N ASN N 16 -59.05 -41.99 -29.43
CA ASN N 16 -60.26 -42.13 -28.64
C ASN N 16 -59.96 -41.57 -27.25
N PHE N 17 -60.61 -40.46 -26.91
CA PHE N 17 -60.33 -39.81 -25.64
C PHE N 17 -60.39 -40.73 -24.41
N GLU N 18 -61.35 -41.65 -24.39
CA GLU N 18 -61.46 -42.64 -23.33
C GLU N 18 -60.13 -43.36 -23.14
N ASP N 19 -59.46 -43.66 -24.27
CA ASP N 19 -58.20 -44.42 -24.26
C ASP N 19 -57.09 -43.67 -23.49
N ILE N 20 -57.12 -42.33 -23.58
CA ILE N 20 -56.13 -41.55 -22.83
C ILE N 20 -56.73 -40.86 -21.60
N GLY N 21 -57.91 -41.34 -21.19
CA GLY N 21 -58.56 -40.87 -19.98
C GLY N 21 -59.00 -39.41 -20.02
N TRP N 22 -59.29 -38.90 -21.21
CA TRP N 22 -59.84 -37.56 -21.31
C TRP N 22 -61.38 -37.59 -21.36
N ASP N 23 -61.93 -38.80 -21.32
CA ASP N 23 -63.37 -38.96 -21.34
C ASP N 23 -63.98 -38.29 -20.11
N SER N 24 -63.12 -37.93 -19.16
CA SER N 24 -63.57 -37.28 -17.93
C SER N 24 -64.09 -35.86 -18.16
N TRP N 25 -63.64 -35.20 -19.23
CA TRP N 25 -64.01 -33.83 -19.46
C TRP N 25 -64.31 -33.49 -20.92
N ILE N 26 -63.90 -34.36 -21.85
CA ILE N 26 -64.33 -34.18 -23.24
C ILE N 26 -65.66 -34.88 -23.40
N ILE N 27 -66.69 -34.09 -23.67
CA ILE N 27 -68.04 -34.62 -23.85
C ILE N 27 -68.16 -35.10 -25.29
N ALA N 28 -67.63 -34.30 -26.22
CA ALA N 28 -67.63 -34.64 -27.63
C ALA N 28 -66.46 -34.00 -28.37
N PRO N 29 -65.94 -34.70 -29.38
CA PRO N 29 -66.43 -36.01 -29.84
C PRO N 29 -65.96 -37.08 -28.90
N LYS N 30 -66.31 -38.34 -29.14
CA LYS N 30 -65.77 -39.43 -28.33
C LYS N 30 -64.41 -39.90 -28.88
N GLU N 31 -64.26 -39.82 -30.20
CA GLU N 31 -62.95 -39.99 -30.82
C GLU N 31 -62.87 -39.06 -32.02
N TYR N 32 -61.65 -38.79 -32.47
CA TYR N 32 -61.42 -37.81 -33.53
C TYR N 32 -60.15 -38.17 -34.30
N GLU N 33 -60.06 -37.63 -35.51
CA GLU N 33 -58.94 -37.91 -36.38
C GLU N 33 -57.79 -36.97 -36.11
N ALA N 34 -56.82 -37.40 -35.32
CA ALA N 34 -55.55 -36.71 -35.32
C ALA N 34 -54.81 -37.49 -36.35
N TYR N 35 -53.82 -36.90 -36.97
CA TYR N 35 -53.08 -37.77 -37.84
C TYR N 35 -51.81 -38.26 -37.19
N GLU N 36 -51.08 -39.11 -37.90
CA GLU N 36 -49.74 -39.51 -37.49
C GLU N 36 -48.79 -39.11 -38.62
N CYS N 37 -47.54 -38.81 -38.31
CA CYS N 37 -46.57 -38.65 -39.36
C CYS N 37 -45.62 -39.85 -39.35
N LYS N 38 -45.81 -40.75 -40.31
CA LYS N 38 -45.09 -42.02 -40.32
C LYS N 38 -44.19 -42.04 -41.52
N GLY N 39 -43.06 -42.73 -41.40
CA GLY N 39 -42.21 -42.95 -42.56
C GLY N 39 -40.84 -42.34 -42.47
N GLY N 40 -40.01 -42.69 -43.43
CA GLY N 40 -38.62 -42.28 -43.43
C GLY N 40 -38.32 -41.16 -44.39
N CYS N 41 -37.26 -40.42 -44.08
CA CYS N 41 -36.85 -39.34 -44.92
C CYS N 41 -35.66 -39.84 -45.71
N PHE N 42 -35.94 -40.33 -46.92
CA PHE N 42 -34.94 -41.03 -47.71
C PHE N 42 -34.50 -40.19 -48.86
N PHE N 43 -33.18 -40.13 -49.05
CA PHE N 43 -32.61 -39.29 -50.10
C PHE N 43 -32.88 -39.88 -51.50
N PRO N 44 -33.20 -39.01 -52.46
CA PRO N 44 -33.33 -37.57 -52.27
C PRO N 44 -34.68 -37.20 -51.65
N LEU N 45 -34.74 -36.07 -50.97
CA LEU N 45 -35.97 -35.66 -50.28
C LEU N 45 -36.95 -35.00 -51.24
N ALA N 46 -38.09 -35.66 -51.43
CA ALA N 46 -39.17 -35.14 -52.26
C ALA N 46 -39.59 -33.71 -51.87
N ASP N 47 -39.90 -32.89 -52.86
CA ASP N 47 -40.31 -31.51 -52.59
C ASP N 47 -41.47 -31.47 -51.59
N ASP N 48 -42.43 -32.38 -51.75
CA ASP N 48 -43.64 -32.34 -50.93
C ASP N 48 -43.37 -32.66 -49.47
N VAL N 49 -42.10 -32.66 -49.11
CA VAL N 49 -41.72 -32.90 -47.73
C VAL N 49 -41.05 -31.65 -47.15
N THR N 50 -41.02 -30.59 -47.95
CA THR N 50 -40.64 -29.28 -47.44
C THR N 50 -39.28 -29.28 -46.77
N PRO N 51 -38.35 -30.13 -47.27
CA PRO N 51 -37.07 -30.27 -46.56
C PRO N 51 -36.43 -28.93 -46.26
N THR N 52 -35.93 -28.77 -45.03
CA THR N 52 -35.14 -27.61 -44.70
C THR N 52 -33.73 -27.85 -45.19
N LYS N 53 -32.96 -26.77 -45.37
CA LYS N 53 -31.56 -26.92 -45.72
C LYS N 53 -30.95 -27.91 -44.74
N HIS N 54 -31.15 -27.63 -43.45
CA HIS N 54 -30.51 -28.43 -42.41
C HIS N 54 -30.83 -29.89 -42.59
N ALA N 55 -32.11 -30.21 -42.76
CA ALA N 55 -32.54 -31.57 -43.02
C ALA N 55 -31.76 -32.20 -44.17
N ILE N 56 -31.54 -31.45 -45.24
CA ILE N 56 -30.74 -31.94 -46.36
C ILE N 56 -29.33 -32.30 -45.87
N VAL N 57 -28.65 -31.30 -45.32
CA VAL N 57 -27.29 -31.49 -44.83
C VAL N 57 -27.20 -32.71 -43.91
N GLN N 58 -27.99 -32.72 -42.85
CA GLN N 58 -28.00 -33.81 -41.90
C GLN N 58 -28.17 -35.15 -42.63
N THR N 59 -29.23 -35.28 -43.43
CA THR N 59 -29.39 -36.46 -44.26
C THR N 59 -28.11 -36.89 -44.99
N LEU N 60 -27.44 -35.97 -45.69
CA LEU N 60 -26.14 -36.29 -46.32
C LEU N 60 -25.08 -36.85 -45.34
N VAL N 61 -24.73 -36.02 -44.35
CA VAL N 61 -23.86 -36.46 -43.29
C VAL N 61 -24.21 -37.87 -42.82
N HIS N 62 -25.49 -38.14 -42.62
CA HIS N 62 -25.92 -39.47 -42.18
C HIS N 62 -25.56 -40.52 -43.20
N LEU N 63 -25.75 -40.22 -44.47
CA LEU N 63 -25.29 -41.14 -45.52
C LEU N 63 -23.84 -41.54 -45.28
N LYS N 64 -23.03 -40.61 -44.78
CA LYS N 64 -21.62 -40.98 -44.56
C LYS N 64 -21.33 -41.56 -43.19
N PHE N 65 -22.16 -41.25 -42.20
CA PHE N 65 -21.89 -41.69 -40.83
C PHE N 65 -23.15 -42.25 -40.19
N PRO N 66 -23.69 -43.30 -40.83
CA PRO N 66 -25.02 -43.81 -40.49
C PRO N 66 -25.12 -44.30 -39.07
N THR N 67 -23.99 -44.31 -38.36
CA THR N 67 -23.96 -44.81 -36.98
C THR N 67 -23.87 -43.69 -35.95
N LYS N 68 -23.37 -42.53 -36.39
CA LYS N 68 -23.16 -41.41 -35.49
C LYS N 68 -24.21 -40.31 -35.71
N VAL N 69 -24.84 -40.32 -36.88
CA VAL N 69 -25.77 -39.26 -37.28
C VAL N 69 -27.04 -39.89 -37.88
N GLY N 70 -28.20 -39.40 -37.46
CA GLY N 70 -29.45 -40.04 -37.85
C GLY N 70 -30.17 -39.35 -38.99
N LYS N 71 -31.07 -40.06 -39.65
CA LYS N 71 -31.90 -39.47 -40.69
C LYS N 71 -32.70 -38.28 -40.13
N ALA N 72 -33.26 -37.47 -41.02
CA ALA N 72 -34.17 -36.44 -40.54
C ALA N 72 -35.44 -37.16 -40.10
N CYS N 73 -36.21 -36.52 -39.23
CA CYS N 73 -37.44 -37.14 -38.74
C CYS N 73 -38.68 -36.66 -39.50
N CYS N 74 -39.66 -37.55 -39.66
CA CYS N 74 -40.94 -37.19 -40.29
C CYS N 74 -41.91 -36.68 -39.25
N VAL N 75 -42.17 -35.38 -39.29
CA VAL N 75 -42.93 -34.72 -38.24
C VAL N 75 -44.08 -33.92 -38.81
N PRO N 76 -45.07 -33.62 -37.96
CA PRO N 76 -46.15 -32.73 -38.41
C PRO N 76 -45.56 -31.33 -38.61
N THR N 77 -45.80 -30.74 -39.77
CA THR N 77 -45.22 -29.45 -40.08
C THR N 77 -46.27 -28.31 -40.05
N LYS N 78 -47.55 -28.67 -40.17
CA LYS N 78 -48.67 -27.73 -39.98
C LYS N 78 -49.80 -28.37 -39.15
N LEU N 79 -50.44 -27.60 -38.29
CA LEU N 79 -51.47 -28.18 -37.43
C LEU N 79 -52.85 -27.50 -37.44
N SER N 80 -53.85 -28.27 -37.84
CA SER N 80 -55.25 -27.85 -37.70
C SER N 80 -55.79 -28.07 -36.28
N PRO N 81 -56.74 -27.21 -35.89
CA PRO N 81 -57.50 -27.33 -34.65
C PRO N 81 -58.78 -28.13 -34.87
N ILE N 82 -59.36 -28.61 -33.78
CA ILE N 82 -60.63 -29.29 -33.86
C ILE N 82 -61.54 -28.66 -32.85
N SER N 83 -62.81 -29.02 -32.91
CA SER N 83 -63.78 -28.46 -32.01
C SER N 83 -64.12 -29.50 -30.97
N VAL N 84 -64.25 -29.07 -29.72
CA VAL N 84 -64.67 -29.99 -28.66
C VAL N 84 -65.58 -29.33 -27.64
N LEU N 85 -66.54 -30.12 -27.20
CA LEU N 85 -67.49 -29.73 -26.18
C LEU N 85 -67.06 -30.40 -24.89
N TYR N 86 -66.73 -29.61 -23.87
CA TYR N 86 -66.13 -30.14 -22.65
C TYR N 86 -66.72 -29.56 -21.37
N LYS N 87 -66.52 -30.28 -20.27
CA LYS N 87 -67.09 -29.87 -18.98
C LYS N 87 -66.29 -28.75 -18.34
N ASP N 88 -66.99 -27.65 -18.01
CA ASP N 88 -66.44 -26.49 -17.30
C ASP N 88 -65.70 -26.94 -16.05
N ASP N 89 -65.07 -25.98 -15.36
CA ASP N 89 -64.52 -26.25 -14.05
C ASP N 89 -65.68 -26.49 -13.09
N MET N 90 -66.87 -26.10 -13.52
CA MET N 90 -68.07 -26.37 -12.71
C MET N 90 -69.09 -27.23 -13.46
N GLY N 91 -68.57 -28.06 -14.37
CA GLY N 91 -69.37 -29.04 -15.08
C GLY N 91 -70.42 -28.46 -16.02
N VAL N 92 -70.07 -27.36 -16.67
CA VAL N 92 -70.97 -26.75 -17.64
C VAL N 92 -70.46 -27.06 -19.03
N PRO N 93 -71.30 -27.73 -19.85
CA PRO N 93 -70.87 -27.97 -21.24
C PRO N 93 -70.52 -26.65 -21.93
N THR N 94 -69.25 -26.47 -22.26
CA THR N 94 -68.83 -25.29 -23.01
C THR N 94 -68.00 -25.72 -24.22
N LEU N 95 -67.72 -24.77 -25.11
CA LEU N 95 -67.18 -25.17 -26.39
C LEU N 95 -65.88 -24.48 -26.82
N LYS N 96 -64.77 -25.22 -26.94
CA LYS N 96 -63.66 -24.62 -27.69
C LYS N 96 -63.85 -25.03 -29.16
N TYR N 97 -64.17 -24.03 -29.96
CA TYR N 97 -64.35 -24.22 -31.39
C TYR N 97 -62.98 -24.30 -32.09
N HIS N 98 -62.07 -23.40 -31.72
CA HIS N 98 -60.70 -23.43 -32.24
C HIS N 98 -59.71 -24.00 -31.21
N TYR N 99 -59.78 -25.32 -30.97
CA TYR N 99 -58.86 -25.98 -30.05
C TYR N 99 -57.56 -26.31 -30.78
N GLU N 100 -56.55 -25.48 -30.57
CA GLU N 100 -55.45 -25.50 -31.50
C GLU N 100 -54.52 -26.70 -31.45
N GLY N 101 -54.06 -27.11 -32.62
CA GLY N 101 -52.95 -28.04 -32.76
C GLY N 101 -53.24 -29.47 -32.35
N MET N 102 -54.36 -30.00 -32.81
CA MET N 102 -54.76 -31.33 -32.38
C MET N 102 -54.76 -32.30 -33.53
N SER N 103 -54.65 -31.78 -34.73
CA SER N 103 -54.75 -32.65 -35.88
C SER N 103 -53.70 -32.27 -36.90
N VAL N 104 -53.15 -33.27 -37.58
CA VAL N 104 -52.07 -32.98 -38.52
C VAL N 104 -52.59 -32.42 -39.83
N ALA N 105 -51.97 -31.33 -40.26
CA ALA N 105 -52.34 -30.71 -41.51
C ALA N 105 -51.42 -31.24 -42.60
N GLU N 106 -50.13 -30.93 -42.45
CA GLU N 106 -49.12 -31.30 -43.42
C GLU N 106 -47.96 -31.99 -42.74
N CYS N 107 -47.31 -32.94 -43.43
CA CYS N 107 -46.17 -33.66 -42.86
C CYS N 107 -44.87 -33.10 -43.44
N GLY N 108 -43.74 -33.50 -42.90
CA GLY N 108 -42.46 -33.05 -43.44
C GLY N 108 -41.18 -33.59 -42.80
N CYS N 109 -40.04 -33.18 -43.36
CA CYS N 109 -38.76 -33.70 -42.89
C CYS N 109 -37.95 -32.59 -42.29
N ARG N 110 -37.45 -32.81 -41.07
CA ARG N 110 -36.74 -31.76 -40.34
C ARG N 110 -35.54 -32.26 -39.55
N PRO O 11 -41.65 -22.01 -66.75
CA PRO O 11 -40.91 -22.58 -67.89
C PRO O 11 -40.61 -24.05 -67.69
N LEU O 12 -41.62 -24.82 -67.30
CA LEU O 12 -41.45 -26.23 -66.89
C LEU O 12 -40.99 -27.17 -68.01
N VAL O 13 -40.58 -28.37 -67.60
CA VAL O 13 -40.09 -29.40 -68.51
C VAL O 13 -40.54 -30.79 -68.03
N THR O 14 -40.42 -31.78 -68.90
CA THR O 14 -40.89 -33.13 -68.61
C THR O 14 -39.74 -34.12 -68.42
N CYS O 15 -39.76 -34.85 -67.31
CA CYS O 15 -38.70 -35.79 -66.97
C CYS O 15 -39.21 -37.21 -66.77
N THR O 16 -38.33 -38.19 -67.01
CA THR O 16 -38.62 -39.58 -66.70
C THR O 16 -38.66 -39.74 -65.19
N CYS O 17 -39.52 -40.62 -64.71
CA CYS O 17 -39.72 -40.78 -63.28
C CYS O 17 -39.65 -42.24 -62.86
N GLU O 18 -38.45 -42.68 -62.49
CA GLU O 18 -38.25 -44.01 -61.92
C GLU O 18 -37.84 -43.90 -60.44
N SER O 19 -38.83 -43.96 -59.55
CA SER O 19 -38.62 -43.75 -58.12
C SER O 19 -39.85 -44.14 -57.33
N PRO O 20 -39.69 -44.33 -56.02
CA PRO O 20 -40.82 -44.65 -55.13
C PRO O 20 -41.86 -43.53 -55.06
N HIS O 21 -41.42 -42.29 -54.91
CA HIS O 21 -42.35 -41.16 -54.83
C HIS O 21 -42.94 -40.79 -56.20
N CYS O 22 -43.18 -41.79 -57.04
CA CYS O 22 -43.66 -41.56 -58.40
C CYS O 22 -45.15 -41.82 -58.59
N LYS O 23 -45.88 -40.75 -58.90
CA LYS O 23 -47.28 -40.84 -59.27
C LYS O 23 -47.41 -40.90 -60.79
N GLY O 24 -46.86 -41.94 -61.40
CA GLY O 24 -46.88 -42.08 -62.85
C GLY O 24 -45.57 -42.62 -63.40
N PRO O 25 -45.43 -42.62 -64.74
CA PRO O 25 -44.21 -43.07 -65.42
C PRO O 25 -43.30 -41.90 -65.74
N THR O 26 -43.88 -40.70 -65.76
CA THR O 26 -43.12 -39.48 -66.00
C THR O 26 -43.73 -38.35 -65.19
N CYS O 27 -42.98 -37.26 -65.04
CA CYS O 27 -43.47 -36.14 -64.26
C CYS O 27 -42.98 -34.81 -64.85
N ARG O 28 -43.52 -33.70 -64.34
CA ARG O 28 -43.13 -32.38 -64.83
C ARG O 28 -42.50 -31.57 -63.70
N GLY O 29 -41.52 -30.73 -64.03
CA GLY O 29 -40.81 -29.96 -63.02
C GLY O 29 -39.90 -28.88 -63.60
N ALA O 30 -39.06 -28.29 -62.75
CA ALA O 30 -38.17 -27.22 -63.19
C ALA O 30 -36.98 -27.75 -63.95
N TRP O 31 -36.48 -28.91 -63.51
CA TRP O 31 -35.35 -29.56 -64.14
C TRP O 31 -35.43 -31.04 -63.84
N CYS O 32 -34.68 -31.84 -64.59
CA CYS O 32 -34.66 -33.28 -64.40
C CYS O 32 -33.44 -33.74 -63.61
N THR O 33 -33.63 -34.80 -62.83
CA THR O 33 -32.60 -35.34 -61.97
C THR O 33 -32.35 -36.83 -62.22
N VAL O 34 -31.09 -37.21 -62.06
CA VAL O 34 -30.66 -38.59 -61.89
C VAL O 34 -29.74 -38.61 -60.67
N VAL O 35 -30.10 -39.39 -59.67
CA VAL O 35 -29.35 -39.36 -58.43
C VAL O 35 -29.05 -40.77 -57.89
N LEU O 36 -27.79 -40.95 -57.51
CA LEU O 36 -27.27 -42.23 -57.06
C LEU O 36 -26.93 -42.19 -55.58
N VAL O 37 -27.48 -43.13 -54.82
CA VAL O 37 -27.29 -43.11 -53.36
C VAL O 37 -26.85 -44.46 -52.76
N ARG O 38 -25.74 -44.41 -52.02
CA ARG O 38 -25.26 -45.54 -51.23
C ARG O 38 -24.94 -45.10 -49.79
N GLU O 39 -25.73 -45.57 -48.82
CA GLU O 39 -25.38 -45.39 -47.42
C GLU O 39 -24.14 -46.26 -47.17
N GLU O 40 -23.54 -46.12 -45.99
CA GLU O 40 -22.47 -47.04 -45.57
C GLU O 40 -22.96 -48.49 -45.44
N GLY O 41 -24.26 -48.69 -45.68
CA GLY O 41 -24.86 -50.01 -45.64
C GLY O 41 -25.17 -50.54 -47.02
N ARG O 42 -26.44 -50.58 -47.36
CA ARG O 42 -26.92 -51.27 -48.58
C ARG O 42 -26.14 -51.02 -49.87
N HIS O 43 -26.61 -51.65 -50.96
CA HIS O 43 -26.05 -51.38 -52.28
C HIS O 43 -26.70 -50.12 -52.84
N PRO O 44 -25.94 -49.38 -53.63
CA PRO O 44 -26.41 -48.13 -54.23
C PRO O 44 -27.67 -48.32 -55.09
N GLN O 45 -28.60 -47.37 -54.96
CA GLN O 45 -29.79 -47.33 -55.81
C GLN O 45 -29.87 -46.01 -56.59
N GLU O 46 -30.51 -46.03 -57.75
CA GLU O 46 -30.47 -44.90 -58.67
C GLU O 46 -31.86 -44.42 -59.03
N HIS O 47 -32.24 -43.24 -58.54
CA HIS O 47 -33.55 -42.68 -58.85
C HIS O 47 -33.47 -41.69 -60.01
N ARG O 48 -34.58 -41.55 -60.73
CA ARG O 48 -34.69 -40.54 -61.78
C ARG O 48 -36.00 -39.77 -61.61
N GLY O 49 -35.96 -38.45 -61.74
CA GLY O 49 -37.16 -37.66 -61.55
C GLY O 49 -37.11 -36.16 -61.80
N CYS O 50 -37.95 -35.42 -61.08
CA CYS O 50 -38.03 -33.97 -61.22
C CYS O 50 -37.21 -33.29 -60.15
N GLY O 51 -37.41 -31.99 -60.02
CA GLY O 51 -36.71 -31.22 -59.00
C GLY O 51 -36.91 -29.74 -59.26
N ASN O 52 -37.32 -29.01 -58.23
CA ASN O 52 -37.56 -27.59 -58.38
C ASN O 52 -37.14 -26.83 -57.15
N LEU O 53 -36.50 -27.51 -56.20
CA LEU O 53 -36.26 -26.88 -54.91
C LEU O 53 -34.86 -26.34 -54.64
N HIS O 54 -33.85 -27.18 -54.84
CA HIS O 54 -32.53 -26.77 -54.39
C HIS O 54 -31.47 -26.92 -55.47
N ARG O 55 -31.51 -26.01 -56.45
CA ARG O 55 -30.62 -26.10 -57.61
C ARG O 55 -29.22 -26.46 -57.17
N GLU O 56 -28.75 -25.77 -56.12
CA GLU O 56 -27.39 -25.98 -55.62
C GLU O 56 -26.94 -27.45 -55.57
N LEU O 57 -27.82 -28.32 -55.11
CA LEU O 57 -27.47 -29.74 -55.01
C LEU O 57 -26.73 -30.28 -56.25
N CYS O 58 -27.14 -29.81 -57.42
CA CYS O 58 -26.60 -30.23 -58.71
C CYS O 58 -25.10 -30.02 -58.84
N ARG O 59 -24.65 -28.85 -58.36
CA ARG O 59 -23.24 -28.51 -58.32
C ARG O 59 -22.43 -29.50 -57.49
N GLY O 60 -23.12 -30.26 -56.65
CA GLY O 60 -22.44 -31.27 -55.86
C GLY O 60 -21.49 -32.09 -56.71
N ARG O 61 -20.20 -32.04 -56.35
CA ARG O 61 -19.21 -33.00 -56.82
C ARG O 61 -19.59 -34.37 -56.22
N PRO O 62 -19.44 -35.44 -57.02
CA PRO O 62 -19.88 -36.77 -56.56
C PRO O 62 -18.99 -37.29 -55.43
N THR O 63 -19.60 -37.79 -54.37
CA THR O 63 -18.86 -38.34 -53.23
C THR O 63 -18.88 -39.84 -53.27
N GLU O 64 -18.43 -40.46 -52.20
CA GLU O 64 -18.36 -41.92 -52.10
C GLU O 64 -19.73 -42.55 -51.79
N PHE O 65 -20.78 -41.72 -51.72
CA PHE O 65 -22.07 -42.22 -51.28
C PHE O 65 -23.24 -41.52 -51.97
N VAL O 66 -22.95 -40.54 -52.83
CA VAL O 66 -24.02 -39.84 -53.54
C VAL O 66 -23.58 -39.11 -54.81
N ASN O 67 -24.45 -39.15 -55.81
CA ASN O 67 -24.20 -38.44 -57.06
C ASN O 67 -25.46 -37.75 -57.56
N HIS O 68 -25.45 -36.43 -57.47
CA HIS O 68 -26.56 -35.64 -57.94
C HIS O 68 -26.22 -35.12 -59.33
N TYR O 69 -27.08 -35.45 -60.30
CA TYR O 69 -26.91 -34.96 -61.65
C TYR O 69 -28.20 -34.35 -62.20
N CYS O 70 -28.10 -33.17 -62.80
CA CYS O 70 -29.29 -32.48 -63.31
C CYS O 70 -29.13 -31.96 -64.74
N CYS O 71 -30.28 -31.79 -65.41
CA CYS O 71 -30.28 -31.22 -66.76
C CYS O 71 -31.67 -30.66 -67.07
N ASP O 72 -31.78 -29.82 -68.10
CA ASP O 72 -33.05 -29.15 -68.37
C ASP O 72 -33.53 -29.16 -69.83
N SER O 73 -33.30 -30.27 -70.53
CA SER O 73 -33.92 -30.48 -71.83
C SER O 73 -34.99 -31.56 -71.66
N HIS O 74 -36.00 -31.54 -72.52
CA HIS O 74 -37.09 -32.50 -72.44
C HIS O 74 -36.60 -33.95 -72.30
N LEU O 75 -37.28 -34.73 -71.45
CA LEU O 75 -37.00 -36.16 -71.22
C LEU O 75 -35.50 -36.56 -71.13
N CYS O 76 -34.65 -35.62 -70.73
CA CYS O 76 -33.20 -35.78 -70.81
C CYS O 76 -32.57 -36.79 -69.83
N ASN O 77 -33.38 -37.44 -69.02
CA ASN O 77 -32.82 -38.34 -68.01
C ASN O 77 -33.19 -39.82 -68.18
N HIS O 78 -33.28 -40.27 -69.42
CA HIS O 78 -33.51 -41.68 -69.68
C HIS O 78 -32.19 -42.41 -69.93
N ASN O 79 -31.64 -42.29 -71.15
CA ASN O 79 -30.36 -42.88 -71.48
C ASN O 79 -29.20 -42.27 -70.67
N VAL O 80 -29.10 -42.60 -69.38
CA VAL O 80 -28.06 -41.99 -68.52
C VAL O 80 -27.90 -42.60 -67.10
N SER O 81 -26.73 -43.18 -66.83
CA SER O 81 -26.45 -43.77 -65.50
C SER O 81 -25.17 -43.18 -64.85
N LEU O 82 -24.95 -43.42 -63.55
CA LEU O 82 -23.84 -42.77 -62.82
C LEU O 82 -22.95 -43.71 -61.98
N VAL O 83 -21.93 -43.12 -61.33
CA VAL O 83 -21.00 -43.85 -60.47
C VAL O 83 -20.57 -43.08 -59.20
N LEU O 84 -19.57 -43.60 -58.48
CA LEU O 84 -19.21 -43.06 -57.15
C LEU O 84 -17.71 -42.91 -56.83
N GLU O 85 -17.08 -43.99 -56.32
CA GLU O 85 -15.63 -43.98 -56.06
C GLU O 85 -15.09 -45.23 -55.38
N PRO P 11 -49.11 -14.57 -11.09
CA PRO P 11 -49.53 -15.09 -9.78
C PRO P 11 -48.85 -16.42 -9.45
N LEU P 12 -47.52 -16.48 -9.61
CA LEU P 12 -46.78 -17.74 -9.54
C LEU P 12 -46.77 -18.39 -8.15
N VAL P 13 -46.31 -19.64 -8.11
CA VAL P 13 -46.24 -20.42 -6.88
C VAL P 13 -44.96 -21.28 -6.88
N THR P 14 -44.62 -21.83 -5.72
CA THR P 14 -43.38 -22.61 -5.57
C THR P 14 -43.67 -24.09 -5.33
N CYS P 15 -43.04 -24.95 -6.13
CA CYS P 15 -43.28 -26.39 -6.06
C CYS P 15 -41.99 -27.17 -5.80
N THR P 16 -42.15 -28.36 -5.21
CA THR P 16 -41.05 -29.30 -5.04
C THR P 16 -40.67 -29.86 -6.41
N CYS P 17 -39.38 -30.09 -6.61
CA CYS P 17 -38.90 -30.50 -7.92
C CYS P 17 -38.02 -31.76 -7.84
N GLU P 18 -38.65 -32.92 -7.96
CA GLU P 18 -37.93 -34.19 -8.03
C GLU P 18 -38.08 -34.80 -9.43
N SER P 19 -37.11 -34.51 -10.30
CA SER P 19 -37.18 -34.92 -11.70
C SER P 19 -35.85 -34.68 -12.40
N PRO P 20 -35.66 -35.30 -13.57
CA PRO P 20 -34.43 -35.13 -14.35
C PRO P 20 -34.25 -33.69 -14.85
N HIS P 21 -35.31 -33.09 -15.36
CA HIS P 21 -35.23 -31.72 -15.88
C HIS P 21 -35.21 -30.69 -14.76
N CYS P 22 -34.58 -31.03 -13.65
CA CYS P 22 -34.57 -30.15 -12.48
C CYS P 22 -33.27 -29.35 -12.30
N LYS P 23 -33.38 -28.04 -12.40
CA LYS P 23 -32.26 -27.15 -12.13
C LYS P 23 -32.36 -26.64 -10.68
N GLY P 24 -32.26 -27.56 -9.73
CA GLY P 24 -32.39 -27.22 -8.33
C GLY P 24 -33.20 -28.24 -7.55
N PRO P 25 -33.55 -27.92 -6.29
CA PRO P 25 -34.36 -28.80 -5.43
C PRO P 25 -35.82 -28.40 -5.48
N THR P 26 -36.08 -27.16 -5.89
CA THR P 26 -37.45 -26.66 -6.01
C THR P 26 -37.50 -25.71 -7.19
N CYS P 27 -38.71 -25.40 -7.64
CA CYS P 27 -38.88 -24.53 -8.80
C CYS P 27 -40.14 -23.69 -8.67
N ARG P 28 -40.29 -22.70 -9.54
CA ARG P 28 -41.47 -21.83 -9.51
C ARG P 28 -42.28 -21.97 -10.81
N GLY P 29 -43.60 -21.87 -10.72
CA GLY P 29 -44.45 -22.01 -11.88
C GLY P 29 -45.90 -21.61 -11.65
N ALA P 30 -46.79 -21.97 -12.58
CA ALA P 30 -48.21 -21.60 -12.47
C ALA P 30 -48.94 -22.48 -11.48
N TRP P 31 -48.60 -23.77 -11.51
CA TRP P 31 -49.19 -24.73 -10.61
C TRP P 31 -48.21 -25.86 -10.41
N CYS P 32 -48.45 -26.70 -9.41
CA CYS P 32 -47.56 -27.81 -9.10
C CYS P 32 -48.12 -29.13 -9.61
N THR P 33 -47.21 -30.02 -9.98
CA THR P 33 -47.56 -31.31 -10.54
C THR P 33 -46.90 -32.48 -9.82
N VAL P 34 -47.64 -33.58 -9.77
CA VAL P 34 -47.13 -34.89 -9.41
C VAL P 34 -47.65 -35.83 -10.47
N VAL P 35 -46.74 -36.48 -11.18
CA VAL P 35 -47.12 -37.30 -12.32
C VAL P 35 -46.46 -38.67 -12.34
N LEU P 36 -47.29 -39.69 -12.53
CA LEU P 36 -46.84 -41.07 -12.49
C LEU P 36 -46.88 -41.67 -13.89
N VAL P 37 -45.75 -42.23 -14.34
CA VAL P 37 -45.69 -42.81 -15.67
C VAL P 37 -45.13 -44.22 -15.72
N ARG P 38 -45.89 -45.12 -16.33
CA ARG P 38 -45.36 -46.41 -16.71
C ARG P 38 -44.92 -46.17 -18.15
N GLU P 39 -43.63 -46.29 -18.43
CA GLU P 39 -43.26 -46.29 -19.83
C GLU P 39 -43.27 -47.74 -20.33
N GLU P 40 -43.17 -47.87 -21.64
CA GLU P 40 -43.32 -49.13 -22.37
C GLU P 40 -42.43 -50.28 -21.89
N GLY P 41 -42.86 -51.01 -20.87
CA GLY P 41 -42.12 -52.18 -20.40
C GLY P 41 -41.26 -52.01 -19.15
N ARG P 42 -41.12 -50.79 -18.64
CA ARG P 42 -40.33 -50.50 -17.44
C ARG P 42 -41.23 -50.08 -16.28
N HIS P 43 -40.77 -50.24 -15.03
CA HIS P 43 -41.61 -49.95 -13.86
C HIS P 43 -41.93 -48.48 -13.79
N PRO P 44 -43.10 -48.16 -13.25
CA PRO P 44 -43.56 -46.78 -13.14
C PRO P 44 -42.64 -45.88 -12.33
N GLN P 45 -42.44 -44.65 -12.80
CA GLN P 45 -41.67 -43.66 -12.07
C GLN P 45 -42.53 -42.45 -11.79
N GLU P 46 -42.17 -41.69 -10.76
CA GLU P 46 -43.01 -40.60 -10.27
C GLU P 46 -42.25 -39.27 -10.17
N HIS P 47 -42.57 -38.33 -11.05
CA HIS P 47 -41.91 -37.04 -11.03
C HIS P 47 -42.77 -36.02 -10.28
N ARG P 48 -42.11 -35.00 -9.72
CA ARG P 48 -42.79 -33.87 -9.09
C ARG P 48 -42.18 -32.57 -9.61
N GLY P 49 -43.02 -31.59 -9.94
CA GLY P 49 -42.48 -30.34 -10.42
C GLY P 49 -43.47 -29.22 -10.70
N CYS P 50 -43.14 -28.41 -11.71
CA CYS P 50 -43.93 -27.24 -12.07
C CYS P 50 -44.81 -27.55 -13.25
N GLY P 51 -45.42 -26.52 -13.82
CA GLY P 51 -46.26 -26.68 -14.98
C GLY P 51 -47.02 -25.39 -15.24
N ASN P 52 -46.95 -24.91 -16.48
CA ASN P 52 -47.64 -23.67 -16.84
C ASN P 52 -48.26 -23.74 -18.21
N LEU P 53 -48.21 -24.91 -18.84
CA LEU P 53 -48.56 -24.98 -20.24
C LEU P 53 -49.93 -25.52 -20.57
N HIS P 54 -50.25 -26.70 -20.06
CA HIS P 54 -51.46 -27.38 -20.53
C HIS P 54 -52.40 -27.81 -19.43
N ARG P 55 -53.04 -26.84 -18.79
CA ARG P 55 -53.86 -27.12 -17.60
C ARG P 55 -54.70 -28.39 -17.80
N GLU P 56 -55.27 -28.53 -18.99
CA GLU P 56 -56.19 -29.63 -19.31
C GLU P 56 -55.65 -30.97 -18.84
N LEU P 57 -54.37 -31.21 -19.06
CA LEU P 57 -53.78 -32.48 -18.66
C LEU P 57 -54.23 -32.96 -17.27
N CYS P 58 -54.37 -32.01 -16.34
CA CYS P 58 -54.76 -32.27 -14.94
C CYS P 58 -56.11 -32.97 -14.78
N ARG P 59 -57.07 -32.55 -15.60
CA ARG P 59 -58.39 -33.18 -15.66
C ARG P 59 -58.28 -34.65 -16.06
N GLY P 60 -57.17 -35.02 -16.66
CA GLY P 60 -56.99 -36.41 -17.02
C GLY P 60 -57.39 -37.35 -15.89
N ARG P 61 -58.37 -38.21 -16.16
CA ARG P 61 -58.65 -39.38 -15.34
C ARG P 61 -57.47 -40.35 -15.46
N PRO P 62 -57.07 -40.97 -14.33
CA PRO P 62 -55.88 -41.83 -14.35
C PRO P 62 -56.09 -43.07 -15.20
N THR P 63 -55.12 -43.37 -16.07
CA THR P 63 -55.18 -44.56 -16.91
C THR P 63 -54.21 -45.61 -16.40
N GLU P 64 -54.04 -46.67 -17.19
CA GLU P 64 -53.23 -47.80 -16.78
C GLU P 64 -51.73 -47.53 -16.92
N PHE P 65 -51.40 -46.31 -17.32
CA PHE P 65 -50.01 -45.98 -17.64
C PHE P 65 -49.62 -44.54 -17.30
N VAL P 66 -50.57 -43.75 -16.79
CA VAL P 66 -50.25 -42.39 -16.42
C VAL P 66 -51.25 -41.74 -15.48
N ASN P 67 -50.72 -40.93 -14.56
CA ASN P 67 -51.57 -40.21 -13.63
C ASN P 67 -51.06 -38.79 -13.45
N HIS P 68 -51.82 -37.85 -13.98
CA HIS P 68 -51.48 -36.44 -13.87
C HIS P 68 -52.27 -35.84 -12.71
N TYR P 69 -51.55 -35.27 -11.73
CA TYR P 69 -52.20 -34.60 -10.61
C TYR P 69 -51.63 -33.22 -10.36
N CYS P 70 -52.51 -32.23 -10.21
CA CYS P 70 -52.05 -30.86 -10.03
C CYS P 70 -52.72 -30.14 -8.87
N CYS P 71 -52.05 -29.12 -8.34
CA CYS P 71 -52.61 -28.28 -7.28
C CYS P 71 -51.90 -26.93 -7.27
N ASP P 72 -52.47 -25.93 -6.62
CA ASP P 72 -51.89 -24.58 -6.67
C ASP P 72 -51.71 -23.85 -5.34
N SER P 73 -51.36 -24.59 -4.29
CA SER P 73 -50.96 -23.97 -3.02
C SER P 73 -49.45 -24.16 -2.88
N HIS P 74 -48.81 -23.25 -2.17
CA HIS P 74 -47.36 -23.32 -1.95
C HIS P 74 -46.89 -24.75 -1.59
N LEU P 75 -45.75 -25.15 -2.15
CA LEU P 75 -45.09 -26.43 -1.85
C LEU P 75 -46.01 -27.67 -1.73
N CYS P 76 -47.18 -27.60 -2.34
CA CYS P 76 -48.23 -28.59 -2.13
C CYS P 76 -47.97 -29.98 -2.73
N ASN P 77 -46.78 -30.23 -3.26
CA ASN P 77 -46.56 -31.53 -3.86
C ASN P 77 -45.44 -32.35 -3.23
N HIS P 78 -45.27 -32.22 -1.92
CA HIS P 78 -44.30 -33.05 -1.21
C HIS P 78 -44.96 -34.33 -0.67
N ASN P 79 -45.63 -34.20 0.47
CA ASN P 79 -46.34 -35.33 1.07
C ASN P 79 -47.47 -35.83 0.16
N VAL P 80 -47.15 -36.53 -0.93
CA VAL P 80 -48.20 -36.97 -1.86
C VAL P 80 -47.73 -37.94 -2.96
N SER P 81 -48.29 -39.15 -2.98
CA SER P 81 -47.96 -40.17 -3.98
C SER P 81 -49.18 -40.84 -4.61
N LEU P 82 -48.94 -41.84 -5.47
CA LEU P 82 -49.99 -42.54 -6.22
C LEU P 82 -49.70 -44.05 -6.53
N ARG Q 11 -22.26 -2.69 -34.71
CA ARG Q 11 -21.25 -3.54 -35.35
C ARG Q 11 -21.06 -3.39 -36.89
N GLU Q 12 -19.86 -2.95 -37.32
CA GLU Q 12 -19.58 -2.53 -38.70
C GLU Q 12 -18.41 -3.25 -39.39
N CYS Q 13 -18.46 -3.32 -40.72
CA CYS Q 13 -17.41 -3.92 -41.51
C CYS Q 13 -17.03 -3.11 -42.76
N ILE Q 14 -15.90 -3.44 -43.34
CA ILE Q 14 -15.53 -2.87 -44.61
C ILE Q 14 -16.26 -3.62 -45.71
N TYR Q 15 -17.00 -2.87 -46.54
CA TYR Q 15 -17.63 -3.45 -47.72
C TYR Q 15 -16.81 -3.25 -48.97
N TYR Q 16 -16.67 -4.32 -49.75
CA TYR Q 16 -16.09 -4.23 -51.07
C TYR Q 16 -16.55 -5.39 -51.92
N ASN Q 17 -16.80 -5.09 -53.20
CA ASN Q 17 -17.24 -6.09 -54.14
C ASN Q 17 -16.72 -5.81 -55.53
N ALA Q 18 -15.63 -6.45 -55.92
CA ALA Q 18 -15.04 -6.25 -57.24
C ALA Q 18 -16.08 -6.50 -58.29
N ASN Q 19 -16.85 -7.56 -58.13
CA ASN Q 19 -17.83 -7.91 -59.14
C ASN Q 19 -19.07 -7.02 -59.15
N TRP Q 20 -18.96 -5.81 -58.60
CA TRP Q 20 -20.14 -4.98 -58.35
C TRP Q 20 -20.94 -4.69 -59.58
N GLU Q 21 -20.31 -4.14 -60.60
CA GLU Q 21 -21.03 -3.81 -61.83
C GLU Q 21 -21.91 -4.95 -62.28
N LEU Q 22 -21.38 -6.16 -62.24
CA LEU Q 22 -22.08 -7.32 -62.73
C LEU Q 22 -23.26 -7.68 -61.83
N GLU Q 23 -23.03 -7.67 -60.52
CA GLU Q 23 -24.05 -8.10 -59.55
C GLU Q 23 -24.97 -6.95 -59.16
N ARG Q 24 -24.74 -5.79 -59.73
CA ARG Q 24 -25.52 -4.59 -59.41
C ARG Q 24 -25.51 -4.27 -57.92
N THR Q 25 -24.33 -3.98 -57.37
CA THR Q 25 -24.20 -3.59 -55.98
C THR Q 25 -23.16 -2.50 -55.88
N ASN Q 26 -23.11 -1.81 -54.75
CA ASN Q 26 -22.04 -0.85 -54.52
C ASN Q 26 -20.67 -1.47 -54.66
N GLN Q 27 -19.66 -0.64 -54.83
CA GLN Q 27 -18.31 -1.13 -55.05
C GLN Q 27 -17.47 -1.18 -53.80
N SER Q 28 -17.34 -0.05 -53.13
CA SER Q 28 -16.63 -0.02 -51.87
C SER Q 28 -17.30 0.88 -50.84
N GLY Q 29 -17.02 0.64 -49.58
CA GLY Q 29 -17.59 1.45 -48.51
C GLY Q 29 -17.60 0.67 -47.22
N LEU Q 30 -18.70 0.77 -46.47
CA LEU Q 30 -18.84 0.00 -45.26
C LEU Q 30 -20.24 -0.59 -45.12
N GLU Q 31 -20.44 -1.46 -44.13
CA GLU Q 31 -21.71 -2.18 -43.97
C GLU Q 31 -22.01 -2.32 -42.48
N ARG Q 32 -23.22 -1.97 -42.07
CA ARG Q 32 -23.64 -2.24 -40.71
C ARG Q 32 -24.33 -3.62 -40.68
N CYS Q 33 -23.93 -4.48 -39.75
CA CYS Q 33 -24.26 -5.90 -39.82
C CYS Q 33 -25.58 -6.29 -39.18
N GLU Q 34 -26.57 -6.64 -39.99
CA GLU Q 34 -27.84 -7.12 -39.49
C GLU Q 34 -27.62 -8.50 -38.90
N GLY Q 35 -28.05 -8.70 -37.67
CA GLY Q 35 -27.77 -9.95 -36.98
C GLY Q 35 -28.72 -10.35 -35.89
N GLU Q 36 -28.72 -11.65 -35.57
CA GLU Q 36 -29.61 -12.25 -34.59
C GLU Q 36 -29.31 -11.82 -33.15
N GLN Q 37 -30.36 -11.74 -32.33
CA GLN Q 37 -30.28 -11.19 -30.98
C GLN Q 37 -28.98 -11.55 -30.25
N ASP Q 38 -28.84 -12.80 -29.84
CA ASP Q 38 -27.71 -13.23 -29.05
C ASP Q 38 -26.75 -14.12 -29.84
N LYS Q 39 -26.52 -13.77 -31.11
CA LYS Q 39 -25.50 -14.43 -31.91
C LYS Q 39 -24.39 -13.42 -32.23
N ARG Q 40 -23.18 -13.91 -32.48
CA ARG Q 40 -22.06 -13.02 -32.72
C ARG Q 40 -22.06 -12.53 -34.16
N LEU Q 41 -21.23 -11.52 -34.44
CA LEU Q 41 -21.06 -10.99 -35.80
C LEU Q 41 -19.58 -10.90 -36.22
N HIS Q 42 -19.32 -10.94 -37.52
CA HIS Q 42 -17.95 -11.01 -38.04
C HIS Q 42 -17.75 -10.22 -39.33
N CYS Q 43 -16.50 -10.09 -39.73
CA CYS Q 43 -16.18 -9.49 -41.01
C CYS Q 43 -15.36 -10.48 -41.83
N TYR Q 44 -15.47 -10.39 -43.14
CA TYR Q 44 -14.68 -11.22 -44.01
C TYR Q 44 -14.00 -10.41 -45.09
N ALA Q 45 -12.99 -11.03 -45.65
CA ALA Q 45 -12.35 -10.55 -46.84
C ALA Q 45 -11.95 -11.78 -47.64
N SER Q 46 -11.92 -11.64 -48.96
CA SER Q 46 -11.51 -12.70 -49.86
C SER Q 46 -10.87 -12.07 -51.08
N TRP Q 47 -9.81 -12.73 -51.57
CA TRP Q 47 -8.99 -12.20 -52.65
C TRP Q 47 -8.32 -13.32 -53.44
N ARG Q 48 -7.84 -13.01 -54.64
CA ARG Q 48 -7.08 -13.98 -55.43
C ARG Q 48 -5.60 -13.68 -55.31
N ASN Q 49 -4.74 -14.69 -55.48
CA ASN Q 49 -3.29 -14.48 -55.40
C ASN Q 49 -2.53 -15.19 -56.49
N SER Q 50 -2.24 -14.45 -57.55
CA SER Q 50 -1.50 -14.99 -58.69
C SER Q 50 -0.03 -14.72 -58.48
N SER Q 51 0.58 -15.56 -57.66
CA SER Q 51 2.01 -15.42 -57.35
C SER Q 51 2.38 -13.99 -56.95
N GLY Q 52 1.92 -13.59 -55.77
CA GLY Q 52 2.38 -12.34 -55.18
C GLY Q 52 1.54 -11.12 -55.51
N THR Q 53 0.87 -11.16 -56.66
CA THR Q 53 0.02 -10.05 -57.07
C THR Q 53 -1.39 -10.25 -56.52
N ILE Q 54 -1.83 -9.34 -55.65
CA ILE Q 54 -3.10 -9.50 -54.93
C ILE Q 54 -4.28 -8.76 -55.56
N GLU Q 55 -5.26 -9.51 -56.03
CA GLU Q 55 -6.48 -8.92 -56.56
C GLU Q 55 -7.64 -9.16 -55.59
N LEU Q 56 -8.23 -8.09 -55.07
CA LEU Q 56 -9.34 -8.19 -54.12
C LEU Q 56 -10.58 -8.71 -54.80
N VAL Q 57 -11.38 -9.47 -54.08
CA VAL Q 57 -12.59 -10.03 -54.64
C VAL Q 57 -13.84 -9.59 -53.87
N LYS Q 58 -13.78 -9.59 -52.55
CA LYS Q 58 -14.94 -9.21 -51.75
C LYS Q 58 -14.62 -8.95 -50.28
N LYS Q 59 -15.27 -7.96 -49.67
CA LYS Q 59 -15.13 -7.71 -48.25
C LYS Q 59 -16.49 -7.37 -47.70
N GLY Q 60 -16.78 -7.75 -46.47
CA GLY Q 60 -18.08 -7.40 -45.90
C GLY Q 60 -18.49 -8.13 -44.65
N CYS Q 61 -19.77 -8.10 -44.31
CA CYS Q 61 -20.26 -8.72 -43.08
C CYS Q 61 -20.36 -10.21 -43.22
N TRP Q 62 -20.24 -10.94 -42.10
CA TRP Q 62 -20.26 -12.41 -42.08
C TRP Q 62 -20.86 -12.93 -40.77
N LEU Q 63 -21.63 -14.03 -40.85
CA LEU Q 63 -22.45 -14.46 -39.71
C LEU Q 63 -21.82 -15.45 -38.76
N ASP Q 64 -22.13 -15.26 -37.48
CA ASP Q 64 -21.74 -16.14 -36.39
C ASP Q 64 -21.20 -17.49 -36.88
N ASP Q 65 -19.92 -17.52 -37.19
CA ASP Q 65 -19.24 -18.73 -37.63
C ASP Q 65 -18.05 -18.90 -36.71
N PHE Q 66 -17.96 -20.03 -36.04
CA PHE Q 66 -16.95 -20.24 -34.99
C PHE Q 66 -15.52 -20.14 -35.48
N ASN Q 67 -15.32 -20.25 -36.77
CA ASN Q 67 -13.97 -20.15 -37.30
C ASN Q 67 -13.37 -18.77 -37.02
N CYS Q 68 -14.23 -17.78 -36.85
CA CYS Q 68 -13.80 -16.40 -36.65
C CYS Q 68 -13.79 -16.05 -35.17
N TYR Q 69 -14.26 -16.98 -34.34
CA TYR Q 69 -14.46 -16.68 -32.93
C TYR Q 69 -13.19 -16.13 -32.30
N ASP Q 70 -13.35 -14.99 -31.61
CA ASP Q 70 -12.27 -14.37 -30.83
C ASP Q 70 -10.95 -14.33 -31.57
N ARG Q 71 -10.97 -13.75 -32.75
CA ARG Q 71 -9.79 -13.61 -33.58
C ARG Q 71 -9.62 -12.15 -34.03
N GLN Q 72 -8.64 -11.48 -33.48
CA GLN Q 72 -8.54 -10.02 -33.65
C GLN Q 72 -8.26 -9.56 -35.07
N GLU Q 73 -7.35 -10.23 -35.77
CA GLU Q 73 -6.98 -9.78 -37.11
C GLU Q 73 -7.54 -10.70 -38.18
N CYS Q 74 -7.65 -10.19 -39.40
CA CYS Q 74 -8.22 -10.96 -40.48
C CYS Q 74 -7.14 -11.76 -41.19
N VAL Q 75 -7.05 -13.05 -40.90
CA VAL Q 75 -5.99 -13.85 -41.47
C VAL Q 75 -6.49 -15.16 -42.06
N ALA Q 76 -5.95 -15.50 -43.22
CA ALA Q 76 -6.33 -16.70 -43.96
C ALA Q 76 -5.40 -17.82 -43.59
N THR Q 77 -5.91 -19.04 -43.56
CA THR Q 77 -5.15 -20.17 -43.03
C THR Q 77 -4.89 -21.29 -44.03
N GLU Q 78 -5.67 -21.34 -45.10
CA GLU Q 78 -5.50 -22.37 -46.11
C GLU Q 78 -4.11 -22.34 -46.76
N GLU Q 79 -3.63 -23.49 -47.18
CA GLU Q 79 -2.30 -23.63 -47.75
C GLU Q 79 -2.15 -22.87 -49.06
N ASN Q 80 -2.72 -23.41 -50.13
CA ASN Q 80 -2.69 -22.77 -51.44
C ASN Q 80 -4.05 -22.86 -52.12
N PRO Q 81 -4.90 -21.82 -51.91
CA PRO Q 81 -6.25 -21.84 -52.43
C PRO Q 81 -6.45 -21.05 -53.72
N GLN Q 82 -7.36 -21.54 -54.55
CA GLN Q 82 -7.96 -20.75 -55.60
C GLN Q 82 -8.30 -19.35 -55.03
N VAL Q 83 -9.26 -19.30 -54.11
CA VAL Q 83 -9.68 -18.05 -53.48
C VAL Q 83 -9.24 -18.03 -52.03
N TYR Q 84 -8.53 -16.99 -51.66
CA TYR Q 84 -8.12 -16.82 -50.27
C TYR Q 84 -9.30 -16.21 -49.52
N PHE Q 85 -9.56 -16.73 -48.33
CA PHE Q 85 -10.64 -16.23 -47.47
C PHE Q 85 -10.14 -16.02 -46.06
N CYS Q 86 -10.71 -15.02 -45.39
CA CYS Q 86 -10.44 -14.82 -43.97
C CYS Q 86 -11.58 -14.08 -43.27
N CYS Q 87 -11.83 -14.44 -42.02
CA CYS Q 87 -12.81 -13.71 -41.23
C CYS Q 87 -12.25 -13.32 -39.89
N CYS Q 88 -12.98 -12.47 -39.19
CA CYS Q 88 -12.53 -11.90 -37.93
C CYS Q 88 -13.67 -11.28 -37.12
N GLU Q 89 -13.34 -10.85 -35.91
CA GLU Q 89 -14.31 -10.26 -35.00
C GLU Q 89 -13.81 -8.92 -34.49
N GLY Q 90 -14.61 -7.87 -34.63
CA GLY Q 90 -14.22 -6.55 -34.19
C GLY Q 90 -14.42 -5.57 -35.33
N ASN Q 91 -14.98 -4.41 -35.02
CA ASN Q 91 -15.25 -3.39 -36.04
C ASN Q 91 -14.11 -3.08 -37.03
N PHE Q 92 -14.39 -3.24 -38.31
CA PHE Q 92 -13.44 -2.94 -39.39
C PHE Q 92 -12.18 -3.79 -39.35
N CYS Q 93 -12.26 -4.92 -38.69
CA CYS Q 93 -11.12 -5.81 -38.58
C CYS Q 93 -10.69 -6.31 -39.95
N ASN Q 94 -11.54 -6.12 -40.97
CA ASN Q 94 -11.19 -6.55 -42.32
C ASN Q 94 -10.60 -5.46 -43.21
N GLU Q 95 -10.22 -4.33 -42.61
CA GLU Q 95 -9.54 -3.28 -43.36
C GLU Q 95 -8.31 -3.84 -44.04
N ARG Q 96 -7.43 -4.45 -43.25
CA ARG Q 96 -6.20 -5.07 -43.73
C ARG Q 96 -6.25 -6.58 -43.46
N PHE Q 97 -5.66 -7.36 -44.36
CA PHE Q 97 -5.64 -8.81 -44.23
C PHE Q 97 -4.30 -9.38 -44.68
N THR Q 98 -4.00 -10.61 -44.25
CA THR Q 98 -2.75 -11.28 -44.59
C THR Q 98 -2.90 -12.80 -44.72
N HIS Q 99 -1.81 -13.50 -45.01
CA HIS Q 99 -1.83 -14.95 -45.24
C HIS Q 99 -0.75 -15.69 -44.46
N LEU Q 100 -1.11 -16.80 -43.83
CA LEU Q 100 -0.14 -17.69 -43.16
C LEU Q 100 -0.73 -19.02 -42.65
N PRO Q 101 -0.50 -20.11 -43.39
CA PRO Q 101 -1.12 -21.43 -43.15
C PRO Q 101 -0.76 -22.07 -41.81
N ARG R 11 -71.73 -21.17 -45.55
CA ARG R 11 -72.13 -22.29 -44.65
C ARG R 11 -72.58 -21.89 -43.22
N GLU R 12 -73.86 -22.16 -42.91
CA GLU R 12 -74.53 -21.61 -41.72
C GLU R 12 -75.11 -22.67 -40.75
N CYS R 13 -75.25 -22.30 -39.48
CA CYS R 13 -75.82 -23.18 -38.45
C CYS R 13 -76.77 -22.45 -37.51
N ILE R 14 -77.52 -23.25 -36.75
CA ILE R 14 -78.37 -22.68 -35.74
C ILE R 14 -77.55 -22.45 -34.48
N TYR R 15 -77.54 -21.20 -34.02
CA TYR R 15 -76.85 -20.89 -32.77
C TYR R 15 -77.80 -20.88 -31.60
N TYR R 16 -77.36 -21.52 -30.53
CA TYR R 16 -78.05 -21.41 -29.25
C TYR R 16 -77.13 -21.76 -28.09
N ASN R 17 -77.28 -21.01 -27.01
CA ASN R 17 -76.46 -21.26 -25.82
C ASN R 17 -77.20 -20.98 -24.51
N ALA R 18 -77.82 -22.00 -23.93
CA ALA R 18 -78.57 -21.80 -22.71
C ALA R 18 -77.71 -21.01 -21.71
N ASN R 19 -76.46 -21.43 -21.56
CA ASN R 19 -75.64 -20.81 -20.54
C ASN R 19 -75.21 -19.38 -20.88
N TRP R 20 -75.94 -18.73 -21.79
CA TRP R 20 -75.44 -17.47 -22.36
C TRP R 20 -75.11 -16.40 -21.34
N GLU R 21 -76.10 -16.06 -20.52
CA GLU R 21 -75.92 -15.04 -19.50
C GLU R 21 -74.57 -15.26 -18.81
N LEU R 22 -74.34 -16.49 -18.40
CA LEU R 22 -73.16 -16.79 -17.62
C LEU R 22 -71.87 -16.55 -18.44
N GLU R 23 -71.84 -17.06 -19.67
CA GLU R 23 -70.63 -17.04 -20.48
C GLU R 23 -70.53 -15.74 -21.27
N ARG R 24 -71.51 -14.85 -21.08
CA ARG R 24 -71.53 -13.58 -21.83
C ARG R 24 -71.50 -13.79 -23.34
N THR R 25 -72.56 -14.41 -23.88
CA THR R 25 -72.70 -14.61 -25.32
C THR R 25 -74.14 -14.48 -25.67
N ASN R 26 -74.42 -14.33 -26.96
CA ASN R 26 -75.80 -14.35 -27.43
C ASN R 26 -76.57 -15.63 -26.98
N GLN R 27 -77.89 -15.57 -27.05
CA GLN R 27 -78.71 -16.67 -26.60
C GLN R 27 -79.12 -17.57 -27.72
N SER R 28 -79.78 -17.00 -28.72
CA SER R 28 -80.22 -17.78 -29.85
C SER R 28 -80.12 -16.98 -31.13
N GLY R 29 -80.02 -17.68 -32.25
CA GLY R 29 -79.92 -17.06 -33.55
C GLY R 29 -79.23 -18.00 -34.52
N LEU R 30 -78.30 -17.47 -35.31
CA LEU R 30 -77.55 -18.30 -36.26
C LEU R 30 -76.07 -17.94 -36.30
N GLU R 31 -75.28 -18.75 -36.99
CA GLU R 31 -73.83 -18.56 -36.97
C GLU R 31 -73.27 -18.90 -38.34
N ARG R 32 -72.48 -17.99 -38.92
CA ARG R 32 -71.75 -18.31 -40.14
C ARG R 32 -70.41 -18.98 -39.74
N CYS R 33 -70.10 -20.12 -40.34
CA CYS R 33 -68.98 -20.96 -39.88
C CYS R 33 -67.62 -20.61 -40.46
N GLU R 34 -66.75 -19.99 -39.64
CA GLU R 34 -65.37 -19.75 -40.06
C GLU R 34 -64.65 -21.09 -40.16
N GLY R 35 -64.01 -21.36 -41.30
CA GLY R 35 -63.40 -22.66 -41.52
C GLY R 35 -62.24 -22.68 -42.49
N GLU R 36 -61.42 -23.74 -42.38
CA GLU R 36 -60.21 -23.94 -43.19
C GLU R 36 -60.49 -24.21 -44.67
N GLN R 37 -59.60 -23.73 -45.53
CA GLN R 37 -59.79 -23.75 -46.99
C GLN R 37 -60.51 -24.99 -47.50
N ASP R 38 -59.81 -26.13 -47.48
CA ASP R 38 -60.35 -27.36 -48.03
C ASP R 38 -60.69 -28.37 -46.93
N LYS R 39 -61.25 -27.88 -45.83
CA LYS R 39 -61.79 -28.77 -44.80
C LYS R 39 -63.32 -28.60 -44.75
N ARG R 40 -64.02 -29.64 -44.28
CA ARG R 40 -65.48 -29.58 -44.23
C ARG R 40 -65.97 -28.79 -43.02
N LEU R 41 -67.26 -28.48 -43.01
CA LEU R 41 -67.90 -27.78 -41.87
C LEU R 41 -69.17 -28.49 -41.40
N HIS R 42 -69.60 -28.22 -40.16
CA HIS R 42 -70.65 -29.07 -39.56
C HIS R 42 -71.53 -28.23 -38.62
N CYS R 43 -72.62 -28.82 -38.14
CA CYS R 43 -73.48 -28.18 -37.15
C CYS R 43 -73.64 -29.18 -35.99
N TYR R 44 -73.78 -28.66 -34.78
CA TYR R 44 -74.01 -29.52 -33.63
C TYR R 44 -75.17 -29.00 -32.80
N ALA R 45 -75.70 -29.94 -32.01
CA ALA R 45 -76.66 -29.64 -31.00
C ALA R 45 -76.34 -30.54 -29.84
N SER R 46 -76.69 -30.09 -28.65
CA SER R 46 -76.49 -30.85 -27.41
C SER R 46 -77.54 -30.42 -26.41
N TRP R 47 -78.04 -31.40 -25.66
CA TRP R 47 -79.16 -31.18 -24.76
C TRP R 47 -79.14 -32.21 -23.65
N ARG R 48 -79.85 -31.92 -22.58
CA ARG R 48 -79.97 -32.88 -21.48
C ARG R 48 -81.30 -33.61 -21.61
N ASN R 49 -81.38 -34.83 -21.08
CA ASN R 49 -82.65 -35.57 -21.12
C ASN R 49 -83.01 -36.24 -19.80
N SER R 50 -83.86 -35.57 -19.02
CA SER R 50 -84.28 -36.07 -17.73
C SER R 50 -85.58 -36.85 -17.91
N SER R 51 -85.46 -38.09 -18.37
CA SER R 51 -86.60 -38.95 -18.60
C SER R 51 -87.69 -38.24 -19.43
N GLY R 52 -87.39 -37.99 -20.71
CA GLY R 52 -88.41 -37.51 -21.63
C GLY R 52 -88.52 -35.99 -21.73
N THR R 53 -88.16 -35.28 -20.67
CA THR R 53 -88.18 -33.82 -20.69
C THR R 53 -86.87 -33.27 -21.23
N ILE R 54 -86.93 -32.58 -22.38
CA ILE R 54 -85.73 -32.14 -23.08
C ILE R 54 -85.32 -30.71 -22.79
N GLU R 55 -84.16 -30.55 -22.15
CA GLU R 55 -83.63 -29.22 -21.92
C GLU R 55 -82.44 -28.93 -22.86
N LEU R 56 -82.57 -27.92 -23.71
CA LEU R 56 -81.49 -27.57 -24.66
C LEU R 56 -80.27 -27.01 -23.94
N VAL R 57 -79.09 -27.30 -24.47
CA VAL R 57 -77.88 -26.81 -23.82
C VAL R 57 -77.04 -25.96 -24.75
N LYS R 58 -76.93 -26.38 -26.02
CA LYS R 58 -76.08 -25.65 -26.97
C LYS R 58 -76.27 -26.08 -28.43
N LYS R 59 -76.30 -25.12 -29.33
CA LYS R 59 -76.33 -25.41 -30.75
C LYS R 59 -75.36 -24.48 -31.48
N GLY R 60 -74.67 -24.97 -32.51
CA GLY R 60 -73.80 -24.07 -33.24
C GLY R 60 -72.90 -24.73 -34.24
N CYS R 61 -71.85 -24.01 -34.67
CA CYS R 61 -70.96 -24.52 -35.71
C CYS R 61 -70.02 -25.51 -35.11
N TRP R 62 -69.51 -26.44 -35.92
CA TRP R 62 -68.60 -27.54 -35.48
C TRP R 62 -67.60 -27.92 -36.58
N LEU R 63 -66.37 -28.23 -36.18
CA LEU R 63 -65.29 -28.38 -37.16
C LEU R 63 -65.08 -29.78 -37.75
N ASP R 64 -64.75 -29.80 -39.04
CA ASP R 64 -64.40 -31.02 -39.78
C ASP R 64 -64.11 -32.22 -38.88
N ASP R 65 -65.17 -32.91 -38.48
CA ASP R 65 -65.04 -34.07 -37.63
C ASP R 65 -65.78 -35.19 -38.37
N PHE R 66 -65.06 -36.28 -38.65
CA PHE R 66 -65.54 -37.35 -39.52
C PHE R 66 -66.81 -38.00 -39.01
N ASN R 67 -67.07 -37.88 -37.71
CA ASN R 67 -68.29 -38.43 -37.13
C ASN R 67 -69.54 -37.85 -37.80
N CYS R 68 -69.40 -36.65 -38.33
CA CYS R 68 -70.53 -35.96 -38.92
C CYS R 68 -70.53 -36.13 -40.43
N TYR R 69 -69.48 -36.77 -40.95
CA TYR R 69 -69.30 -36.85 -42.40
C TYR R 69 -70.55 -37.40 -43.12
N ASP R 70 -70.98 -36.66 -44.15
CA ASP R 70 -72.11 -37.05 -45.00
C ASP R 70 -73.29 -37.62 -44.19
N ARG R 71 -73.79 -36.81 -43.26
CA ARG R 71 -74.93 -37.21 -42.43
C ARG R 71 -75.99 -36.09 -42.48
N GLN R 72 -77.12 -36.37 -43.11
CA GLN R 72 -78.09 -35.32 -43.42
C GLN R 72 -78.83 -34.72 -42.22
N GLU R 73 -79.23 -35.59 -41.28
CA GLU R 73 -79.99 -35.14 -40.12
C GLU R 73 -79.14 -35.15 -38.86
N CYS R 74 -79.51 -34.30 -37.90
CA CYS R 74 -78.76 -34.22 -36.64
C CYS R 74 -79.25 -35.28 -35.66
N VAL R 75 -78.49 -36.37 -35.53
CA VAL R 75 -78.92 -37.47 -34.68
C VAL R 75 -77.82 -37.97 -33.73
N ALA R 76 -78.23 -38.18 -32.49
CA ALA R 76 -77.34 -38.64 -31.42
C ALA R 76 -77.36 -40.16 -31.38
N THR R 77 -76.20 -40.74 -31.07
CA THR R 77 -76.07 -42.20 -31.17
C THR R 77 -75.76 -42.91 -29.83
N GLU R 78 -75.27 -42.16 -28.84
CA GLU R 78 -74.93 -42.73 -27.53
C GLU R 78 -76.15 -43.35 -26.84
N GLU R 79 -75.89 -44.39 -26.04
CA GLU R 79 -76.95 -45.16 -25.40
C GLU R 79 -77.73 -44.33 -24.38
N ASN R 80 -77.11 -44.09 -23.23
CA ASN R 80 -77.70 -43.22 -22.22
C ASN R 80 -76.66 -42.27 -21.63
N PRO R 81 -76.59 -41.06 -22.18
CA PRO R 81 -75.56 -40.09 -21.78
C PRO R 81 -76.06 -39.00 -20.83
N GLN R 82 -75.16 -38.55 -19.96
CA GLN R 82 -75.28 -37.29 -19.26
C GLN R 82 -75.74 -36.18 -20.23
N VAL R 83 -74.85 -35.84 -21.16
CA VAL R 83 -75.16 -34.87 -22.21
C VAL R 83 -75.34 -35.51 -23.58
N TYR R 84 -76.52 -35.32 -24.17
CA TYR R 84 -76.76 -35.80 -25.53
C TYR R 84 -76.10 -34.84 -26.52
N PHE R 85 -75.38 -35.42 -27.47
CA PHE R 85 -74.71 -34.66 -28.52
C PHE R 85 -75.02 -35.21 -29.91
N CYS R 86 -75.02 -34.33 -30.90
CA CYS R 86 -75.17 -34.78 -32.27
C CYS R 86 -74.60 -33.73 -33.22
N CYS R 87 -74.03 -34.20 -34.32
CA CYS R 87 -73.60 -33.27 -35.37
C CYS R 87 -74.09 -33.71 -36.74
N CYS R 88 -73.92 -32.82 -37.72
CA CYS R 88 -74.42 -33.06 -39.06
C CYS R 88 -73.80 -32.12 -40.08
N GLU R 89 -74.15 -32.33 -41.36
CA GLU R 89 -73.58 -31.57 -42.47
C GLU R 89 -74.70 -31.03 -43.35
N GLY R 90 -74.65 -29.72 -43.62
CA GLY R 90 -75.68 -29.08 -44.41
C GLY R 90 -76.33 -27.93 -43.64
N ASN R 91 -76.54 -26.82 -44.33
CA ASN R 91 -77.07 -25.62 -43.68
C ASN R 91 -78.30 -25.83 -42.80
N PHE R 92 -78.18 -25.41 -41.53
CA PHE R 92 -79.26 -25.47 -40.55
C PHE R 92 -79.76 -26.88 -40.27
N CYS R 93 -78.92 -27.87 -40.53
CA CYS R 93 -79.27 -29.24 -40.27
C CYS R 93 -79.53 -29.49 -38.78
N ASN R 94 -79.14 -28.55 -37.93
CA ASN R 94 -79.32 -28.70 -36.48
C ASN R 94 -80.55 -28.01 -35.95
N GLU R 95 -81.43 -27.57 -36.84
CA GLU R 95 -82.69 -26.96 -36.43
C GLU R 95 -83.45 -27.93 -35.53
N ARG R 96 -83.65 -29.15 -36.03
CA ARG R 96 -84.34 -30.19 -35.28
C ARG R 96 -83.36 -31.33 -35.08
N PHE R 97 -83.50 -32.04 -33.96
CA PHE R 97 -82.61 -33.14 -33.63
C PHE R 97 -83.39 -34.25 -32.94
N THR R 98 -82.82 -35.46 -32.89
CA THR R 98 -83.49 -36.61 -32.28
C THR R 98 -82.48 -37.58 -31.67
N HIS R 99 -82.99 -38.68 -31.12
CA HIS R 99 -82.19 -39.73 -30.48
C HIS R 99 -82.48 -41.16 -30.92
N LEU R 100 -81.41 -41.93 -31.18
CA LEU R 100 -81.53 -43.38 -31.46
C LEU R 100 -80.18 -44.11 -31.57
N PRO R 101 -79.82 -44.85 -30.52
CA PRO R 101 -78.53 -45.58 -30.38
C PRO R 101 -78.27 -46.68 -31.42
N SER S 6 -17.95 2.13 -19.26
CA SER S 6 -18.04 3.49 -19.78
C SER S 6 -16.95 3.78 -20.82
N HIS S 7 -16.01 4.63 -20.42
CA HIS S 7 -14.84 4.94 -21.21
C HIS S 7 -13.66 4.20 -20.62
N CYS S 8 -12.56 4.90 -20.39
CA CYS S 8 -11.30 4.23 -20.04
C CYS S 8 -10.97 4.31 -18.57
N GLN S 9 -10.75 3.15 -17.95
CA GLN S 9 -10.52 3.07 -16.52
C GLN S 9 -9.89 1.75 -16.04
N LYS S 10 -9.48 1.76 -14.77
CA LYS S 10 -8.92 0.61 -14.08
C LYS S 10 -10.06 -0.28 -13.56
N THR S 11 -9.94 -1.58 -13.75
CA THR S 11 -11.01 -2.52 -13.39
C THR S 11 -10.47 -3.64 -12.55
N SER S 12 -11.33 -4.27 -11.75
CA SER S 12 -10.86 -5.38 -10.94
C SER S 12 -10.58 -6.57 -11.83
N LEU S 13 -9.47 -7.28 -11.57
CA LEU S 13 -9.22 -8.55 -12.23
C LEU S 13 -8.57 -9.50 -11.24
N ARG S 14 -9.39 -10.27 -10.55
CA ARG S 14 -8.86 -11.26 -9.64
C ARG S 14 -8.33 -12.42 -10.46
N VAL S 15 -7.02 -12.50 -10.55
CA VAL S 15 -6.39 -13.64 -11.23
C VAL S 15 -6.21 -14.73 -10.21
N ASN S 16 -6.67 -15.93 -10.57
CA ASN S 16 -6.47 -17.10 -9.74
C ASN S 16 -5.41 -17.99 -10.37
N PHE S 17 -4.28 -18.14 -9.69
CA PHE S 17 -3.14 -18.85 -10.28
C PHE S 17 -3.47 -20.26 -10.74
N GLU S 18 -4.39 -20.91 -10.04
CA GLU S 18 -4.85 -22.23 -10.45
C GLU S 18 -5.42 -22.18 -11.86
N ASP S 19 -6.16 -21.11 -12.17
CA ASP S 19 -6.80 -20.95 -13.49
C ASP S 19 -5.81 -20.92 -14.66
N ILE S 20 -4.64 -20.32 -14.43
CA ILE S 20 -3.59 -20.30 -15.45
C ILE S 20 -2.46 -21.32 -15.16
N GLY S 21 -2.72 -22.25 -14.25
CA GLY S 21 -1.82 -23.37 -14.03
C GLY S 21 -0.50 -23.02 -13.38
N TRP S 22 -0.49 -21.94 -12.62
CA TRP S 22 0.70 -21.54 -11.90
C TRP S 22 0.64 -22.05 -10.47
N ASP S 23 -0.46 -22.71 -10.14
CA ASP S 23 -0.61 -23.30 -8.81
C ASP S 23 0.50 -24.29 -8.54
N SER S 24 1.20 -24.66 -9.60
CA SER S 24 2.27 -25.65 -9.52
C SER S 24 3.45 -25.14 -8.73
N TRP S 25 3.65 -23.83 -8.74
CA TRP S 25 4.82 -23.24 -8.11
C TRP S 25 4.57 -21.98 -7.28
N ILE S 26 3.42 -21.35 -7.45
CA ILE S 26 3.02 -20.27 -6.54
C ILE S 26 2.30 -20.89 -5.35
N ILE S 27 2.90 -20.75 -4.18
CA ILE S 27 2.34 -21.30 -2.96
C ILE S 27 1.33 -20.31 -2.43
N ALA S 28 1.71 -19.02 -2.44
CA ALA S 28 0.80 -17.95 -2.05
C ALA S 28 1.09 -16.66 -2.81
N PRO S 29 0.05 -15.86 -3.06
CA PRO S 29 -1.33 -16.12 -2.66
C PRO S 29 -1.95 -17.12 -3.62
N LYS S 30 -3.20 -17.49 -3.39
CA LYS S 30 -3.84 -18.40 -4.32
C LYS S 30 -4.51 -17.61 -5.46
N GLU S 31 -4.96 -16.41 -5.13
CA GLU S 31 -5.38 -15.44 -6.15
C GLU S 31 -5.01 -14.03 -5.70
N TYR S 32 -4.95 -13.12 -6.66
CA TYR S 32 -4.48 -11.78 -6.35
C TYR S 32 -5.11 -10.80 -7.30
N GLU S 33 -5.10 -9.54 -6.89
CA GLU S 33 -5.67 -8.48 -7.72
C GLU S 33 -4.67 -7.94 -8.73
N ALA S 34 -4.75 -8.42 -9.97
CA ALA S 34 -4.14 -7.71 -11.07
C ALA S 34 -5.28 -6.87 -11.52
N TYR S 35 -5.00 -5.76 -12.16
CA TYR S 35 -6.16 -5.05 -12.62
C TYR S 35 -6.33 -5.31 -14.09
N GLU S 36 -7.37 -4.72 -14.67
CA GLU S 36 -7.54 -4.70 -16.12
C GLU S 36 -7.66 -3.26 -16.57
N CYS S 37 -7.22 -2.98 -17.78
CA CYS S 37 -7.47 -1.66 -18.30
C CYS S 37 -8.57 -1.73 -19.37
N LYS S 38 -9.77 -1.31 -18.99
CA LYS S 38 -10.92 -1.49 -19.86
C LYS S 38 -11.43 -0.15 -20.32
N GLY S 39 -12.01 -0.08 -21.50
CA GLY S 39 -12.65 1.14 -21.92
C GLY S 39 -12.04 1.81 -23.14
N GLY S 40 -12.74 2.83 -23.62
CA GLY S 40 -12.35 3.46 -24.86
C GLY S 40 -11.75 4.81 -24.64
N CYS S 41 -10.94 5.22 -25.62
CA CYS S 41 -10.28 6.51 -25.53
C CYS S 41 -11.03 7.44 -26.45
N PHE S 42 -11.97 8.16 -25.85
CA PHE S 42 -12.93 8.95 -26.60
C PHE S 42 -12.62 10.42 -26.51
N PHE S 43 -12.63 11.09 -27.66
CA PHE S 43 -12.27 12.49 -27.73
C PHE S 43 -13.35 13.36 -27.09
N PRO S 44 -12.94 14.40 -26.33
CA PRO S 44 -11.55 14.73 -26.07
C PRO S 44 -10.98 13.85 -24.97
N LEU S 45 -9.67 13.67 -24.95
CA LEU S 45 -9.03 12.76 -24.01
C LEU S 45 -8.77 13.41 -22.65
N ALA S 46 -9.43 12.89 -21.62
CA ALA S 46 -9.31 13.42 -20.27
C ALA S 46 -7.86 13.46 -19.79
N ASP S 47 -7.51 14.48 -19.01
CA ASP S 47 -6.13 14.62 -18.53
C ASP S 47 -5.68 13.39 -17.78
N ASP S 48 -6.59 12.81 -16.99
CA ASP S 48 -6.27 11.67 -16.14
C ASP S 48 -6.01 10.40 -16.93
N VAL S 49 -5.82 10.55 -18.24
CA VAL S 49 -5.48 9.43 -19.08
C VAL S 49 -4.09 9.63 -19.71
N THR S 50 -3.44 10.71 -19.31
CA THR S 50 -2.04 10.93 -19.64
C THR S 50 -1.77 10.84 -21.13
N PRO S 51 -2.70 11.34 -21.95
CA PRO S 51 -2.57 11.14 -23.39
C PRO S 51 -1.21 11.63 -23.87
N THR S 52 -0.57 10.85 -24.75
CA THR S 52 0.66 11.26 -25.41
C THR S 52 0.26 12.11 -26.58
N LYS S 53 1.18 12.93 -27.08
CA LYS S 53 0.89 13.70 -28.27
C LYS S 53 0.39 12.74 -29.33
N HIS S 54 1.13 11.65 -29.53
CA HIS S 54 0.82 10.71 -30.59
C HIS S 54 -0.60 10.21 -30.44
N ALA S 55 -0.94 9.78 -29.24
CA ALA S 55 -2.32 9.37 -28.96
C ALA S 55 -3.35 10.40 -29.45
N ILE S 56 -3.08 11.67 -29.17
CA ILE S 56 -3.96 12.73 -29.62
C ILE S 56 -4.08 12.70 -31.14
N VAL S 57 -2.93 12.84 -31.81
CA VAL S 57 -2.92 12.85 -33.26
C VAL S 57 -3.67 11.67 -33.86
N GLN S 58 -3.23 10.46 -33.51
CA GLN S 58 -3.89 9.25 -33.95
C GLN S 58 -5.39 9.38 -33.74
N THR S 59 -5.81 9.62 -32.51
CA THR S 59 -7.23 9.83 -32.23
C THR S 59 -7.94 10.71 -33.27
N LEU S 60 -7.36 11.89 -33.56
CA LEU S 60 -7.92 12.81 -34.57
C LEU S 60 -8.04 12.16 -35.95
N VAL S 61 -6.90 11.70 -36.45
CA VAL S 61 -6.87 10.96 -37.71
C VAL S 61 -7.98 9.90 -37.77
N HIS S 62 -8.13 9.10 -36.72
CA HIS S 62 -9.21 8.14 -36.64
C HIS S 62 -10.59 8.80 -36.79
N LEU S 63 -10.79 9.94 -36.14
CA LEU S 63 -12.05 10.64 -36.32
C LEU S 63 -12.33 10.87 -37.79
N LYS S 64 -11.28 11.07 -38.58
CA LYS S 64 -11.51 11.25 -40.02
C LYS S 64 -11.49 9.96 -40.86
N PHE S 65 -10.83 8.92 -40.38
CA PHE S 65 -10.67 7.70 -41.14
C PHE S 65 -10.94 6.49 -40.29
N PRO S 66 -12.13 6.48 -39.69
CA PRO S 66 -12.50 5.48 -38.68
C PRO S 66 -12.40 4.06 -39.19
N THR S 67 -12.12 3.86 -40.48
CA THR S 67 -12.03 2.51 -41.05
C THR S 67 -10.60 2.09 -41.31
N LYS S 68 -9.71 3.07 -41.44
CA LYS S 68 -8.30 2.80 -41.77
C LYS S 68 -7.38 2.99 -40.55
N VAL S 69 -7.85 3.80 -39.60
CA VAL S 69 -7.08 4.14 -38.41
C VAL S 69 -7.89 3.94 -37.13
N GLY S 70 -7.28 3.32 -36.11
CA GLY S 70 -8.02 2.98 -34.91
C GLY S 70 -7.85 3.94 -33.75
N LYS S 71 -8.75 3.86 -32.77
CA LYS S 71 -8.64 4.70 -31.58
C LYS S 71 -7.36 4.36 -30.83
N ALA S 72 -6.99 5.20 -29.88
CA ALA S 72 -5.84 4.83 -29.05
C ALA S 72 -6.32 3.72 -28.13
N CYS S 73 -5.39 2.92 -27.61
CA CYS S 73 -5.78 1.82 -26.74
C CYS S 73 -5.65 2.16 -25.26
N CYS S 74 -6.54 1.61 -24.45
CA CYS S 74 -6.48 1.79 -23.01
C CYS S 74 -5.57 0.73 -22.39
N VAL S 75 -4.40 1.16 -21.91
CA VAL S 75 -3.40 0.22 -21.47
C VAL S 75 -2.91 0.58 -20.07
N PRO S 76 -2.29 -0.39 -19.39
CA PRO S 76 -1.65 -0.10 -18.10
C PRO S 76 -0.46 0.81 -18.37
N THR S 77 -0.39 1.95 -17.69
CA THR S 77 0.69 2.91 -17.90
C THR S 77 1.73 2.89 -16.78
N LYS S 78 1.34 2.36 -15.60
CA LYS S 78 2.27 2.17 -14.49
C LYS S 78 2.02 0.81 -13.82
N LEU S 79 3.08 0.11 -13.41
CA LEU S 79 2.90 -1.22 -12.83
C LEU S 79 3.49 -1.48 -11.45
N SER S 80 2.64 -1.83 -10.49
CA SER S 80 3.07 -2.26 -9.16
C SER S 80 3.42 -3.74 -9.18
N PRO S 81 4.36 -4.14 -8.31
CA PRO S 81 4.73 -5.53 -8.07
C PRO S 81 3.89 -6.12 -6.94
N ILE S 82 3.91 -7.43 -6.81
CA ILE S 82 3.24 -8.08 -5.70
C ILE S 82 4.21 -9.04 -5.08
N SER S 83 3.87 -9.55 -3.92
CA SER S 83 4.74 -10.48 -3.26
C SER S 83 4.23 -11.87 -3.50
N VAL S 84 5.15 -12.81 -3.73
CA VAL S 84 4.75 -14.20 -3.84
C VAL S 84 5.75 -15.18 -3.24
N LEU S 85 5.18 -16.23 -2.63
CA LEU S 85 5.92 -17.30 -1.99
C LEU S 85 5.79 -18.47 -2.94
N TYR S 86 6.93 -18.94 -3.44
CA TYR S 86 6.93 -19.97 -4.47
C TYR S 86 7.98 -21.06 -4.25
N LYS S 87 7.78 -22.20 -4.90
CA LYS S 87 8.68 -23.32 -4.74
C LYS S 87 9.96 -23.15 -5.55
N ASP S 88 11.08 -23.27 -4.85
CA ASP S 88 12.42 -23.29 -5.42
C ASP S 88 12.51 -24.26 -6.59
N ASP S 89 13.65 -24.28 -7.27
CA ASP S 89 13.90 -25.29 -8.28
C ASP S 89 14.02 -26.63 -7.56
N MET S 90 14.19 -26.57 -6.24
CA MET S 90 14.31 -27.79 -5.46
C MET S 90 13.26 -27.81 -4.37
N GLY S 91 12.15 -27.13 -4.64
CA GLY S 91 10.97 -27.26 -3.81
C GLY S 91 11.06 -26.60 -2.45
N VAL S 92 11.87 -25.56 -2.34
CA VAL S 92 11.97 -24.81 -1.11
C VAL S 92 11.15 -23.53 -1.17
N PRO S 93 10.23 -23.37 -0.25
CA PRO S 93 9.46 -22.12 -0.22
C PRO S 93 10.41 -20.95 -0.12
N THR S 94 10.43 -20.11 -1.16
CA THR S 94 11.22 -18.89 -1.11
C THR S 94 10.35 -17.70 -1.52
N LEU S 95 10.87 -16.49 -1.36
CA LEU S 95 10.02 -15.30 -1.51
C LEU S 95 10.50 -14.24 -2.49
N LYS S 96 9.78 -14.00 -3.59
CA LYS S 96 10.00 -12.71 -4.25
C LYS S 96 9.08 -11.66 -3.68
N TYR S 97 9.68 -10.68 -3.02
CA TYR S 97 8.93 -9.62 -2.36
C TYR S 97 8.55 -8.58 -3.38
N HIS S 98 9.50 -8.25 -4.25
CA HIS S 98 9.27 -7.29 -5.32
C HIS S 98 9.18 -7.99 -6.68
N TYR S 99 8.07 -8.69 -6.91
CA TYR S 99 7.85 -9.43 -8.16
C TYR S 99 7.24 -8.47 -9.13
N GLU S 100 8.07 -8.00 -10.05
CA GLU S 100 7.74 -6.78 -10.79
C GLU S 100 6.66 -6.92 -11.84
N GLY S 101 5.84 -5.87 -11.95
CA GLY S 101 4.87 -5.67 -13.02
C GLY S 101 3.73 -6.67 -13.13
N MET S 102 3.03 -6.92 -12.03
CA MET S 102 1.97 -7.92 -12.03
C MET S 102 0.61 -7.30 -11.77
N SER S 103 0.58 -6.04 -11.37
CA SER S 103 -0.67 -5.41 -11.02
C SER S 103 -0.69 -4.03 -11.60
N VAL S 104 -1.87 -3.58 -12.02
CA VAL S 104 -1.97 -2.29 -12.63
C VAL S 104 -1.99 -1.15 -11.62
N ALA S 105 -1.11 -0.18 -11.84
CA ALA S 105 -1.10 1.00 -11.00
C ALA S 105 -1.98 2.10 -11.58
N GLU S 106 -1.66 2.53 -12.79
CA GLU S 106 -2.36 3.61 -13.44
C GLU S 106 -2.73 3.17 -14.86
N CYS S 107 -3.87 3.66 -15.35
CA CYS S 107 -4.31 3.35 -16.71
C CYS S 107 -4.06 4.53 -17.63
N GLY S 108 -4.25 4.34 -18.93
CA GLY S 108 -4.06 5.46 -19.85
C GLY S 108 -4.27 5.19 -21.33
N CYS S 109 -4.07 6.21 -22.14
CA CYS S 109 -4.30 6.10 -23.58
C CYS S 109 -3.01 6.30 -24.36
N ARG S 110 -2.73 5.38 -25.28
CA ARG S 110 -1.47 5.41 -26.03
C ARG S 110 -1.61 4.97 -27.50
N SER T 6 -0.45 -8.83 -40.14
CA SER T 6 0.22 -10.09 -39.81
C SER T 6 0.07 -10.37 -38.30
N HIS T 7 0.98 -9.81 -37.48
CA HIS T 7 1.11 -10.03 -36.02
C HIS T 7 0.81 -8.77 -35.20
N CYS T 8 1.73 -8.39 -34.30
CA CYS T 8 1.80 -7.05 -33.72
C CYS T 8 3.06 -6.36 -34.18
N GLN T 9 2.92 -5.17 -34.76
CA GLN T 9 4.04 -4.50 -35.41
C GLN T 9 3.85 -3.00 -35.64
N LYS T 10 4.94 -2.34 -36.03
CA LYS T 10 4.94 -0.92 -36.43
C LYS T 10 4.51 -0.75 -37.90
N THR T 11 3.64 0.23 -38.15
CA THR T 11 3.04 0.44 -39.45
C THR T 11 3.22 1.88 -39.87
N SER T 12 3.26 2.12 -41.19
CA SER T 12 3.34 3.51 -41.65
C SER T 12 2.04 4.22 -41.36
N LEU T 13 2.13 5.46 -40.91
CA LEU T 13 0.94 6.32 -40.83
C LEU T 13 1.31 7.74 -41.20
N ARG T 14 1.15 8.07 -42.47
CA ARG T 14 1.47 9.40 -42.94
C ARG T 14 0.34 10.32 -42.53
N VAL T 15 0.59 11.11 -41.49
CA VAL T 15 -0.40 12.05 -41.03
C VAL T 15 -0.23 13.34 -41.77
N ASN T 16 -1.33 13.84 -42.33
CA ASN T 16 -1.33 15.10 -43.05
C ASN T 16 -2.01 16.16 -42.20
N PHE T 17 -1.26 17.14 -41.75
CA PHE T 17 -1.78 18.12 -40.82
C PHE T 17 -3.03 18.79 -41.32
N GLU T 18 -3.10 19.06 -42.62
CA GLU T 18 -4.32 19.61 -43.20
C GLU T 18 -5.54 18.73 -42.87
N ASP T 19 -5.35 17.41 -42.91
CA ASP T 19 -6.43 16.47 -42.65
C ASP T 19 -7.03 16.63 -41.25
N ILE T 20 -6.21 16.98 -40.27
CA ILE T 20 -6.69 17.20 -38.91
C ILE T 20 -6.75 18.68 -38.56
N GLY T 21 -6.65 19.54 -39.58
CA GLY T 21 -6.86 20.96 -39.42
C GLY T 21 -5.78 21.68 -38.64
N TRP T 22 -4.58 21.13 -38.66
CA TRP T 22 -3.45 21.79 -38.01
C TRP T 22 -2.67 22.62 -39.01
N ASP T 23 -3.13 22.61 -40.27
CA ASP T 23 -2.49 23.38 -41.32
C ASP T 23 -2.57 24.87 -40.99
N SER T 24 -3.40 25.20 -40.01
CA SER T 24 -3.57 26.57 -39.58
C SER T 24 -2.33 27.16 -38.90
N TRP T 25 -1.49 26.30 -38.34
CA TRP T 25 -0.35 26.77 -37.57
C TRP T 25 0.94 25.98 -37.80
N ILE T 26 0.83 24.78 -38.38
CA ILE T 26 2.03 24.04 -38.77
C ILE T 26 2.39 24.46 -40.19
N ILE T 27 3.51 25.14 -40.32
CA ILE T 27 3.98 25.59 -41.62
C ILE T 27 4.65 24.43 -42.31
N ALA T 28 5.43 23.67 -41.56
CA ALA T 28 6.12 22.50 -42.09
C ALA T 28 6.41 21.48 -41.00
N PRO T 29 6.42 20.20 -41.38
CA PRO T 29 6.17 19.73 -42.74
C PRO T 29 4.70 19.82 -43.04
N LYS T 30 4.28 19.42 -44.24
CA LYS T 30 2.85 19.40 -44.54
C LYS T 30 2.25 18.04 -44.12
N GLU T 31 3.06 17.00 -44.25
CA GLU T 31 2.72 15.72 -43.68
C GLU T 31 3.99 15.05 -43.13
N TYR T 32 3.79 14.11 -42.21
CA TYR T 32 4.92 13.46 -41.55
C TYR T 32 4.58 12.03 -41.18
N GLU T 33 5.62 11.22 -40.97
CA GLU T 33 5.43 9.85 -40.62
C GLU T 33 5.28 9.70 -39.12
N ALA T 34 4.05 9.57 -38.66
CA ALA T 34 3.84 9.05 -37.32
C ALA T 34 3.67 7.59 -37.63
N TYR T 35 3.88 6.73 -36.67
CA TYR T 35 3.59 5.37 -37.04
C TYR T 35 2.28 4.97 -36.43
N GLU T 36 1.86 3.74 -36.73
CA GLU T 36 0.70 3.16 -36.08
C GLU T 36 1.19 1.87 -35.42
N CYS T 37 0.55 1.48 -34.32
CA CYS T 37 0.83 0.17 -33.76
C CYS T 37 -0.34 -0.78 -34.02
N LYS T 38 -0.16 -1.68 -34.99
CA LYS T 38 -1.26 -2.50 -35.48
C LYS T 38 -0.97 -3.95 -35.13
N GLY T 39 -2.02 -4.74 -34.95
CA GLY T 39 -1.81 -6.15 -34.77
C GLY T 39 -2.18 -6.70 -33.41
N GLY T 40 -2.14 -8.01 -33.32
CA GLY T 40 -2.64 -8.68 -32.14
C GLY T 40 -1.51 -9.23 -31.32
N CYS T 41 -1.75 -9.35 -30.02
CA CYS T 41 -0.77 -9.90 -29.11
C CYS T 41 -1.12 -11.37 -28.86
N PHE T 42 -0.52 -12.24 -29.66
CA PHE T 42 -0.94 -13.64 -29.73
C PHE T 42 0.04 -14.52 -29.00
N PHE T 43 -0.48 -15.41 -28.15
CA PHE T 43 0.40 -16.26 -27.36
C PHE T 43 1.07 -17.32 -28.22
N PRO T 44 2.36 -17.60 -27.95
CA PRO T 44 3.16 -16.94 -26.91
C PRO T 44 3.68 -15.59 -27.40
N LEU T 45 3.95 -14.69 -26.46
CA LEU T 45 4.34 -13.33 -26.80
C LEU T 45 5.81 -13.22 -27.13
N ALA T 46 6.10 -12.90 -28.38
CA ALA T 46 7.49 -12.71 -28.84
C ALA T 46 8.28 -11.74 -27.95
N ASP T 47 9.56 -12.01 -27.76
CA ASP T 47 10.40 -11.14 -26.94
C ASP T 47 10.37 -9.71 -27.47
N ASP T 48 10.43 -9.56 -28.81
CA ASP T 48 10.51 -8.22 -29.41
C ASP T 48 9.27 -7.39 -29.18
N VAL T 49 8.41 -7.85 -28.28
CA VAL T 49 7.18 -7.14 -27.96
C VAL T 49 7.22 -6.71 -26.51
N THR T 50 8.35 -6.99 -25.86
CA THR T 50 8.63 -6.43 -24.54
C THR T 50 7.52 -6.72 -23.54
N PRO T 51 6.89 -7.91 -23.63
CA PRO T 51 5.71 -8.19 -22.81
C PRO T 51 5.97 -7.92 -21.35
N THR T 52 5.03 -7.25 -20.66
CA THR T 52 5.13 -7.07 -19.22
C THR T 52 4.62 -8.34 -18.61
N LYS T 53 4.98 -8.59 -17.35
CA LYS T 53 4.39 -9.71 -16.64
C LYS T 53 2.88 -9.64 -16.77
N HIS T 54 2.33 -8.47 -16.47
CA HIS T 54 0.89 -8.31 -16.46
C HIS T 54 0.32 -8.76 -17.78
N ALA T 55 0.86 -8.22 -18.86
CA ALA T 55 0.43 -8.60 -20.19
C ALA T 55 0.39 -10.12 -20.33
N ILE T 56 1.42 -10.80 -19.86
CA ILE T 56 1.42 -12.25 -19.94
C ILE T 56 0.22 -12.81 -19.20
N VAL T 57 0.13 -12.49 -17.93
CA VAL T 57 -0.97 -13.01 -17.11
C VAL T 57 -2.33 -12.77 -17.75
N GLN T 58 -2.64 -11.50 -18.03
CA GLN T 58 -3.89 -11.14 -18.69
C GLN T 58 -4.09 -12.04 -19.89
N THR T 59 -3.10 -12.10 -20.79
CA THR T 59 -3.19 -12.94 -21.98
C THR T 59 -3.65 -14.37 -21.66
N LEU T 60 -3.05 -14.97 -20.63
CA LEU T 60 -3.45 -16.30 -20.20
C LEU T 60 -4.91 -16.35 -19.74
N VAL T 61 -5.22 -15.52 -18.77
CA VAL T 61 -6.59 -15.41 -18.30
C VAL T 61 -7.58 -15.29 -19.48
N HIS T 62 -7.25 -14.46 -20.46
CA HIS T 62 -8.10 -14.32 -21.64
C HIS T 62 -8.23 -15.64 -22.40
N LEU T 63 -7.14 -16.38 -22.51
CA LEU T 63 -7.24 -17.69 -23.13
C LEU T 63 -8.34 -18.46 -22.45
N LYS T 64 -8.51 -18.27 -21.15
CA LYS T 64 -9.56 -19.06 -20.47
C LYS T 64 -10.94 -18.39 -20.47
N PHE T 65 -10.99 -17.07 -20.58
CA PHE T 65 -12.26 -16.36 -20.46
C PHE T 65 -12.38 -15.34 -21.56
N PRO T 66 -12.35 -15.81 -22.81
CA PRO T 66 -12.20 -14.96 -23.98
C PRO T 66 -13.34 -13.98 -24.14
N THR T 67 -14.35 -14.10 -23.30
CA THR T 67 -15.51 -13.23 -23.40
C THR T 67 -15.53 -12.20 -22.28
N LYS T 68 -14.84 -12.48 -21.18
CA LYS T 68 -14.84 -11.56 -20.05
C LYS T 68 -13.52 -10.76 -19.95
N VAL T 69 -12.46 -11.28 -20.55
CA VAL T 69 -11.14 -10.68 -20.46
C VAL T 69 -10.48 -10.57 -21.84
N GLY T 70 -9.86 -9.43 -22.12
CA GLY T 70 -9.39 -9.17 -23.48
C GLY T 70 -7.92 -9.42 -23.65
N LYS T 71 -7.47 -9.60 -24.89
CA LYS T 71 -6.05 -9.71 -25.19
C LYS T 71 -5.28 -8.45 -24.71
N ALA T 72 -3.97 -8.52 -24.66
CA ALA T 72 -3.20 -7.32 -24.40
C ALA T 72 -3.28 -6.48 -25.68
N CYS T 73 -3.08 -5.17 -25.55
CA CYS T 73 -3.17 -4.29 -26.70
C CYS T 73 -1.79 -3.97 -27.27
N CYS T 74 -1.75 -3.80 -28.59
CA CYS T 74 -0.51 -3.40 -29.25
C CYS T 74 -0.40 -1.87 -29.25
N VAL T 75 0.52 -1.35 -28.47
CA VAL T 75 0.62 0.09 -28.28
C VAL T 75 2.03 0.60 -28.54
N PRO T 76 2.17 1.92 -28.73
CA PRO T 76 3.50 2.49 -28.89
C PRO T 76 4.14 2.43 -27.52
N THR T 77 5.35 1.89 -27.43
CA THR T 77 6.06 1.74 -26.17
C THR T 77 7.20 2.75 -26.02
N LYS T 78 7.72 3.26 -27.14
CA LYS T 78 8.72 4.35 -27.13
C LYS T 78 8.40 5.41 -28.17
N LEU T 79 8.61 6.69 -27.84
CA LEU T 79 8.21 7.77 -28.74
C LEU T 79 9.29 8.78 -29.14
N SER T 80 9.59 8.84 -30.44
CA SER T 80 10.48 9.87 -30.99
C SER T 80 9.72 11.17 -31.20
N PRO T 81 10.45 12.29 -31.14
CA PRO T 81 9.95 13.62 -31.48
C PRO T 81 10.23 13.95 -32.93
N ILE T 82 9.56 14.96 -33.45
CA ILE T 82 9.85 15.44 -34.80
C ILE T 82 10.01 16.91 -34.73
N SER T 83 10.50 17.49 -35.81
CA SER T 83 10.72 18.92 -35.86
C SER T 83 9.62 19.60 -36.64
N VAL T 84 9.17 20.75 -36.16
CA VAL T 84 8.13 21.48 -36.87
C VAL T 84 8.33 22.99 -36.76
N LEU T 85 8.03 23.63 -37.88
CA LEU T 85 8.08 25.07 -38.03
C LEU T 85 6.64 25.58 -38.02
N TYR T 86 6.32 26.41 -37.04
CA TYR T 86 4.94 26.81 -36.81
C TYR T 86 4.78 28.29 -36.52
N LYS T 87 3.55 28.79 -36.70
CA LYS T 87 3.29 30.20 -36.51
C LYS T 87 3.11 30.53 -35.02
N ASP T 88 3.91 31.49 -34.57
CA ASP T 88 3.84 32.08 -33.25
C ASP T 88 2.40 32.44 -32.88
N ASP T 89 2.20 32.90 -31.64
CA ASP T 89 0.93 33.48 -31.25
C ASP T 89 0.75 34.80 -31.98
N MET T 90 1.84 35.30 -32.55
CA MET T 90 1.77 36.52 -33.34
C MET T 90 2.30 36.28 -34.74
N GLY T 91 2.13 35.04 -35.21
CA GLY T 91 2.38 34.71 -36.59
C GLY T 91 3.82 34.77 -37.03
N VAL T 92 4.73 34.45 -36.12
CA VAL T 92 6.15 34.43 -36.44
C VAL T 92 6.59 32.99 -36.59
N PRO T 93 7.15 32.66 -37.76
CA PRO T 93 7.67 31.30 -37.94
C PRO T 93 8.70 30.99 -36.88
N THR T 94 8.40 30.04 -36.03
CA THR T 94 9.35 29.60 -35.01
C THR T 94 9.46 28.09 -35.02
N LEU T 95 10.47 27.56 -34.34
CA LEU T 95 10.77 26.16 -34.50
C LEU T 95 10.78 25.31 -33.20
N LYS T 96 9.89 24.33 -33.08
CA LYS T 96 10.19 23.31 -32.08
C LYS T 96 10.97 22.21 -32.78
N TYR T 97 12.23 22.07 -32.39
CA TYR T 97 13.11 21.05 -32.91
C TYR T 97 12.82 19.70 -32.23
N HIS T 98 12.64 19.72 -30.91
CA HIS T 98 12.30 18.52 -30.17
C HIS T 98 10.81 18.53 -29.76
N TYR T 99 9.92 18.33 -30.74
CA TYR T 99 8.48 18.29 -30.47
C TYR T 99 8.12 16.90 -30.04
N GLU T 100 7.94 16.71 -28.75
CA GLU T 100 7.96 15.36 -28.19
C GLU T 100 6.76 14.45 -28.48
N GLY T 101 7.06 13.18 -28.73
CA GLY T 101 6.06 12.13 -28.73
C GLY T 101 5.09 12.16 -29.87
N MET T 102 5.59 12.34 -31.08
CA MET T 102 4.73 12.46 -32.25
C MET T 102 4.89 11.28 -33.19
N SER T 103 5.92 10.48 -32.96
CA SER T 103 6.21 9.42 -33.87
C SER T 103 6.53 8.16 -33.09
N VAL T 104 6.12 7.02 -33.60
CA VAL T 104 6.36 5.80 -32.87
C VAL T 104 7.77 5.30 -33.06
N ALA T 105 8.40 4.98 -31.94
CA ALA T 105 9.74 4.40 -31.97
C ALA T 105 9.71 2.89 -31.98
N GLU T 106 9.14 2.33 -30.91
CA GLU T 106 9.04 0.88 -30.73
C GLU T 106 7.63 0.51 -30.37
N CYS T 107 7.19 -0.68 -30.79
CA CYS T 107 5.84 -1.13 -30.48
C CYS T 107 5.88 -2.15 -29.36
N GLY T 108 4.71 -2.52 -28.84
CA GLY T 108 4.68 -3.56 -27.80
C GLY T 108 3.34 -4.00 -27.24
N CYS T 109 3.36 -4.95 -26.32
CA CYS T 109 2.13 -5.50 -25.76
C CYS T 109 2.01 -5.15 -24.30
N ARG T 110 0.85 -4.63 -23.91
CA ARG T 110 0.67 -4.17 -22.53
C ARG T 110 -0.73 -4.45 -21.97
N PRO U 11 25.79 -17.86 -22.18
CA PRO U 11 25.84 -19.32 -22.27
C PRO U 11 24.73 -19.86 -23.18
N LEU U 12 24.57 -19.28 -24.37
CA LEU U 12 23.44 -19.59 -25.25
C LEU U 12 23.40 -21.01 -25.80
N VAL U 13 22.27 -21.37 -26.42
CA VAL U 13 22.06 -22.69 -27.00
C VAL U 13 21.25 -22.60 -28.28
N THR U 14 21.21 -23.67 -29.05
CA THR U 14 20.53 -23.68 -30.34
C THR U 14 19.26 -24.54 -30.34
N CYS U 15 18.14 -23.97 -30.77
CA CYS U 15 16.85 -24.65 -30.76
C CYS U 15 16.20 -24.73 -32.13
N THR U 16 15.35 -25.74 -32.31
CA THR U 16 14.57 -25.86 -33.53
C THR U 16 13.51 -24.77 -33.50
N CYS U 17 13.19 -24.23 -34.68
CA CYS U 17 12.27 -23.10 -34.77
C CYS U 17 11.14 -23.35 -35.77
N GLU U 18 10.04 -23.91 -35.28
CA GLU U 18 8.82 -24.08 -36.09
C GLU U 18 7.70 -23.17 -35.58
N SER U 19 7.59 -21.98 -36.17
CA SER U 19 6.66 -20.96 -35.71
C SER U 19 6.58 -19.83 -36.71
N PRO U 20 5.53 -18.99 -36.60
CA PRO U 20 5.38 -17.81 -37.45
C PRO U 20 6.50 -16.78 -37.28
N HIS U 21 6.83 -16.45 -36.04
CA HIS U 21 7.86 -15.45 -35.79
C HIS U 21 9.26 -15.99 -36.07
N CYS U 22 9.39 -16.88 -37.06
CA CYS U 22 10.66 -17.55 -37.32
C CYS U 22 11.45 -16.98 -38.48
N LYS U 23 12.61 -16.40 -38.17
CA LYS U 23 13.54 -15.91 -39.19
C LYS U 23 14.59 -16.98 -39.52
N GLY U 24 14.12 -18.12 -40.05
CA GLY U 24 15.00 -19.25 -40.35
C GLY U 24 14.38 -20.58 -39.97
N PRO U 25 15.18 -21.67 -40.01
CA PRO U 25 14.75 -23.02 -39.63
C PRO U 25 15.13 -23.36 -38.19
N THR U 26 16.11 -22.62 -37.66
CA THR U 26 16.53 -22.78 -36.28
C THR U 26 16.93 -21.43 -35.72
N CYS U 27 17.02 -21.33 -34.40
CA CYS U 27 17.37 -20.07 -33.75
C CYS U 27 18.24 -20.30 -32.52
N ARG U 28 18.80 -19.22 -31.97
CA ARG U 28 19.62 -19.31 -30.77
C ARG U 28 19.01 -18.52 -29.60
N GLY U 29 19.16 -19.04 -28.38
CA GLY U 29 18.55 -18.40 -27.22
C GLY U 29 19.03 -18.97 -25.91
N ALA U 30 18.37 -18.59 -24.82
CA ALA U 30 18.74 -19.03 -23.47
C ALA U 30 18.32 -20.47 -23.21
N TRP U 31 17.15 -20.83 -23.71
CA TRP U 31 16.64 -22.18 -23.55
C TRP U 31 15.67 -22.44 -24.69
N CYS U 32 15.33 -23.70 -24.89
CA CYS U 32 14.40 -24.06 -25.96
C CYS U 32 13.00 -24.34 -25.43
N THR U 33 12.01 -24.04 -26.27
CA THR U 33 10.61 -24.17 -25.90
C THR U 33 9.83 -25.01 -26.90
N VAL U 34 8.84 -25.72 -26.36
CA VAL U 34 7.79 -26.34 -27.13
C VAL U 34 6.50 -25.97 -26.40
N VAL U 35 5.61 -25.32 -27.10
CA VAL U 35 4.42 -24.79 -26.45
C VAL U 35 3.13 -25.05 -27.24
N LEU U 36 2.12 -25.53 -26.53
CA LEU U 36 0.87 -25.96 -27.14
C LEU U 36 -0.25 -25.04 -26.72
N VAL U 37 -0.98 -24.50 -27.70
CA VAL U 37 -2.02 -23.53 -27.40
C VAL U 37 -3.36 -23.79 -28.08
N ARG U 38 -4.45 -23.68 -27.33
CA ARG U 38 -5.81 -23.85 -27.87
C ARG U 38 -6.65 -22.56 -27.93
N GLU U 39 -6.27 -21.58 -28.76
CA GLU U 39 -7.04 -20.32 -28.84
C GLU U 39 -8.50 -20.68 -29.23
N GLU U 40 -9.45 -19.78 -28.97
CA GLU U 40 -10.90 -20.12 -28.97
C GLU U 40 -11.50 -20.79 -30.22
N GLY U 41 -12.32 -21.81 -29.95
CA GLY U 41 -13.15 -22.45 -30.97
C GLY U 41 -12.38 -23.37 -31.89
N ARG U 42 -11.22 -22.87 -32.33
CA ARG U 42 -10.34 -23.60 -33.22
C ARG U 42 -9.44 -24.58 -32.46
N HIS U 43 -8.59 -25.26 -33.22
CA HIS U 43 -7.86 -26.43 -32.72
C HIS U 43 -6.49 -26.03 -32.26
N PRO U 44 -5.95 -26.78 -31.30
CA PRO U 44 -4.63 -26.50 -30.72
C PRO U 44 -3.53 -26.53 -31.74
N GLN U 45 -2.58 -25.61 -31.60
CA GLN U 45 -1.39 -25.53 -32.47
C GLN U 45 -0.14 -25.58 -31.61
N GLU U 46 0.96 -26.05 -32.18
CA GLU U 46 2.16 -26.38 -31.41
C GLU U 46 3.40 -25.68 -31.96
N HIS U 47 3.89 -24.67 -31.25
CA HIS U 47 5.09 -23.96 -31.71
C HIS U 47 6.33 -24.50 -31.04
N ARG U 48 7.48 -24.36 -31.72
CA ARG U 48 8.78 -24.74 -31.16
C ARG U 48 9.76 -23.61 -31.38
N GLY U 49 10.57 -23.27 -30.38
CA GLY U 49 11.46 -22.14 -30.55
C GLY U 49 12.40 -21.83 -29.40
N CYS U 50 12.75 -20.56 -29.29
CA CYS U 50 13.69 -20.10 -28.27
C CYS U 50 12.93 -19.52 -27.07
N GLY U 51 13.66 -18.85 -26.19
CA GLY U 51 13.05 -18.21 -25.05
C GLY U 51 14.13 -17.73 -24.13
N ASN U 52 14.07 -16.47 -23.72
CA ASN U 52 15.07 -15.92 -22.82
C ASN U 52 14.46 -14.98 -21.82
N LEU U 53 13.15 -14.89 -21.79
CA LEU U 53 12.54 -13.81 -21.02
C LEU U 53 11.94 -14.22 -19.69
N HIS U 54 11.08 -15.22 -19.69
CA HIS U 54 10.30 -15.48 -18.49
C HIS U 54 10.35 -16.93 -18.02
N ARG U 55 11.49 -17.32 -17.46
CA ARG U 55 11.75 -18.72 -17.13
C ARG U 55 10.57 -19.34 -16.41
N GLU U 56 10.01 -18.59 -15.46
CA GLU U 56 8.85 -19.05 -14.69
C GLU U 56 7.79 -19.77 -15.53
N LEU U 57 7.43 -19.22 -16.70
CA LEU U 57 6.44 -19.86 -17.55
C LEU U 57 6.58 -21.38 -17.66
N CYS U 58 7.81 -21.87 -17.67
CA CYS U 58 8.11 -23.28 -17.83
C CYS U 58 7.54 -24.16 -16.70
N ARG U 59 7.61 -23.64 -15.48
CA ARG U 59 7.08 -24.31 -14.29
C ARG U 59 5.57 -24.49 -14.41
N GLY U 60 4.95 -23.74 -15.32
CA GLY U 60 3.53 -23.90 -15.54
C GLY U 60 3.13 -25.36 -15.66
N ARG U 61 2.26 -25.81 -14.75
CA ARG U 61 1.52 -27.04 -14.93
C ARG U 61 0.56 -26.88 -16.11
N PRO U 62 0.44 -27.91 -16.95
CA PRO U 62 -0.37 -27.82 -18.17
C PRO U 62 -1.84 -27.65 -17.85
N THR U 63 -2.48 -26.67 -18.47
CA THR U 63 -3.92 -26.44 -18.33
C THR U 63 -4.72 -26.99 -19.50
N GLU U 64 -6.00 -26.66 -19.55
CA GLU U 64 -6.88 -27.17 -20.59
C GLU U 64 -6.68 -26.42 -21.91
N PHE U 65 -5.75 -25.46 -21.93
CA PHE U 65 -5.63 -24.59 -23.09
C PHE U 65 -4.17 -24.22 -23.39
N VAL U 66 -3.25 -24.65 -22.54
CA VAL U 66 -1.85 -24.32 -22.81
C VAL U 66 -0.83 -25.24 -22.13
N ASN U 67 0.26 -25.52 -22.83
CA ASN U 67 1.32 -26.34 -22.27
C ASN U 67 2.68 -25.76 -22.64
N HIS U 68 3.34 -25.21 -21.63
CA HIS U 68 4.67 -24.66 -21.78
C HIS U 68 5.68 -25.71 -21.35
N TYR U 69 6.58 -26.06 -22.25
CA TYR U 69 7.66 -26.99 -21.94
C TYR U 69 9.04 -26.47 -22.38
N CYS U 70 10.02 -26.52 -21.49
CA CYS U 70 11.34 -25.99 -21.80
C CYS U 70 12.48 -26.95 -21.47
N CYS U 71 13.60 -26.79 -22.17
CA CYS U 71 14.80 -27.57 -21.88
C CYS U 71 16.02 -26.81 -22.37
N ASP U 72 17.21 -27.20 -21.91
CA ASP U 72 18.41 -26.44 -22.25
C ASP U 72 19.62 -27.25 -22.77
N SER U 73 19.37 -28.30 -23.53
CA SER U 73 20.42 -29.00 -24.26
C SER U 73 20.29 -28.67 -25.74
N HIS U 74 21.39 -28.73 -26.47
CA HIS U 74 21.38 -28.43 -27.89
C HIS U 74 20.22 -29.12 -28.64
N LEU U 75 19.60 -28.38 -29.56
CA LEU U 75 18.52 -28.88 -30.43
C LEU U 75 17.49 -29.81 -29.77
N CYS U 76 17.31 -29.65 -28.46
CA CYS U 76 16.50 -30.58 -27.66
C CYS U 76 14.99 -30.52 -27.87
N ASN U 77 14.52 -29.73 -28.83
CA ASN U 77 13.08 -29.63 -29.03
C ASN U 77 12.57 -30.09 -30.41
N HIS U 78 13.21 -31.11 -30.97
CA HIS U 78 12.72 -31.69 -32.20
C HIS U 78 11.78 -32.87 -31.93
N ASN U 79 12.36 -34.03 -31.66
CA ASN U 79 11.59 -35.23 -31.31
C ASN U 79 10.80 -35.04 -30.01
N VAL U 80 9.71 -34.26 -30.04
CA VAL U 80 8.94 -33.99 -28.81
C VAL U 80 7.61 -33.26 -29.00
N SER U 81 6.51 -33.89 -28.60
CA SER U 81 5.17 -33.31 -28.75
C SER U 81 4.43 -33.34 -27.41
N LEU U 82 3.40 -32.51 -27.26
CA LEU U 82 2.78 -32.24 -25.95
C LEU U 82 1.33 -32.69 -25.86
N VAL U 83 0.61 -32.20 -24.85
CA VAL U 83 -0.84 -32.42 -24.77
C VAL U 83 -1.57 -31.64 -23.63
N LEU U 84 -2.89 -31.50 -23.76
CA LEU U 84 -3.70 -30.62 -22.93
C LEU U 84 -4.65 -31.34 -21.97
N GLU U 85 -5.47 -30.58 -21.24
CA GLU U 85 -6.42 -31.17 -20.29
C GLU U 85 -7.90 -30.78 -20.55
N PRO V 11 -2.03 30.11 -12.09
CA PRO V 11 -2.95 31.18 -12.52
C PRO V 11 -4.27 30.62 -13.04
N LEU V 12 -4.89 29.71 -12.29
CA LEU V 12 -6.06 28.97 -12.76
C LEU V 12 -7.33 29.81 -12.96
N VAL V 13 -8.33 29.21 -13.61
CA VAL V 13 -9.60 29.86 -13.93
C VAL V 13 -10.75 28.86 -13.79
N THR V 14 -11.98 29.37 -13.77
CA THR V 14 -13.16 28.52 -13.56
C THR V 14 -14.01 28.41 -14.81
N CYS V 15 -14.34 27.18 -15.22
CA CYS V 15 -15.10 26.94 -16.43
C CYS V 15 -16.37 26.14 -16.18
N THR V 16 -17.35 26.30 -17.07
CA THR V 16 -18.57 25.51 -17.04
C THR V 16 -18.20 24.10 -17.48
N CYS V 17 -18.87 23.11 -16.89
CA CYS V 17 -18.52 21.72 -17.16
C CYS V 17 -19.75 20.90 -17.54
N GLU V 18 -20.03 20.82 -18.83
CA GLU V 18 -21.10 19.96 -19.36
C GLU V 18 -20.50 18.83 -20.18
N SER V 19 -20.28 17.69 -19.54
CA SER V 19 -19.59 16.55 -20.14
C SER V 19 -19.71 15.32 -19.26
N PRO V 20 -19.43 14.14 -19.83
CA PRO V 20 -19.46 12.89 -19.07
C PRO V 20 -18.40 12.82 -17.96
N HIS V 21 -17.17 13.24 -18.27
CA HIS V 21 -16.09 13.20 -17.28
C HIS V 21 -16.21 14.34 -16.25
N CYS V 22 -17.43 14.71 -15.90
CA CYS V 22 -17.65 15.86 -15.03
C CYS V 22 -17.97 15.49 -13.61
N LYS V 23 -17.08 15.86 -12.70
CA LYS V 23 -17.32 15.69 -11.28
C LYS V 23 -17.88 16.99 -10.69
N GLY V 24 -19.06 17.38 -11.16
CA GLY V 24 -19.68 18.61 -10.72
C GLY V 24 -20.38 19.35 -11.83
N PRO V 25 -20.82 20.59 -11.57
CA PRO V 25 -21.46 21.46 -12.56
C PRO V 25 -20.45 22.41 -13.20
N THR V 26 -19.32 22.61 -12.51
CA THR V 26 -18.26 23.46 -13.00
C THR V 26 -16.94 22.89 -12.54
N CYS V 27 -15.86 23.35 -13.14
CA CYS V 27 -14.53 22.85 -12.81
C CYS V 27 -13.50 23.95 -12.92
N ARG V 28 -12.28 23.68 -12.44
CA ARG V 28 -11.20 24.66 -12.54
C ARG V 28 -10.04 24.11 -13.39
N GLY V 29 -9.36 25.00 -14.11
CA GLY V 29 -8.28 24.57 -14.98
C GLY V 29 -7.46 25.72 -15.54
N ALA V 30 -6.62 25.44 -16.53
CA ALA V 30 -5.75 26.46 -17.10
C ALA V 30 -6.49 27.36 -18.07
N TRP V 31 -7.39 26.75 -18.81
CA TRP V 31 -8.22 27.49 -19.76
C TRP V 31 -9.52 26.71 -19.95
N CYS V 32 -10.53 27.37 -20.53
CA CYS V 32 -11.82 26.73 -20.78
C CYS V 32 -11.99 26.30 -22.22
N THR V 33 -12.73 25.22 -22.40
CA THR V 33 -12.92 24.61 -23.70
C THR V 33 -14.39 24.42 -24.03
N VAL V 34 -14.69 24.53 -25.31
CA VAL V 34 -15.94 24.11 -25.90
C VAL V 34 -15.55 23.34 -27.14
N VAL V 35 -15.96 22.08 -27.20
CA VAL V 35 -15.50 21.21 -28.29
C VAL V 35 -16.62 20.40 -28.91
N LEU V 36 -16.65 20.43 -30.24
CA LEU V 36 -17.71 19.80 -31.00
C LEU V 36 -17.18 18.59 -31.75
N VAL V 37 -17.82 17.44 -31.55
CA VAL V 37 -17.31 16.22 -32.16
C VAL V 37 -18.30 15.34 -32.85
N ARG V 38 -17.84 14.79 -33.95
CA ARG V 38 -18.64 13.85 -34.70
C ARG V 38 -17.84 12.57 -34.67
N GLU V 39 -18.43 11.52 -34.11
CA GLU V 39 -17.79 10.22 -33.97
C GLU V 39 -18.72 9.21 -34.63
N GLU V 40 -18.11 8.23 -35.28
CA GLU V 40 -18.84 7.07 -35.80
C GLU V 40 -20.30 7.36 -36.09
N GLY V 41 -20.56 7.90 -37.28
CA GLY V 41 -21.92 8.04 -37.76
C GLY V 41 -22.72 8.99 -36.91
N ARG V 42 -22.61 8.82 -35.59
CA ARG V 42 -23.46 9.54 -34.66
C ARG V 42 -23.53 11.05 -34.91
N HIS V 43 -24.66 11.65 -34.58
CA HIS V 43 -24.77 13.08 -34.71
C HIS V 43 -23.76 13.75 -33.79
N PRO V 44 -23.29 14.94 -34.17
CA PRO V 44 -22.32 15.70 -33.39
C PRO V 44 -22.79 16.01 -31.98
N GLN V 45 -21.88 15.93 -31.01
CA GLN V 45 -22.16 16.30 -29.63
C GLN V 45 -21.18 17.37 -29.17
N GLU V 46 -21.59 18.17 -28.21
CA GLU V 46 -20.84 19.36 -27.82
C GLU V 46 -20.51 19.39 -26.32
N HIS V 47 -19.23 19.21 -25.98
CA HIS V 47 -18.82 19.21 -24.58
C HIS V 47 -18.27 20.57 -24.22
N ARG V 48 -18.36 20.91 -22.93
CA ARG V 48 -17.76 22.13 -22.39
C ARG V 48 -16.99 21.78 -21.12
N GLY V 49 -15.79 22.34 -20.96
CA GLY V 49 -15.01 22.01 -19.79
C GLY V 49 -13.69 22.72 -19.62
N CYS V 50 -12.76 22.03 -18.96
CA CYS V 50 -11.45 22.59 -18.65
C CYS V 50 -10.44 22.14 -19.68
N GLY V 51 -9.17 22.38 -19.38
CA GLY V 51 -8.09 21.90 -20.22
C GLY V 51 -6.81 22.51 -19.76
N ASN V 52 -5.77 21.70 -19.59
CA ASN V 52 -4.46 22.20 -19.15
C ASN V 52 -3.33 21.49 -19.83
N LEU V 53 -3.64 20.66 -20.81
CA LEU V 53 -2.61 19.79 -21.35
C LEU V 53 -2.03 20.18 -22.70
N HIS V 54 -2.87 20.43 -23.69
CA HIS V 54 -2.33 20.58 -25.02
C HIS V 54 -2.81 21.83 -25.73
N ARG V 55 -2.33 22.98 -25.28
CA ARG V 55 -2.77 24.27 -25.80
C ARG V 55 -2.93 24.25 -27.33
N GLU V 56 -1.96 23.66 -28.02
CA GLU V 56 -1.97 23.59 -29.47
C GLU V 56 -3.32 23.22 -30.07
N LEU V 57 -3.99 22.24 -29.50
CA LEU V 57 -5.28 21.81 -30.01
C LEU V 57 -6.22 22.96 -30.36
N CYS V 58 -6.18 24.03 -29.58
CA CYS V 58 -7.02 25.23 -29.77
C CYS V 58 -6.83 25.95 -31.10
N ARG V 59 -5.58 26.05 -31.55
CA ARG V 59 -5.24 26.61 -32.85
C ARG V 59 -5.88 25.81 -33.98
N GLY V 60 -6.28 24.58 -33.69
CA GLY V 60 -6.95 23.79 -34.70
C GLY V 60 -8.02 24.58 -35.43
N ARG V 61 -7.85 24.70 -36.74
CA ARG V 61 -8.92 25.11 -37.64
C ARG V 61 -9.98 24.02 -37.64
N PRO V 62 -11.26 24.42 -37.63
CA PRO V 62 -12.36 23.45 -37.53
C PRO V 62 -12.46 22.58 -38.78
N THR V 63 -12.56 21.27 -38.58
CA THR V 63 -12.68 20.33 -39.68
C THR V 63 -14.10 19.86 -39.79
N GLU V 64 -14.32 18.86 -40.64
CA GLU V 64 -15.67 18.35 -40.90
C GLU V 64 -16.20 17.47 -39.76
N PHE V 65 -15.38 17.30 -38.72
CA PHE V 65 -15.69 16.35 -37.66
C PHE V 65 -15.27 16.80 -36.28
N VAL V 66 -14.64 17.96 -36.18
CA VAL V 66 -14.26 18.45 -34.87
C VAL V 66 -13.98 19.93 -34.84
N ASN V 67 -14.33 20.55 -33.71
CA ASN V 67 -14.08 21.97 -33.51
C ASN V 67 -13.63 22.21 -32.08
N HIS V 68 -12.37 22.56 -31.95
CA HIS V 68 -11.80 22.88 -30.65
C HIS V 68 -11.80 24.40 -30.48
N TYR V 69 -12.45 24.87 -29.41
CA TYR V 69 -12.44 26.29 -29.10
C TYR V 69 -12.06 26.55 -27.64
N CYS V 70 -11.14 27.48 -27.39
CA CYS V 70 -10.67 27.76 -26.03
C CYS V 70 -10.64 29.25 -25.69
N CYS V 71 -10.75 29.55 -24.41
CA CYS V 71 -10.64 30.94 -23.95
C CYS V 71 -10.25 30.94 -22.48
N ASP V 72 -9.78 32.08 -21.96
CA ASP V 72 -9.25 32.09 -20.60
C ASP V 72 -9.76 33.21 -19.69
N SER V 73 -11.03 33.57 -19.84
CA SER V 73 -11.68 34.45 -18.87
C SER V 73 -12.65 33.62 -18.02
N HIS V 74 -12.89 34.05 -16.80
CA HIS V 74 -13.79 33.33 -15.90
C HIS V 74 -15.10 32.92 -16.61
N LEU V 75 -15.54 31.70 -16.34
CA LEU V 75 -16.83 31.15 -16.84
C LEU V 75 -17.16 31.43 -18.30
N CYS V 76 -16.14 31.66 -19.11
CA CYS V 76 -16.32 32.14 -20.48
C CYS V 76 -16.90 31.14 -21.48
N ASN V 77 -17.28 29.95 -21.03
CA ASN V 77 -17.78 28.97 -21.99
C ASN V 77 -19.24 28.54 -21.78
N HIS V 78 -20.07 29.48 -21.34
CA HIS V 78 -21.50 29.20 -21.21
C HIS V 78 -22.25 29.61 -22.47
N ASN V 79 -22.55 30.90 -22.58
CA ASN V 79 -23.21 31.43 -23.79
C ASN V 79 -22.34 31.28 -25.04
N VAL V 80 -22.21 30.06 -25.58
CA VAL V 80 -21.35 29.85 -26.76
C VAL V 80 -21.44 28.45 -27.40
N SER V 81 -21.86 28.40 -28.67
CA SER V 81 -22.00 27.13 -29.39
C SER V 81 -21.28 27.15 -30.74
N LEU V 82 -21.15 26.00 -31.37
CA LEU V 82 -20.37 25.91 -32.60
C LEU V 82 -21.03 25.16 -33.78
N ARG W 11 6.90 1.36 9.04
CA ARG W 11 6.28 0.04 9.03
C ARG W 11 7.23 -1.19 9.02
N GLU W 12 7.16 -2.01 10.07
CA GLU W 12 8.14 -3.08 10.34
C GLU W 12 7.55 -4.48 10.48
N CYS W 13 8.35 -5.49 10.20
CA CYS W 13 7.94 -6.90 10.34
C CYS W 13 9.01 -7.78 11.00
N ILE W 14 8.60 -8.98 11.40
CA ILE W 14 9.55 -9.94 11.92
C ILE W 14 10.17 -10.67 10.73
N TYR W 15 11.50 -10.64 10.66
CA TYR W 15 12.20 -11.37 9.63
C TYR W 15 12.68 -12.69 10.13
N TYR W 16 12.47 -13.73 9.34
CA TYR W 16 13.06 -15.03 9.59
C TYR W 16 13.16 -15.84 8.30
N ASN W 17 14.26 -16.57 8.16
CA ASN W 17 14.44 -17.40 7.00
C ASN W 17 15.22 -18.65 7.34
N ALA W 18 14.52 -19.75 7.59
CA ALA W 18 15.17 -21.02 7.89
C ALA W 18 16.21 -21.37 6.84
N ASN W 19 15.85 -21.21 5.58
CA ASN W 19 16.78 -21.56 4.52
C ASN W 19 17.93 -20.58 4.34
N TRP W 20 18.26 -19.81 5.38
CA TRP W 20 19.21 -18.69 5.25
C TRP W 20 20.56 -19.09 4.71
N GLU W 21 21.21 -20.02 5.40
CA GLU W 21 22.52 -20.47 4.97
C GLU W 21 22.56 -20.72 3.47
N LEU W 22 21.52 -21.36 2.97
CA LEU W 22 21.51 -21.78 1.57
C LEU W 22 21.32 -20.59 0.65
N GLU W 23 20.42 -19.67 1.02
CA GLU W 23 20.08 -18.54 0.16
C GLU W 23 20.98 -17.33 0.45
N ARG W 24 21.92 -17.50 1.36
CA ARG W 24 22.82 -16.42 1.74
C ARG W 24 22.07 -15.18 2.19
N THR W 25 21.33 -15.29 3.29
CA THR W 25 20.60 -14.16 3.86
C THR W 25 20.64 -14.30 5.36
N ASN W 26 20.32 -13.22 6.06
CA ASN W 26 20.24 -13.28 7.52
C ASN W 26 19.27 -14.38 7.97
N GLN W 27 19.37 -14.77 9.23
CA GLN W 27 18.51 -15.83 9.74
C GLN W 27 17.26 -15.31 10.44
N SER W 28 17.44 -14.50 11.47
CA SER W 28 16.31 -13.93 12.16
C SER W 28 16.57 -12.49 12.53
N GLY W 29 15.48 -11.73 12.72
CA GLY W 29 15.58 -10.34 13.07
C GLY W 29 14.32 -9.61 12.69
N LEU W 30 14.46 -8.42 12.14
CA LEU W 30 13.30 -7.67 11.69
C LEU W 30 13.61 -7.00 10.35
N GLU W 31 12.58 -6.41 9.74
CA GLU W 31 12.70 -5.84 8.38
C GLU W 31 11.84 -4.58 8.29
N ARG W 32 12.42 -3.50 7.80
CA ARG W 32 11.63 -2.31 7.51
C ARG W 32 11.14 -2.40 6.07
N CYS W 33 9.85 -2.19 5.85
CA CYS W 33 9.20 -2.55 4.60
C CYS W 33 9.25 -1.47 3.52
N GLU W 34 10.06 -1.68 2.48
CA GLU W 34 10.09 -0.76 1.36
C GLU W 34 8.77 -0.92 0.59
N GLY W 35 8.11 0.19 0.32
CA GLY W 35 6.81 0.13 -0.34
C GLY W 35 6.36 1.37 -1.08
N GLU W 36 5.38 1.17 -1.97
CA GLU W 36 4.84 2.21 -2.85
C GLU W 36 4.07 3.30 -2.10
N GLN W 37 4.15 4.52 -2.63
CA GLN W 37 3.60 5.71 -1.96
C GLN W 37 2.28 5.46 -1.24
N ASP W 38 1.21 5.29 -2.01
CA ASP W 38 -0.11 5.11 -1.44
C ASP W 38 -0.63 3.67 -1.58
N LYS W 39 0.24 2.70 -1.36
CA LYS W 39 -0.17 1.30 -1.29
C LYS W 39 0.05 0.81 0.14
N ARG W 40 -0.70 -0.20 0.57
CA ARG W 40 -0.58 -0.73 1.92
C ARG W 40 0.61 -1.69 2.07
N LEU W 41 0.97 -2.03 3.31
CA LEU W 41 2.05 -2.97 3.58
C LEU W 41 1.61 -4.02 4.58
N HIS W 42 2.28 -5.17 4.56
CA HIS W 42 1.85 -6.33 5.34
C HIS W 42 3.00 -7.16 5.86
N CYS W 43 2.68 -8.12 6.72
CA CYS W 43 3.67 -9.06 7.20
C CYS W 43 3.19 -10.47 6.91
N TYR W 44 4.13 -11.38 6.70
CA TYR W 44 3.79 -12.78 6.46
C TYR W 44 4.60 -13.68 7.34
N ALA W 45 4.06 -14.89 7.49
CA ALA W 45 4.75 -16.01 8.09
C ALA W 45 4.33 -17.25 7.32
N SER W 46 5.19 -18.25 7.32
CA SER W 46 4.91 -19.52 6.68
C SER W 46 5.72 -20.59 7.36
N TRP W 47 5.09 -21.75 7.52
CA TRP W 47 5.69 -22.82 8.26
C TRP W 47 5.17 -24.17 7.77
N ARG W 48 5.84 -25.25 8.13
CA ARG W 48 5.38 -26.59 7.80
C ARG W 48 4.71 -27.19 9.03
N ASN W 49 3.79 -28.14 8.84
CA ASN W 49 3.14 -28.79 9.97
C ASN W 49 3.01 -30.28 9.81
N SER W 50 3.96 -31.01 10.40
CA SER W 50 3.98 -32.46 10.33
C SER W 50 3.26 -33.03 11.55
N SER W 51 1.93 -33.02 11.48
CA SER W 51 1.11 -33.51 12.57
C SER W 51 1.51 -32.91 13.91
N GLY W 52 1.21 -31.63 14.11
CA GLY W 52 1.39 -31.01 15.40
C GLY W 52 2.75 -30.39 15.65
N THR W 53 3.78 -30.91 15.00
CA THR W 53 5.12 -30.36 15.19
C THR W 53 5.36 -29.26 14.19
N ILE W 54 5.60 -28.04 14.68
CA ILE W 54 5.71 -26.87 13.81
C ILE W 54 7.12 -26.45 13.48
N GLU W 55 7.49 -26.55 12.21
CA GLU W 55 8.80 -26.08 11.73
C GLU W 55 8.66 -24.78 10.93
N LEU W 56 9.26 -23.71 11.42
CA LEU W 56 9.16 -22.40 10.77
C LEU W 56 9.91 -22.41 9.44
N VAL W 57 9.42 -21.66 8.46
CA VAL W 57 10.06 -21.63 7.16
C VAL W 57 10.45 -20.22 6.74
N LYS W 58 9.59 -19.24 6.99
CA LYS W 58 9.91 -17.88 6.60
C LYS W 58 8.99 -16.82 7.22
N LYS W 59 9.55 -15.69 7.64
CA LYS W 59 8.74 -14.57 8.11
C LYS W 59 9.30 -13.28 7.52
N GLY W 60 8.44 -12.32 7.23
CA GLY W 60 8.95 -11.06 6.70
C GLY W 60 7.93 -10.13 6.09
N CYS W 61 8.37 -9.15 5.32
CA CYS W 61 7.47 -8.16 4.75
C CYS W 61 6.73 -8.72 3.56
N TRP W 62 5.58 -8.15 3.25
CA TRP W 62 4.71 -8.65 2.17
C TRP W 62 3.92 -7.51 1.58
N LEU W 63 3.68 -7.53 0.27
CA LEU W 63 3.14 -6.37 -0.44
C LEU W 63 1.64 -6.30 -0.63
N ASP W 64 1.13 -5.07 -0.51
CA ASP W 64 -0.29 -4.76 -0.70
C ASP W 64 -1.08 -5.88 -1.39
N ASP W 65 -1.53 -6.83 -0.61
CA ASP W 65 -2.32 -7.95 -1.10
C ASP W 65 -3.61 -7.97 -0.26
N PHE W 66 -4.75 -7.87 -0.93
CA PHE W 66 -6.04 -7.68 -0.27
C PHE W 66 -6.43 -8.80 0.68
N ASN W 67 -5.76 -9.94 0.56
CA ASN W 67 -6.04 -11.05 1.44
C ASN W 67 -5.71 -10.69 2.88
N CYS W 68 -4.77 -9.76 3.04
CA CYS W 68 -4.32 -9.34 4.36
C CYS W 68 -5.03 -8.10 4.85
N TYR W 69 -5.84 -7.51 3.99
CA TYR W 69 -6.47 -6.23 4.30
C TYR W 69 -7.18 -6.27 5.64
N ASP W 70 -6.89 -5.27 6.47
CA ASP W 70 -7.54 -5.05 7.76
C ASP W 70 -7.72 -6.31 8.57
N ARG W 71 -6.64 -7.02 8.78
CA ARG W 71 -6.63 -8.25 9.57
C ARG W 71 -5.55 -8.19 10.67
N GLN W 72 -6.00 -8.05 11.91
CA GLN W 72 -5.07 -7.74 13.00
C GLN W 72 -4.05 -8.84 13.31
N GLU W 73 -4.49 -10.09 13.34
CA GLU W 73 -3.61 -11.19 13.72
C GLU W 73 -3.19 -12.04 12.52
N CYS W 74 -2.04 -12.70 12.62
CA CYS W 74 -1.55 -13.48 11.51
C CYS W 74 -2.12 -14.88 11.53
N VAL W 75 -3.13 -15.13 10.71
CA VAL W 75 -3.79 -16.42 10.75
C VAL W 75 -3.94 -17.06 9.37
N ALA W 76 -3.71 -18.37 9.33
CA ALA W 76 -3.76 -19.17 8.11
C ALA W 76 -5.12 -19.77 7.95
N THR W 77 -5.60 -19.85 6.72
CA THR W 77 -6.99 -20.24 6.47
C THR W 77 -7.15 -21.54 5.70
N GLU W 78 -6.10 -21.98 5.02
CA GLU W 78 -6.17 -23.18 4.20
C GLU W 78 -6.46 -24.42 5.02
N GLU W 79 -7.16 -25.39 4.44
CA GLU W 79 -7.57 -26.61 5.14
C GLU W 79 -6.37 -27.44 5.59
N ASN W 80 -5.75 -28.14 4.65
CA ASN W 80 -4.56 -28.91 4.95
C ASN W 80 -3.50 -28.72 3.87
N PRO W 81 -2.60 -27.76 4.08
CA PRO W 81 -1.58 -27.43 3.09
C PRO W 81 -0.20 -28.02 3.35
N GLN W 82 0.50 -28.30 2.25
CA GLN W 82 1.94 -28.52 2.26
C GLN W 82 2.60 -27.44 3.12
N VAL W 83 2.54 -26.19 2.66
CA VAL W 83 3.08 -25.06 3.39
C VAL W 83 1.98 -24.18 3.93
N TYR W 84 2.00 -23.94 5.23
CA TYR W 84 1.04 -23.04 5.85
C TYR W 84 1.52 -21.61 5.64
N PHE W 85 0.59 -20.73 5.26
CA PHE W 85 0.90 -19.32 5.02
C PHE W 85 -0.09 -18.42 5.69
N CYS W 86 0.37 -17.28 6.15
CA CYS W 86 -0.53 -16.28 6.71
C CYS W 86 0.03 -14.86 6.59
N CYS W 87 -0.83 -13.89 6.33
CA CYS W 87 -0.41 -12.51 6.30
C CYS W 87 -1.30 -11.64 7.16
N CYS W 88 -0.84 -10.41 7.41
CA CYS W 88 -1.51 -9.50 8.32
C CYS W 88 -1.05 -8.05 8.16
N GLU W 89 -1.72 -7.15 8.88
CA GLU W 89 -1.47 -5.72 8.78
C GLU W 89 -1.24 -5.14 10.17
N GLY W 90 -0.11 -4.46 10.34
CA GLY W 90 0.23 -3.89 11.63
C GLY W 90 1.61 -4.34 12.07
N ASN W 91 2.41 -3.40 12.58
CA ASN W 91 3.78 -3.70 12.96
C ASN W 91 3.96 -4.96 13.80
N PHE W 92 4.80 -5.86 13.32
CA PHE W 92 5.17 -7.10 14.04
C PHE W 92 4.00 -8.04 14.26
N CYS W 93 2.95 -7.86 13.49
CA CYS W 93 1.79 -8.71 13.63
C CYS W 93 2.12 -10.18 13.37
N ASN W 94 3.29 -10.44 12.80
CA ASN W 94 3.71 -11.81 12.49
C ASN W 94 4.60 -12.43 13.53
N GLU W 95 4.70 -11.80 14.69
CA GLU W 95 5.45 -12.38 15.79
C GLU W 95 4.92 -13.76 16.11
N ARG W 96 3.61 -13.82 16.37
CA ARG W 96 2.94 -15.07 16.67
C ARG W 96 1.90 -15.36 15.59
N PHE W 97 1.67 -16.63 15.30
CA PHE W 97 0.76 -17.03 14.26
C PHE W 97 0.00 -18.29 14.65
N THR W 98 -1.15 -18.53 14.03
CA THR W 98 -1.99 -19.70 14.33
C THR W 98 -2.73 -20.24 13.10
N HIS W 99 -3.52 -21.30 13.28
CA HIS W 99 -4.22 -21.97 12.17
C HIS W 99 -5.69 -22.21 12.46
N LEU W 100 -6.56 -21.89 11.51
CA LEU W 100 -8.00 -22.22 11.60
C LEU W 100 -8.80 -21.95 10.32
N PRO W 101 -9.11 -23.02 9.57
CA PRO W 101 -9.74 -22.94 8.25
C PRO W 101 -11.14 -22.32 8.24
N ARG X 11 27.55 15.71 -38.25
CA ARG X 11 26.52 16.28 -39.12
C ARG X 11 26.11 17.75 -38.82
N GLU X 12 26.36 18.64 -39.77
CA GLU X 12 26.27 20.10 -39.56
C GLU X 12 25.32 20.84 -40.55
N CYS X 13 24.81 22.00 -40.12
CA CYS X 13 23.92 22.82 -40.95
C CYS X 13 24.24 24.30 -40.86
N ILE X 14 23.65 25.06 -41.75
CA ILE X 14 23.75 26.51 -41.67
C ILE X 14 22.68 27.01 -40.73
N TYR X 15 23.11 27.76 -39.72
CA TYR X 15 22.16 28.38 -38.78
C TYR X 15 21.90 29.83 -39.17
N TYR X 16 20.62 30.18 -39.15
CA TYR X 16 20.21 31.57 -39.29
C TYR X 16 18.83 31.80 -38.71
N ASN X 17 18.66 32.94 -38.05
CA ASN X 17 17.38 33.28 -37.47
C ASN X 17 17.13 34.77 -37.49
N ALA X 18 16.39 35.23 -38.50
CA ALA X 18 16.10 36.65 -38.62
C ALA X 18 15.51 37.18 -37.32
N ASN X 19 14.59 36.41 -36.76
CA ASN X 19 13.91 36.87 -35.56
C ASN X 19 14.76 36.76 -34.29
N TRP X 20 16.09 36.76 -34.44
CA TRP X 20 16.99 36.44 -33.33
C TRP X 20 16.83 37.37 -32.13
N GLU X 21 16.99 38.67 -32.37
CA GLU X 21 16.85 39.65 -31.31
C GLU X 21 15.62 39.32 -30.46
N LEU X 22 14.48 39.17 -31.12
CA LEU X 22 13.23 38.94 -30.41
C LEU X 22 13.28 37.63 -29.58
N GLU X 23 13.73 36.54 -30.20
CA GLU X 23 13.68 35.21 -29.57
C GLU X 23 14.93 34.96 -28.69
N ARG X 24 15.83 35.95 -28.61
CA ARG X 24 17.07 35.81 -27.84
C ARG X 24 17.86 34.58 -28.28
N THR X 25 18.34 34.60 -29.52
CA THR X 25 19.19 33.51 -30.03
C THR X 25 20.20 34.13 -30.96
N ASN X 26 21.25 33.37 -31.29
CA ASN X 26 22.23 33.85 -32.28
C ASN X 26 21.55 34.19 -33.61
N GLN X 27 22.27 34.94 -34.44
CA GLN X 27 21.71 35.43 -35.69
C GLN X 27 22.09 34.55 -36.86
N SER X 28 23.39 34.41 -37.09
CA SER X 28 23.87 33.54 -38.15
C SER X 28 25.11 32.75 -37.73
N GLY X 29 25.32 31.62 -38.39
CA GLY X 29 26.46 30.78 -38.12
C GLY X 29 26.15 29.36 -38.57
N LEU X 30 26.52 28.39 -37.73
CA LEU X 30 26.26 27.00 -38.05
C LEU X 30 25.78 26.22 -36.82
N GLU X 31 25.32 25.00 -37.04
CA GLU X 31 24.74 24.22 -35.94
C GLU X 31 25.14 22.76 -36.10
N ARG X 32 25.64 22.14 -35.03
CA ARG X 32 25.86 20.71 -35.06
C ARG X 32 24.58 19.98 -34.58
N CYS X 33 24.13 19.00 -35.35
CA CYS X 33 22.77 18.45 -35.16
C CYS X 33 22.69 17.32 -34.12
N GLU X 34 22.11 17.61 -32.96
CA GLU X 34 21.82 16.58 -31.96
C GLU X 34 20.74 15.66 -32.52
N GLY X 35 20.99 14.36 -32.51
CA GLY X 35 20.04 13.44 -33.11
C GLY X 35 20.06 12.01 -32.58
N GLU X 36 18.96 11.31 -32.79
CA GLU X 36 18.75 9.94 -32.32
C GLU X 36 19.67 8.91 -32.99
N GLN X 37 20.04 7.88 -32.24
CA GLN X 37 21.04 6.90 -32.67
C GLN X 37 20.96 6.55 -34.15
N ASP X 38 19.92 5.79 -34.52
CA ASP X 38 19.79 5.31 -35.88
C ASP X 38 18.66 6.02 -36.63
N LYS X 39 18.53 7.32 -36.43
CA LYS X 39 17.62 8.15 -37.22
C LYS X 39 18.43 9.13 -38.08
N ARG X 40 17.88 9.55 -39.21
CA ARG X 40 18.58 10.47 -40.11
C ARG X 40 18.55 11.92 -39.61
N LEU X 41 19.38 12.77 -40.20
CA LEU X 41 19.40 14.21 -39.91
C LEU X 41 19.31 15.07 -41.16
N HIS X 42 18.83 16.30 -41.00
CA HIS X 42 18.52 17.15 -42.15
C HIS X 42 18.81 18.62 -41.88
N CYS X 43 18.76 19.42 -42.95
CA CYS X 43 18.88 20.88 -42.84
C CYS X 43 17.65 21.53 -43.46
N TYR X 44 17.26 22.68 -42.93
CA TYR X 44 16.13 23.41 -43.49
C TYR X 44 16.49 24.86 -43.71
N ALA X 45 15.70 25.48 -44.57
CA ALA X 45 15.72 26.90 -44.78
C ALA X 45 14.28 27.30 -45.01
N SER X 46 13.97 28.55 -44.67
CA SER X 46 12.62 29.09 -44.88
C SER X 46 12.76 30.58 -45.02
N TRP X 47 11.99 31.13 -45.96
CA TRP X 47 12.09 32.52 -46.34
C TRP X 47 10.76 33.04 -46.86
N ARG X 48 10.61 34.36 -46.90
CA ARG X 48 9.42 34.97 -47.44
C ARG X 48 9.72 35.40 -48.88
N ASN X 49 8.70 35.52 -49.74
CA ASN X 49 8.91 35.99 -51.11
C ASN X 49 7.85 36.96 -51.57
N SER X 50 8.17 38.25 -51.46
CA SER X 50 7.25 39.29 -51.87
C SER X 50 7.52 39.69 -53.32
N SER X 51 6.99 38.89 -54.24
CA SER X 51 7.20 39.11 -55.67
C SER X 51 8.68 39.32 -56.00
N GLY X 52 9.47 38.26 -55.91
CA GLY X 52 10.85 38.31 -56.34
C GLY X 52 11.90 38.77 -55.33
N THR X 53 11.47 39.57 -54.37
CA THR X 53 12.38 40.03 -53.30
C THR X 53 12.40 39.03 -52.15
N ILE X 54 13.57 38.42 -51.90
CA ILE X 54 13.69 37.33 -50.95
C ILE X 54 14.18 37.78 -49.58
N GLU X 55 13.32 37.64 -48.59
CA GLU X 55 13.70 37.91 -47.20
C GLU X 55 13.84 36.58 -46.41
N LEU X 56 15.04 36.31 -45.91
CA LEU X 56 15.31 35.09 -45.16
C LEU X 56 14.58 35.12 -43.82
N VAL X 57 14.16 33.94 -43.35
CA VAL X 57 13.47 33.86 -42.08
C VAL X 57 14.17 32.92 -41.10
N LYS X 58 14.62 31.76 -41.59
CA LYS X 58 15.26 30.79 -40.69
C LYS X 58 16.01 29.69 -41.42
N LYS X 59 17.18 29.34 -40.89
CA LYS X 59 17.95 28.21 -41.40
C LYS X 59 18.48 27.39 -40.22
N GLY X 60 18.52 26.08 -40.35
CA GLY X 60 19.06 25.30 -39.25
C GLY X 60 18.84 23.81 -39.36
N CYS X 61 19.04 23.10 -38.26
CA CYS X 61 18.94 21.65 -38.26
C CYS X 61 17.49 21.22 -38.23
N TRP X 62 17.21 20.02 -38.76
CA TRP X 62 15.84 19.48 -38.90
C TRP X 62 15.82 17.96 -38.75
N LEU X 63 14.80 17.42 -38.10
CA LEU X 63 14.80 16.01 -37.70
C LEU X 63 14.20 15.03 -38.69
N ASP X 64 14.83 13.86 -38.76
CA ASP X 64 14.39 12.73 -39.58
C ASP X 64 12.94 12.85 -40.09
N ASP X 65 12.79 13.54 -41.20
CA ASP X 65 11.51 13.74 -41.83
C ASP X 65 11.66 13.26 -43.27
N PHE X 66 10.83 12.31 -43.67
CA PHE X 66 10.97 11.61 -44.95
C PHE X 66 10.88 12.50 -46.18
N ASN X 67 10.25 13.66 -46.02
CA ASN X 67 10.16 14.65 -47.11
C ASN X 67 11.55 15.06 -47.60
N CYS X 68 12.55 14.97 -46.72
CA CYS X 68 13.90 15.40 -47.03
C CYS X 68 14.75 14.22 -47.46
N TYR X 69 14.19 13.02 -47.33
CA TYR X 69 14.94 11.80 -47.59
C TYR X 69 15.69 11.84 -48.93
N ASP X 70 16.98 11.54 -48.87
CA ASP X 70 17.84 11.42 -50.05
C ASP X 70 17.60 12.54 -51.06
N ARG X 71 17.74 13.78 -50.60
CA ARG X 71 17.56 14.94 -51.46
C ARG X 71 18.76 15.88 -51.35
N GLN X 72 19.55 15.97 -52.43
CA GLN X 72 20.85 16.62 -52.35
C GLN X 72 20.79 18.13 -52.16
N GLU X 73 19.89 18.80 -52.88
CA GLU X 73 19.79 20.26 -52.79
C GLU X 73 18.56 20.71 -52.02
N CYS X 74 18.64 21.91 -51.45
CA CYS X 74 17.55 22.44 -50.64
C CYS X 74 16.54 23.13 -51.53
N VAL X 75 15.44 22.44 -51.84
CA VAL X 75 14.45 23.00 -52.76
C VAL X 75 13.03 22.93 -52.25
N ALA X 76 12.31 24.04 -52.45
CA ALA X 76 10.94 24.18 -51.99
C ALA X 76 9.98 23.75 -53.10
N THR X 77 8.87 23.13 -52.73
CA THR X 77 8.00 22.52 -53.72
C THR X 77 6.59 23.12 -53.77
N GLU X 78 6.18 23.81 -52.71
CA GLU X 78 4.84 24.41 -52.63
C GLU X 78 4.60 25.43 -53.75
N GLU X 79 3.35 25.55 -54.20
CA GLU X 79 3.02 26.43 -55.33
C GLU X 79 3.25 27.90 -55.00
N ASN X 80 2.37 28.47 -54.18
CA ASN X 80 2.54 29.85 -53.73
C ASN X 80 2.23 29.98 -52.24
N PRO X 81 3.27 29.90 -51.40
CA PRO X 81 3.09 29.91 -49.95
C PRO X 81 3.40 31.25 -49.28
N GLN X 82 2.67 31.52 -48.21
CA GLN X 82 3.04 32.55 -47.25
C GLN X 82 4.53 32.41 -46.93
N VAL X 83 4.91 31.30 -46.31
CA VAL X 83 6.31 31.03 -45.98
C VAL X 83 6.87 29.89 -46.83
N TYR X 84 7.98 30.15 -47.51
CA TYR X 84 8.61 29.13 -48.32
C TYR X 84 9.46 28.30 -47.38
N PHE X 85 9.39 26.97 -47.57
CA PHE X 85 10.18 26.04 -46.76
C PHE X 85 10.90 25.03 -47.66
N CYS X 86 12.07 24.61 -47.24
CA CYS X 86 12.72 23.49 -47.89
C CYS X 86 13.66 22.76 -46.92
N CYS X 87 13.78 21.46 -47.11
CA CYS X 87 14.76 20.70 -46.36
C CYS X 87 15.62 19.81 -47.26
N CYS X 88 16.70 19.27 -46.69
CA CYS X 88 17.64 18.47 -47.45
C CYS X 88 18.53 17.61 -46.55
N GLU X 89 19.37 16.80 -47.19
CA GLU X 89 20.25 15.89 -46.49
C GLU X 89 21.69 16.08 -46.98
N GLY X 90 22.61 16.26 -46.05
CA GLY X 90 24.02 16.44 -46.39
C GLY X 90 24.53 17.73 -45.82
N ASN X 91 25.74 17.70 -45.26
CA ASN X 91 26.31 18.85 -44.58
C ASN X 91 26.23 20.16 -45.35
N PHE X 92 25.66 21.17 -44.69
CA PHE X 92 25.53 22.52 -45.26
C PHE X 92 24.75 22.61 -46.56
N CYS X 93 23.93 21.58 -46.82
CA CYS X 93 23.09 21.57 -48.01
C CYS X 93 22.14 22.77 -48.06
N ASN X 94 21.94 23.43 -46.92
CA ASN X 94 21.06 24.60 -46.86
C ASN X 94 21.75 25.94 -47.01
N GLU X 95 23.01 25.93 -47.46
CA GLU X 95 23.74 27.16 -47.74
C GLU X 95 22.98 27.97 -48.79
N ARG X 96 22.65 27.34 -49.92
CA ARG X 96 21.87 27.97 -50.98
C ARG X 96 20.56 27.21 -51.16
N PHE X 97 19.50 27.92 -51.54
CA PHE X 97 18.19 27.29 -51.74
C PHE X 97 17.47 27.93 -52.92
N THR X 98 16.46 27.24 -53.45
CA THR X 98 15.70 27.73 -54.61
C THR X 98 14.23 27.31 -54.56
N HIS X 99 13.47 27.66 -55.60
CA HIS X 99 12.03 27.36 -55.67
C HIS X 99 11.58 26.76 -57.01
N LEU X 100 10.79 25.68 -56.95
CA LEU X 100 10.17 25.10 -58.16
C LEU X 100 9.14 24.01 -57.87
N PRO X 101 7.85 24.34 -57.97
CA PRO X 101 6.71 23.49 -57.61
C PRO X 101 6.55 22.19 -58.43
N SER Y 6 43.53 -21.85 17.79
CA SER Y 6 44.93 -21.90 17.34
C SER Y 6 45.15 -22.75 16.07
N HIS Y 7 45.94 -23.81 16.22
CA HIS Y 7 46.36 -24.61 15.09
C HIS Y 7 45.29 -25.58 14.58
N CYS Y 8 45.58 -26.87 14.69
CA CYS Y 8 44.80 -27.98 14.10
C CYS Y 8 44.37 -29.00 15.17
N GLN Y 9 43.09 -29.36 15.18
CA GLN Y 9 42.53 -30.19 16.25
C GLN Y 9 41.20 -30.84 15.91
N LYS Y 10 40.79 -31.74 16.80
CA LYS Y 10 39.48 -32.40 16.72
C LYS Y 10 38.40 -31.51 17.37
N THR Y 11 37.23 -31.42 16.72
CA THR Y 11 36.14 -30.56 17.17
C THR Y 11 34.84 -31.34 17.26
N SER Y 12 33.94 -30.91 18.12
CA SER Y 12 32.64 -31.56 18.17
C SER Y 12 31.86 -31.25 16.89
N LEU Y 13 31.19 -32.27 16.35
CA LEU Y 13 30.23 -32.03 15.28
C LEU Y 13 29.02 -32.94 15.47
N ARG Y 14 28.01 -32.40 16.13
CA ARG Y 14 26.80 -33.18 16.33
C ARG Y 14 26.02 -33.18 15.02
N VAL Y 15 26.08 -34.30 14.32
CA VAL Y 15 25.29 -34.45 13.13
C VAL Y 15 23.93 -34.98 13.50
N ASN Y 16 22.90 -34.31 13.00
CA ASN Y 16 21.53 -34.73 13.23
C ASN Y 16 21.01 -35.32 11.93
N PHE Y 17 20.74 -36.62 11.93
CA PHE Y 17 20.32 -37.28 10.70
C PHE Y 17 19.14 -36.63 9.98
N GLU Y 18 18.19 -36.09 10.75
CA GLU Y 18 17.08 -35.36 10.18
C GLU Y 18 17.59 -34.22 9.29
N ASP Y 19 18.66 -33.55 9.74
CA ASP Y 19 19.24 -32.42 9.00
C ASP Y 19 19.75 -32.80 7.61
N ILE Y 20 20.26 -34.01 7.46
CA ILE Y 20 20.69 -34.47 6.14
C ILE Y 20 19.73 -35.48 5.53
N GLY Y 21 18.52 -35.54 6.07
CA GLY Y 21 17.45 -36.34 5.49
C GLY Y 21 17.70 -37.84 5.52
N TRP Y 22 18.44 -38.26 6.53
CA TRP Y 22 18.62 -39.67 6.73
C TRP Y 22 17.63 -40.20 7.76
N ASP Y 23 16.78 -39.31 8.29
CA ASP Y 23 15.75 -39.69 9.26
C ASP Y 23 14.78 -40.69 8.65
N SER Y 24 14.82 -40.79 7.33
CA SER Y 24 13.99 -41.74 6.60
C SER Y 24 14.29 -43.22 6.92
N TRP Y 25 15.52 -43.51 7.32
CA TRP Y 25 15.95 -44.89 7.47
C TRP Y 25 16.84 -45.16 8.69
N ILE Y 26 17.39 -44.10 9.26
CA ILE Y 26 18.05 -44.24 10.55
C ILE Y 26 16.99 -44.05 11.64
N ILE Y 27 16.73 -45.13 12.38
CA ILE Y 27 15.77 -45.07 13.48
C ILE Y 27 16.47 -44.53 14.73
N ALA Y 28 17.72 -44.94 14.93
CA ALA Y 28 18.54 -44.46 16.03
C ALA Y 28 20.04 -44.56 15.73
N PRO Y 29 20.82 -43.61 16.27
CA PRO Y 29 20.34 -42.51 17.13
C PRO Y 29 19.70 -41.44 16.27
N LYS Y 30 19.21 -40.37 16.89
CA LYS Y 30 18.60 -39.30 16.10
C LYS Y 30 19.70 -38.30 15.71
N GLU Y 31 20.68 -38.16 16.59
CA GLU Y 31 21.90 -37.44 16.27
C GLU Y 31 23.10 -38.10 16.93
N TYR Y 32 24.29 -37.84 16.43
CA TYR Y 32 25.47 -38.52 16.92
C TYR Y 32 26.70 -37.64 16.74
N GLU Y 33 27.74 -37.93 17.52
CA GLU Y 33 28.95 -37.15 17.47
C GLU Y 33 29.88 -37.66 16.38
N ALA Y 34 29.84 -37.02 15.22
CA ALA Y 34 30.94 -37.21 14.31
C ALA Y 34 31.83 -36.08 14.72
N TYR Y 35 33.10 -36.17 14.43
CA TYR Y 35 33.85 -34.99 14.76
C TYR Y 35 34.12 -34.17 13.53
N GLU Y 36 34.79 -33.04 13.73
CA GLU Y 36 35.27 -32.23 12.62
C GLU Y 36 36.78 -32.14 12.80
N CYS Y 37 37.50 -31.96 11.70
CA CYS Y 37 38.90 -31.62 11.82
C CYS Y 37 39.13 -30.17 11.40
N LYS Y 38 39.30 -29.30 12.39
CA LYS Y 38 39.35 -27.85 12.15
C LYS Y 38 40.77 -27.36 12.44
N GLY Y 39 41.21 -26.31 11.75
CA GLY Y 39 42.46 -25.69 12.11
C GLY Y 39 43.52 -25.72 11.04
N GLY Y 40 44.56 -24.94 11.26
CA GLY Y 40 45.62 -24.82 10.29
C GLY Y 40 46.82 -25.68 10.64
N CYS Y 41 47.59 -26.00 9.63
CA CYS Y 41 48.83 -26.74 9.82
C CYS Y 41 49.99 -25.75 9.73
N PHE Y 42 50.39 -25.24 10.89
CA PHE Y 42 51.33 -24.13 10.98
C PHE Y 42 52.70 -24.59 11.40
N PHE Y 43 53.71 -24.13 10.67
CA PHE Y 43 55.08 -24.56 10.94
C PHE Y 43 55.60 -23.96 12.26
N PRO Y 44 56.32 -24.77 13.05
CA PRO Y 44 56.61 -26.17 12.76
C PRO Y 44 55.43 -27.07 13.13
N LEU Y 45 55.36 -28.23 12.48
CA LEU Y 45 54.24 -29.15 12.66
C LEU Y 45 54.41 -30.01 13.91
N ALA Y 46 53.53 -29.80 14.89
CA ALA Y 46 53.56 -30.58 16.13
C ALA Y 46 53.54 -32.09 15.88
N ASP Y 47 54.21 -32.85 16.73
CA ASP Y 47 54.27 -34.31 16.55
C ASP Y 47 52.87 -34.93 16.55
N ASP Y 48 52.01 -34.38 17.40
CA ASP Y 48 50.68 -34.97 17.56
C ASP Y 48 49.79 -34.75 16.35
N VAL Y 49 50.41 -34.35 15.25
CA VAL Y 49 49.66 -34.13 14.02
C VAL Y 49 50.15 -35.11 12.96
N THR Y 50 51.08 -35.98 13.36
CA THR Y 50 51.49 -37.12 12.54
C THR Y 50 51.95 -36.69 11.16
N PRO Y 51 52.60 -35.51 11.06
CA PRO Y 51 52.94 -34.99 9.73
C PRO Y 51 53.67 -36.02 8.89
N THR Y 52 53.26 -36.13 7.62
CA THR Y 52 53.96 -36.96 6.65
C THR Y 52 55.14 -36.15 6.14
N LYS Y 53 56.15 -36.83 5.63
CA LYS Y 53 57.26 -36.14 4.99
C LYS Y 53 56.70 -35.13 4.01
N HIS Y 54 55.82 -35.60 3.14
CA HIS Y 54 55.28 -34.77 2.09
C HIS Y 54 54.67 -33.51 2.68
N ALA Y 55 53.83 -33.68 3.70
CA ALA Y 55 53.22 -32.56 4.39
C ALA Y 55 54.25 -31.54 4.82
N ILE Y 56 55.36 -32.02 5.39
CA ILE Y 56 56.46 -31.14 5.75
C ILE Y 56 56.96 -30.35 4.53
N VAL Y 57 57.43 -31.09 3.52
CA VAL Y 57 57.95 -30.46 2.30
C VAL Y 57 56.99 -29.41 1.74
N GLN Y 58 55.75 -29.82 1.48
CA GLN Y 58 54.74 -28.92 0.95
C GLN Y 58 54.68 -27.70 1.83
N THR Y 59 54.51 -27.90 3.14
CA THR Y 59 54.46 -26.77 4.05
C THR Y 59 55.60 -25.76 3.83
N LEU Y 60 56.84 -26.26 3.74
CA LEU Y 60 57.98 -25.41 3.46
C LEU Y 60 57.83 -24.63 2.14
N VAL Y 61 57.62 -25.38 1.06
CA VAL Y 61 57.44 -24.77 -0.24
C VAL Y 61 56.42 -23.67 -0.17
N HIS Y 62 55.33 -23.92 0.55
CA HIS Y 62 54.30 -22.90 0.74
C HIS Y 62 54.82 -21.66 1.46
N LEU Y 63 55.64 -21.87 2.48
CA LEU Y 63 56.29 -20.73 3.11
C LEU Y 63 56.96 -19.87 2.05
N LYS Y 64 57.55 -20.50 1.03
CA LYS Y 64 58.19 -19.67 -0.02
C LYS Y 64 57.27 -19.19 -1.15
N PHE Y 65 56.19 -19.90 -1.41
CA PHE Y 65 55.32 -19.55 -2.53
C PHE Y 65 53.85 -19.54 -2.11
N PRO Y 66 53.55 -18.71 -1.10
CA PRO Y 66 52.26 -18.77 -0.40
C PRO Y 66 51.11 -18.50 -1.35
N THR Y 67 51.41 -18.19 -2.60
CA THR Y 67 50.33 -17.90 -3.56
C THR Y 67 50.11 -19.03 -4.56
N LYS Y 68 51.14 -19.84 -4.76
CA LYS Y 68 51.07 -20.91 -5.75
C LYS Y 68 50.92 -22.29 -5.07
N VAL Y 69 51.28 -22.37 -3.79
CA VAL Y 69 51.27 -23.61 -3.04
C VAL Y 69 50.57 -23.44 -1.70
N GLY Y 70 49.67 -24.36 -1.35
CA GLY Y 70 48.87 -24.19 -0.14
C GLY Y 70 49.39 -24.94 1.08
N LYS Y 71 48.91 -24.57 2.26
CA LYS Y 71 49.29 -25.30 3.49
C LYS Y 71 48.84 -26.77 3.39
N ALA Y 72 49.34 -27.61 4.28
CA ALA Y 72 48.77 -28.95 4.37
C ALA Y 72 47.38 -28.80 4.96
N CYS Y 73 46.52 -29.79 4.72
CA CYS Y 73 45.17 -29.73 5.23
C CYS Y 73 45.00 -30.52 6.53
N CYS Y 74 44.14 -30.04 7.43
CA CYS Y 74 43.81 -30.77 8.66
C CYS Y 74 42.66 -31.75 8.43
N VAL Y 75 42.97 -33.03 8.40
CA VAL Y 75 42.00 -34.04 8.01
C VAL Y 75 41.91 -35.15 9.05
N PRO Y 76 40.81 -35.92 9.02
CA PRO Y 76 40.66 -37.04 9.92
C PRO Y 76 41.66 -38.05 9.45
N THR Y 77 42.50 -38.55 10.36
CA THR Y 77 43.54 -39.52 10.04
C THR Y 77 43.22 -40.95 10.51
N LYS Y 78 42.31 -41.07 11.47
CA LYS Y 78 41.78 -42.38 11.91
C LYS Y 78 40.25 -42.31 12.12
N LEU Y 79 39.53 -43.37 11.75
CA LEU Y 79 38.06 -43.33 11.85
C LEU Y 79 37.37 -44.46 12.66
N SER Y 80 36.72 -44.07 13.75
CA SER Y 80 35.84 -44.98 14.47
C SER Y 80 34.48 -45.14 13.79
N PRO Y 81 33.88 -46.32 13.99
CA PRO Y 81 32.50 -46.63 13.56
C PRO Y 81 31.53 -46.31 14.68
N ILE Y 82 30.26 -46.24 14.32
CA ILE Y 82 29.22 -46.07 15.32
C ILE Y 82 28.17 -47.09 15.05
N SER Y 83 27.26 -47.24 16.00
CA SER Y 83 26.19 -48.22 15.84
C SER Y 83 24.94 -47.52 15.43
N VAL Y 84 24.18 -48.13 14.52
CA VAL Y 84 22.89 -47.58 14.13
C VAL Y 84 21.84 -48.66 13.87
N LEU Y 85 20.63 -48.32 14.27
CA LEU Y 85 19.46 -49.15 14.06
C LEU Y 85 18.67 -48.51 12.93
N TYR Y 86 18.49 -49.26 11.84
CA TYR Y 86 17.89 -48.68 10.64
C TYR Y 86 16.86 -49.58 9.97
N LYS Y 87 16.02 -48.98 9.14
CA LYS Y 87 14.97 -49.72 8.45
C LYS Y 87 15.50 -50.55 7.28
N ASP Y 88 15.21 -51.86 7.33
CA ASP Y 88 15.50 -52.81 6.26
C ASP Y 88 15.02 -52.29 4.92
N ASP Y 89 15.32 -53.02 3.85
CA ASP Y 89 14.73 -52.72 2.54
C ASP Y 89 13.25 -53.05 2.60
N MET Y 90 12.85 -53.79 3.62
CA MET Y 90 11.43 -54.06 3.84
C MET Y 90 10.96 -53.55 5.20
N GLY Y 91 11.59 -52.49 5.68
CA GLY Y 91 11.15 -51.81 6.88
C GLY Y 91 11.27 -52.60 8.17
N VAL Y 92 12.33 -53.42 8.24
CA VAL Y 92 12.59 -54.19 9.45
C VAL Y 92 13.73 -53.54 10.22
N PRO Y 93 13.47 -53.13 11.48
CA PRO Y 93 14.57 -52.59 12.29
C PRO Y 93 15.71 -53.59 12.36
N THR Y 94 16.85 -53.24 11.78
CA THR Y 94 18.04 -54.09 11.85
C THR Y 94 19.22 -53.23 12.30
N LEU Y 95 20.34 -53.89 12.61
CA LEU Y 95 21.40 -53.18 13.30
C LEU Y 95 22.78 -53.30 12.64
N LYS Y 96 23.34 -52.19 12.15
CA LYS Y 96 24.78 -52.25 11.92
C LYS Y 96 25.47 -51.77 13.20
N TYR Y 97 26.13 -52.71 13.87
CA TYR Y 97 26.90 -52.42 15.06
C TYR Y 97 28.24 -51.77 14.71
N HIS Y 98 28.93 -52.28 13.69
CA HIS Y 98 30.18 -51.69 13.21
C HIS Y 98 29.97 -50.92 11.90
N TYR Y 99 29.30 -49.77 11.97
CA TYR Y 99 29.08 -48.93 10.80
C TYR Y 99 30.32 -48.08 10.57
N GLU Y 100 31.13 -48.47 9.60
CA GLU Y 100 32.48 -47.96 9.56
C GLU Y 100 32.64 -46.51 9.11
N GLY Y 101 33.58 -45.83 9.77
CA GLY Y 101 34.09 -44.53 9.34
C GLY Y 101 33.11 -43.40 9.42
N MET Y 102 32.45 -43.24 10.57
CA MET Y 102 31.45 -42.19 10.71
C MET Y 102 31.86 -41.18 11.75
N SER Y 103 32.89 -41.49 12.51
CA SER Y 103 33.30 -40.59 13.56
C SER Y 103 34.79 -40.40 13.53
N VAL Y 104 35.26 -39.20 13.87
CA VAL Y 104 36.69 -38.96 13.84
C VAL Y 104 37.39 -39.50 15.08
N ALA Y 105 38.47 -40.25 14.84
CA ALA Y 105 39.26 -40.80 15.93
C ALA Y 105 40.42 -39.87 16.23
N GLU Y 106 41.30 -39.73 15.24
CA GLU Y 106 42.48 -38.87 15.33
C GLU Y 106 42.57 -37.86 14.17
N CYS Y 107 43.13 -36.67 14.43
CA CYS Y 107 43.25 -35.66 13.38
C CYS Y 107 44.69 -35.62 12.91
N GLY Y 108 44.94 -34.90 11.81
CA GLY Y 108 46.32 -34.77 11.35
C GLY Y 108 46.55 -33.87 10.15
N CYS Y 109 47.81 -33.78 9.71
CA CYS Y 109 48.19 -32.90 8.62
C CYS Y 109 48.75 -33.69 7.49
N ARG Y 110 48.22 -33.47 6.29
CA ARG Y 110 48.58 -34.27 5.11
C ARG Y 110 48.68 -33.44 3.82
N SER Z 6 40.07 -26.76 -10.96
CA SER Z 6 38.80 -27.43 -11.18
C SER Z 6 38.35 -28.20 -9.91
N HIS Z 7 38.19 -29.51 -10.05
CA HIS Z 7 37.80 -30.39 -8.97
C HIS Z 7 39.02 -30.87 -8.23
N CYS Z 8 38.94 -32.08 -7.68
CA CYS Z 8 39.99 -32.64 -6.84
C CYS Z 8 40.90 -33.59 -7.59
N GLN Z 9 42.21 -33.33 -7.57
CA GLN Z 9 43.16 -34.10 -8.37
C GLN Z 9 44.61 -33.95 -7.95
N LYS Z 10 45.45 -34.80 -8.54
CA LYS Z 10 46.91 -34.78 -8.34
C LYS Z 10 47.54 -33.74 -9.27
N THR Z 11 48.48 -32.96 -8.74
CA THR Z 11 49.10 -31.87 -9.49
C THR Z 11 50.61 -31.97 -9.42
N SER Z 12 51.29 -31.45 -10.43
CA SER Z 12 52.75 -31.42 -10.37
C SER Z 12 53.24 -30.47 -9.26
N LEU Z 13 54.24 -30.91 -8.48
CA LEU Z 13 54.91 -30.00 -7.57
C LEU Z 13 56.40 -30.32 -7.54
N ARG Z 14 57.14 -29.64 -8.43
CA ARG Z 14 58.58 -29.79 -8.42
C ARG Z 14 59.18 -29.07 -7.24
N VAL Z 15 59.48 -29.83 -6.19
CA VAL Z 15 60.20 -29.26 -5.08
C VAL Z 15 61.70 -29.22 -5.36
N ASN Z 16 62.27 -28.04 -5.15
CA ASN Z 16 63.70 -27.84 -5.26
C ASN Z 16 64.31 -27.74 -3.88
N PHE Z 17 65.17 -28.69 -3.52
CA PHE Z 17 65.69 -28.74 -2.16
C PHE Z 17 66.42 -27.47 -1.73
N GLU Z 18 67.09 -26.83 -2.69
CA GLU Z 18 67.71 -25.56 -2.42
C GLU Z 18 66.68 -24.54 -1.88
N ASP Z 19 65.47 -24.55 -2.45
CA ASP Z 19 64.40 -23.63 -2.06
C ASP Z 19 63.97 -23.76 -0.60
N ILE Z 20 64.04 -24.96 -0.05
CA ILE Z 20 63.70 -25.15 1.36
C ILE Z 20 64.96 -25.40 2.21
N GLY Z 21 66.12 -25.12 1.62
CA GLY Z 21 67.38 -25.18 2.35
C GLY Z 21 67.84 -26.57 2.77
N TRP Z 22 67.47 -27.55 1.98
CA TRP Z 22 67.91 -28.90 2.22
C TRP Z 22 69.11 -29.22 1.34
N ASP Z 23 69.51 -28.25 0.52
CA ASP Z 23 70.68 -28.42 -0.35
C ASP Z 23 71.94 -28.66 0.49
N SER Z 24 71.83 -28.41 1.78
CA SER Z 24 72.94 -28.57 2.72
C SER Z 24 73.35 -30.03 2.89
N TRP Z 25 72.39 -30.94 2.67
CA TRP Z 25 72.63 -32.36 2.95
C TRP Z 25 72.07 -33.32 1.89
N ILE Z 26 71.16 -32.85 1.04
CA ILE Z 26 70.72 -33.67 -0.08
C ILE Z 26 71.67 -33.39 -1.23
N ILE Z 27 72.41 -34.41 -1.63
CA ILE Z 27 73.36 -34.28 -2.73
C ILE Z 27 72.62 -34.46 -4.02
N ALA Z 28 71.71 -35.42 -4.03
CA ALA Z 28 70.85 -35.67 -5.19
C ALA Z 28 69.49 -36.26 -4.79
N PRO Z 29 68.44 -35.95 -5.57
CA PRO Z 29 68.48 -35.07 -6.74
C PRO Z 29 68.54 -33.64 -6.28
N LYS Z 30 68.56 -32.69 -7.21
CA LYS Z 30 68.56 -31.28 -6.83
C LYS Z 30 67.13 -30.83 -6.68
N GLU Z 31 66.26 -31.38 -7.53
CA GLU Z 31 64.81 -31.22 -7.36
C GLU Z 31 64.09 -32.51 -7.73
N TYR Z 32 62.85 -32.66 -7.24
CA TYR Z 32 62.12 -33.89 -7.45
C TYR Z 32 60.64 -33.62 -7.48
N GLU Z 33 59.90 -34.56 -8.07
CA GLU Z 33 58.46 -34.42 -8.18
C GLU Z 33 57.78 -34.94 -6.93
N ALA Z 34 57.42 -34.04 -6.04
CA ALA Z 34 56.45 -34.37 -5.03
C ALA Z 34 55.19 -33.92 -5.72
N TYR Z 35 54.06 -34.46 -5.34
CA TYR Z 35 52.90 -33.91 -6.00
C TYR Z 35 52.21 -32.94 -5.08
N GLU Z 36 51.12 -32.35 -5.57
CA GLU Z 36 50.22 -31.56 -4.73
C GLU Z 36 48.83 -32.16 -4.85
N CYS Z 37 48.03 -32.06 -3.80
CA CYS Z 37 46.63 -32.45 -3.93
C CYS Z 37 45.76 -31.19 -3.96
N LYS Z 38 45.33 -30.82 -5.15
CA LYS Z 38 44.61 -29.54 -5.35
C LYS Z 38 43.16 -29.79 -5.69
N GLY Z 39 42.30 -28.87 -5.31
CA GLY Z 39 40.92 -28.96 -5.74
C GLY Z 39 39.89 -29.20 -4.66
N GLY Z 40 38.63 -29.08 -5.06
CA GLY Z 40 37.54 -29.21 -4.11
C GLY Z 40 36.84 -30.55 -4.14
N CYS Z 41 36.21 -30.87 -3.01
CA CYS Z 41 35.46 -32.10 -2.92
C CYS Z 41 34.01 -31.73 -3.09
N PHE Z 42 33.51 -31.81 -4.33
CA PHE Z 42 32.19 -31.32 -4.66
C PHE Z 42 31.20 -32.43 -4.84
N PHE Z 43 30.02 -32.28 -4.24
CA PHE Z 43 29.02 -33.34 -4.31
C PHE Z 43 28.41 -33.43 -5.70
N PRO Z 44 28.17 -34.66 -6.19
CA PRO Z 44 28.47 -35.90 -5.48
C PRO Z 44 29.95 -36.28 -5.61
N LEU Z 45 30.47 -37.04 -4.66
CA LEU Z 45 31.89 -37.36 -4.63
C LEU Z 45 32.22 -38.54 -5.54
N ALA Z 46 33.01 -38.26 -6.58
CA ALA Z 46 33.45 -39.28 -7.51
C ALA Z 46 34.10 -40.49 -6.81
N ASP Z 47 33.86 -41.69 -7.33
CA ASP Z 47 34.44 -42.89 -6.73
C ASP Z 47 35.96 -42.80 -6.65
N ASP Z 48 36.58 -42.23 -7.68
CA ASP Z 48 38.05 -42.18 -7.74
C ASP Z 48 38.64 -41.24 -6.70
N VAL Z 49 37.82 -40.83 -5.75
CA VAL Z 49 38.27 -39.98 -4.66
C VAL Z 49 38.16 -40.72 -3.31
N THR Z 50 37.76 -41.98 -3.39
CA THR Z 50 37.82 -42.88 -2.24
C THR Z 50 37.12 -42.31 -1.03
N PRO Z 51 36.00 -41.61 -1.26
CA PRO Z 51 35.37 -40.92 -0.13
C PRO Z 51 35.12 -41.85 1.02
N THR Z 52 35.43 -41.42 2.23
CA THR Z 52 35.05 -42.16 3.43
C THR Z 52 33.61 -41.85 3.73
N LYS Z 53 32.98 -42.69 4.55
CA LYS Z 53 31.61 -42.41 4.97
C LYS Z 53 31.59 -41.01 5.58
N HIS Z 54 32.51 -40.79 6.51
CA HIS Z 54 32.55 -39.52 7.21
C HIS Z 54 32.60 -38.34 6.25
N ALA Z 55 33.58 -38.36 5.34
CA ALA Z 55 33.62 -37.40 4.27
C ALA Z 55 32.23 -37.14 3.63
N ILE Z 56 31.52 -38.21 3.28
CA ILE Z 56 30.19 -38.03 2.71
C ILE Z 56 29.32 -37.24 3.68
N VAL Z 57 29.17 -37.76 4.90
CA VAL Z 57 28.31 -37.12 5.85
C VAL Z 57 28.66 -35.63 6.01
N GLN Z 58 29.92 -35.37 6.36
CA GLN Z 58 30.37 -34.01 6.53
C GLN Z 58 29.93 -33.19 5.32
N THR Z 59 30.32 -33.64 4.13
CA THR Z 59 29.94 -32.93 2.91
C THR Z 59 28.46 -32.52 2.90
N LEU Z 60 27.59 -33.47 3.24
CA LEU Z 60 26.14 -33.20 3.29
C LEU Z 60 25.82 -32.10 4.30
N VAL Z 61 26.26 -32.32 5.53
CA VAL Z 61 26.08 -31.32 6.58
C VAL Z 61 26.50 -29.92 6.11
N HIS Z 62 27.68 -29.86 5.49
CA HIS Z 62 28.18 -28.63 4.91
C HIS Z 62 27.20 -28.02 3.91
N LEU Z 63 26.64 -28.84 3.04
CA LEU Z 63 25.62 -28.35 2.12
C LEU Z 63 24.51 -27.66 2.89
N LYS Z 64 24.22 -28.13 4.10
CA LYS Z 64 23.19 -27.43 4.89
C LYS Z 64 23.70 -26.31 5.78
N PHE Z 65 24.95 -26.37 6.17
CA PHE Z 65 25.49 -25.35 7.06
C PHE Z 65 26.80 -24.82 6.55
N PRO Z 66 26.80 -24.26 5.34
CA PRO Z 66 28.03 -23.91 4.64
C PRO Z 66 28.86 -22.88 5.40
N THR Z 67 28.33 -22.33 6.48
CA THR Z 67 29.07 -21.35 7.27
C THR Z 67 29.67 -21.93 8.55
N LYS Z 68 29.10 -23.04 9.02
CA LYS Z 68 29.55 -23.65 10.28
C LYS Z 68 30.40 -24.92 10.03
N VAL Z 69 30.22 -25.54 8.88
CA VAL Z 69 30.86 -26.81 8.55
C VAL Z 69 31.51 -26.73 7.17
N GLY Z 70 32.74 -27.25 7.07
CA GLY Z 70 33.48 -27.11 5.82
C GLY Z 70 33.44 -28.32 4.91
N LYS Z 71 33.77 -28.14 3.63
CA LYS Z 71 33.88 -29.26 2.69
C LYS Z 71 34.90 -30.24 3.21
N ALA Z 72 34.88 -31.46 2.69
CA ALA Z 72 35.98 -32.38 2.96
C ALA Z 72 37.25 -31.84 2.25
N CYS Z 73 38.42 -32.23 2.75
CA CYS Z 73 39.66 -31.73 2.15
C CYS Z 73 40.29 -32.68 1.15
N CYS Z 74 40.90 -32.13 0.11
CA CYS Z 74 41.61 -32.93 -0.88
C CYS Z 74 43.05 -33.21 -0.43
N VAL Z 75 43.31 -34.45 -0.02
CA VAL Z 75 44.58 -34.77 0.62
C VAL Z 75 45.25 -35.93 -0.08
N PRO Z 76 46.57 -36.07 0.12
CA PRO Z 76 47.27 -37.27 -0.37
C PRO Z 76 46.77 -38.46 0.44
N THR Z 77 46.31 -39.50 -0.24
CA THR Z 77 45.78 -40.69 0.42
C THR Z 77 46.74 -41.88 0.38
N LYS Z 78 47.71 -41.83 -0.54
CA LYS Z 78 48.75 -42.85 -0.62
C LYS Z 78 50.10 -42.19 -0.92
N LEU Z 79 51.17 -42.67 -0.31
CA LEU Z 79 52.48 -42.02 -0.50
C LEU Z 79 53.66 -42.89 -0.95
N SER Z 80 54.19 -42.57 -2.14
CA SER Z 80 55.41 -43.23 -2.61
C SER Z 80 56.65 -42.58 -1.99
N PRO Z 81 57.74 -43.37 -1.86
CA PRO Z 81 59.04 -42.90 -1.41
C PRO Z 81 59.87 -42.47 -2.59
N ILE Z 82 60.95 -41.75 -2.36
CA ILE Z 82 61.90 -41.48 -3.43
C ILE Z 82 63.28 -41.82 -2.92
N SER Z 83 64.26 -41.83 -3.82
CA SER Z 83 65.60 -42.16 -3.42
C SER Z 83 66.39 -40.88 -3.30
N VAL Z 84 67.23 -40.81 -2.28
CA VAL Z 84 68.11 -39.66 -2.15
C VAL Z 84 69.52 -40.00 -1.65
N LEU Z 85 70.48 -39.28 -2.19
CA LEU Z 85 71.88 -39.43 -1.85
C LEU Z 85 72.21 -38.23 -0.99
N TYR Z 86 72.61 -38.47 0.24
CA TYR Z 86 72.79 -37.38 1.19
C TYR Z 86 74.05 -37.51 2.04
N LYS Z 87 74.48 -36.41 2.64
CA LYS Z 87 75.71 -36.39 3.41
C LYS Z 87 75.48 -36.94 4.78
N ASP Z 88 76.27 -37.96 5.13
CA ASP Z 88 76.33 -38.57 6.45
C ASP Z 88 76.43 -37.51 7.55
N ASP Z 89 76.41 -37.94 8.81
CA ASP Z 89 76.70 -37.04 9.91
C ASP Z 89 78.17 -36.68 9.87
N MET Z 90 78.93 -37.42 9.07
CA MET Z 90 80.34 -37.13 8.89
C MET Z 90 80.66 -36.94 7.43
N GLY Z 91 79.67 -36.46 6.69
CA GLY Z 91 79.88 -36.00 5.33
C GLY Z 91 80.19 -37.10 4.35
N VAL Z 92 79.64 -38.28 4.59
CA VAL Z 92 79.83 -39.40 3.67
C VAL Z 92 78.60 -39.57 2.80
N PRO Z 93 78.77 -39.48 1.47
CA PRO Z 93 77.63 -39.76 0.61
C PRO Z 93 77.03 -41.13 0.91
N THR Z 94 75.81 -41.14 1.42
CA THR Z 94 75.12 -42.41 1.65
C THR Z 94 73.74 -42.36 1.05
N LEU Z 95 73.07 -43.50 0.98
CA LEU Z 95 71.83 -43.57 0.20
C LEU Z 95 70.57 -44.06 0.93
N LYS Z 96 69.55 -43.21 1.08
CA LYS Z 96 68.25 -43.82 1.41
C LYS Z 96 67.50 -44.10 0.13
N TYR Z 97 67.30 -45.38 -0.14
CA TYR Z 97 66.66 -45.82 -1.37
C TYR Z 97 65.18 -45.74 -1.20
N HIS Z 98 64.70 -46.17 -0.04
CA HIS Z 98 63.29 -46.07 0.32
C HIS Z 98 63.05 -44.96 1.33
N TYR Z 99 63.12 -43.72 0.86
CA TYR Z 99 62.90 -42.54 1.72
C TYR Z 99 61.42 -42.26 1.75
N GLU Z 100 60.77 -42.65 2.84
CA GLU Z 100 59.32 -42.82 2.81
C GLU Z 100 58.49 -41.55 2.80
N GLY Z 101 57.42 -41.60 2.01
CA GLY Z 101 56.37 -40.59 2.03
C GLY Z 101 56.75 -39.20 1.58
N MET Z 102 57.37 -39.11 0.42
CA MET Z 102 57.83 -37.82 -0.10
C MET Z 102 57.09 -37.41 -1.34
N SER Z 103 56.34 -38.33 -1.92
CA SER Z 103 55.68 -38.06 -3.19
C SER Z 103 54.28 -38.60 -3.16
N VAL Z 104 53.37 -37.88 -3.80
CA VAL Z 104 51.98 -38.28 -3.76
C VAL Z 104 51.68 -39.42 -4.72
N ALA Z 105 51.04 -40.45 -4.22
CA ALA Z 105 50.67 -41.56 -5.06
C ALA Z 105 49.25 -41.36 -5.55
N GLU Z 106 48.33 -41.32 -4.58
CA GLU Z 106 46.91 -41.19 -4.89
C GLU Z 106 46.30 -40.03 -4.10
N CYS Z 107 45.30 -39.35 -4.68
CA CYS Z 107 44.66 -38.25 -3.99
C CYS Z 107 43.30 -38.69 -3.44
N GLY Z 108 42.64 -37.86 -2.65
CA GLY Z 108 41.31 -38.22 -2.18
C GLY Z 108 40.63 -37.26 -1.24
N CYS Z 109 39.41 -37.62 -0.80
CA CYS Z 109 38.61 -36.72 0.03
C CYS Z 109 38.37 -37.31 1.39
N ARG Z 110 38.61 -36.52 2.43
CA ARG Z 110 38.53 -37.03 3.79
C ARG Z 110 37.98 -35.98 4.77
N PRO AA 11 66.34 -41.88 26.18
CA PRO AA 11 67.37 -40.95 26.66
C PRO AA 11 66.90 -39.50 26.55
N LEU AA 12 65.70 -39.22 27.04
CA LEU AA 12 65.06 -37.92 26.85
C LEU AA 12 65.76 -36.73 27.54
N VAL AA 13 65.32 -35.53 27.17
CA VAL AA 13 65.88 -34.28 27.70
C VAL AA 13 64.76 -33.25 27.90
N THR AA 14 65.07 -32.17 28.62
CA THR AA 14 64.09 -31.15 28.95
C THR AA 14 64.37 -29.83 28.25
N CYS AA 15 63.35 -29.30 27.56
CA CYS AA 15 63.49 -28.08 26.75
C CYS AA 15 62.52 -26.99 27.18
N THR AA 16 62.91 -25.73 26.95
CA THR AA 16 62.03 -24.60 27.15
C THR AA 16 60.94 -24.65 26.10
N CYS AA 17 59.73 -24.26 26.47
CA CYS AA 17 58.59 -24.36 25.56
C CYS AA 17 57.84 -23.03 25.45
N GLU AA 18 58.24 -22.21 24.46
CA GLU AA 18 57.53 -20.99 24.13
C GLU AA 18 56.86 -21.12 22.75
N SER AA 19 55.58 -21.51 22.76
CA SER AA 19 54.86 -21.81 21.53
C SER AA 19 53.37 -22.00 21.81
N PRO AA 20 52.53 -21.93 20.76
CA PRO AA 20 51.10 -22.17 20.89
C PRO AA 20 50.76 -23.61 21.34
N HIS AA 21 51.40 -24.61 20.74
CA HIS AA 21 51.14 -26.01 21.09
C HIS AA 21 51.78 -26.40 22.43
N CYS AA 22 51.84 -25.47 23.38
CA CYS AA 22 52.52 -25.72 24.64
C CYS AA 22 51.58 -26.01 25.80
N LYS AA 23 51.68 -27.23 26.33
CA LYS AA 23 50.94 -27.62 27.52
C LYS AA 23 51.82 -27.43 28.76
N GLY AA 24 52.22 -26.18 29.02
CA GLY AA 24 53.11 -25.87 30.12
C GLY AA 24 54.16 -24.80 29.77
N PRO AA 25 55.14 -24.60 30.66
CA PRO AA 25 56.24 -23.65 30.45
C PRO AA 25 57.47 -24.36 29.88
N THR AA 26 57.54 -25.66 30.08
CA THR AA 26 58.63 -26.48 29.55
C THR AA 26 58.09 -27.85 29.17
N CYS AA 27 58.88 -28.59 28.39
CA CYS AA 27 58.45 -29.89 27.92
C CYS AA 27 59.63 -30.86 27.83
N ARG AA 28 59.34 -32.14 27.63
CA ARG AA 28 60.38 -33.15 27.46
C ARG AA 28 60.35 -33.79 26.07
N GLY AA 29 61.52 -34.12 25.53
CA GLY AA 29 61.59 -34.69 24.19
C GLY AA 29 62.94 -35.28 23.86
N ALA AA 30 63.15 -35.61 22.60
CA ALA AA 30 64.41 -36.21 22.17
C ALA AA 30 65.50 -35.17 22.04
N TRP AA 31 65.12 -33.99 21.55
CA TRP AA 31 66.05 -32.88 21.42
C TRP AA 31 65.28 -31.59 21.49
N CYS AA 32 65.99 -30.48 21.66
CA CYS AA 32 65.35 -29.17 21.77
C CYS AA 32 65.47 -28.39 20.47
N THR AA 33 64.47 -27.55 20.24
CA THR AA 33 64.38 -26.78 19.01
C THR AA 33 64.14 -25.28 19.26
N VAL AA 34 64.74 -24.49 18.39
CA VAL AA 34 64.43 -23.08 18.25
C VAL AA 34 64.23 -22.89 16.76
N VAL AA 35 63.05 -22.42 16.39
CA VAL AA 35 62.71 -22.29 14.98
C VAL AA 35 62.05 -20.97 14.61
N LEU AA 36 62.56 -20.38 13.53
CA LEU AA 36 62.15 -19.05 13.10
C LEU AA 36 61.41 -19.12 11.78
N VAL AA 37 60.20 -18.57 11.73
CA VAL AA 37 59.35 -18.69 10.54
C VAL AA 37 58.79 -17.36 10.04
N ARG AA 38 59.02 -17.07 8.76
CA ARG AA 38 58.50 -15.87 8.13
C ARG AA 38 57.49 -16.23 7.04
N GLU AA 39 56.20 -16.00 7.30
CA GLU AA 39 55.12 -16.47 6.42
C GLU AA 39 55.14 -15.93 4.97
N GLU AA 40 56.28 -15.41 4.55
CA GLU AA 40 56.44 -14.68 3.27
C GLU AA 40 55.65 -13.37 3.24
N GLY AA 41 54.54 -13.34 3.97
CA GLY AA 41 53.87 -12.10 4.30
C GLY AA 41 54.21 -11.70 5.73
N ARG AA 42 53.51 -12.31 6.69
CA ARG AA 42 53.58 -11.90 8.11
C ARG AA 42 55.00 -11.68 8.66
N HIS AA 43 55.16 -10.88 9.73
CA HIS AA 43 56.50 -10.75 10.32
C HIS AA 43 56.91 -12.07 10.95
N PRO AA 44 58.21 -12.37 10.91
CA PRO AA 44 58.75 -13.61 11.47
C PRO AA 44 58.44 -13.82 12.96
N GLN AA 45 58.07 -15.05 13.31
CA GLN AA 45 57.87 -15.44 14.71
C GLN AA 45 58.83 -16.58 15.10
N GLU AA 46 59.16 -16.67 16.39
CA GLU AA 46 60.21 -17.58 16.86
C GLU AA 46 59.71 -18.53 17.96
N HIS AA 47 59.53 -19.80 17.62
CA HIS AA 47 59.05 -20.78 18.60
C HIS AA 47 60.23 -21.50 19.20
N ARG AA 48 60.04 -22.00 20.42
CA ARG AA 48 61.03 -22.84 21.11
C ARG AA 48 60.34 -24.05 21.69
N GLY AA 49 60.91 -25.24 21.53
CA GLY AA 49 60.25 -26.43 22.04
C GLY AA 49 60.99 -27.75 21.96
N CYS AA 50 60.22 -28.84 21.82
CA CYS AA 50 60.78 -30.18 21.77
C CYS AA 50 60.88 -30.62 20.33
N GLY AA 51 61.12 -31.90 20.13
CA GLY AA 51 61.19 -32.47 18.80
C GLY AA 51 61.74 -33.87 18.87
N ASN AA 52 61.04 -34.82 18.24
CA ASN AA 52 61.48 -36.20 18.27
C ASN AA 52 61.23 -36.90 16.96
N LEU AA 53 60.80 -36.15 15.95
CA LEU AA 53 60.31 -36.80 14.74
C LEU AA 53 61.23 -36.78 13.53
N HIS AA 54 61.71 -35.62 13.16
CA HIS AA 54 62.45 -35.56 11.91
C HIS AA 54 63.81 -34.90 12.03
N ARG AA 55 64.76 -35.61 12.63
CA ARG AA 55 66.08 -35.04 12.93
C ARG AA 55 66.60 -34.23 11.74
N GLU AA 56 66.46 -34.80 10.54
CA GLU AA 56 66.94 -34.17 9.32
C GLU AA 56 66.68 -32.66 9.25
N LEU AA 57 65.46 -32.25 9.61
CA LEU AA 57 65.11 -30.84 9.55
C LEU AA 57 66.22 -29.90 10.08
N CYS AA 58 66.93 -30.36 11.12
CA CYS AA 58 67.98 -29.60 11.80
C CYS AA 58 69.17 -29.23 10.91
N ARG AA 59 69.56 -30.18 10.07
CA ARG AA 59 70.57 -29.97 9.05
C ARG AA 59 70.20 -28.85 8.07
N GLY AA 60 68.92 -28.50 8.02
CA GLY AA 60 68.49 -27.42 7.16
C GLY AA 60 69.38 -26.20 7.33
N ARG AA 61 70.04 -25.83 6.23
CA ARG AA 61 70.63 -24.50 6.10
C ARG AA 61 69.50 -23.43 6.13
N PRO AA 62 69.73 -22.32 6.83
CA PRO AA 62 68.69 -21.29 6.98
C PRO AA 62 68.33 -20.64 5.64
N THR AA 63 67.03 -20.54 5.35
CA THR AA 63 66.55 -19.90 4.13
C THR AA 63 66.03 -18.50 4.45
N GLU AA 64 65.41 -17.89 3.44
CA GLU AA 64 64.86 -16.54 3.58
C GLU AA 64 63.52 -16.53 4.36
N PHE AA 65 63.08 -17.69 4.83
CA PHE AA 65 61.76 -17.77 5.44
C PHE AA 65 61.72 -18.77 6.60
N VAL AA 66 62.83 -19.46 6.85
CA VAL AA 66 62.84 -20.42 7.95
C VAL AA 66 64.24 -20.75 8.47
N ASN AA 67 64.31 -20.96 9.78
CA ASN AA 67 65.55 -21.36 10.41
C ASN AA 67 65.29 -22.41 11.47
N HIS AA 68 65.73 -23.63 11.19
CA HIS AA 68 65.59 -24.72 12.14
C HIS AA 68 66.92 -24.90 12.87
N TYR AA 69 66.86 -24.80 14.20
CA TYR AA 69 68.05 -25.02 15.03
C TYR AA 69 67.78 -25.99 16.17
N CYS AA 70 68.64 -27.00 16.33
CA CYS AA 70 68.43 -28.00 17.38
C CYS AA 70 69.69 -28.26 18.22
N CYS AA 71 69.46 -28.76 19.45
CA CYS AA 71 70.54 -29.12 20.36
C CYS AA 71 70.02 -30.11 21.39
N ASP AA 72 70.93 -30.81 22.08
CA ASP AA 72 70.50 -31.88 22.99
C ASP AA 72 71.13 -31.88 24.38
N SER AA 73 71.36 -30.70 24.93
CA SER AA 73 71.73 -30.59 26.34
C SER AA 73 70.55 -30.00 27.09
N HIS AA 74 70.46 -30.31 28.37
CA HIS AA 74 69.34 -29.83 29.19
C HIS AA 74 69.04 -28.33 28.98
N LEU AA 75 67.76 -27.98 28.94
CA LEU AA 75 67.29 -26.58 28.84
C LEU AA 75 68.08 -25.66 27.88
N CYS AA 76 68.72 -26.27 26.89
CA CYS AA 76 69.68 -25.55 26.03
C CYS AA 76 69.07 -24.54 25.04
N ASN AA 77 67.75 -24.33 25.09
CA ASN AA 77 67.15 -23.41 24.14
C ASN AA 77 66.50 -22.16 24.75
N HIS AA 78 67.08 -21.64 25.83
CA HIS AA 78 66.61 -20.38 26.40
C HIS AA 78 67.38 -19.17 25.84
N ASN AA 79 68.57 -18.92 26.37
CA ASN AA 79 69.43 -17.85 25.88
C ASN AA 79 69.88 -18.07 24.42
N VAL AA 80 68.99 -17.88 23.45
CA VAL AA 80 69.35 -18.15 22.05
C VAL AA 80 68.29 -17.72 21.02
N SER AA 81 68.67 -16.80 20.13
CA SER AA 81 67.77 -16.28 19.06
C SER AA 81 68.44 -16.39 17.68
N LEU AA 82 67.70 -16.18 16.58
CA LEU AA 82 68.28 -16.47 15.26
C LEU AA 82 68.19 -15.35 14.24
N VAL AA 83 68.51 -15.70 12.99
CA VAL AA 83 68.50 -14.75 11.87
C VAL AA 83 68.14 -15.45 10.55
N LEU AA 84 67.57 -14.70 9.60
CA LEU AA 84 67.19 -15.24 8.29
C LEU AA 84 68.18 -14.98 7.15
N GLU AA 85 67.84 -14.07 6.22
CA GLU AA 85 68.71 -13.79 5.06
C GLU AA 85 68.56 -12.41 4.41
N PRO BA 11 27.34 -58.21 -11.51
CA PRO BA 11 26.02 -58.05 -12.13
C PRO BA 11 25.80 -56.61 -12.58
N LEU BA 12 26.77 -56.05 -13.30
CA LEU BA 12 26.76 -54.62 -13.65
C LEU BA 12 25.64 -54.20 -14.61
N VAL BA 13 25.48 -52.88 -14.74
CA VAL BA 13 24.45 -52.29 -15.59
C VAL BA 13 25.00 -51.03 -16.28
N THR BA 14 24.30 -50.55 -17.29
CA THR BA 14 24.74 -49.39 -18.06
C THR BA 14 23.87 -48.16 -17.80
N CYS BA 15 24.50 -47.03 -17.48
CA CYS BA 15 23.80 -45.80 -17.17
C CYS BA 15 24.21 -44.63 -18.07
N THR BA 16 23.30 -43.67 -18.24
CA THR BA 16 23.61 -42.44 -18.93
C THR BA 16 24.57 -41.63 -18.06
N CYS BA 17 25.48 -40.90 -18.68
CA CYS BA 17 26.50 -40.18 -17.94
C CYS BA 17 26.59 -38.71 -18.38
N GLU BA 18 25.85 -37.84 -17.70
CA GLU BA 18 25.92 -36.40 -17.93
C GLU BA 18 26.52 -35.73 -16.69
N SER BA 19 27.83 -35.54 -16.70
CA SER BA 19 28.54 -35.01 -15.54
C SER BA 19 29.98 -34.65 -15.90
N PRO BA 20 30.64 -33.86 -15.05
CA PRO BA 20 32.05 -33.47 -15.29
C PRO BA 20 33.00 -34.67 -15.25
N HIS BA 21 32.86 -35.54 -14.27
CA HIS BA 21 33.72 -36.70 -14.14
C HIS BA 21 33.37 -37.79 -15.17
N CYS BA 22 32.95 -37.39 -16.36
CA CYS BA 22 32.50 -38.35 -17.37
C CYS BA 22 33.52 -38.62 -18.45
N LYS BA 23 34.00 -39.86 -18.50
CA LYS BA 23 34.89 -40.31 -19.57
C LYS BA 23 34.06 -41.00 -20.67
N GLY BA 24 33.17 -40.24 -21.30
CA GLY BA 24 32.27 -40.78 -22.30
C GLY BA 24 30.87 -40.22 -22.21
N PRO BA 25 29.94 -40.77 -23.00
CA PRO BA 25 28.53 -40.37 -23.01
C PRO BA 25 27.70 -41.28 -22.09
N THR BA 26 28.25 -42.46 -21.80
CA THR BA 26 27.59 -43.41 -20.91
C THR BA 26 28.65 -44.15 -20.13
N CYS BA 27 28.24 -44.82 -19.06
CA CYS BA 27 29.19 -45.56 -18.24
C CYS BA 27 28.56 -46.83 -17.67
N ARG BA 28 29.38 -47.69 -17.07
CA ARG BA 28 28.88 -48.92 -16.46
C ARG BA 28 29.13 -48.93 -14.95
N GLY BA 29 28.21 -49.51 -14.19
CA GLY BA 29 28.34 -49.55 -12.74
C GLY BA 29 27.38 -50.49 -12.06
N ALA BA 30 27.26 -50.39 -10.74
CA ALA BA 30 26.35 -51.25 -9.96
C ALA BA 30 24.90 -50.81 -10.06
N TRP BA 31 24.69 -49.49 -10.07
CA TRP BA 31 23.37 -48.92 -10.20
C TRP BA 31 23.50 -47.55 -10.82
N CYS BA 32 22.39 -47.01 -11.31
CA CYS BA 32 22.39 -45.69 -11.92
C CYS BA 32 21.87 -44.62 -10.96
N THR BA 33 22.40 -43.41 -11.13
CA THR BA 33 22.08 -42.27 -10.26
C THR BA 33 21.65 -41.05 -11.06
N VAL BA 34 20.74 -40.30 -10.44
CA VAL BA 34 20.39 -38.95 -10.86
C VAL BA 34 20.40 -38.16 -9.57
N VAL BA 35 21.24 -37.13 -9.53
CA VAL BA 35 21.43 -36.38 -8.30
C VAL BA 35 21.39 -34.86 -8.49
N LEU BA 36 20.58 -34.20 -7.66
CA LEU BA 36 20.37 -32.78 -7.76
C LEU BA 36 21.05 -32.05 -6.61
N VAL BA 37 21.90 -31.07 -6.92
CA VAL BA 37 22.62 -30.36 -5.86
C VAL BA 37 22.55 -28.84 -5.93
N ARG BA 38 22.20 -28.24 -4.79
CA ARG BA 38 22.35 -26.80 -4.58
C ARG BA 38 23.52 -26.61 -3.66
N GLU BA 39 24.67 -26.26 -4.23
CA GLU BA 39 25.82 -25.94 -3.42
C GLU BA 39 25.76 -24.48 -3.04
N GLU BA 40 25.25 -24.21 -1.84
CA GLU BA 40 25.41 -22.93 -1.16
C GLU BA 40 25.46 -21.70 -2.09
N GLY BA 41 24.36 -21.40 -2.77
CA GLY BA 41 24.25 -20.12 -3.46
C GLY BA 41 24.26 -20.15 -4.98
N ARG BA 42 24.92 -21.16 -5.56
CA ARG BA 42 24.89 -21.37 -7.02
C ARG BA 42 23.63 -22.18 -7.35
N HIS BA 43 22.91 -21.79 -8.41
CA HIS BA 43 21.67 -22.49 -8.75
C HIS BA 43 21.92 -24.00 -8.80
N PRO BA 44 20.88 -24.78 -8.49
CA PRO BA 44 20.99 -26.25 -8.48
C PRO BA 44 21.41 -26.82 -9.82
N GLN BA 45 22.29 -27.83 -9.79
CA GLN BA 45 22.70 -28.56 -10.98
C GLN BA 45 22.38 -30.05 -10.84
N GLU BA 46 22.19 -30.72 -11.97
CA GLU BA 46 21.68 -32.08 -11.97
C GLU BA 46 22.59 -33.04 -12.73
N HIS BA 47 23.30 -33.91 -12.00
CA HIS BA 47 24.18 -34.88 -12.63
C HIS BA 47 23.48 -36.24 -12.80
N ARG BA 48 23.94 -37.01 -13.79
CA ARG BA 48 23.44 -38.36 -14.02
C ARG BA 48 24.64 -39.26 -14.25
N GLY BA 49 24.65 -40.43 -13.61
CA GLY BA 49 25.78 -41.32 -13.77
C GLY BA 49 25.68 -42.70 -13.11
N CYS BA 50 26.85 -43.21 -12.70
CA CYS BA 50 26.93 -44.53 -12.10
C CYS BA 50 26.99 -44.41 -10.60
N GLY BA 51 27.33 -45.51 -9.96
CA GLY BA 51 27.47 -45.53 -8.51
C GLY BA 51 27.62 -46.96 -8.04
N ASN BA 52 28.65 -47.21 -7.23
CA ASN BA 52 28.84 -48.55 -6.71
C ASN BA 52 29.32 -48.54 -5.28
N LEU BA 53 29.33 -47.37 -4.66
CA LEU BA 53 29.97 -47.27 -3.36
C LEU BA 53 29.05 -47.23 -2.16
N HIS BA 54 28.09 -46.33 -2.15
CA HIS BA 54 27.33 -46.10 -0.93
C HIS BA 54 25.82 -46.18 -1.10
N ARG BA 55 25.33 -47.39 -1.34
CA ARG BA 55 23.91 -47.58 -1.61
C ARG BA 55 23.03 -46.73 -0.70
N GLU BA 56 23.35 -46.69 0.59
CA GLU BA 56 22.59 -45.94 1.58
C GLU BA 56 22.18 -44.55 1.11
N LEU BA 57 23.10 -43.83 0.48
CA LEU BA 57 22.78 -42.50 -0.02
C LEU BA 57 21.40 -42.39 -0.70
N CYS BA 58 21.02 -43.43 -1.44
CA CYS BA 58 19.76 -43.50 -2.19
C CYS BA 58 18.52 -43.39 -1.33
N ARG BA 59 18.54 -44.02 -0.16
CA ARG BA 59 17.45 -43.92 0.80
C ARG BA 59 17.26 -42.50 1.29
N GLY BA 60 18.26 -41.65 1.08
CA GLY BA 60 18.12 -40.26 1.46
C GLY BA 60 16.79 -39.67 1.01
N ARG BA 61 16.04 -39.18 1.98
CA ARG BA 61 14.89 -38.31 1.70
C ARG BA 61 15.42 -36.99 1.16
N PRO BA 62 14.75 -36.41 0.16
CA PRO BA 62 15.25 -35.17 -0.46
C PRO BA 62 15.22 -33.99 0.50
N THR BA 63 16.34 -33.27 0.60
CA THR BA 63 16.42 -32.10 1.46
C THR BA 63 16.35 -30.83 0.62
N GLU BA 64 16.63 -29.71 1.25
CA GLU BA 64 16.49 -28.41 0.61
C GLU BA 64 17.69 -28.10 -0.30
N PHE BA 65 18.61 -29.04 -0.37
CA PHE BA 65 19.85 -28.81 -1.09
C PHE BA 65 20.40 -30.03 -1.82
N VAL BA 66 19.73 -31.16 -1.69
CA VAL BA 66 20.19 -32.35 -2.40
C VAL BA 66 19.12 -33.43 -2.58
N ASN BA 67 19.18 -34.10 -3.72
CA ASN BA 67 18.26 -35.17 -4.01
C ASN BA 67 18.98 -36.31 -4.69
N HIS BA 68 19.15 -37.40 -3.95
CA HIS BA 68 19.80 -38.58 -4.47
C HIS BA 68 18.71 -39.56 -4.94
N TYR BA 69 18.76 -39.93 -6.22
CA TYR BA 69 17.84 -40.93 -6.75
C TYR BA 69 18.56 -42.04 -7.52
N CYS BA 70 18.20 -43.30 -7.25
CA CYS BA 70 18.91 -44.42 -7.89
C CYS BA 70 17.97 -45.48 -8.41
N CYS BA 71 18.44 -46.25 -9.38
CA CYS BA 71 17.65 -47.34 -9.95
C CYS BA 71 18.59 -48.32 -10.65
N ASP BA 72 18.11 -49.52 -10.93
CA ASP BA 72 19.01 -50.55 -11.47
C ASP BA 72 18.49 -51.32 -12.68
N SER BA 73 17.82 -50.63 -13.59
CA SER BA 73 17.50 -51.21 -14.88
C SER BA 73 18.36 -50.51 -15.93
N HIS BA 74 18.64 -51.20 -17.03
CA HIS BA 74 19.46 -50.63 -18.10
C HIS BA 74 19.04 -49.19 -18.45
N LEU BA 75 20.02 -48.34 -18.69
CA LEU BA 75 19.82 -46.94 -19.15
C LEU BA 75 18.69 -46.16 -18.47
N CYS BA 76 18.33 -46.57 -17.26
CA CYS BA 76 17.13 -46.07 -16.59
C CYS BA 76 17.17 -44.61 -16.13
N ASN BA 77 18.25 -43.89 -16.42
CA ASN BA 77 18.34 -42.53 -15.91
C ASN BA 77 18.40 -41.46 -16.98
N HIS BA 78 17.70 -41.67 -18.08
CA HIS BA 78 17.60 -40.63 -19.11
C HIS BA 78 16.36 -39.76 -18.91
N ASN BA 79 15.21 -40.26 -19.34
CA ASN BA 79 13.92 -39.56 -19.14
C ASN BA 79 13.57 -39.42 -17.66
N VAL BA 80 14.24 -38.51 -16.94
CA VAL BA 80 14.00 -38.37 -15.49
C VAL BA 80 14.70 -37.18 -14.80
N SER BA 81 13.91 -36.27 -14.22
CA SER BA 81 14.45 -35.09 -13.55
C SER BA 81 13.79 -34.84 -12.22
N LEU BA 82 14.07 -33.67 -11.64
CA LEU BA 82 13.53 -33.25 -10.34
C LEU BA 82 13.45 -31.70 -10.20
N ARG CA 11 32.12 -56.17 29.95
CA ARG CA 11 30.91 -55.37 29.68
C ARG CA 11 29.82 -56.10 28.84
N GLU CA 12 28.68 -56.37 29.48
CA GLU CA 12 27.63 -57.27 28.94
C GLU CA 12 26.24 -56.61 28.79
N CYS CA 13 25.43 -57.16 27.88
CA CYS CA 13 24.07 -56.66 27.64
C CYS CA 13 23.10 -57.80 27.47
N ILE CA 14 21.82 -57.44 27.48
CA ILE CA 14 20.76 -58.40 27.19
C ILE CA 14 20.59 -58.46 25.67
N TYR CA 15 20.68 -59.67 25.13
CA TYR CA 15 20.44 -59.84 23.71
C TYR CA 15 19.03 -60.32 23.46
N TYR CA 16 18.40 -59.70 22.46
CA TYR CA 16 17.11 -60.19 21.97
C TYR CA 16 16.85 -59.70 20.56
N ASN CA 17 16.29 -60.59 19.75
CA ASN CA 17 15.98 -60.25 18.37
C ASN CA 17 14.73 -60.95 17.90
N ALA CA 18 13.60 -60.26 17.97
CA ALA CA 18 12.36 -60.87 17.52
C ALA CA 18 12.51 -61.43 16.10
N ASN CA 19 13.11 -60.64 15.23
CA ASN CA 19 13.20 -61.02 13.84
C ASN CA 19 14.21 -62.13 13.60
N TRP CA 20 14.51 -62.91 14.64
CA TRP CA 20 15.67 -63.81 14.57
C TRP CA 20 15.60 -64.82 13.45
N GLU CA 21 14.50 -65.58 13.43
CA GLU CA 21 14.30 -66.57 12.38
C GLU CA 21 14.65 -65.98 11.02
N LEU CA 22 14.08 -64.82 10.73
CA LEU CA 22 14.32 -64.21 9.43
C LEU CA 22 15.79 -63.87 9.19
N GLU CA 23 16.44 -63.23 10.17
CA GLU CA 23 17.81 -62.74 9.99
C GLU CA 23 18.86 -63.81 10.31
N ARG CA 24 18.38 -65.00 10.66
CA ARG CA 24 19.27 -66.11 11.05
C ARG CA 24 20.20 -65.72 12.19
N THR CA 25 19.62 -65.46 13.38
CA THR CA 25 20.44 -65.12 14.55
C THR CA 25 19.75 -65.72 15.73
N ASN CA 26 20.47 -65.83 16.85
CA ASN CA 26 19.83 -66.23 18.10
C ASN CA 26 18.63 -65.35 18.44
N GLN CA 27 17.79 -65.87 19.33
CA GLN CA 27 16.56 -65.17 19.69
C GLN CA 27 16.71 -64.33 20.95
N SER CA 28 17.09 -64.98 22.05
CA SER CA 28 17.29 -64.26 23.29
C SER CA 28 18.51 -64.81 24.02
N GLY CA 29 19.06 -63.98 24.90
CA GLY CA 29 20.22 -64.37 25.68
C GLY CA 29 20.98 -63.14 26.10
N LEU CA 30 22.31 -63.19 26.02
CA LEU CA 30 23.13 -62.05 26.37
C LEU CA 30 24.26 -61.87 25.36
N GLU CA 31 24.96 -60.74 25.47
CA GLU CA 31 26.01 -60.42 24.49
C GLU CA 31 27.18 -59.75 25.22
N ARG CA 32 28.41 -60.24 25.00
CA ARG CA 32 29.59 -59.54 25.48
C ARG CA 32 30.03 -58.51 24.42
N CYS CA 33 30.24 -57.25 24.83
CA CYS CA 33 30.38 -56.13 23.88
C CYS CA 33 31.79 -55.89 23.35
N GLU CA 34 32.02 -56.25 22.10
CA GLU CA 34 33.28 -55.93 21.44
C GLU CA 34 33.39 -54.42 21.26
N GLY CA 35 34.48 -53.83 21.73
CA GLY CA 35 34.59 -52.39 21.69
C GLY CA 35 36.01 -51.85 21.67
N GLU CA 36 36.14 -50.61 21.20
CA GLU CA 36 37.42 -49.91 21.03
C GLU CA 36 38.10 -49.59 22.36
N GLN CA 37 39.43 -49.60 22.35
CA GLN CA 37 40.25 -49.47 23.56
C GLN CA 37 39.68 -48.50 24.60
N ASP CA 38 39.75 -47.21 24.30
CA ASP CA 38 39.33 -46.19 25.24
C ASP CA 38 38.04 -45.49 24.80
N LYS CA 39 37.09 -46.28 24.28
CA LYS CA 39 35.75 -45.76 23.99
C LYS CA 39 34.76 -46.45 24.92
N ARG CA 40 33.63 -45.80 25.19
CA ARG CA 40 32.62 -46.38 26.09
C ARG CA 40 31.76 -47.44 25.40
N LEU CA 41 31.01 -48.18 26.20
CA LEU CA 41 30.08 -49.18 25.67
C LEU CA 41 28.68 -48.99 26.27
N HIS CA 42 27.66 -49.48 25.56
CA HIS CA 42 26.27 -49.26 25.94
C HIS CA 42 25.35 -50.45 25.66
N CYS CA 43 24.12 -50.38 26.18
CA CYS CA 43 23.08 -51.36 25.86
C CYS CA 43 21.87 -50.65 25.27
N TYR CA 44 21.15 -51.32 24.38
CA TYR CA 44 19.95 -50.75 23.81
C TYR CA 44 18.81 -51.73 23.87
N ALA CA 45 17.62 -51.15 23.74
CA ALA CA 45 16.40 -51.89 23.60
C ALA CA 45 15.51 -51.07 22.68
N SER CA 46 14.67 -51.76 21.92
CA SER CA 46 13.75 -51.11 21.00
C SER CA 46 12.53 -52.00 20.86
N TRP CA 47 11.37 -51.36 20.80
CA TRP CA 47 10.10 -52.07 20.83
C TRP CA 47 9.02 -51.25 20.15
N ARG CA 48 7.94 -51.91 19.78
CA ARG CA 48 6.78 -51.22 19.20
C ARG CA 48 5.73 -51.00 20.29
N ASN CA 49 4.88 -50.00 20.12
CA ASN CA 49 3.80 -49.73 21.10
C ASN CA 49 2.47 -49.38 20.44
N SER CA 50 1.64 -50.40 20.28
CA SER CA 50 0.33 -50.23 19.69
C SER CA 50 -0.68 -49.95 20.78
N SER CA 51 -0.73 -48.69 21.23
CA SER CA 51 -1.62 -48.28 22.30
C SER CA 51 -1.56 -49.22 23.51
N GLY CA 52 -0.44 -49.16 24.23
CA GLY CA 52 -0.32 -49.88 25.50
C GLY CA 52 0.20 -51.31 25.44
N THR CA 53 -0.01 -51.96 24.30
CA THR CA 53 0.46 -53.34 24.12
C THR CA 53 1.89 -53.31 23.58
N ILE CA 54 2.83 -53.84 24.36
CA ILE CA 54 4.26 -53.72 24.04
C ILE CA 54 4.81 -54.96 23.34
N GLU CA 55 5.23 -54.79 22.10
CA GLU CA 55 5.90 -55.86 21.37
C GLU CA 55 7.40 -55.59 21.24
N LEU CA 56 8.24 -56.48 21.80
CA LEU CA 56 9.70 -56.30 21.74
C LEU CA 56 10.24 -56.50 20.33
N VAL CA 57 11.24 -55.71 19.96
CA VAL CA 57 11.81 -55.82 18.63
C VAL CA 57 13.30 -56.18 18.65
N LYS CA 58 14.06 -55.58 19.55
CA LYS CA 58 15.50 -55.86 19.61
C LYS CA 58 16.19 -55.35 20.88
N LYS CA 59 17.06 -56.17 21.47
CA LYS CA 59 17.91 -55.74 22.58
C LYS CA 59 19.33 -56.18 22.35
N GLY CA 60 20.31 -55.36 22.75
CA GLY CA 60 21.69 -55.77 22.55
C GLY CA 60 22.74 -54.71 22.78
N CYS CA 61 23.97 -54.96 22.31
CA CYS CA 61 25.10 -54.06 22.57
C CYS CA 61 25.05 -52.88 21.65
N TRP CA 62 25.58 -51.72 22.09
CA TRP CA 62 25.49 -50.45 21.34
C TRP CA 62 26.71 -49.59 21.58
N LEU CA 63 27.19 -48.91 20.55
CA LEU CA 63 28.51 -48.29 20.58
C LEU CA 63 28.56 -46.85 21.07
N ASP CA 64 29.64 -46.54 21.80
CA ASP CA 64 29.93 -45.20 22.30
C ASP CA 64 29.13 -44.08 21.62
N ASP CA 65 27.92 -43.88 22.12
CA ASP CA 65 27.05 -42.85 21.58
C ASP CA 65 26.65 -41.98 22.78
N PHE CA 66 26.96 -40.69 22.69
CA PHE CA 66 26.83 -39.77 23.81
C PHE CA 66 25.42 -39.64 24.36
N ASN CA 67 24.43 -39.96 23.53
CA ASN CA 67 23.06 -39.98 24.01
C ASN CA 67 22.86 -40.89 25.22
N CYS CA 68 23.73 -41.90 25.36
CA CYS CA 68 23.59 -42.89 26.42
C CYS CA 68 24.51 -42.56 27.56
N TYR CA 69 25.34 -41.55 27.37
CA TYR CA 69 26.39 -41.21 28.33
C TYR CA 69 25.84 -41.05 29.75
N ASP CA 70 26.49 -41.73 30.70
CA ASP CA 70 26.14 -41.65 32.12
C ASP CA 70 24.62 -41.68 32.39
N ARG CA 71 23.96 -42.73 31.91
CA ARG CA 71 22.51 -42.86 32.10
C ARG CA 71 22.21 -44.26 32.63
N GLN CA 72 21.78 -44.32 33.89
CA GLN CA 72 21.70 -45.59 34.61
C GLN CA 72 20.61 -46.53 34.11
N GLU CA 73 19.42 -46.01 33.82
CA GLU CA 73 18.33 -46.85 33.35
C GLU CA 73 18.05 -46.68 31.86
N CYS CA 74 17.42 -47.69 31.27
CA CYS CA 74 17.15 -47.65 29.84
C CYS CA 74 15.80 -46.98 29.58
N VAL CA 75 15.85 -45.72 29.17
CA VAL CA 75 14.62 -44.97 28.99
C VAL CA 75 14.55 -44.23 27.66
N ALA CA 76 13.38 -44.33 27.03
CA ALA CA 76 13.13 -43.72 25.73
C ALA CA 76 12.56 -42.33 25.93
N THR CA 77 12.92 -41.40 25.04
CA THR CA 77 12.59 -40.00 25.26
C THR CA 77 11.69 -39.41 24.16
N GLU CA 78 11.64 -40.06 23.00
CA GLU CA 78 10.80 -39.59 21.89
C GLU CA 78 9.30 -39.50 22.25
N GLU CA 79 8.60 -38.53 21.66
CA GLU CA 79 7.20 -38.28 21.98
C GLU CA 79 6.31 -39.47 21.60
N ASN CA 80 6.06 -39.61 20.31
CA ASN CA 80 5.28 -40.75 19.80
C ASN CA 80 5.90 -41.34 18.55
N PRO CA 81 6.73 -42.37 18.72
CA PRO CA 81 7.48 -42.96 17.62
C PRO CA 81 6.89 -44.25 17.07
N GLN CA 82 7.05 -44.45 15.76
CA GLN CA 82 6.94 -45.75 15.13
C GLN CA 82 7.65 -46.81 15.97
N VAL CA 83 8.99 -46.70 16.08
CA VAL CA 83 9.80 -47.61 16.89
C VAL CA 83 10.39 -46.91 18.11
N TYR CA 84 10.10 -47.45 19.29
CA TYR CA 84 10.62 -46.88 20.52
C TYR CA 84 12.05 -47.39 20.67
N PHE CA 85 12.94 -46.49 21.04
CA PHE CA 85 14.35 -46.84 21.26
C PHE CA 85 14.85 -46.26 22.58
N CYS CA 86 15.81 -46.96 23.18
CA CYS CA 86 16.48 -46.44 24.36
C CYS CA 86 17.84 -47.10 24.53
N CYS CA 87 18.80 -46.33 25.03
CA CYS CA 87 20.10 -46.87 25.38
C CYS CA 87 20.53 -46.47 26.79
N CYS CA 88 21.57 -47.14 27.29
CA CYS CA 88 22.03 -46.93 28.65
C CYS CA 88 23.47 -47.46 28.85
N GLU CA 89 24.01 -47.21 30.03
CA GLU CA 89 25.38 -47.58 30.37
C GLU CA 89 25.40 -48.40 31.67
N GLY CA 90 26.04 -49.56 31.63
CA GLY CA 90 26.09 -50.41 32.80
C GLY CA 90 25.54 -51.78 32.49
N ASN CA 91 26.23 -52.81 32.97
CA ASN CA 91 25.86 -54.19 32.66
C ASN CA 91 24.37 -54.53 32.84
N PHE CA 92 23.78 -55.07 31.78
CA PHE CA 92 22.38 -55.51 31.78
C PHE CA 92 21.36 -54.41 32.10
N CYS CA 93 21.77 -53.15 31.87
CA CYS CA 93 20.89 -52.03 32.12
C CYS CA 93 19.66 -52.08 31.21
N ASN CA 94 19.71 -52.88 30.15
CA ASN CA 94 18.56 -53.01 29.25
C ASN CA 94 17.63 -54.19 29.56
N GLU CA 95 17.77 -54.77 30.74
CA GLU CA 95 16.86 -55.84 31.14
C GLU CA 95 15.43 -55.31 31.12
N ARG CA 96 15.20 -54.20 31.82
CA ARG CA 96 13.88 -53.57 31.86
C ARG CA 96 14.01 -52.20 31.25
N PHE CA 97 12.93 -51.73 30.63
CA PHE CA 97 12.94 -50.42 29.97
C PHE CA 97 11.59 -49.73 30.14
N THR CA 98 11.54 -48.41 29.95
CA THR CA 98 10.30 -47.64 30.07
C THR CA 98 10.24 -46.46 29.10
N HIS CA 99 9.17 -45.66 29.19
CA HIS CA 99 8.94 -44.52 28.29
C HIS CA 99 8.53 -43.24 29.03
N LEU CA 100 9.16 -42.12 28.69
CA LEU CA 100 8.75 -40.80 29.20
C LEU CA 100 9.46 -39.62 28.52
N PRO CA 101 8.74 -38.92 27.62
CA PRO CA 101 9.28 -37.84 26.78
C PRO CA 101 9.76 -36.61 27.55
N ARG DA 11 63.91 -56.00 -13.47
CA ARG DA 11 64.74 -54.79 -13.56
C ARG DA 11 65.97 -54.70 -12.61
N GLU DA 12 67.17 -54.67 -13.19
CA GLU DA 12 68.43 -54.82 -12.44
C GLU DA 12 69.44 -53.67 -12.59
N CYS DA 13 70.31 -53.50 -11.60
CA CYS DA 13 71.34 -52.47 -11.63
C CYS DA 13 72.70 -52.98 -11.16
N ILE DA 14 73.74 -52.18 -11.40
CA ILE DA 14 75.05 -52.49 -10.87
C ILE DA 14 75.17 -51.94 -9.48
N TYR DA 15 75.50 -52.83 -8.53
CA TYR DA 15 75.66 -52.42 -7.15
C TYR DA 15 77.11 -52.19 -6.82
N TYR DA 16 77.40 -51.08 -6.16
CA TYR DA 16 78.73 -50.84 -5.61
C TYR DA 16 78.66 -49.83 -4.47
N ASN DA 17 79.46 -50.06 -3.45
CA ASN DA 17 79.48 -49.17 -2.31
C ASN DA 17 80.86 -49.15 -1.70
N ALA DA 18 81.63 -48.14 -2.06
CA ALA DA 18 82.98 -47.98 -1.53
C ALA DA 18 82.95 -48.00 -0.02
N ASN DA 19 82.03 -47.27 0.57
CA ASN DA 19 82.00 -47.21 2.00
C ASN DA 19 81.48 -48.50 2.68
N TRP DA 20 81.54 -49.63 1.99
CA TRP DA 20 80.87 -50.83 2.45
C TRP DA 20 81.26 -51.26 3.83
N GLU DA 21 82.56 -51.45 4.04
CA GLU DA 21 83.03 -51.89 5.32
C GLU DA 21 82.39 -51.07 6.42
N LEU DA 22 82.37 -49.76 6.24
CA LEU DA 22 81.88 -48.90 7.28
C LEU DA 22 80.37 -49.04 7.50
N GLU DA 23 79.61 -49.15 6.42
CA GLU DA 23 78.15 -49.22 6.51
C GLU DA 23 77.64 -50.65 6.64
N ARG DA 24 78.56 -51.59 6.69
CA ARG DA 24 78.20 -52.99 6.76
C ARG DA 24 77.25 -53.39 5.64
N THR DA 25 77.73 -53.30 4.40
CA THR DA 25 76.96 -53.78 3.23
C THR DA 25 77.91 -54.42 2.26
N ASN DA 26 77.39 -55.12 1.27
CA ASN DA 26 78.23 -55.69 0.24
C ASN DA 26 79.02 -54.60 -0.49
N GLN DA 27 80.08 -55.01 -1.19
CA GLN DA 27 80.95 -54.05 -1.83
C GLN DA 27 80.57 -53.85 -3.28
N SER DA 28 80.56 -54.93 -4.05
CA SER DA 28 80.19 -54.83 -5.45
C SER DA 28 79.36 -56.02 -5.89
N GLY DA 29 78.59 -55.83 -6.96
CA GLY DA 29 77.76 -56.88 -7.50
C GLY DA 29 76.62 -56.26 -8.27
N LEU DA 30 75.43 -56.80 -8.07
CA LEU DA 30 74.24 -56.26 -8.71
C LEU DA 30 73.06 -56.22 -7.76
N GLU DA 31 71.98 -55.57 -8.17
CA GLU DA 31 70.80 -55.38 -7.30
C GLU DA 31 69.52 -55.50 -8.14
N ARG DA 32 68.55 -56.30 -7.70
CA ARG DA 32 67.25 -56.30 -8.36
C ARG DA 32 66.37 -55.27 -7.67
N CYS DA 33 65.70 -54.45 -8.45
CA CYS DA 33 65.08 -53.23 -7.92
C CYS DA 33 63.66 -53.39 -7.41
N GLU DA 34 63.50 -53.35 -6.09
CA GLU DA 34 62.16 -53.37 -5.51
C GLU DA 34 61.47 -52.05 -5.83
N GLY DA 35 60.27 -52.13 -6.41
CA GLY DA 35 59.58 -50.93 -6.86
C GLY DA 35 58.06 -51.01 -6.91
N GLU DA 36 57.43 -49.83 -6.89
CA GLU DA 36 55.98 -49.67 -6.89
C GLU DA 36 55.33 -50.12 -8.21
N GLN DA 37 54.12 -50.67 -8.09
CA GLN DA 37 53.40 -51.27 -9.22
C GLN DA 37 53.63 -50.56 -10.56
N ASP DA 38 52.99 -49.40 -10.71
CA ASP DA 38 53.07 -48.65 -11.95
C ASP DA 38 53.96 -47.41 -11.84
N LYS DA 39 55.10 -47.54 -11.17
CA LYS DA 39 56.11 -46.49 -11.16
C LYS DA 39 57.36 -47.00 -11.87
N ARG DA 40 58.17 -46.10 -12.40
CA ARG DA 40 59.36 -46.48 -13.14
C ARG DA 40 60.52 -46.79 -12.19
N LEU DA 41 61.57 -47.40 -12.72
CA LEU DA 41 62.78 -47.72 -11.95
C LEU DA 41 64.04 -47.25 -12.66
N HIS DA 42 65.10 -47.02 -11.90
CA HIS DA 42 66.32 -46.40 -12.44
C HIS DA 42 67.61 -46.92 -11.82
N CYS DA 43 68.74 -46.57 -12.42
CA CYS DA 43 70.03 -46.88 -11.84
C CYS DA 43 70.83 -45.62 -11.64
N TYR DA 44 71.69 -45.61 -10.62
CA TYR DA 44 72.52 -44.46 -10.33
C TYR DA 44 73.95 -44.87 -10.14
N ALA DA 45 74.81 -43.87 -10.32
CA ALA DA 45 76.22 -43.98 -10.01
C ALA DA 45 76.62 -42.62 -9.47
N SER DA 46 77.60 -42.62 -8.59
CA SER DA 46 78.14 -41.39 -8.02
C SER DA 46 79.60 -41.62 -7.67
N TRP DA 47 80.39 -40.60 -7.94
CA TRP DA 47 81.84 -40.70 -7.80
C TRP DA 47 82.45 -39.35 -7.49
N ARG DA 48 83.69 -39.36 -7.00
CA ARG DA 48 84.41 -38.13 -6.74
C ARG DA 48 85.38 -37.87 -7.91
N ASN DA 49 85.73 -36.61 -8.16
CA ASN DA 49 86.69 -36.30 -9.22
C ASN DA 49 87.73 -35.27 -8.81
N SER DA 50 88.90 -35.75 -8.40
CA SER DA 50 89.99 -34.87 -7.98
C SER DA 50 90.90 -34.61 -9.16
N SER DA 51 90.48 -33.69 -10.03
CA SER DA 51 91.23 -33.35 -11.22
C SER DA 51 91.63 -34.58 -12.03
N GLY DA 52 90.65 -35.21 -12.67
CA GLY DA 52 90.92 -36.30 -13.60
C GLY DA 52 91.00 -37.70 -13.00
N THR DA 53 91.36 -37.78 -11.73
CA THR DA 53 91.43 -39.08 -11.08
C THR DA 53 90.07 -39.45 -10.48
N ILE DA 54 89.47 -40.53 -10.97
CA ILE DA 54 88.10 -40.88 -10.60
C ILE DA 54 88.01 -41.94 -9.50
N GLU DA 55 87.47 -41.56 -8.36
CA GLU DA 55 87.25 -42.50 -7.27
C GLU DA 55 85.75 -42.79 -7.15
N LEU DA 56 85.36 -44.04 -7.32
CA LEU DA 56 83.94 -44.42 -7.24
C LEU DA 56 83.40 -44.34 -5.82
N VAL DA 57 82.13 -44.00 -5.68
CA VAL DA 57 81.56 -43.85 -4.38
C VAL DA 57 80.37 -44.76 -4.17
N LYS DA 58 79.52 -44.87 -5.18
CA LYS DA 58 78.32 -45.69 -5.01
C LYS DA 58 77.60 -45.95 -6.33
N LYS DA 59 77.09 -47.16 -6.51
CA LYS DA 59 76.25 -47.50 -7.65
C LYS DA 59 75.08 -48.35 -7.17
N GLY DA 60 73.92 -48.20 -7.77
CA GLY DA 60 72.82 -49.05 -7.36
C GLY DA 60 71.47 -48.63 -7.90
N CYS DA 61 70.40 -49.17 -7.31
CA CYS DA 61 69.04 -48.85 -7.77
C CYS DA 61 68.60 -47.48 -7.29
N TRP DA 62 67.65 -46.89 -8.01
CA TRP DA 62 67.16 -45.53 -7.75
C TRP DA 62 65.70 -45.39 -8.16
N LEU DA 63 64.91 -44.64 -7.40
CA LEU DA 63 63.46 -44.63 -7.59
C LEU DA 63 62.89 -43.58 -8.53
N ASP DA 64 61.86 -44.00 -9.25
CA ASP DA 64 61.09 -43.14 -10.14
C ASP DA 64 61.36 -41.64 -9.91
N ASP DA 65 62.42 -41.15 -10.52
CA ASP DA 65 62.78 -39.75 -10.46
C ASP DA 65 62.89 -39.25 -11.89
N PHE DA 66 62.08 -38.24 -12.23
CA PHE DA 66 61.91 -37.76 -13.60
C PHE DA 66 63.21 -37.29 -14.25
N ASN DA 67 64.18 -36.93 -13.44
CA ASN DA 67 65.48 -36.54 -13.97
C ASN DA 67 66.12 -37.65 -14.82
N CYS DA 68 65.78 -38.89 -14.54
CA CYS DA 68 66.35 -40.03 -15.23
C CYS DA 68 65.45 -40.50 -16.36
N TYR DA 69 64.27 -39.89 -16.46
CA TYR DA 69 63.27 -40.37 -17.39
C TYR DA 69 63.83 -40.49 -18.81
N ASP DA 70 63.57 -41.64 -19.44
CA ASP DA 70 63.94 -41.90 -20.84
C ASP DA 70 65.36 -41.42 -21.20
N ARG DA 71 66.34 -41.87 -20.43
CA ARG DA 71 67.73 -41.49 -20.67
C ARG DA 71 68.61 -42.76 -20.69
N GLN DA 72 69.10 -43.09 -21.89
CA GLN DA 72 69.73 -44.38 -22.13
C GLN DA 72 71.04 -44.60 -21.40
N GLU DA 73 71.91 -43.58 -21.37
CA GLU DA 73 73.23 -43.70 -20.75
C GLU DA 73 73.30 -42.95 -19.42
N CYS DA 74 74.21 -43.37 -18.56
CA CYS DA 74 74.34 -42.74 -17.25
C CYS DA 74 75.29 -41.56 -17.34
N VAL DA 75 74.72 -40.36 -17.39
CA VAL DA 75 75.53 -39.15 -17.53
C VAL DA 75 75.21 -38.05 -16.54
N ALA DA 76 76.27 -37.44 -16.02
CA ALA DA 76 76.16 -36.41 -15.00
C ALA DA 76 76.15 -35.06 -15.68
N THR DA 77 75.40 -34.13 -15.12
CA THR DA 77 75.17 -32.87 -15.80
C THR DA 77 75.69 -31.64 -15.05
N GLU DA 78 75.93 -31.76 -13.75
CA GLU DA 78 76.38 -30.64 -12.93
C GLU DA 78 77.73 -30.10 -13.38
N GLU DA 79 77.97 -28.81 -13.17
CA GLU DA 79 79.17 -28.16 -13.67
C GLU DA 79 80.42 -28.69 -12.97
N ASN DA 80 80.61 -28.28 -11.72
CA ASN DA 80 81.74 -28.77 -10.95
C ASN DA 80 81.30 -29.09 -9.52
N PRO DA 81 80.96 -30.37 -9.27
CA PRO DA 81 80.39 -30.80 -7.98
C PRO DA 81 81.39 -31.49 -7.09
N GLN DA 82 81.21 -31.31 -5.78
CA GLN DA 82 81.83 -32.14 -4.77
C GLN DA 82 81.66 -33.63 -5.17
N VAL DA 83 80.41 -34.08 -5.21
CA VAL DA 83 80.08 -35.45 -5.62
C VAL DA 83 79.37 -35.48 -6.96
N TYR DA 84 79.94 -36.21 -7.90
CA TYR DA 84 79.32 -36.37 -9.21
C TYR DA 84 78.22 -37.42 -9.07
N PHE DA 85 77.07 -37.13 -9.68
CA PHE DA 85 75.94 -38.04 -9.67
C PHE DA 85 75.35 -38.20 -11.05
N CYS DA 86 74.80 -39.39 -11.32
CA CYS DA 86 74.08 -39.62 -12.55
C CYS DA 86 73.11 -40.79 -12.42
N CYS DA 87 71.97 -40.67 -13.08
CA CYS DA 87 71.00 -41.76 -13.12
C CYS DA 87 70.54 -42.03 -14.54
N CYS DA 88 69.86 -43.16 -14.71
CA CYS DA 88 69.48 -43.63 -16.03
C CYS DA 88 68.41 -44.70 -15.97
N GLU DA 89 67.93 -45.10 -17.15
CA GLU DA 89 66.84 -46.06 -17.27
C GLU DA 89 67.24 -47.19 -18.22
N GLY DA 90 67.10 -48.44 -17.75
CA GLY DA 90 67.48 -49.61 -18.53
C GLY DA 90 68.49 -50.45 -17.79
N ASN DA 91 68.29 -51.77 -17.83
CA ASN DA 91 69.14 -52.72 -17.08
C ASN DA 91 70.66 -52.49 -17.22
N PHE DA 92 71.32 -52.35 -16.09
CA PHE DA 92 72.78 -52.17 -16.03
C PHE DA 92 73.29 -50.95 -16.77
N CYS DA 93 72.41 -49.97 -16.95
CA CYS DA 93 72.80 -48.75 -17.63
C CYS DA 93 73.86 -48.01 -16.86
N ASN DA 94 74.05 -48.36 -15.59
CA ASN DA 94 75.10 -47.71 -14.79
C ASN DA 94 76.43 -48.46 -14.76
N GLU DA 95 76.63 -49.39 -15.68
CA GLU DA 95 77.90 -50.06 -15.78
C GLU DA 95 79.01 -49.05 -16.03
N ARG DA 96 78.85 -48.27 -17.08
CA ARG DA 96 79.80 -47.21 -17.39
C ARG DA 96 79.10 -45.85 -17.26
N PHE DA 97 79.86 -44.82 -16.87
CA PHE DA 97 79.31 -43.48 -16.71
C PHE DA 97 80.29 -42.42 -17.18
N THR DA 98 79.81 -41.22 -17.44
CA THR DA 98 80.66 -40.12 -17.92
C THR DA 98 80.18 -38.74 -17.43
N HIS DA 99 80.86 -37.68 -17.86
CA HIS DA 99 80.55 -36.30 -17.42
C HIS DA 99 80.47 -35.29 -18.57
N LEU DA 100 79.43 -34.45 -18.59
CA LEU DA 100 79.32 -33.35 -19.54
C LEU DA 100 78.15 -32.39 -19.26
N PRO DA 101 78.45 -31.22 -18.67
CA PRO DA 101 77.46 -30.23 -18.21
C PRO DA 101 76.59 -29.63 -19.31
CA SER EA 6 44.70 35.67 12.44
C SER EA 6 45.02 34.19 12.14
N HIS EA 7 43.97 33.40 11.92
CA HIS EA 7 44.12 31.99 11.61
C HIS EA 7 44.00 31.73 10.10
N CYS EA 8 43.24 30.71 9.74
CA CYS EA 8 43.16 30.19 8.37
C CYS EA 8 42.08 30.85 7.53
N GLN EA 9 42.44 31.34 6.34
CA GLN EA 9 41.53 32.13 5.53
C GLN EA 9 41.95 32.25 4.06
N LYS EA 10 41.02 32.78 3.26
CA LYS EA 10 41.25 33.13 1.86
C LYS EA 10 41.94 34.50 1.74
N THR EA 11 42.96 34.57 0.87
CA THR EA 11 43.74 35.79 0.71
C THR EA 11 43.83 36.18 -0.74
N SER EA 12 44.06 37.46 -1.01
CA SER EA 12 44.17 37.89 -2.38
C SER EA 12 45.48 37.37 -2.92
N LEU EA 13 45.47 36.86 -4.16
CA LEU EA 13 46.72 36.59 -4.86
C LEU EA 13 46.59 36.98 -6.33
N ARG EA 14 46.99 38.21 -6.66
CA ARG EA 14 46.94 38.66 -8.03
C ARG EA 14 48.12 38.03 -8.78
N VAL EA 15 47.82 37.01 -9.56
CA VAL EA 15 48.86 36.40 -10.38
C VAL EA 15 48.93 37.14 -11.69
N ASN EA 16 50.14 37.52 -12.06
CA ASN EA 16 50.40 38.17 -13.32
C ASN EA 16 51.07 37.15 -14.23
N PHE EA 17 50.41 36.79 -15.33
CA PHE EA 17 50.91 35.75 -16.24
C PHE EA 17 52.30 36.03 -16.76
N GLU EA 18 52.63 37.31 -16.96
CA GLU EA 18 53.97 37.69 -17.38
C GLU EA 18 54.97 37.19 -16.36
N ASP EA 19 54.64 37.31 -15.07
CA ASP EA 19 55.54 36.90 -14.00
C ASP EA 19 55.92 35.42 -14.05
N ILE EA 20 55.01 34.56 -14.49
CA ILE EA 20 55.31 33.13 -14.63
C ILE EA 20 55.47 32.73 -16.08
N GLY EA 21 55.65 33.73 -16.96
CA GLY EA 21 56.01 33.47 -18.34
C GLY EA 21 54.93 32.83 -19.18
N TRP EA 22 53.68 33.09 -18.81
CA TRP EA 22 52.57 32.61 -19.59
C TRP EA 22 52.10 33.69 -20.54
N ASP EA 23 52.73 34.86 -20.47
CA ASP EA 23 52.36 35.95 -21.36
C ASP EA 23 52.54 35.56 -22.82
N SER EA 24 53.22 34.43 -23.01
CA SER EA 24 53.51 33.91 -24.34
C SER EA 24 52.28 33.41 -25.06
N TRP EA 25 51.27 33.00 -24.30
CA TRP EA 25 50.08 32.41 -24.89
C TRP EA 25 48.75 32.88 -24.29
N ILE EA 26 48.79 33.47 -23.10
CA ILE EA 26 47.60 34.09 -22.53
C ILE EA 26 47.54 35.51 -23.05
N ILE EA 27 46.53 35.80 -23.86
CA ILE EA 27 46.35 37.14 -24.40
C ILE EA 27 45.64 37.97 -23.35
N ALA EA 28 44.64 37.36 -22.71
CA ALA EA 28 43.87 38.03 -21.65
C ALA EA 28 43.31 37.04 -20.63
N PRO EA 29 43.21 37.49 -19.38
CA PRO EA 29 43.61 38.81 -18.90
C PRO EA 29 45.12 38.89 -18.78
N LYS EA 30 45.66 40.03 -18.38
CA LYS EA 30 47.12 40.10 -18.16
C LYS EA 30 47.47 39.63 -16.75
N GLU EA 31 46.57 39.90 -15.81
CA GLU EA 31 46.64 39.32 -14.47
C GLU EA 31 45.24 38.99 -13.98
N TYR EA 32 45.15 38.10 -13.00
CA TYR EA 32 43.85 37.66 -12.48
C TYR EA 32 43.96 37.27 -11.02
N GLU EA 33 42.81 37.27 -10.36
CA GLU EA 33 42.75 36.94 -8.95
C GLU EA 33 42.65 35.45 -8.72
N ALA EA 34 43.79 34.81 -8.50
CA ALA EA 34 43.75 33.49 -7.90
C ALA EA 34 43.77 33.82 -6.45
N TYR EA 35 43.31 32.93 -5.61
CA TYR EA 35 43.48 33.32 -4.23
C TYR EA 35 44.63 32.54 -3.65
N GLU EA 36 44.89 32.78 -2.38
CA GLU EA 36 45.86 31.98 -1.63
C GLU EA 36 45.09 31.45 -0.44
N CYS EA 37 45.52 30.30 0.10
CA CYS EA 37 44.99 29.84 1.38
C CYS EA 37 46.06 29.96 2.46
N LYS EA 38 45.92 30.97 3.32
CA LYS EA 38 46.99 31.35 4.25
C LYS EA 38 46.46 31.11 5.65
N GLY EA 39 47.34 30.75 6.57
CA GLY EA 39 46.94 30.68 7.95
C GLY EA 39 47.03 29.32 8.56
N GLY EA 40 46.91 29.28 9.88
CA GLY EA 40 47.08 28.04 10.64
C GLY EA 40 45.76 27.40 11.02
N CYS EA 41 45.81 26.10 11.22
CA CYS EA 41 44.61 25.38 11.66
C CYS EA 41 44.74 25.12 13.15
N PHE EA 42 44.14 26.02 13.93
CA PHE EA 42 44.40 26.07 15.36
C PHE EA 42 43.20 25.56 16.11
N PHE EA 43 43.44 24.67 17.05
CA PHE EA 43 42.35 24.06 17.81
C PHE EA 43 41.69 25.06 18.76
N PRO EA 44 40.36 25.02 18.85
CA PRO EA 44 39.50 24.08 18.11
C PRO EA 44 39.25 24.59 16.70
N LEU EA 45 38.94 23.68 15.79
CA LEU EA 45 38.80 24.03 14.37
C LEU EA 45 37.40 24.59 14.08
N ALA EA 46 37.36 25.87 13.70
CA ALA EA 46 36.12 26.53 13.34
C ALA EA 46 35.34 25.78 12.27
N ASP EA 47 34.00 25.77 12.40
CA ASP EA 47 33.15 25.05 11.46
C ASP EA 47 33.42 25.49 10.03
N ASP EA 48 33.63 26.80 9.84
CA ASP EA 48 33.79 27.34 8.49
C ASP EA 48 35.08 26.89 7.83
N VAL EA 49 35.74 25.93 8.45
CA VAL EA 49 36.97 25.39 7.90
C VAL EA 49 36.75 23.92 7.46
N THR EA 50 35.52 23.45 7.62
CA THR EA 50 35.12 22.18 7.04
C THR EA 50 36.01 21.04 7.50
N PRO EA 51 36.48 21.09 8.74
CA PRO EA 51 37.46 20.09 9.19
C PRO EA 51 36.99 18.67 8.92
N THR EA 52 37.87 17.83 8.39
CA THR EA 52 37.58 16.42 8.20
C THR EA 52 37.86 15.77 9.54
N LYS EA 53 37.29 14.59 9.75
CA LYS EA 53 37.59 13.84 10.97
C LYS EA 53 39.12 13.74 11.12
N HIS EA 54 39.76 13.30 10.05
CA HIS EA 54 41.19 13.07 10.08
C HIS EA 54 41.91 14.32 10.53
N ALA EA 55 41.60 15.45 9.90
CA ALA EA 55 42.16 16.72 10.32
C ALA EA 55 42.05 16.94 11.83
N ILE EA 56 40.88 16.66 12.37
CA ILE EA 56 40.71 16.77 13.82
C ILE EA 56 41.72 15.88 14.53
N VAL EA 57 41.64 14.58 14.24
CA VAL EA 57 42.52 13.63 14.91
C VAL EA 57 43.98 14.07 14.86
N GLN EA 58 44.46 14.29 13.64
CA GLN EA 58 45.84 14.70 13.44
C GLN EA 58 46.10 15.88 14.35
N THR EA 59 45.27 16.92 14.26
CA THR EA 59 45.48 18.12 15.07
C THR EA 59 45.69 17.79 16.56
N LEU EA 60 44.85 16.92 17.12
CA LEU EA 60 45.03 16.48 18.50
C LEU EA 60 46.40 15.81 18.72
N VAL EA 61 46.66 14.80 17.91
CA VAL EA 61 47.92 14.08 18.01
C VAL EA 61 49.05 15.09 18.05
N HIS EA 62 48.97 16.10 17.19
CA HIS EA 62 50.01 17.11 17.11
C HIS EA 62 50.11 17.89 18.40
N LEU EA 63 48.97 18.23 18.98
CA LEU EA 63 49.01 18.84 20.32
C LEU EA 63 49.85 18.01 21.27
N LYS EA 64 49.79 16.67 21.15
CA LYS EA 64 50.66 15.88 22.04
C LYS EA 64 52.12 15.61 21.54
N PHE EA 65 52.34 15.69 20.23
CA PHE EA 65 53.66 15.37 19.69
C PHE EA 65 54.07 16.39 18.67
N PRO EA 66 54.17 17.65 19.11
CA PRO EA 66 54.32 18.80 18.22
C PRO EA 66 55.59 18.72 17.39
N THR EA 67 56.43 17.73 17.69
CA THR EA 67 57.70 17.62 16.97
C THR EA 67 57.68 16.50 15.93
N LYS EA 68 56.81 15.51 16.15
CA LYS EA 68 56.76 14.36 15.24
C LYS EA 68 55.55 14.46 14.29
N VAL EA 69 54.55 15.23 14.69
CA VAL EA 69 53.30 15.35 13.95
C VAL EA 69 52.93 16.83 13.71
N GLY EA 70 52.53 17.16 12.49
CA GLY EA 70 52.27 18.55 12.15
C GLY EA 70 50.81 18.94 12.18
N LYS EA 71 50.57 20.26 12.22
CA LYS EA 71 49.19 20.76 12.15
C LYS EA 71 48.54 20.35 10.82
N ALA EA 72 47.21 20.43 10.75
CA ALA EA 72 46.55 20.27 9.46
C ALA EA 72 46.93 21.47 8.59
N CYS EA 73 46.86 21.30 7.27
CA CYS EA 73 47.23 22.38 6.38
C CYS EA 73 46.02 23.17 5.88
N CYS EA 74 46.19 24.48 5.69
CA CYS EA 74 45.13 25.31 5.13
C CYS EA 74 45.23 25.31 3.62
N VAL EA 75 44.27 24.66 2.99
CA VAL EA 75 44.32 24.43 1.55
C VAL EA 75 43.04 24.86 0.87
N PRO EA 76 43.10 25.05 -0.46
CA PRO EA 76 41.89 25.36 -1.20
C PRO EA 76 41.04 24.12 -1.21
N THR EA 77 39.79 24.24 -0.77
CA THR EA 77 38.88 23.11 -0.71
C THR EA 77 37.85 23.09 -1.85
N LYS EA 78 37.60 24.25 -2.47
CA LYS EA 78 36.77 24.34 -3.67
C LYS EA 78 37.40 25.26 -4.72
N LEU EA 79 37.30 24.92 -6.00
CA LEU EA 79 37.94 25.73 -7.05
C LEU EA 79 37.07 26.26 -8.22
N SER EA 80 36.98 27.58 -8.31
CA SER EA 80 36.35 28.23 -9.45
C SER EA 80 37.28 28.30 -10.64
N PRO EA 81 36.71 28.28 -11.86
CA PRO EA 81 37.43 28.48 -13.12
C PRO EA 81 37.39 29.92 -13.49
N ILE EA 82 38.27 30.32 -14.40
CA ILE EA 82 38.27 31.66 -14.95
C ILE EA 82 38.28 31.56 -16.46
N SER EA 83 38.04 32.69 -17.11
CA SER EA 83 38.01 32.73 -18.55
C SER EA 83 39.32 33.28 -19.05
N VAL EA 84 39.81 32.71 -20.14
CA VAL EA 84 41.02 33.22 -20.74
C VAL EA 84 41.00 33.13 -22.27
N LEU EA 85 41.55 34.17 -22.88
CA LEU EA 85 41.71 34.27 -24.30
C LEU EA 85 43.17 34.01 -24.65
N TYR EA 86 43.43 32.94 -25.39
CA TYR EA 86 44.79 32.48 -25.60
C TYR EA 86 45.10 32.12 -27.05
N LYS EA 87 46.38 32.10 -27.39
CA LYS EA 87 46.79 31.83 -28.76
C LYS EA 87 46.77 30.35 -29.06
N ASP EA 88 46.08 30.00 -30.15
CA ASP EA 88 45.98 28.65 -30.69
C ASP EA 88 47.36 28.03 -30.88
N ASP EA 89 47.40 26.75 -31.26
CA ASP EA 89 48.66 26.13 -31.64
C ASP EA 89 49.12 26.77 -32.93
N MET EA 90 48.21 27.48 -33.58
CA MET EA 90 48.54 28.23 -34.78
C MET EA 90 48.24 29.71 -34.62
N GLY EA 91 48.31 30.19 -33.40
CA GLY EA 91 48.26 31.62 -33.13
C GLY EA 91 46.93 32.28 -33.40
N VAL EA 92 45.87 31.53 -33.21
CA VAL EA 92 44.52 32.06 -33.34
C VAL EA 92 43.93 32.33 -31.97
N PRO EA 93 43.54 33.58 -31.72
CA PRO EA 93 42.88 33.89 -30.45
C PRO EA 93 41.65 33.01 -30.24
N THR EA 94 41.71 32.12 -29.26
CA THR EA 94 40.55 31.28 -28.96
C THR EA 94 40.26 31.40 -27.48
N LEU EA 95 39.11 30.90 -27.05
CA LEU EA 95 38.66 31.14 -25.69
C LEU EA 95 38.32 29.89 -24.83
N LYS EA 96 39.04 29.68 -23.74
CA LYS EA 96 38.47 28.77 -22.74
C LYS EA 96 37.68 29.61 -21.76
N TYR EA 97 36.36 29.44 -21.81
CA TYR EA 97 35.46 30.12 -20.93
C TYR EA 97 35.47 29.46 -19.54
N HIS EA 98 35.42 28.13 -19.51
CA HIS EA 98 35.50 27.36 -18.27
C HIS EA 98 36.90 26.74 -18.09
N TYR EA 99 37.89 27.56 -17.76
CA TYR EA 99 39.24 27.08 -17.52
C TYR EA 99 39.33 26.65 -16.08
N GLU EA 100 39.31 25.35 -15.86
CA GLU EA 100 39.02 24.85 -14.52
C GLU EA 100 40.14 25.00 -13.52
N GLY EA 101 39.75 25.33 -12.29
CA GLY EA 101 40.60 25.23 -11.11
C GLY EA 101 41.73 26.23 -11.05
N MET EA 102 41.42 27.49 -11.30
CA MET EA 102 42.46 28.51 -11.32
C MET EA 102 42.31 29.51 -10.19
N SER EA 103 41.17 29.47 -9.53
CA SER EA 103 40.90 30.45 -8.50
C SER EA 103 40.30 29.78 -7.29
N VAL EA 104 40.63 30.27 -6.10
CA VAL EA 104 40.15 29.62 -4.89
C VAL EA 104 38.75 30.05 -4.56
N ALA EA 105 37.92 29.06 -4.31
CA ALA EA 105 36.53 29.34 -3.98
C ALA EA 105 36.38 29.36 -2.47
N GLU EA 106 36.70 28.22 -1.84
CA GLU EA 106 36.58 28.07 -0.40
C GLU EA 106 37.86 27.49 0.19
N CYS EA 107 38.21 27.88 1.41
CA CYS EA 107 39.44 27.40 2.04
C CYS EA 107 39.09 26.36 3.08
N GLY EA 108 40.10 25.68 3.62
CA GLY EA 108 39.81 24.66 4.63
C GLY EA 108 40.99 23.96 5.25
N CYS EA 109 40.73 23.07 6.20
CA CYS EA 109 41.79 22.36 6.92
C CYS EA 109 41.70 20.90 6.63
N ARG EA 110 42.82 20.30 6.25
CA ARG EA 110 42.84 18.89 5.87
C ARG EA 110 44.12 18.17 6.34
N SER FA 6 61.30 12.75 2.27
CA SER FA 6 61.76 13.13 0.93
C SER FA 6 60.86 14.23 0.32
N HIS FA 7 59.98 13.79 -0.58
CA HIS FA 7 59.08 14.67 -1.30
C HIS FA 7 57.71 14.72 -0.61
N CYS FA 8 56.65 14.36 -1.33
CA CYS FA 8 55.32 14.33 -0.75
C CYS FA 8 54.74 12.93 -0.82
N GLN FA 9 54.26 12.43 0.32
CA GLN FA 9 53.82 11.04 0.43
C GLN FA 9 52.95 10.72 1.67
N LYS FA 10 52.41 9.50 1.64
CA LYS FA 10 51.60 8.95 2.72
C LYS FA 10 52.52 8.36 3.79
N THR FA 11 52.22 8.62 5.06
CA THR FA 11 53.06 8.18 6.16
C THR FA 11 52.23 7.46 7.21
N SER FA 12 52.87 6.56 7.97
CA SER FA 12 52.15 5.92 9.05
C SER FA 12 51.84 6.90 10.19
N LEU FA 13 50.61 6.85 10.69
CA LEU FA 13 50.28 7.61 11.88
C LEU FA 13 49.33 6.78 12.77
N ARG FA 14 49.95 6.02 13.66
CA ARG FA 14 49.17 5.24 14.59
C ARG FA 14 48.63 6.20 15.64
N VAL FA 15 47.35 6.50 15.51
CA VAL FA 15 46.67 7.28 16.53
C VAL FA 15 46.17 6.34 17.61
N ASN FA 16 46.50 6.68 18.85
CA ASN FA 16 45.99 5.97 20.01
C ASN FA 16 44.90 6.80 20.70
N PHE FA 17 43.67 6.28 20.74
CA PHE FA 17 42.53 7.07 21.22
C PHE FA 17 42.71 7.56 22.63
N GLU FA 18 43.38 6.76 23.46
CA GLU FA 18 43.70 7.18 24.81
C GLU FA 18 44.50 8.49 24.79
N ASP FA 19 45.46 8.62 23.85
CA ASP FA 19 46.30 9.82 23.74
C ASP FA 19 45.49 11.11 23.53
N ILE FA 20 44.40 11.02 22.77
CA ILE FA 20 43.54 12.18 22.57
C ILE FA 20 42.26 12.12 23.41
N GLY FA 21 42.25 11.25 24.41
CA GLY FA 21 41.17 11.18 25.37
C GLY FA 21 39.82 10.73 24.83
N TRP FA 22 39.87 9.96 23.76
CA TRP FA 22 38.65 9.37 23.23
C TRP FA 22 38.41 7.97 23.82
N ASP FA 23 39.35 7.51 24.63
CA ASP FA 23 39.23 6.21 25.27
C ASP FA 23 37.96 6.15 26.11
N SER FA 24 37.38 7.31 26.34
CA SER FA 24 36.18 7.41 27.17
C SER FA 24 34.97 6.76 26.50
N TRP FA 25 35.00 6.70 25.17
CA TRP FA 25 33.83 6.24 24.43
C TRP FA 25 34.16 5.30 23.26
N ILE FA 26 35.40 5.28 22.82
CA ILE FA 26 35.81 4.29 21.85
C ILE FA 26 36.24 3.04 22.58
N ILE FA 27 35.50 1.95 22.38
CA ILE FA 27 35.79 0.70 23.04
C ILE FA 27 36.84 -0.02 22.24
N ALA FA 28 36.67 0.02 20.92
CA ALA FA 28 37.65 -0.56 20.00
C ALA FA 28 37.66 0.16 18.65
N PRO FA 29 38.83 0.23 18.01
CA PRO FA 29 40.09 -0.36 18.48
C PRO FA 29 40.68 0.54 19.55
N LYS FA 30 41.84 0.17 20.10
CA LYS FA 30 42.48 1.03 21.09
C LYS FA 30 43.37 2.03 20.38
N GLU FA 31 43.97 1.58 19.28
CA GLU FA 31 44.63 2.49 18.34
C GLU FA 31 44.39 2.04 16.90
N TYR FA 32 44.56 2.96 15.96
CA TYR FA 32 44.30 2.64 14.56
C TYR FA 32 45.21 3.44 13.63
N GLU FA 33 45.35 2.95 12.41
CA GLU FA 33 46.18 3.61 11.42
C GLU FA 33 45.44 4.72 10.69
N ALA FA 34 45.62 5.95 11.16
CA ALA FA 34 45.27 7.06 10.33
C ALA FA 34 46.56 7.31 9.65
N TYR FA 35 46.54 7.92 8.50
CA TYR FA 35 47.85 8.21 7.96
C TYR FA 35 48.20 9.67 8.19
N GLU FA 36 49.38 10.06 7.74
CA GLU FA 36 49.75 11.46 7.70
C GLU FA 36 50.14 11.82 6.27
N CYS FA 37 49.96 13.07 5.90
CA CYS FA 37 50.45 13.48 4.59
C CYS FA 37 51.66 14.39 4.76
N LYS FA 38 52.84 13.82 4.57
CA LYS FA 38 54.08 14.50 4.90
C LYS FA 38 54.86 14.82 3.63
N GLY FA 39 55.63 15.90 3.65
CA GLY FA 39 56.47 16.19 2.52
C GLY FA 39 56.13 17.43 1.72
N GLY FA 40 57.03 17.79 0.82
CA GLY FA 40 56.90 19.01 0.07
C GLY FA 40 56.44 18.77 -1.33
N CYS FA 41 55.85 19.82 -1.90
CA CYS FA 41 55.38 19.77 -3.26
C CYS FA 41 56.39 20.51 -4.12
N PHE FA 42 57.33 19.76 -4.68
CA PHE FA 42 58.50 20.33 -5.32
C PHE FA 42 58.39 20.21 -6.82
N PHE FA 43 58.67 21.31 -7.52
CA PHE FA 43 58.53 21.33 -8.98
C PHE FA 43 59.63 20.51 -9.63
N PRO FA 44 59.28 19.75 -10.69
CA PRO FA 44 57.92 19.68 -11.23
C PRO FA 44 57.08 18.71 -10.40
N LEU FA 45 55.75 18.90 -10.42
CA LEU FA 45 54.83 18.10 -9.60
C LEU FA 45 54.50 16.78 -10.26
N ALA FA 46 54.94 15.71 -9.62
CA ALA FA 46 54.67 14.35 -10.09
C ALA FA 46 53.19 14.11 -10.34
N ASP FA 47 52.87 13.32 -11.37
CA ASP FA 47 51.47 13.02 -11.69
C ASP FA 47 50.74 12.38 -10.51
N ASP FA 48 51.44 11.51 -9.79
CA ASP FA 48 50.84 10.77 -8.67
C ASP FA 48 50.48 11.66 -7.49
N VAL FA 49 50.54 12.98 -7.71
CA VAL FA 49 50.19 13.95 -6.68
C VAL FA 49 48.97 14.74 -7.11
N THR FA 50 48.42 14.36 -8.26
CA THR FA 50 47.13 14.86 -8.70
C THR FA 50 47.06 16.38 -8.71
N PRO FA 51 48.17 17.04 -9.08
CA PRO FA 51 48.20 18.50 -8.96
C PRO FA 51 47.00 19.14 -9.66
N THR FA 52 46.39 20.11 -8.99
CA THR FA 52 45.36 20.92 -9.61
C THR FA 52 46.07 21.97 -10.45
N LYS FA 53 45.34 22.58 -11.39
CA LYS FA 53 45.88 23.71 -12.13
C LYS FA 53 46.40 24.73 -11.13
N HIS FA 54 45.52 25.09 -10.20
CA HIS FA 54 45.86 26.09 -9.21
C HIS FA 54 47.17 25.80 -8.53
N ALA FA 55 47.27 24.62 -7.94
CA ALA FA 55 48.52 24.15 -7.37
C ALA FA 55 49.72 24.44 -8.29
N ILE FA 56 49.61 24.09 -9.57
CA ILE FA 56 50.70 24.35 -10.48
C ILE FA 56 51.03 25.84 -10.45
N VAL FA 57 50.03 26.66 -10.77
CA VAL FA 57 50.23 28.10 -10.85
C VAL FA 57 50.89 28.63 -9.60
N GLN FA 58 50.26 28.40 -8.46
CA GLN FA 58 50.79 28.83 -7.19
C GLN FA 58 52.25 28.41 -7.08
N THR FA 59 52.53 27.12 -7.29
CA THR FA 59 53.91 26.64 -7.23
C THR FA 59 54.87 27.51 -8.06
N LEU FA 60 54.50 27.83 -9.31
CA LEU FA 60 55.32 28.72 -10.15
C LEU FA 60 55.53 30.09 -9.51
N VAL FA 61 54.42 30.76 -9.22
CA VAL FA 61 54.48 32.04 -8.56
C VAL FA 61 55.44 32.04 -7.37
N HIS FA 62 55.33 30.99 -6.55
CA HIS FA 62 56.23 30.80 -5.41
C HIS FA 62 57.69 30.74 -5.84
N LEU FA 63 57.98 29.99 -6.89
CA LEU FA 63 59.33 29.99 -7.43
C LEU FA 63 59.82 31.42 -7.67
N LYS FA 64 58.94 32.31 -8.13
CA LYS FA 64 59.38 33.69 -8.29
C LYS FA 64 59.27 34.60 -7.05
N PHE FA 65 58.43 34.25 -6.09
CA PHE FA 65 58.25 35.10 -4.92
C PHE FA 65 58.26 34.31 -3.64
N PRO FA 66 59.34 33.57 -3.38
CA PRO FA 66 59.41 32.56 -2.33
C PRO FA 66 59.23 33.15 -0.96
N THR FA 67 59.15 34.48 -0.87
CA THR FA 67 58.89 35.13 0.40
C THR FA 67 57.43 35.59 0.61
N LYS FA 68 56.70 35.78 -0.48
CA LYS FA 68 55.35 36.30 -0.41
C LYS FA 68 54.31 35.20 -0.69
N VAL FA 69 54.76 34.12 -1.34
CA VAL FA 69 53.86 33.07 -1.79
C VAL FA 69 54.44 31.72 -1.43
N GLY FA 70 53.62 30.82 -0.89
CA GLY FA 70 54.16 29.54 -0.39
C GLY FA 70 53.93 28.38 -1.32
N LYS FA 71 54.65 27.27 -1.09
CA LYS FA 71 54.47 26.07 -1.90
C LYS FA 71 53.06 25.55 -1.76
N ALA FA 72 52.65 24.64 -2.62
CA ALA FA 72 51.38 23.97 -2.42
C ALA FA 72 51.53 23.03 -1.22
N CYS FA 73 50.43 22.72 -0.54
CA CYS FA 73 50.51 21.84 0.63
C CYS FA 73 50.21 20.37 0.32
N CYS FA 74 50.91 19.48 1.01
CA CYS FA 74 50.66 18.07 0.86
C CYS FA 74 49.53 17.67 1.79
N VAL FA 75 48.36 17.39 1.22
CA VAL FA 75 47.18 17.08 2.01
C VAL FA 75 46.52 15.74 1.63
N PRO FA 76 45.68 15.21 2.54
CA PRO FA 76 44.93 14.01 2.19
C PRO FA 76 43.95 14.39 1.12
N THR FA 77 43.91 13.66 0.01
CA THR FA 77 43.03 13.99 -1.09
C THR FA 77 41.85 13.01 -1.15
N LYS FA 78 41.99 11.84 -0.54
CA LYS FA 78 40.90 10.86 -0.48
C LYS FA 78 40.88 10.24 0.90
N LEU FA 79 39.68 10.01 1.45
CA LEU FA 79 39.57 9.48 2.81
C LEU FA 79 38.74 8.20 3.01
N SER FA 80 39.38 7.16 3.52
CA SER FA 80 38.71 5.94 3.92
C SER FA 80 38.14 6.08 5.33
N PRO FA 81 37.04 5.36 5.61
CA PRO FA 81 36.46 5.26 6.94
C PRO FA 81 37.07 4.09 7.68
N ILE FA 82 36.83 4.01 8.97
CA ILE FA 82 37.20 2.83 9.73
C ILE FA 82 36.01 2.41 10.57
N SER FA 83 36.11 1.23 11.17
CA SER FA 83 35.02 0.76 11.99
C SER FA 83 35.35 0.98 13.45
N VAL FA 84 34.34 1.34 14.23
CA VAL FA 84 34.57 1.49 15.64
C VAL FA 84 33.36 1.07 16.47
N LEU FA 85 33.68 0.42 17.58
CA LEU FA 85 32.73 0.01 18.58
C LEU FA 85 32.81 1.00 19.72
N TYR FA 86 31.70 1.73 19.96
CA TYR FA 86 31.70 2.79 20.95
C TYR FA 86 30.49 2.77 21.90
N LYS FA 87 30.60 3.50 23.01
CA LYS FA 87 29.56 3.50 24.03
C LYS FA 87 28.46 4.46 23.63
N ASP FA 88 27.24 3.93 23.56
CA ASP FA 88 26.00 4.69 23.34
C ASP FA 88 25.90 5.92 24.24
N ASP FA 89 24.87 6.72 24.08
CA ASP FA 89 24.60 7.80 25.02
C ASP FA 89 24.11 7.19 26.34
N MET FA 90 23.78 5.92 26.29
CA MET FA 90 23.44 5.19 27.49
C MET FA 90 24.33 3.98 27.70
N GLY FA 91 25.57 4.08 27.23
CA GLY FA 91 26.58 3.11 27.56
C GLY FA 91 26.37 1.74 26.95
N VAL FA 92 25.74 1.73 25.79
CA VAL FA 92 25.55 0.50 25.05
C VAL FA 92 26.57 0.33 23.95
N PRO FA 93 27.36 -0.75 23.96
CA PRO FA 93 28.26 -0.98 22.85
C PRO FA 93 27.51 -1.03 21.53
N THR FA 94 27.74 -0.03 20.69
CA THR FA 94 27.16 -0.02 19.35
C THR FA 94 28.25 0.23 18.32
N LEU FA 95 27.93 0.05 17.05
CA LEU FA 95 28.96 0.02 16.03
C LEU FA 95 28.79 0.97 14.84
N LYS FA 96 29.67 1.95 14.67
CA LYS FA 96 29.70 2.58 13.35
C LYS FA 96 30.68 1.81 12.48
N TYR FA 97 30.14 1.16 11.47
CA TYR FA 97 30.96 0.38 10.55
C TYR FA 97 31.62 1.27 9.54
N HIS FA 98 30.87 2.24 9.02
CA HIS FA 98 31.38 3.24 8.07
C HIS FA 98 31.55 4.60 8.77
N TYR FA 99 32.57 4.69 9.62
CA TYR FA 99 32.89 5.94 10.33
C TYR FA 99 33.76 6.81 9.45
N GLU FA 100 33.14 7.81 8.83
CA GLU FA 100 33.74 8.40 7.65
C GLU FA 100 34.92 9.30 7.93
N GLY FA 101 35.91 9.22 7.02
CA GLY FA 101 37.00 10.17 6.91
C GLY FA 101 38.01 10.18 8.05
N MET FA 102 38.49 9.02 8.44
CA MET FA 102 39.39 8.91 9.58
C MET FA 102 40.78 8.47 9.18
N SER FA 103 40.93 8.01 7.95
CA SER FA 103 42.19 7.41 7.53
C SER FA 103 42.50 7.91 6.15
N VAL FA 104 43.78 8.13 5.88
CA VAL FA 104 44.16 8.65 4.59
C VAL FA 104 44.18 7.60 3.50
N ALA FA 105 43.53 7.90 2.39
CA ALA FA 105 43.54 6.98 1.26
C ALA FA 105 44.66 7.38 0.29
N GLU FA 106 44.55 8.59 -0.23
CA GLU FA 106 45.49 9.11 -1.20
C GLU FA 106 45.98 10.49 -0.78
N CYS FA 107 47.22 10.80 -1.11
CA CYS FA 107 47.81 12.09 -0.76
C CYS FA 107 47.83 12.98 -1.99
N GLY FA 108 48.13 14.26 -1.83
CA GLY FA 108 48.24 15.14 -2.99
C GLY FA 108 48.63 16.59 -2.73
N CYS FA 109 48.72 17.36 -3.80
CA CYS FA 109 49.19 18.75 -3.68
C CYS FA 109 48.12 19.69 -4.15
N ARG FA 110 47.81 20.67 -3.31
CA ARG FA 110 46.69 21.58 -3.53
C ARG FA 110 46.98 23.02 -3.13
N PRO GA 11 16.57 23.54 15.65
CA PRO GA 11 16.33 23.75 17.07
C PRO GA 11 17.50 24.46 17.72
N LEU GA 12 17.96 25.55 17.12
CA LEU GA 12 19.18 26.24 17.53
C LEU GA 12 19.14 26.90 18.92
N VAL GA 13 20.31 27.30 19.40
CA VAL GA 13 20.46 27.92 20.72
C VAL GA 13 21.53 29.03 20.65
N THR GA 14 21.57 29.88 21.67
CA THR GA 14 22.48 31.03 21.69
C THR GA 14 23.59 30.86 22.73
N CYS GA 15 24.84 31.03 22.30
CA CYS GA 15 26.00 30.83 23.16
C CYS GA 15 26.90 32.06 23.24
N THR GA 16 27.61 32.18 24.36
CA THR GA 16 28.61 33.22 24.53
C THR GA 16 29.78 32.92 23.60
N CYS GA 17 30.38 33.96 23.04
CA CYS GA 17 31.44 33.77 22.05
C CYS GA 17 32.72 34.56 22.42
N GLU GA 18 33.62 33.91 23.15
CA GLU GA 18 34.93 34.48 23.46
C GLU GA 18 36.03 33.68 22.75
N SER GA 19 36.40 34.15 21.57
CA SER GA 19 37.37 33.45 20.72
C SER GA 19 37.81 34.34 19.55
N PRO GA 20 38.90 33.97 18.89
CA PRO GA 20 39.37 34.67 17.70
C PRO GA 20 38.39 34.62 16.52
N HIS GA 21 37.84 33.44 16.23
CA HIS GA 21 36.91 33.28 15.12
C HIS GA 21 35.52 33.85 15.45
N CYS GA 22 35.47 34.92 16.23
CA CYS GA 22 34.20 35.49 16.69
C CYS GA 22 33.77 36.74 15.93
N LYS GA 23 32.66 36.61 15.22
CA LYS GA 23 32.03 37.74 14.55
C LYS GA 23 30.93 38.34 15.45
N GLY GA 24 31.34 38.84 16.61
CA GLY GA 24 30.38 39.38 17.58
C GLY GA 24 30.73 38.99 19.00
N PRO GA 25 29.83 39.29 19.95
CA PRO GA 25 30.00 38.96 21.36
C PRO GA 25 29.31 37.65 21.71
N THR GA 26 28.36 37.25 20.87
CA THR GA 26 27.66 36.00 21.05
C THR GA 26 27.34 35.42 19.68
N CYS GA 27 26.98 34.14 19.66
CA CYS GA 27 26.69 33.48 18.39
C CYS GA 27 25.57 32.46 18.57
N ARG GA 28 25.07 31.94 17.45
CA ARG GA 28 24.02 30.92 17.49
C ARG GA 28 24.49 29.59 16.87
N GLY GA 29 24.03 28.46 17.43
CA GLY GA 29 24.48 27.16 16.96
C GLY GA 29 23.68 26.00 17.52
N ALA GA 30 24.17 24.78 17.31
CA ALA GA 30 23.46 23.59 17.74
C ALA GA 30 23.65 23.34 19.22
N TRP GA 31 24.84 23.63 19.72
CA TRP GA 31 25.15 23.49 21.12
C TRP GA 31 26.28 24.44 21.48
N CYS GA 32 26.47 24.66 22.78
CA CYS GA 32 27.52 25.58 23.23
C CYS GA 32 28.74 24.83 23.71
N THR GA 33 29.91 25.45 23.54
CA THR GA 33 31.19 24.83 23.87
C THR GA 33 32.03 25.73 24.75
N VAL GA 34 32.75 25.09 25.65
CA VAL GA 34 33.86 25.69 26.38
C VAL GA 34 35.01 24.73 26.21
N VAL GA 35 36.12 25.20 25.65
CA VAL GA 35 37.22 24.31 25.33
C VAL GA 35 38.59 24.88 25.74
N LEU GA 36 39.36 24.02 26.41
CA LEU GA 36 40.65 24.41 26.96
C LEU GA 36 41.78 23.71 26.21
N VAL GA 37 42.75 24.48 25.74
CA VAL GA 37 43.82 23.89 24.92
C VAL GA 37 45.23 24.27 25.39
N ARG GA 38 46.07 23.24 25.60
CA ARG GA 38 47.47 23.39 26.03
C ARG GA 38 48.39 23.52 24.83
N GLU GA 39 48.69 24.77 24.48
CA GLU GA 39 49.43 25.12 23.25
C GLU GA 39 50.81 24.46 23.12
N GLU GA 40 50.84 23.13 23.18
CA GLU GA 40 52.04 22.34 22.88
C GLU GA 40 53.31 22.87 23.57
N GLY GA 41 53.18 23.32 24.82
CA GLY GA 41 54.26 24.03 25.48
C GLY GA 41 53.84 25.40 26.02
N ARG GA 42 53.29 26.26 25.15
CA ARG GA 42 52.75 27.57 25.55
C ARG GA 42 51.66 27.39 26.60
N HIS GA 43 51.20 28.48 27.24
CA HIS GA 43 50.22 28.30 28.32
C HIS GA 43 48.82 28.05 27.78
N PRO GA 44 48.03 27.27 28.52
CA PRO GA 44 46.67 26.94 28.09
C PRO GA 44 45.78 28.18 27.86
N GLN GA 45 44.96 28.14 26.82
CA GLN GA 45 43.97 29.17 26.55
C GLN GA 45 42.58 28.55 26.49
N GLU GA 46 41.56 29.35 26.81
CA GLU GA 46 40.19 28.85 26.98
C GLU GA 46 39.17 29.57 26.09
N HIS GA 47 38.70 28.90 25.04
CA HIS GA 47 37.72 29.52 24.14
C HIS GA 47 36.32 29.12 24.53
N ARG GA 48 35.35 29.97 24.19
CA ARG GA 48 33.92 29.69 24.39
C ARG GA 48 33.18 30.01 23.11
N GLY GA 49 32.25 29.15 22.70
CA GLY GA 49 31.54 29.40 21.47
C GLY GA 49 30.46 28.43 21.07
N CYS GA 50 30.26 28.27 19.76
CA CYS GA 50 29.20 27.43 19.24
C CYS GA 50 29.78 26.10 18.85
N GLY GA 51 29.00 25.31 18.11
CA GLY GA 51 29.45 24.03 17.62
C GLY GA 51 28.26 23.26 17.07
N ASN GA 52 28.40 22.73 15.86
CA ASN GA 52 27.31 22.00 15.23
C ASN GA 52 27.84 20.84 14.43
N LEU GA 53 29.13 20.58 14.52
CA LEU GA 53 29.72 19.61 13.61
C LEU GA 53 30.01 18.23 14.17
N HIS GA 54 30.74 18.16 15.27
CA HIS GA 54 31.20 16.86 15.71
C HIS GA 54 30.86 16.52 17.15
N ARG GA 55 29.59 16.25 17.39
CA ARG GA 55 29.08 16.04 18.75
C ARG GA 55 30.04 15.17 19.57
N GLU GA 56 30.48 14.08 18.96
CA GLU GA 56 31.40 13.16 19.62
C GLU GA 56 32.51 13.82 20.47
N LEU GA 57 33.17 14.83 19.91
CA LEU GA 57 34.21 15.54 20.64
C LEU GA 57 33.88 15.79 22.14
N CYS GA 58 32.61 16.07 22.42
CA CYS GA 58 32.14 16.40 23.76
C CYS GA 58 32.35 15.27 24.77
N ARG GA 59 32.10 14.04 24.30
CA ARG GA 59 32.35 12.83 25.08
C ARG GA 59 33.83 12.71 25.48
N GLY GA 60 34.69 13.42 24.78
CA GLY GA 60 36.09 13.39 25.13
C GLY GA 60 36.30 13.56 26.62
N ARG GA 61 36.95 12.56 27.20
CA ARG GA 61 37.54 12.68 28.54
C ARG GA 61 38.70 13.65 28.47
N PRO GA 62 38.83 14.53 29.47
CA PRO GA 62 39.87 15.56 29.45
C PRO GA 62 41.26 14.94 29.52
N THR GA 63 42.14 15.37 28.62
CA THR GA 63 43.53 14.92 28.60
C THR GA 63 44.45 15.98 29.22
N GLU GA 64 45.75 15.74 29.09
CA GLU GA 64 46.74 16.65 29.65
C GLU GA 64 46.93 17.91 28.78
N PHE GA 65 46.16 18.02 27.69
CA PHE GA 65 46.37 19.11 26.77
C PHE GA 65 45.05 19.64 26.17
N VAL GA 66 43.93 19.02 26.50
CA VAL GA 66 42.66 19.53 25.97
C VAL GA 66 41.44 19.12 26.78
N ASN GA 67 40.48 20.02 26.86
CA ASN GA 67 39.23 19.75 27.54
C ASN GA 67 38.04 20.29 26.74
N HIS GA 68 37.26 19.39 26.17
CA HIS GA 68 36.09 19.76 25.41
C HIS GA 68 34.89 19.60 26.33
N TYR GA 69 34.15 20.69 26.49
CA TYR GA 69 32.92 20.65 27.28
C TYR GA 69 31.76 21.30 26.53
N CYS GA 70 30.61 20.63 26.50
CA CYS GA 70 29.46 21.14 25.77
C CYS GA 70 28.16 21.09 26.58
N CYS GA 71 27.20 21.93 26.20
CA CYS GA 71 25.88 21.95 26.82
C CYS GA 71 24.89 22.62 25.87
N ASP GA 72 23.59 22.42 26.11
CA ASP GA 72 22.58 22.92 25.17
C ASP GA 72 21.42 23.72 25.76
N SER GA 73 21.69 24.50 26.80
CA SER GA 73 20.72 25.46 27.30
C SER GA 73 21.17 26.85 26.90
N HIS GA 74 20.24 27.77 26.76
CA HIS GA 74 20.56 29.15 26.39
C HIS GA 74 21.73 29.73 27.20
N LEU GA 75 22.62 30.46 26.51
CA LEU GA 75 23.76 31.16 27.12
C LEU GA 75 24.56 30.39 28.20
N CYS GA 76 24.48 29.06 28.16
CA CYS GA 76 24.98 28.21 29.24
C CYS GA 76 26.50 28.15 29.40
N ASN GA 77 27.24 28.94 28.64
CA ASN GA 77 28.69 28.83 28.74
C ASN GA 77 29.41 30.11 29.19
N HIS GA 78 28.77 30.85 30.08
CA HIS GA 78 29.41 32.03 30.64
C HIS GA 78 30.12 31.69 31.96
N ASN GA 79 29.35 31.63 33.03
CA ASN GA 79 29.87 31.24 34.35
C ASN GA 79 30.40 29.81 34.35
N VAL GA 80 31.57 29.57 33.73
CA VAL GA 80 32.10 28.20 33.66
C VAL GA 80 33.52 28.08 33.12
N SER GA 81 34.44 27.57 33.96
CA SER GA 81 35.86 27.39 33.57
C SER GA 81 36.37 25.96 33.78
N LEU GA 82 37.58 25.65 33.27
CA LEU GA 82 38.01 24.26 33.03
C LEU GA 82 39.39 23.86 33.57
N VAL GA 83 39.73 22.58 33.39
CA VAL GA 83 41.02 22.03 33.83
C VAL GA 83 41.66 21.08 32.81
N LEU GA 84 42.94 20.76 33.04
CA LEU GA 84 43.62 19.66 32.36
C LEU GA 84 44.04 18.60 33.40
N GLU GA 85 45.17 17.91 33.19
CA GLU GA 85 45.60 16.92 34.18
C GLU GA 85 47.12 16.63 34.16
N PRO HA 11 47.08 6.79 -27.74
CA PRO HA 11 48.17 7.00 -28.69
C PRO HA 11 49.50 7.29 -27.98
N LEU HA 12 49.85 6.47 -26.99
CA LEU HA 12 51.00 6.75 -26.12
C LEU HA 12 52.37 6.69 -26.81
N VAL HA 13 53.38 7.17 -26.09
CA VAL HA 13 54.76 7.22 -26.58
C VAL HA 13 55.73 6.90 -25.44
N THR HA 14 56.99 6.61 -25.78
CA THR HA 14 57.99 6.23 -24.81
C THR HA 14 59.07 7.31 -24.62
N CYS HA 15 59.32 7.69 -23.37
CA CYS HA 15 60.26 8.76 -23.06
C CYS HA 15 61.37 8.31 -22.13
N THR HA 16 62.51 8.99 -22.20
CA THR HA 16 63.59 8.78 -21.25
C THR HA 16 63.17 9.34 -19.89
N CYS HA 17 63.58 8.66 -18.83
CA CYS HA 17 63.15 9.02 -17.49
C CYS HA 17 64.32 9.19 -16.51
N GLU HA 18 64.84 10.41 -16.42
CA GLU HA 18 65.88 10.74 -15.46
C GLU HA 18 65.32 11.71 -14.41
N SER HA 19 64.85 11.15 -13.30
CA SER HA 19 64.17 11.93 -12.26
C SER HA 19 63.97 11.09 -11.00
N PRO HA 20 63.67 11.75 -9.87
CA PRO HA 20 63.38 11.05 -8.61
C PRO HA 20 62.14 10.17 -8.68
N HIS HA 21 61.05 10.68 -9.23
CA HIS HA 21 59.82 9.91 -9.32
C HIS HA 21 59.88 8.85 -10.43
N CYS HA 22 61.04 8.25 -10.64
CA CYS HA 22 61.23 7.30 -11.73
C CYS HA 22 61.23 5.84 -11.28
N LYS HA 23 60.23 5.10 -11.74
CA LYS HA 23 60.16 3.66 -11.52
C LYS HA 23 60.75 2.94 -12.74
N GLY HA 24 62.03 3.18 -13.01
CA GLY HA 24 62.69 2.58 -14.16
C GLY HA 24 63.65 3.54 -14.83
N PRO HA 25 64.19 3.14 -15.99
CA PRO HA 25 65.11 3.96 -16.78
C PRO HA 25 64.36 4.72 -17.86
N THR HA 26 63.16 4.24 -18.20
CA THR HA 26 62.30 4.89 -19.18
C THR HA 26 60.85 4.71 -18.78
N CYS HA 27 59.97 5.51 -19.36
CA CYS HA 27 58.55 5.46 -19.02
C CYS HA 27 57.67 5.71 -20.25
N ARG HA 28 56.36 5.48 -20.10
CA ARG HA 28 55.45 5.73 -21.20
C ARG HA 28 54.41 6.79 -20.82
N GLY HA 29 53.98 7.59 -21.79
CA GLY HA 29 53.05 8.67 -21.51
C GLY HA 29 52.47 9.32 -22.76
N ALA HA 30 51.79 10.45 -22.58
CA ALA HA 30 51.19 11.16 -23.71
C ALA HA 30 52.23 11.94 -24.53
N TRP HA 31 53.19 12.52 -23.84
CA TRP HA 31 54.25 13.28 -24.48
C TRP HA 31 55.45 13.24 -23.55
N CYS HA 32 56.61 13.62 -24.09
CA CYS HA 32 57.84 13.63 -23.31
C CYS HA 32 58.21 15.04 -22.87
N THR HA 33 58.85 15.11 -21.70
CA THR HA 33 59.24 16.37 -21.10
C THR HA 33 60.73 16.42 -20.75
N VAL HA 34 61.28 17.63 -20.88
CA VAL HA 34 62.56 18.00 -20.31
C VAL HA 34 62.33 19.33 -19.60
N VAL HA 35 62.62 19.36 -18.31
CA VAL HA 35 62.27 20.52 -17.51
C VAL HA 35 63.39 20.96 -16.58
N LEU HA 36 63.67 22.26 -16.59
CA LEU HA 36 64.77 22.81 -15.83
C LEU HA 36 64.24 23.70 -14.72
N VAL HA 37 64.69 23.45 -13.49
CA VAL HA 37 64.17 24.20 -12.34
C VAL HA 37 65.19 24.75 -11.33
N ARG HA 38 64.94 25.95 -10.79
CA ARG HA 38 65.84 26.60 -9.82
C ARG HA 38 65.18 26.82 -8.47
N GLU HA 39 65.01 25.75 -7.68
CA GLU HA 39 64.28 25.86 -6.42
C GLU HA 39 64.86 26.95 -5.53
N GLU HA 40 64.12 27.28 -4.48
CA GLU HA 40 64.52 28.31 -3.54
C GLU HA 40 66.02 28.36 -3.35
N GLY HA 41 66.69 29.16 -4.17
CA GLY HA 41 68.11 29.40 -4.03
C GLY HA 41 68.97 28.14 -3.92
N ARG HA 42 68.92 27.29 -4.94
CA ARG HA 42 69.87 26.19 -5.08
C ARG HA 42 70.02 25.91 -6.55
N HIS HA 43 71.17 25.37 -6.95
CA HIS HA 43 71.51 25.35 -8.37
C HIS HA 43 70.45 24.61 -9.16
N PRO HA 44 70.22 25.05 -10.40
CA PRO HA 44 69.20 24.46 -11.27
C PRO HA 44 69.43 22.97 -11.52
N GLN HA 45 68.35 22.20 -11.52
CA GLN HA 45 68.38 20.78 -11.84
C GLN HA 45 67.45 20.49 -13.01
N GLU HA 46 67.73 19.42 -13.73
CA GLU HA 46 67.09 19.14 -15.02
C GLU HA 46 66.50 17.73 -15.07
N HIS HA 47 65.17 17.63 -15.02
CA HIS HA 47 64.52 16.34 -15.06
C HIS HA 47 64.07 16.03 -16.47
N ARG HA 48 63.93 14.75 -16.77
CA ARG HA 48 63.41 14.28 -18.06
C ARG HA 48 62.39 13.18 -17.78
N GLY HA 49 61.28 13.18 -18.50
CA GLY HA 49 60.26 12.20 -18.24
C GLY HA 49 59.00 12.26 -19.08
N CYS HA 50 57.89 11.85 -18.48
CA CYS HA 50 56.63 11.77 -19.19
C CYS HA 50 55.78 12.98 -18.87
N GLY HA 51 54.51 12.93 -19.24
CA GLY HA 51 53.58 14.00 -18.96
C GLY HA 51 52.28 13.76 -19.71
N ASN HA 52 51.16 13.82 -19.02
CA ASN HA 52 49.88 13.61 -19.67
C ASN HA 52 48.82 14.52 -19.14
N LEU HA 53 49.22 15.44 -18.27
CA LEU HA 53 48.20 16.19 -17.53
C LEU HA 53 47.93 17.60 -18.03
N HIS HA 54 48.97 18.41 -18.13
CA HIS HA 54 48.72 19.82 -18.39
C HIS HA 54 49.49 20.36 -19.59
N ARG HA 55 49.05 19.97 -20.78
CA ARG HA 55 49.74 20.36 -22.01
C ARG HA 55 50.17 21.82 -21.99
N GLU HA 56 49.28 22.70 -21.54
CA GLU HA 56 49.56 24.13 -21.50
C GLU HA 56 50.96 24.48 -20.98
N LEU HA 57 51.38 23.82 -19.93
CA LEU HA 57 52.67 24.13 -19.36
C LEU HA 57 53.78 24.27 -20.41
N CYS HA 58 53.70 23.49 -21.48
CA CYS HA 58 54.72 23.44 -22.55
C CYS HA 58 54.86 24.76 -23.29
N ARG HA 59 53.74 25.42 -23.52
CA ARG HA 59 53.71 26.74 -24.14
C ARG HA 59 54.47 27.76 -23.29
N GLY HA 60 54.69 27.42 -22.03
CA GLY HA 60 55.42 28.31 -21.16
C GLY HA 60 56.69 28.82 -21.81
N ARG HA 61 56.79 30.14 -21.94
CA ARG HA 61 58.04 30.80 -22.28
C ARG HA 61 58.96 30.63 -21.10
N PRO HA 62 60.25 30.39 -21.33
CA PRO HA 62 61.20 30.14 -20.25
C PRO HA 62 61.43 31.37 -19.37
N THR HA 63 61.34 31.20 -18.06
CA THR HA 63 61.57 32.28 -17.11
C THR HA 63 62.92 32.13 -16.46
N GLU HA 64 63.16 32.97 -15.45
CA GLU HA 64 64.45 32.99 -14.78
C GLU HA 64 64.62 31.81 -13.84
N PHE HA 65 63.62 30.95 -13.77
CA PHE HA 65 63.62 29.88 -12.77
C PHE HA 65 62.98 28.58 -13.24
N VAL HA 66 62.50 28.56 -14.47
CA VAL HA 66 61.94 27.31 -14.98
C VAL HA 66 61.87 27.27 -16.50
N ASN HA 67 62.05 26.09 -17.06
CA ASN HA 67 61.95 25.89 -18.50
C ASN HA 67 61.28 24.57 -18.78
N HIS HA 68 60.06 24.64 -19.28
CA HIS HA 68 59.29 23.48 -19.63
C HIS HA 68 59.43 23.26 -21.15
N TYR HA 69 59.89 22.08 -21.52
CA TYR HA 69 59.99 21.71 -22.93
C TYR HA 69 59.39 20.34 -23.22
N CYS HA 70 58.53 20.25 -24.23
CA CYS HA 70 57.88 18.98 -24.52
C CYS HA 70 57.96 18.59 -25.99
N CYS HA 71 57.82 17.29 -26.27
CA CYS HA 71 57.79 16.80 -27.65
C CYS HA 71 57.14 15.44 -27.68
N ASP HA 72 56.71 14.98 -28.86
CA ASP HA 72 55.95 13.73 -28.92
C ASP HA 72 56.39 12.71 -29.97
N SER HA 73 57.70 12.59 -30.17
CA SER HA 73 58.25 11.49 -30.96
C SER HA 73 58.96 10.53 -30.03
N HIS HA 74 59.02 9.27 -30.42
CA HIS HA 74 59.66 8.25 -29.59
C HIS HA 74 61.01 8.72 -29.01
N LEU HA 75 61.25 8.38 -27.74
CA LEU HA 75 62.52 8.67 -27.04
C LEU HA 75 63.15 10.03 -27.31
N CYS HA 76 62.32 11.01 -27.66
CA CYS HA 76 62.81 12.31 -28.13
C CYS HA 76 63.44 13.22 -27.09
N ASN HA 77 63.60 12.75 -25.85
CA ASN HA 77 64.16 13.62 -24.82
C ASN HA 77 65.48 13.17 -24.22
N HIS HA 78 66.33 12.54 -25.03
CA HIS HA 78 67.68 12.17 -24.58
C HIS HA 78 68.71 13.25 -24.93
N ASN HA 79 69.16 13.26 -26.18
CA ASN HA 79 70.09 14.29 -26.63
C ASN HA 79 69.47 15.69 -26.60
N VAL HA 80 69.30 16.28 -25.41
CA VAL HA 80 68.66 17.61 -25.31
C VAL HA 80 68.72 18.26 -23.93
N SER HA 81 69.33 19.44 -23.84
CA SER HA 81 69.47 20.18 -22.58
C SER HA 81 69.08 21.66 -22.76
N LEU HA 82 69.25 22.45 -21.71
CA LEU HA 82 68.91 23.87 -21.78
C LEU HA 82 69.79 24.76 -20.83
N ARG IA 11 21.41 37.69 -17.47
CA ARG IA 11 22.64 38.37 -17.90
C ARG IA 11 23.15 37.97 -19.32
N GLU IA 12 23.17 38.94 -20.23
CA GLU IA 12 23.45 38.69 -21.65
C GLU IA 12 24.63 39.50 -22.25
N CYS IA 13 25.22 38.97 -23.33
CA CYS IA 13 26.31 39.63 -24.04
C CYS IA 13 26.18 39.56 -25.55
N ILE IA 14 26.98 40.35 -26.24
CA ILE IA 14 27.01 40.28 -27.68
C ILE IA 14 27.98 39.18 -28.05
N TYR IA 15 27.52 38.25 -28.89
CA TYR IA 15 28.40 37.20 -29.37
C TYR IA 15 28.92 37.51 -30.75
N TYR IA 16 30.21 37.28 -30.94
CA TYR IA 16 30.80 37.34 -32.26
C TYR IA 16 32.08 36.56 -32.31
N ASN IA 17 32.28 35.88 -33.42
CA ASN IA 17 33.51 35.11 -33.60
C ASN IA 17 33.95 35.05 -35.05
N ALA IA 18 34.87 35.94 -35.42
CA ALA IA 18 35.37 35.99 -36.80
C ALA IA 18 35.82 34.59 -37.21
N ASN IA 19 36.57 33.95 -36.34
CA ASN IA 19 37.10 32.65 -36.72
C ASN IA 19 36.06 31.52 -36.79
N TRP IA 20 34.79 31.89 -36.93
CA TRP IA 20 33.70 30.91 -36.71
C TRP IA 20 33.80 29.69 -37.62
N GLU IA 21 33.87 29.92 -38.91
CA GLU IA 21 33.97 28.83 -39.88
C GLU IA 21 35.00 27.82 -39.40
N LEU IA 22 36.15 28.33 -38.99
CA LEU IA 22 37.22 27.43 -38.68
C LEU IA 22 36.92 26.64 -37.40
N GLU IA 23 36.40 27.32 -36.37
CA GLU IA 23 36.20 26.69 -35.07
C GLU IA 23 34.84 26.00 -34.97
N ARG IA 24 34.08 26.05 -36.07
CA ARG IA 24 32.72 25.49 -36.12
C ARG IA 24 31.85 26.05 -35.00
N THR IA 25 31.56 27.35 -35.07
CA THR IA 25 30.68 28.01 -34.11
C THR IA 25 29.89 29.06 -34.85
N ASN IA 26 28.82 29.54 -34.22
CA ASN IA 26 28.07 30.66 -34.78
C ASN IA 26 28.97 31.88 -35.04
N GLN IA 27 28.49 32.78 -35.89
CA GLN IA 27 29.29 33.93 -36.27
C GLN IA 27 28.97 35.15 -35.44
N SER IA 28 27.73 35.58 -35.47
CA SER IA 28 27.34 36.71 -34.65
C SER IA 28 25.97 36.46 -34.02
N GLY IA 29 25.68 37.21 -32.96
CA GLY IA 29 24.40 37.09 -32.27
C GLY IA 29 24.56 37.52 -30.84
N LEU IA 30 23.97 36.76 -29.92
CA LEU IA 30 24.10 37.07 -28.51
C LEU IA 30 24.30 35.80 -27.68
N GLU IA 31 24.65 35.97 -26.40
CA GLU IA 31 24.96 34.84 -25.53
C GLU IA 31 24.38 35.07 -24.13
N ARG IA 32 23.66 34.09 -23.60
CA ARG IA 32 23.25 34.16 -22.18
C ARG IA 32 24.35 33.51 -21.34
N CYS IA 33 24.80 34.21 -20.30
CA CYS IA 33 26.02 33.84 -19.58
C CYS IA 33 25.85 32.82 -18.46
N GLU IA 34 26.29 31.58 -18.70
CA GLU IA 34 26.25 30.59 -17.65
C GLU IA 34 27.28 30.97 -16.59
N GLY IA 35 26.87 31.01 -15.32
CA GLY IA 35 27.77 31.46 -14.26
C GLY IA 35 27.48 30.96 -12.85
N GLU IA 36 28.51 31.03 -12.00
CA GLU IA 36 28.44 30.54 -10.62
C GLU IA 36 27.52 31.35 -9.74
N GLN IA 37 26.89 30.69 -8.78
CA GLN IA 37 25.85 31.27 -7.93
C GLN IA 37 26.08 32.74 -7.55
N ASP IA 38 27.07 32.96 -6.67
CA ASP IA 38 27.35 34.31 -6.17
C ASP IA 38 28.66 34.86 -6.72
N LYS IA 39 28.92 34.62 -8.00
CA LYS IA 39 30.03 35.27 -8.69
C LYS IA 39 29.48 36.20 -9.77
N ARG IA 40 30.25 37.23 -10.13
CA ARG IA 40 29.82 38.23 -11.11
C ARG IA 40 29.96 37.70 -12.53
N LEU IA 41 29.36 38.41 -13.49
CA LEU IA 41 29.51 38.08 -14.90
C LEU IA 41 29.91 39.30 -15.73
N HIS IA 42 30.51 39.07 -16.89
CA HIS IA 42 31.07 40.15 -17.70
C HIS IA 42 30.94 39.90 -19.19
N CYS IA 43 31.20 40.95 -19.99
CA CYS IA 43 31.27 40.83 -21.45
C CYS IA 43 32.66 41.23 -21.95
N TYR IA 44 33.10 40.61 -23.02
CA TYR IA 44 34.38 41.00 -23.61
C TYR IA 44 34.25 41.25 -25.09
N ALA IA 45 35.24 41.98 -25.57
CA ALA IA 45 35.45 42.18 -26.99
C ALA IA 45 36.94 42.16 -27.22
N SER IA 46 37.34 41.75 -28.42
CA SER IA 46 38.74 41.74 -28.79
C SER IA 46 38.84 41.91 -30.30
N TRP IA 47 39.83 42.70 -30.71
CA TRP IA 47 39.96 43.08 -32.11
C TRP IA 47 41.41 43.39 -32.45
N ARG IA 48 41.69 43.44 -33.74
CA ARG IA 48 43.03 43.77 -34.18
C ARG IA 48 43.01 45.21 -34.66
N ASN IA 49 44.15 45.90 -34.63
CA ASN IA 49 44.23 47.28 -35.11
C ASN IA 49 45.47 47.56 -35.95
N SER IA 50 45.31 47.48 -37.27
CA SER IA 50 46.41 47.73 -38.19
C SER IA 50 46.39 49.19 -38.59
N SER IA 51 46.93 50.04 -37.72
CA SER IA 51 46.96 51.47 -37.95
C SER IA 51 45.58 52.01 -38.37
N GLY IA 52 44.64 52.06 -37.43
CA GLY IA 52 43.38 52.72 -37.67
C GLY IA 52 42.27 51.86 -38.25
N THR IA 53 42.64 50.83 -39.00
CA THR IA 53 41.65 49.91 -39.58
C THR IA 53 41.32 48.78 -38.58
N ILE IA 54 40.08 48.72 -38.14
CA ILE IA 54 39.68 47.80 -37.07
C ILE IA 54 39.05 46.53 -37.58
N GLU IA 55 39.71 45.40 -37.37
CA GLU IA 55 39.15 44.09 -37.70
C GLU IA 55 38.74 43.36 -36.40
N LEU IA 56 37.44 43.03 -36.29
CA LEU IA 56 36.90 42.36 -35.11
C LEU IA 56 37.38 40.92 -35.02
N VAL IA 57 37.63 40.44 -33.80
CA VAL IA 57 38.13 39.08 -33.64
C VAL IA 57 37.20 38.21 -32.79
N LYS IA 58 36.64 38.79 -31.74
CA LYS IA 58 35.75 37.99 -30.88
C LYS IA 58 34.99 38.81 -29.84
N LYS IA 59 33.73 38.48 -29.64
CA LYS IA 59 32.92 39.13 -28.61
C LYS IA 59 32.13 38.05 -27.87
N GLY IA 60 31.94 38.22 -26.57
CA GLY IA 60 31.13 37.24 -25.87
C GLY IA 60 31.16 37.33 -24.36
N CYS IA 61 30.72 36.26 -23.70
CA CYS IA 61 30.64 36.25 -22.24
C CYS IA 61 32.01 36.04 -21.61
N TRP IA 62 32.20 36.52 -20.38
CA TRP IA 62 33.49 36.47 -19.70
C TRP IA 62 33.29 36.35 -18.19
N LEU IA 63 34.16 35.61 -17.52
CA LEU IA 63 33.91 35.23 -16.15
C LEU IA 63 34.51 36.13 -15.09
N ASP IA 64 33.77 36.27 -13.99
CA ASP IA 64 34.17 37.03 -12.81
C ASP IA 64 35.65 37.31 -12.75
N ASP IA 65 36.06 38.39 -13.42
CA ASP IA 65 37.46 38.80 -13.44
C ASP IA 65 37.46 40.26 -12.98
N PHE IA 66 38.23 40.55 -11.94
CA PHE IA 66 38.17 41.83 -11.24
C PHE IA 66 38.53 43.00 -12.15
N ASN IA 67 39.25 42.72 -13.23
CA ASN IA 67 39.64 43.78 -14.15
C ASN IA 67 38.43 44.50 -14.70
N CYS IA 68 37.31 43.80 -14.78
CA CYS IA 68 36.08 44.33 -15.38
C CYS IA 68 35.15 44.88 -14.32
N TYR IA 69 35.51 44.68 -13.05
CA TYR IA 69 34.63 45.04 -11.94
C TYR IA 69 34.14 46.48 -12.05
N ASP IA 70 32.83 46.63 -11.92
CA ASP IA 70 32.15 47.93 -11.91
C ASP IA 70 32.67 48.89 -13.00
N ARG IA 71 32.64 48.46 -14.25
CA ARG IA 71 33.13 49.27 -15.36
C ARG IA 71 32.06 49.31 -16.45
N GLN IA 72 31.43 50.46 -16.63
CA GLN IA 72 30.21 50.55 -17.44
C GLN IA 72 30.42 50.32 -18.93
N GLU IA 73 31.49 50.89 -19.49
CA GLU IA 73 31.75 50.78 -20.92
C GLU IA 73 32.91 49.81 -21.21
N CYS IA 74 32.90 49.24 -22.41
CA CYS IA 74 33.94 48.29 -22.77
C CYS IA 74 35.13 49.02 -23.33
N VAL IA 75 36.18 49.17 -22.53
CA VAL IA 75 37.35 49.92 -22.95
C VAL IA 75 38.67 49.20 -22.71
N ALA IA 76 39.53 49.27 -23.72
CA ALA IA 76 40.85 48.63 -23.69
C ALA IA 76 41.88 49.59 -23.12
N THR IA 77 42.83 49.06 -22.36
CA THR IA 77 43.79 49.91 -21.64
C THR IA 77 45.26 49.73 -22.03
N GLU IA 78 45.59 48.61 -22.67
CA GLU IA 78 46.96 48.34 -23.11
C GLU IA 78 47.49 49.39 -24.09
N GLU IA 79 48.80 49.64 -24.05
CA GLU IA 79 49.41 50.69 -24.86
C GLU IA 79 49.31 50.38 -26.36
N ASN IA 80 50.13 49.44 -26.81
CA ASN IA 80 50.08 49.01 -28.20
C ASN IA 80 50.19 47.49 -28.30
N PRO IA 81 49.03 46.81 -28.35
CA PRO IA 81 48.98 45.35 -28.37
C PRO IA 81 48.73 44.73 -29.75
N GLN IA 82 49.37 43.57 -29.96
CA GLN IA 82 48.97 42.63 -30.99
C GLN IA 82 47.44 42.56 -31.06
N VAL IA 83 46.82 41.99 -30.02
CA VAL IA 83 45.37 41.88 -29.90
C VAL IA 83 44.80 42.81 -28.83
N TYR IA 84 43.86 43.67 -29.24
CA TYR IA 84 43.21 44.56 -28.30
C TYR IA 84 42.12 43.78 -27.59
N PHE IA 85 42.02 43.99 -26.29
CA PHE IA 85 41.02 43.31 -25.47
C PHE IA 85 40.35 44.29 -24.53
N CYS IA 86 39.09 44.05 -24.24
CA CYS IA 86 38.40 44.83 -23.22
C CYS IA 86 37.23 44.05 -22.63
N CYS IA 87 36.98 44.26 -21.33
CA CYS IA 87 35.80 43.67 -20.71
C CYS IA 87 35.01 44.69 -19.91
N CYS IA 88 33.80 44.29 -19.52
CA CYS IA 88 32.88 45.21 -18.88
C CYS IA 88 31.75 44.48 -18.16
N GLU IA 89 30.93 45.25 -17.46
CA GLU IA 89 29.84 44.69 -16.65
C GLU IA 89 28.50 45.37 -17.01
N GLY IA 90 27.49 44.57 -17.30
CA GLY IA 90 26.20 45.11 -17.68
C GLY IA 90 25.77 44.60 -19.04
N ASN IA 91 24.49 44.27 -19.17
CA ASN IA 91 23.99 43.65 -20.40
C ASN IA 91 24.38 44.38 -21.70
N PHE IA 92 25.00 43.65 -22.61
CA PHE IA 92 25.35 44.14 -23.93
C PHE IA 92 26.31 45.32 -23.89
N CYS IA 93 27.04 45.44 -22.79
CA CYS IA 93 28.03 46.51 -22.66
C CYS IA 93 29.14 46.41 -23.73
N ASN IA 94 29.25 45.26 -24.38
CA ASN IA 94 30.27 45.07 -25.43
C ASN IA 94 29.74 45.30 -26.85
N GLU IA 95 28.57 45.93 -26.97
CA GLU IA 95 28.07 46.30 -28.28
C GLU IA 95 29.09 47.20 -28.98
N ARG IA 96 29.45 48.29 -28.32
CA ARG IA 96 30.44 49.20 -28.84
C ARG IA 96 31.67 49.20 -27.91
N PHE IA 97 32.86 49.43 -28.48
CA PHE IA 97 34.10 49.43 -27.69
C PHE IA 97 35.05 50.47 -28.23
N THR IA 98 36.05 50.84 -27.42
CA THR IA 98 37.03 51.87 -27.80
C THR IA 98 38.40 51.62 -27.17
N HIS IA 99 39.34 52.54 -27.39
CA HIS IA 99 40.72 52.37 -26.92
C HIS IA 99 41.27 53.63 -26.25
N LEU IA 100 41.91 53.47 -25.10
CA LEU IA 100 42.63 54.58 -24.44
C LEU IA 100 43.49 54.15 -23.22
N PRO IA 101 44.81 54.08 -23.43
CA PRO IA 101 45.77 53.58 -22.43
C PRO IA 101 45.86 54.38 -21.12
N ARG JA 11 33.86 -11.85 0.31
CA ARG JA 11 34.26 -11.79 1.72
C ARG JA 11 33.11 -11.62 2.77
N GLU JA 12 32.92 -12.63 3.60
CA GLU JA 12 31.77 -12.75 4.50
C GLU JA 12 32.08 -12.92 6.03
N CYS JA 13 31.13 -12.53 6.87
CA CYS JA 13 31.32 -12.65 8.31
C CYS JA 13 30.05 -13.12 8.99
N ILE JA 14 30.19 -13.51 10.24
CA ILE JA 14 29.03 -13.86 11.04
C ILE JA 14 28.43 -12.59 11.62
N TYR JA 15 27.14 -12.37 11.37
CA TYR JA 15 26.45 -11.23 11.94
C TYR JA 15 25.69 -11.62 13.19
N TYR JA 16 25.84 -10.83 14.24
CA TYR JA 16 25.00 -10.96 15.41
C TYR JA 16 24.91 -9.66 16.15
N ASN JA 17 23.72 -9.35 16.66
CA ASN JA 17 23.49 -8.13 17.44
C ASN JA 17 22.48 -8.34 18.54
N ALA JA 18 22.93 -8.60 19.75
CA ALA JA 18 22.05 -8.78 20.89
C ALA JA 18 21.12 -7.60 21.00
N ASN JA 19 21.65 -6.39 20.86
CA ASN JA 19 20.82 -5.23 21.02
C ASN JA 19 19.86 -4.97 19.83
N TRP JA 20 19.58 -6.01 19.05
CA TRP JA 20 18.86 -5.81 17.79
C TRP JA 20 17.53 -5.12 17.94
N GLU JA 21 16.65 -5.67 18.77
CA GLU JA 21 15.33 -5.09 18.97
C GLU JA 21 15.43 -3.58 19.15
N LEU JA 22 16.36 -3.17 19.99
CA LEU JA 22 16.48 -1.77 20.36
C LEU JA 22 16.96 -0.91 19.20
N GLU JA 23 17.98 -1.39 18.48
CA GLU JA 23 18.59 -0.66 17.36
C GLU JA 23 17.88 -0.92 16.04
N ARG JA 24 16.84 -1.73 16.06
CA ARG JA 24 16.11 -2.05 14.86
C ARG JA 24 17.02 -2.61 13.78
N THR JA 25 17.61 -3.77 14.06
CA THR JA 25 18.43 -4.49 13.09
C THR JA 25 18.18 -5.97 13.23
N ASN JA 26 18.62 -6.75 12.27
CA ASN JA 26 18.52 -8.19 12.36
C ASN JA 26 19.26 -8.69 13.59
N GLN JA 27 18.95 -9.91 14.02
CA GLN JA 27 19.52 -10.45 15.22
C GLN JA 27 20.74 -11.32 14.94
N SER JA 28 20.56 -12.35 14.12
CA SER JA 28 21.68 -13.19 13.79
C SER JA 28 21.65 -13.59 12.33
N GLY JA 29 22.80 -13.95 11.80
CA GLY JA 29 22.91 -14.37 10.41
C GLY JA 29 24.31 -14.15 9.90
N LEU JA 30 24.44 -13.66 8.68
CA LEU JA 30 25.74 -13.33 8.12
C LEU JA 30 25.72 -12.01 7.38
N GLU JA 31 26.90 -11.52 7.01
CA GLU JA 31 27.04 -10.20 6.38
C GLU JA 31 28.11 -10.25 5.29
N ARG JA 32 27.81 -9.77 4.10
CA ARG JA 32 28.83 -9.62 3.06
C ARG JA 32 29.47 -8.24 3.22
N CYS JA 33 30.79 -8.19 3.21
CA CYS JA 33 31.51 -6.99 3.64
C CYS JA 33 31.75 -5.95 2.54
N GLU JA 34 31.02 -4.84 2.60
CA GLU JA 34 31.28 -3.74 1.67
C GLU JA 34 32.62 -3.11 2.02
N GLY JA 35 33.52 -2.98 1.03
CA GLY JA 35 34.85 -2.49 1.30
C GLY JA 35 35.57 -1.83 0.15
N GLU JA 36 36.58 -1.01 0.50
CA GLU JA 36 37.38 -0.25 -0.44
C GLU JA 36 38.25 -1.13 -1.36
N GLN JA 37 38.44 -0.66 -2.60
CA GLN JA 37 39.13 -1.42 -3.65
C GLN JA 37 40.30 -2.28 -3.15
N ASP JA 38 41.41 -1.61 -2.81
CA ASP JA 38 42.61 -2.32 -2.39
C ASP JA 38 42.88 -2.17 -0.90
N LYS JA 39 41.83 -2.25 -0.08
CA LYS JA 39 41.98 -2.31 1.37
C LYS JA 39 41.50 -3.68 1.86
N ARG JA 40 42.00 -4.12 3.00
CA ARG JA 40 41.65 -5.45 3.53
C ARG JA 40 40.30 -5.41 4.24
N LEU JA 41 39.77 -6.59 4.55
CA LEU JA 41 38.51 -6.70 5.29
C LEU JA 41 38.64 -7.68 6.44
N HIS JA 42 37.79 -7.54 7.46
CA HIS JA 42 37.93 -8.31 8.68
C HIS JA 42 36.59 -8.69 9.32
N CYS JA 43 36.64 -9.55 10.33
CA CYS JA 43 35.45 -9.86 11.12
C CYS JA 43 35.71 -9.57 12.59
N TYR JA 44 34.68 -9.21 13.33
CA TYR JA 44 34.81 -8.97 14.75
C TYR JA 44 33.76 -9.70 15.53
N ALA JA 45 34.04 -9.81 16.81
CA ALA JA 45 33.10 -10.31 17.79
C ALA JA 45 33.39 -9.54 19.07
N SER JA 46 32.37 -9.36 19.89
CA SER JA 46 32.50 -8.67 21.16
C SER JA 46 31.43 -9.19 22.09
N TRP JA 47 31.83 -9.37 23.35
CA TRP JA 47 30.99 -10.03 24.34
C TRP JA 47 31.32 -9.55 25.74
N ARG JA 48 30.42 -9.79 26.68
CA ARG JA 48 30.68 -9.46 28.07
C ARG JA 48 31.11 -10.74 28.80
N ASN JA 49 31.85 -10.60 29.90
CA ASN JA 49 32.25 -11.77 30.69
C ASN JA 49 32.13 -11.55 32.19
N SER JA 50 31.01 -11.99 32.74
CA SER JA 50 30.75 -11.85 34.17
C SER JA 50 31.25 -13.10 34.88
N SER JA 51 32.56 -13.16 35.10
CA SER JA 51 33.16 -14.31 35.76
C SER JA 51 32.72 -15.63 35.11
N GLY JA 52 33.21 -15.88 33.90
CA GLY JA 52 33.01 -17.18 33.29
C GLY JA 52 31.76 -17.36 32.47
N THR JA 53 30.73 -16.60 32.79
CA THR JA 53 29.47 -16.64 32.03
C THR JA 53 29.51 -15.67 30.87
N ILE JA 54 29.45 -16.20 29.65
CA ILE JA 54 29.65 -15.39 28.45
C ILE JA 54 28.36 -14.92 27.78
N GLU JA 55 28.14 -13.62 27.75
CA GLU JA 55 27.00 -13.04 27.07
C GLU JA 55 27.47 -12.32 25.80
N LEU JA 56 27.00 -12.77 24.64
CA LEU JA 56 27.38 -12.17 23.35
C LEU JA 56 26.80 -10.79 23.18
N VAL JA 57 27.52 -9.92 22.51
CA VAL JA 57 27.05 -8.55 22.35
C VAL JA 57 26.97 -8.17 20.89
N LYS JA 58 27.95 -8.55 20.08
CA LYS JA 58 27.91 -8.19 18.67
C LYS JA 58 28.91 -8.97 17.84
N LYS JA 59 28.52 -9.38 16.64
CA LYS JA 59 29.44 -9.96 15.69
C LYS JA 59 29.20 -9.32 14.32
N GLY JA 60 30.26 -9.17 13.52
CA GLY JA 60 30.02 -8.64 12.18
C GLY JA 60 31.25 -8.23 11.39
N CYS JA 61 31.04 -7.48 10.33
CA CYS JA 61 32.15 -7.05 9.47
C CYS JA 61 32.92 -5.92 10.14
N TRP JA 62 34.20 -5.77 9.79
CA TRP JA 62 35.08 -4.76 10.40
C TRP JA 62 36.10 -4.30 9.37
N LEU JA 63 36.47 -3.03 9.40
CA LEU JA 63 37.30 -2.43 8.34
C LEU JA 63 38.82 -2.42 8.54
N ASP JA 64 39.53 -2.67 7.44
CA ASP JA 64 40.99 -2.64 7.37
C ASP JA 64 41.64 -1.99 8.58
N ASP JA 65 41.83 -2.79 9.62
CA ASP JA 65 42.46 -2.33 10.85
C ASP JA 65 43.63 -3.28 11.10
N PHE JA 66 44.83 -2.73 11.17
CA PHE JA 66 46.06 -3.52 11.24
C PHE JA 66 46.11 -4.47 12.41
N ASN JA 67 45.34 -4.20 13.46
CA ASN JA 67 45.29 -5.07 14.62
C ASN JA 67 44.85 -6.47 14.25
N CYS JA 68 44.10 -6.60 13.17
CA CYS JA 68 43.56 -7.86 12.73
C CYS JA 68 44.42 -8.48 11.64
N TYR JA 69 45.40 -7.72 11.18
CA TYR JA 69 46.21 -8.15 10.05
C TYR JA 69 46.77 -9.57 10.23
N ASP JA 70 46.57 -10.39 9.21
CA ASP JA 70 47.09 -11.75 9.14
C ASP JA 70 46.92 -12.51 10.46
N ARG JA 71 45.68 -12.58 10.94
CA ARG JA 71 45.39 -13.29 12.18
C ARG JA 71 44.24 -14.29 11.97
N GLN JA 72 44.56 -15.58 11.98
CA GLN JA 72 43.62 -16.61 11.52
C GLN JA 72 42.39 -16.79 12.40
N GLU JA 73 42.58 -16.77 13.73
CA GLU JA 73 41.49 -16.99 14.66
C GLU JA 73 41.06 -15.70 15.38
N CYS JA 74 39.83 -15.67 15.86
CA CYS JA 74 39.33 -14.47 16.50
C CYS JA 74 39.66 -14.51 17.97
N VAL JA 75 40.70 -13.79 18.37
CA VAL JA 75 41.11 -13.82 19.76
C VAL JA 75 41.31 -12.46 20.38
N ALA JA 76 40.85 -12.32 21.62
CA ALA JA 76 40.90 -11.07 22.36
C ALA JA 76 42.14 -11.04 23.20
N THR JA 77 42.73 -9.85 23.38
CA THR JA 77 44.05 -9.73 23.98
C THR JA 77 44.08 -8.91 25.27
N GLU JA 78 43.06 -8.10 25.49
CA GLU JA 78 43.01 -7.24 26.67
C GLU JA 78 42.97 -8.05 27.98
N GLU JA 79 43.52 -7.48 29.04
CA GLU JA 79 43.66 -8.18 30.32
C GLU JA 79 42.30 -8.45 30.93
N ASN JA 80 41.69 -7.42 31.49
CA ASN JA 80 40.34 -7.56 32.03
C ASN JA 80 39.46 -6.38 31.64
N PRO JA 81 38.70 -6.53 30.54
CA PRO JA 81 37.88 -5.46 29.99
C PRO JA 81 36.41 -5.55 30.32
N GLN JA 82 35.79 -4.38 30.50
CA GLN JA 82 34.35 -4.24 30.47
C GLN JA 82 33.81 -5.08 29.30
N VAL JA 83 34.14 -4.67 28.07
CA VAL JA 83 33.72 -5.37 26.85
C VAL JA 83 34.89 -6.07 26.18
N TYR JA 84 34.76 -7.38 25.98
CA TYR JA 84 35.80 -8.12 25.31
C TYR JA 84 35.57 -7.91 23.81
N PHE JA 85 36.68 -7.70 23.10
CA PHE JA 85 36.65 -7.48 21.65
C PHE JA 85 37.69 -8.34 20.97
N CYS JA 86 37.39 -8.78 19.75
CA CYS JA 86 38.38 -9.48 18.94
C CYS JA 86 38.07 -9.34 17.47
N CYS JA 87 39.13 -9.26 16.64
CA CYS JA 87 38.97 -9.26 15.19
C CYS JA 87 39.90 -10.24 14.52
N CYS JA 88 39.63 -10.49 13.25
CA CYS JA 88 40.36 -11.50 12.50
C CYS JA 88 40.16 -11.35 10.99
N GLU JA 89 40.86 -12.19 10.24
CA GLU JA 89 40.86 -12.11 8.79
C GLU JA 89 40.58 -13.48 8.20
N GLY JA 90 39.59 -13.57 7.32
CA GLY JA 90 39.22 -14.83 6.73
C GLY JA 90 37.76 -15.13 6.95
N ASN JA 91 37.09 -15.61 5.90
CA ASN JA 91 35.65 -15.84 5.97
C ASN JA 91 35.17 -16.59 7.20
N PHE JA 92 34.23 -15.98 7.90
CA PHE JA 92 33.59 -16.60 9.07
C PHE JA 92 34.56 -16.91 10.18
N CYS JA 93 35.71 -16.25 10.18
CA CYS JA 93 36.67 -16.43 11.24
C CYS JA 93 36.11 -16.07 12.64
N ASN JA 94 34.98 -15.36 12.67
CA ASN JA 94 34.38 -14.97 13.94
C ASN JA 94 33.26 -15.89 14.43
N GLU JA 95 33.14 -17.06 13.81
CA GLU JA 95 32.18 -18.05 14.28
C GLU JA 95 32.43 -18.37 15.75
N ARG JA 96 33.66 -18.78 16.04
CA ARG JA 96 34.07 -19.07 17.40
C ARG JA 96 35.13 -18.06 17.84
N PHE JA 97 35.15 -17.73 19.12
CA PHE JA 97 36.14 -16.79 19.67
C PHE JA 97 36.62 -17.22 21.05
N THR JA 98 37.76 -16.69 21.49
CA THR JA 98 38.31 -17.03 22.80
C THR JA 98 39.09 -15.86 23.42
N HIS JA 99 39.67 -16.09 24.60
CA HIS JA 99 40.38 -15.04 25.35
C HIS JA 99 41.76 -15.47 25.85
N LEU JA 100 42.78 -14.63 25.66
CA LEU JA 100 44.11 -14.86 26.25
C LEU JA 100 45.09 -13.68 26.09
N PRO JA 101 45.29 -12.91 27.17
CA PRO JA 101 46.07 -11.66 27.18
C PRO JA 101 47.55 -11.82 26.82
C1 NAG KA . -45.07 10.69 39.84
C2 NAG KA . -44.21 9.60 40.45
C3 NAG KA . -44.10 9.69 41.97
C4 NAG KA . -43.84 11.10 42.43
C5 NAG KA . -44.63 12.17 41.67
C6 NAG KA . -44.04 13.55 41.94
C7 NAG KA . -44.04 7.44 39.44
C8 NAG KA . -42.59 7.76 39.18
N2 NAG KA . -44.76 8.30 40.14
O3 NAG KA . -42.98 8.93 42.36
O4 NAG KA . -44.16 11.13 43.80
O5 NAG KA . -44.61 11.95 40.28
O6 NAG KA . -44.76 14.59 41.31
O7 NAG KA . -44.54 6.41 39.01
C1 NAG LA . -48.28 17.73 10.61
C2 NAG LA . -48.69 18.85 9.63
C3 NAG LA . -47.73 20.05 9.74
C4 NAG LA . -47.79 20.50 11.19
C5 NAG LA . -47.11 19.41 11.99
C6 NAG LA . -46.96 19.81 13.47
C7 NAG LA . -48.05 17.70 7.49
C8 NAG LA . -46.94 18.44 6.77
N2 NAG LA . -48.89 18.42 8.25
O3 NAG LA . -48.05 21.09 8.85
O4 NAG LA . -47.15 21.74 11.40
O5 NAG LA . -47.84 18.19 11.89
O6 NAG LA . -46.19 18.86 14.18
O7 NAG LA . -48.16 16.48 7.33
C1 NAG MA . 0.20 -6.11 66.73
C2 NAG MA . -0.64 -5.08 65.97
C3 NAG MA . -1.99 -4.90 66.67
C4 NAG MA . -2.67 -6.27 66.86
C5 NAG MA . -1.75 -7.30 67.49
C6 NAG MA . -2.50 -8.63 67.37
C7 NAG MA . -0.04 -3.01 64.77
C8 NAG MA . -0.13 -1.54 65.10
N2 NAG MA . 0.08 -3.82 65.83
O3 NAG MA . -2.82 -4.04 65.91
O4 NAG MA . -3.81 -6.25 67.70
O5 NAG MA . -0.49 -7.35 66.85
O6 NAG MA . -1.57 -9.68 67.40
O7 NAG MA . -0.08 -3.37 63.58
C1 NAG NA . 25.15 -18.84 55.35
C2 NAG NA . 25.99 -19.96 54.71
C3 NAG NA . 25.22 -21.19 54.20
C4 NAG NA . 23.97 -21.48 55.01
C5 NAG NA . 23.18 -20.17 55.09
C6 NAG NA . 21.75 -20.36 55.57
C7 NAG NA . 27.99 -19.23 53.54
C8 NAG NA . 28.75 -20.13 52.60
N2 NAG NA . 26.67 -19.39 53.57
O3 NAG NA . 26.05 -22.34 54.12
O4 NAG NA . 23.23 -22.54 54.43
O5 NAG NA . 23.89 -19.25 55.88
O6 NAG NA . 21.73 -21.44 56.47
O7 NAG NA . 28.56 -18.38 54.21
NA NA OA . 17.07 -5.03 59.51
C1 NAG PA . -68.45 68.40 30.52
C2 NAG PA . -67.00 68.89 30.68
C3 NAG PA . -66.88 70.24 30.00
C4 NAG PA . -67.11 69.97 28.52
C5 NAG PA . -68.54 69.51 28.33
C6 NAG PA . -68.76 69.11 26.88
C7 NAG PA . -65.20 68.61 32.28
C8 NAG PA . -64.30 69.71 32.75
N2 NAG PA . -66.47 68.95 32.03
O3 NAG PA . -65.59 70.76 30.23
O4 NAG PA . -66.91 71.13 27.76
O5 NAG PA . -68.86 68.40 29.16
O6 NAG PA . -70.10 68.70 26.79
O7 NAG PA . -64.76 67.46 32.13
C1 NAG QA . -81.67 42.17 38.49
C2 NAG QA . -82.13 40.70 38.63
C3 NAG QA . -82.37 39.98 37.30
C4 NAG QA . -82.73 40.95 36.19
C5 NAG QA . -81.54 41.89 36.06
C6 NAG QA . -81.57 42.76 34.79
C7 NAG QA . -81.12 39.87 40.79
C8 NAG QA . -79.76 39.76 41.44
N2 NAG QA . -81.16 39.94 39.44
O3 NAG QA . -83.37 38.97 37.34
O4 NAG QA . -82.96 40.17 35.04
O5 NAG QA . -81.44 42.72 37.19
O6 NAG QA . -80.31 43.38 34.64
O7 NAG QA . -82.13 39.89 41.50
NA NA RA . -71.44 54.66 42.62
C1 NAG SA . -17.70 75.22 9.43
C2 NAG SA . -19.10 74.69 9.17
C3 NAG SA . -20.21 75.66 9.53
C4 NAG SA . -19.92 76.46 10.79
C5 NAG SA . -18.45 76.76 10.97
C6 NAG SA . -18.15 77.18 12.40
C7 NAG SA . -20.06 73.22 7.57
C8 NAG SA . -21.23 73.54 6.66
N2 NAG SA . -19.25 74.25 7.80
O3 NAG SA . -21.35 74.87 9.81
O4 NAG SA . -20.68 77.64 10.77
O5 NAG SA . -17.72 75.59 10.78
O6 NAG SA . -16.93 77.90 12.35
O7 NAG SA . -19.92 72.12 8.11
C1 NAG TA . 6.32 56.94 9.42
C2 NAG TA . 7.74 56.69 10.01
C3 NAG TA . 7.98 57.11 11.47
C4 NAG TA . 7.13 58.29 11.92
C5 NAG TA . 5.70 57.96 11.49
C6 NAG TA . 4.68 58.94 12.05
C7 NAG TA . 8.46 54.63 11.07
C8 NAG TA . 9.92 54.29 11.09
N2 NAG TA . 8.04 55.27 9.97
O3 NAG TA . 9.35 57.39 11.68
O4 NAG TA . 7.22 58.39 13.34
O5 NAG TA . 5.62 57.97 10.08
O6 NAG TA . 3.56 58.15 12.37
O7 NAG TA . 7.73 54.33 12.04
C1 NAG UA . -25.08 1.70 -52.23
C2 NAG UA . -26.56 1.40 -52.36
C3 NAG UA . -27.39 2.65 -52.13
C4 NAG UA . -26.98 3.35 -50.84
C5 NAG UA . -25.48 3.59 -50.84
C6 NAG UA . -25.10 4.27 -49.52
C7 NAG UA . -27.21 -0.36 -53.84
C8 NAG UA . -27.18 -0.81 -55.28
N2 NAG UA . -26.92 0.91 -53.67
O3 NAG UA . -28.73 2.25 -52.08
O4 NAG UA . -27.60 4.61 -50.79
O5 NAG UA . -24.79 2.37 -51.03
O6 NAG UA . -24.34 3.39 -48.73
O7 NAG UA . -27.47 -1.13 -52.90
C1 NAG VA . 0.19 -14.54 -52.07
C2 NAG VA . 1.66 -14.54 -51.60
C3 NAG VA . 1.84 -14.30 -50.09
C4 NAG VA . 1.07 -13.04 -49.74
C5 NAG VA . -0.38 -13.41 -49.95
C6 NAG VA . -1.22 -12.31 -49.32
C7 NAG VA . 2.10 -16.99 -51.67
C8 NAG VA . 2.60 -17.48 -50.33
N2 NAG VA . 2.41 -15.73 -52.02
O3 NAG VA . 3.17 -14.09 -49.72
O4 NAG VA . 1.29 -12.62 -48.41
O5 NAG VA . -0.61 -13.61 -51.35
O6 NAG VA . -2.56 -12.75 -49.20
O7 NAG VA . 1.44 -17.74 -52.38
C1 NAG WA . -74.32 -11.40 -30.79
C2 NAG WA . -72.94 -10.75 -30.75
C3 NAG WA . -72.84 -9.56 -31.69
C4 NAG WA . -73.73 -9.61 -32.94
C5 NAG WA . -75.02 -10.42 -32.75
C6 NAG WA . -75.79 -10.76 -34.02
C7 NAG WA . -71.58 -10.57 -28.75
C8 NAG WA . -70.71 -9.40 -28.34
N2 NAG WA . -72.67 -10.24 -29.42
O3 NAG WA . -71.48 -9.46 -32.07
O4 NAG WA . -74.05 -8.28 -33.25
O5 NAG WA . -74.67 -11.62 -32.13
O6 NAG WA . -75.07 -11.64 -34.87
O7 NAG WA . -71.28 -11.75 -28.48
C1 NAG XA . -84.85 -38.75 -23.88
C2 NAG XA . -85.70 -40.02 -24.15
C3 NAG XA . -85.71 -40.44 -25.62
C4 NAG XA . -86.03 -39.22 -26.48
C5 NAG XA . -84.93 -38.21 -26.21
C6 NAG XA . -84.91 -37.04 -27.20
C7 NAG XA . -84.51 -41.12 -22.26
C8 NAG XA . -83.22 -41.90 -22.35
N2 NAG XA . -85.30 -41.16 -23.34
O3 NAG XA . -86.62 -41.51 -25.84
O4 NAG XA . -86.10 -39.57 -27.86
O5 NAG XA . -85.02 -37.75 -24.88
O6 NAG XA . -84.09 -37.41 -28.28
O7 NAG XA . -84.81 -40.52 -21.22
NA NA YA . -76.71 -25.48 -18.90
C1 NAG ZA . 21.84 -8.95 7.82
C2 NAG ZA . 22.54 -8.49 6.55
C3 NAG ZA . 23.59 -7.41 6.75
C4 NAG ZA . 22.91 -6.29 7.51
C5 NAG ZA . 22.25 -6.80 8.80
C6 NAG ZA . 21.57 -5.61 9.48
C7 NAG ZA . 22.60 -9.84 4.68
C8 NAG ZA . 22.74 -11.26 4.21
N2 NAG ZA . 23.17 -9.57 5.84
O3 NAG ZA . 24.07 -6.95 5.51
O4 NAG ZA . 23.87 -5.30 7.77
O5 NAG ZA . 21.32 -7.85 8.53
O6 NAG ZA . 20.85 -6.05 10.60
O7 NAG ZA . 21.96 -8.97 4.07
C1 NAG AB . -0.70 -28.29 12.70
C2 NAG AB . -1.64 -28.75 13.82
C3 NAG AB . -2.55 -27.65 14.38
C4 NAG AB . -1.72 -26.41 14.61
C5 NAG AB . -1.23 -25.96 13.26
C6 NAG AB . -0.55 -24.61 13.44
C7 NAG AB . -3.67 -29.52 12.77
C8 NAG AB . -4.88 -29.99 13.52
N2 NAG AB . -2.47 -29.81 13.31
O3 NAG AB . -3.17 -28.05 15.58
O4 NAG AB . -2.49 -25.39 15.20
O5 NAG AB . -0.34 -26.92 12.69
O6 NAG AB . 0.20 -24.29 12.28
O7 NAG AB . -3.78 -28.89 11.72
C1 NAG BB . 25.50 31.63 -29.79
C2 NAG BB . 25.07 30.89 -28.53
C3 NAG BB . 26.27 30.42 -27.69
C4 NAG BB . 27.25 29.68 -28.61
C5 NAG BB . 27.69 30.62 -29.72
C6 NAG BB . 28.75 30.01 -30.65
C7 NAG BB . 23.23 31.34 -27.01
C8 NAG BB . 21.99 30.82 -27.67
N2 NAG BB . 24.19 31.78 -27.80
O3 NAG BB . 25.86 29.59 -26.61
O4 NAG BB . 28.38 29.24 -27.90
O5 NAG BB . 26.57 31.01 -30.47
O6 NAG BB . 28.24 28.99 -31.47
O7 NAG BB . 23.33 31.37 -25.78
C1 NAG CB . 10.02 34.66 -55.58
C2 NAG CB . 9.80 34.38 -57.08
C3 NAG CB . 10.71 33.32 -57.75
C4 NAG CB . 12.01 33.03 -56.99
C5 NAG CB . 11.59 32.87 -55.54
C6 NAG CB . 12.69 32.33 -54.65
C7 NAG CB . 7.85 32.83 -57.34
C8 NAG CB . 6.78 32.47 -56.33
N2 NAG CB . 8.39 34.07 -57.26
O3 NAG CB . 11.02 33.74 -59.07
O4 NAG CB . 12.73 31.89 -57.47
O5 NAG CB . 11.23 34.14 -55.06
O6 NAG CB . 12.15 32.34 -53.35
O7 NAG CB . 8.17 31.99 -58.18
NA NA DB . 10.22 37.27 -38.96
C1 NAG EB . 23.96 -68.13 19.06
C2 NAG EB . 24.95 -67.93 17.93
C3 NAG EB . 26.02 -68.97 18.11
C4 NAG EB . 26.75 -68.63 19.41
C5 NAG EB . 25.75 -68.79 20.56
C6 NAG EB . 26.33 -68.35 21.92
C7 NAG EB . 24.56 -67.24 15.63
C8 NAG EB . 24.53 -67.82 14.24
N2 NAG EB . 24.35 -68.10 16.62
O3 NAG EB . 26.83 -69.00 16.96
O4 NAG EB . 27.85 -69.47 19.59
O5 NAG EB . 24.60 -68.02 20.32
O6 NAG EB . 25.35 -68.43 22.95
O7 NAG EB . 24.77 -66.04 15.83
C1 NAG FB . 3.24 -47.21 25.07
C2 NAG FB . 2.26 -46.40 25.93
C3 NAG FB . 2.79 -46.01 27.32
C4 NAG FB . 3.84 -46.97 27.90
C5 NAG FB . 4.79 -47.49 26.84
C6 NAG FB . 5.79 -48.46 27.46
C7 NAG FB . 1.32 -45.23 23.93
C8 NAG FB . 1.60 -44.05 23.03
N2 NAG FB . 1.83 -45.21 25.17
O3 NAG FB . 1.73 -45.93 28.25
O4 NAG FB . 4.60 -46.33 28.90
O5 NAG FB . 4.04 -48.12 25.81
O6 NAG FB . 6.81 -48.78 26.55
O7 NAG FB . 0.64 -46.16 23.49
NA NA GB . 10.02 -56.93 13.49
C1 NAG HB . 75.26 -59.27 0.35
C2 NAG HB . 74.24 -59.05 1.47
C3 NAG HB . 73.68 -60.36 1.99
C4 NAG HB . 73.35 -61.36 0.88
C5 NAG HB . 74.34 -61.33 -0.28
C6 NAG HB . 73.71 -62.09 -1.44
C7 NAG HB . 74.40 -57.31 3.16
C8 NAG HB . 74.89 -57.12 4.56
N2 NAG HB . 74.87 -58.41 2.58
O3 NAG HB . 72.49 -60.05 2.66
O4 NAG HB . 73.42 -62.66 1.40
O5 NAG HB . 74.66 -60.01 -0.69
O6 NAG HB . 74.08 -61.39 -2.59
O7 NAG HB . 73.63 -56.49 2.62
C1 NAG IB . 86.42 -35.05 -13.73
C2 NAG IB . 87.15 -34.31 -14.87
C3 NAG IB . 86.34 -34.38 -16.16
C4 NAG IB . 86.25 -35.86 -16.47
C5 NAG IB . 85.34 -36.44 -15.40
C6 NAG IB . 85.01 -37.89 -15.73
C7 NAG IB . 86.77 -32.09 -13.83
C8 NAG IB . 87.20 -31.86 -12.40
N2 NAG IB . 87.52 -32.93 -14.55
O3 NAG IB . 86.95 -33.66 -17.19
O4 NAG IB . 85.73 -36.11 -17.75
O5 NAG IB . 85.93 -36.34 -14.10
O6 NAG IB . 83.63 -38.05 -15.46
O7 NAG IB . 85.80 -31.50 -14.30
C1 NAG JB . 24.32 28.58 -32.78
C2 NAG JB . 24.67 27.19 -32.20
C3 NAG JB . 23.41 26.37 -32.02
C4 NAG JB . 22.61 27.11 -30.94
C5 NAG JB . 22.23 28.50 -31.45
C6 NAG JB . 21.60 29.28 -30.29
C7 NAG JB . 26.80 26.09 -32.38
C8 NAG JB . 27.76 25.39 -33.30
N2 NAG JB . 25.64 26.43 -32.95
O3 NAG JB . 23.77 25.06 -31.65
O4 NAG JB . 21.45 26.42 -30.52
O5 NAG JB . 23.33 29.25 -31.99
O6 NAG JB . 21.37 30.62 -30.66
O7 NAG JB . 27.10 26.32 -31.20
C1 NAG KB . 43.59 51.90 -34.09
C2 NAG KB . 43.95 53.39 -34.00
C3 NAG KB . 43.49 54.02 -32.68
C4 NAG KB . 42.05 53.63 -32.34
C5 NAG KB . 41.91 52.11 -32.42
C6 NAG KB . 40.52 51.62 -32.04
C7 NAG KB . 45.93 53.97 -35.30
C8 NAG KB . 45.25 55.10 -36.02
N2 NAG KB . 45.38 53.57 -34.16
O3 NAG KB . 43.62 55.42 -32.70
O4 NAG KB . 41.75 54.13 -31.04
O5 NAG KB . 42.24 51.67 -33.72
O6 NAG KB . 40.45 51.32 -30.66
O7 NAG KB . 46.95 53.46 -35.78
NA NA LB . 41.00 35.72 -36.34
C1 NAG MB . 17.67 -8.33 7.80
C2 NAG MB . 17.56 -6.91 7.29
C3 NAG MB . 16.67 -6.78 6.08
C4 NAG MB . 17.02 -7.82 5.03
C5 NAG MB . 17.28 -9.21 5.61
C6 NAG MB . 17.99 -10.04 4.54
C7 NAG MB . 17.31 -4.90 8.51
C8 NAG MB . 16.69 -4.25 9.71
N2 NAG MB . 16.91 -6.13 8.29
O3 NAG MB . 16.83 -5.49 5.56
O4 NAG MB . 15.94 -7.86 4.14
O5 NAG MB . 18.09 -9.22 6.79
O6 NAG MB . 19.11 -10.65 5.14
O7 NAG MB . 18.14 -4.35 7.78
C1 NAG NB . 35.80 -14.91 30.92
C2 NAG NB . 37.03 -15.36 31.72
C3 NAG NB . 38.06 -16.11 30.87
C4 NAG NB . 37.34 -16.68 29.65
C5 NAG NB . 36.79 -15.52 28.80
C6 NAG NB . 35.82 -16.04 27.76
C7 NAG NB . 37.30 -13.90 33.61
C8 NAG NB . 37.65 -14.89 34.69
N2 NAG NB . 37.68 -14.23 32.38
O3 NAG NB . 38.64 -17.16 31.62
O4 NAG NB . 38.20 -17.53 28.90
O5 NAG NB . 36.10 -14.55 29.57
O6 NAG NB . 34.96 -16.90 28.46
O7 NAG NB . 36.69 -12.85 33.87
#